data_8WYB
#
_entry.id   8WYB
#
_cell.length_a   1.00
_cell.length_b   1.00
_cell.length_c   1.00
_cell.angle_alpha   90.00
_cell.angle_beta   90.00
_cell.angle_gamma   90.00
#
_symmetry.space_group_name_H-M   'P 1'
#
loop_
_entity.id
_entity.type
_entity.pdbx_description
1 polymer 'SIR2-like domain-containing protein'
2 polymer 'Bacillus phage SPR Tube protein'
3 non-polymer NICOTINAMIDE-ADENINE-DINUCLEOTIDE
#
loop_
_entity_poly.entity_id
_entity_poly.type
_entity_poly.pdbx_seq_one_letter_code
_entity_poly.pdbx_strand_id
1 'polypeptide(L)'
;MVKVDLESKRYGEKLKEVFLMLDNNVVECIKEITESSRNGKLVFFVGAGVSTLSDYPQWWRLVDKYHEELYGSPKKGNYS
SDEYLRIPQIFYNVKGEMAFDGILKDFFQVDKPTNPIHDKILAMNPAHVITTNYDNLIDTACWKRGKYFSVISAEEDVAN
ATSSRYLLKVAGDFRKGFKGENVVLKEDDYLNYDQNYPLISNLMKTIIATHTIVFIGYGLGDYNINMLLNWVRKLQKDSF
HKPFFIRTDPSPIENETLIYYENKGLRIIDAASLIDSNEYDYLERYSAVMDLLIESQENKFITKDDEVIDYIYGKISPLF
ALQYIRKIDLKHVFEYDYHFEVNGTVVRHKNKGFGYMERFFELKESCDERSKLSKKQYERFNALFNFFEKNGVICMAKDA
GTLNTSIEINSLAYHGKYDVMKKFIEEQSVSIEDDYKKAFFLACLGRWEESYDLYSNIILNSIDESNGCVYYLSQINRYR
IYQSITQAVTQFNGLGLLTFGRHYKPFTDEFLARIEREMTNFNIDDLFNGMPFEFQKKYKILEFLSDNQFLYDDTVKLFE
LTNKVRSEMSEGSYSFGMSSDIVVLLRLYDNLRFLYENCLWSVSFHEFHQYIRNSMSLLIEKAEYERTRDIDELGFSFFG
KKSGFFMEYYDFVNISRHFKIDDIKNLERSCSIDKIRFGEQEKIEEYLVGIAEEITKQFSANGMNVVFYTQFISEAKAAL
YFAKYVKLSEEGLGKIVKALLFYFPERDLDIGKRYVWLERLTKCNELPKSIISIIDDFLVLQAEKHIDQNYSEVSSNGLY
SRDYGALIKHFEKNFISKRLSEITLCLTQDKQKQIDFLFKLLPLLSTNAKSHLLSFKSVENINDLMNGIRIGLIDEFTPE
HEELIIEYLETRKVNYIVEKEKGIQTFSSNDYMSTFGIWYFLEEINNSKMEEFIGMDDQYDFFVDPENFDYKKFIPSWLK
NYNDKLLGKIAGNKHMKHHVIEVLKERVKNSNDKRYLEILMNYFI
;
A,B,C,D
2 'polypeptide(L)'
;MKTVIQDTADVYFKRKSDGKLVFTAEAQTASFSQAISEEKLRGGIGNKPLYILKSEKEINLTVKNAFFDLEWLAMTQGET
IQEETKVKVFDREHGLIVDDTNKVTLKGKPVSDVTFYNKKGLTYKIAVSTDGTYTIPTAFAAAKDKLTAVYQIEKVGRRL
AIKASKFSERYEVEYRTIAYNPDTEEVYSDIYIQFPNVSPSGEFEMSLENGNALAPEIKFEALADTDTDEMAVVIEASRD
ENTAAPVEDTTGSTQSSDLGGTTE
;
E,F,G,H
#
loop_
_chem_comp.id
_chem_comp.type
_chem_comp.name
_chem_comp.formula
NAD non-polymer NICOTINAMIDE-ADENINE-DINUCLEOTIDE 'C21 H27 N7 O14 P2'
#
# COMPACT_ATOMS: atom_id res chain seq x y z
N LEU A 22 -42.91 20.04 -10.72
CA LEU A 22 -41.46 19.97 -10.75
C LEU A 22 -40.99 18.94 -11.78
N ASP A 23 -39.71 18.58 -11.73
CA ASP A 23 -39.14 17.65 -12.69
C ASP A 23 -39.29 16.21 -12.20
N ASN A 24 -38.85 15.27 -13.05
CA ASN A 24 -39.10 13.86 -12.78
C ASN A 24 -37.94 13.22 -12.03
N ASN A 25 -36.70 13.50 -12.46
CA ASN A 25 -35.51 12.94 -11.82
C ASN A 25 -35.47 13.34 -10.36
N VAL A 26 -35.78 14.62 -10.09
CA VAL A 26 -35.84 15.09 -8.71
C VAL A 26 -36.93 14.36 -7.96
N VAL A 27 -38.06 14.05 -8.60
CA VAL A 27 -39.12 13.30 -7.94
C VAL A 27 -38.62 11.92 -7.52
N GLU A 28 -37.91 11.23 -8.43
CA GLU A 28 -37.35 9.93 -8.09
C GLU A 28 -36.39 10.02 -6.92
N CYS A 29 -35.46 10.98 -6.97
CA CYS A 29 -34.47 11.12 -5.91
C CYS A 29 -35.14 11.43 -4.59
N ILE A 30 -36.14 12.31 -4.61
CA ILE A 30 -36.84 12.69 -3.38
C ILE A 30 -37.55 11.49 -2.78
N LYS A 31 -38.26 10.71 -3.61
CA LYS A 31 -39.02 9.59 -3.06
C LYS A 31 -38.06 8.57 -2.46
N GLU A 32 -36.93 8.32 -3.14
CA GLU A 32 -35.97 7.36 -2.61
C GLU A 32 -35.35 7.85 -1.31
N ILE A 33 -35.00 9.13 -1.24
CA ILE A 33 -34.40 9.67 -0.02
C ILE A 33 -35.38 9.58 1.14
N THR A 34 -36.64 9.96 0.89
CA THR A 34 -37.65 9.92 1.95
C THR A 34 -37.91 8.50 2.42
N GLU A 35 -37.99 7.55 1.48
CA GLU A 35 -38.22 6.16 1.85
C GLU A 35 -37.06 5.62 2.68
N SER A 36 -35.83 5.96 2.29
CA SER A 36 -34.67 5.52 3.07
C SER A 36 -34.64 6.16 4.45
N SER A 37 -35.01 7.44 4.53
CA SER A 37 -35.01 8.13 5.82
C SER A 37 -36.06 7.54 6.75
N ARG A 38 -37.22 7.16 6.20
CA ARG A 38 -38.25 6.53 7.02
C ARG A 38 -37.77 5.21 7.59
N ASN A 39 -36.81 4.55 6.94
CA ASN A 39 -36.26 3.28 7.41
C ASN A 39 -35.11 3.46 8.39
N GLY A 40 -34.71 4.68 8.70
CA GLY A 40 -33.59 4.90 9.60
C GLY A 40 -32.24 4.60 8.99
N LYS A 41 -32.07 4.82 7.69
CA LYS A 41 -30.82 4.57 7.01
C LYS A 41 -30.25 5.83 6.35
N LEU A 42 -30.85 7.00 6.60
CA LEU A 42 -30.43 8.23 5.98
C LEU A 42 -29.29 8.85 6.78
N VAL A 43 -28.22 9.23 6.09
CA VAL A 43 -27.07 9.89 6.71
C VAL A 43 -26.75 11.14 5.90
N PHE A 44 -26.57 12.26 6.60
CA PHE A 44 -26.33 13.55 5.97
C PHE A 44 -24.84 13.88 6.03
N PHE A 45 -24.25 14.13 4.87
CA PHE A 45 -22.87 14.58 4.75
C PHE A 45 -22.91 16.10 4.64
N VAL A 46 -22.81 16.76 5.78
CA VAL A 46 -22.95 18.21 5.83
C VAL A 46 -21.61 18.85 5.47
N GLY A 47 -21.67 19.85 4.58
CA GLY A 47 -20.48 20.51 4.09
C GLY A 47 -20.29 21.90 4.64
N ALA A 48 -19.40 22.65 3.99
CA ALA A 48 -19.10 24.01 4.42
C ALA A 48 -20.18 25.00 4.02
N GLY A 49 -21.03 24.67 3.06
CA GLY A 49 -22.08 25.60 2.65
C GLY A 49 -23.13 25.81 3.72
N VAL A 50 -23.49 24.75 4.43
CA VAL A 50 -24.49 24.87 5.49
C VAL A 50 -24.00 25.79 6.59
N SER A 51 -22.74 25.65 6.97
CA SER A 51 -22.17 26.53 7.99
C SER A 51 -21.97 27.95 7.46
N THR A 52 -21.59 28.08 6.18
CA THR A 52 -21.43 29.40 5.58
C THR A 52 -22.75 30.15 5.55
N LEU A 53 -23.86 29.42 5.44
CA LEU A 53 -25.18 30.04 5.56
C LEU A 53 -25.32 30.79 6.88
N SER A 54 -24.62 30.35 7.91
CA SER A 54 -24.63 31.00 9.21
C SER A 54 -23.57 32.09 9.34
N ASP A 55 -23.08 32.63 8.21
CA ASP A 55 -22.14 33.75 8.18
C ASP A 55 -20.78 33.32 8.75
N TYR A 56 -20.66 32.05 9.09
CA TYR A 56 -19.41 31.49 9.58
C TYR A 56 -18.31 31.74 8.56
N PRO A 57 -17.09 32.08 9.02
CA PRO A 57 -16.06 32.54 8.08
C PRO A 57 -15.67 31.44 7.10
N GLN A 58 -15.88 31.73 5.81
CA GLN A 58 -15.54 30.81 4.75
C GLN A 58 -14.04 30.57 4.71
N TRP A 59 -13.65 29.42 4.16
CA TRP A 59 -12.23 29.09 4.08
C TRP A 59 -11.48 30.06 3.17
N TRP A 60 -12.18 30.65 2.20
CA TRP A 60 -11.54 31.57 1.27
C TRP A 60 -11.00 32.81 1.98
N ARG A 61 -11.73 33.34 2.95
CA ARG A 61 -11.22 34.51 3.68
C ARG A 61 -10.11 34.13 4.66
N LEU A 62 -10.15 32.92 5.21
CA LEU A 62 -9.06 32.46 6.05
C LEU A 62 -7.78 32.32 5.25
N VAL A 63 -7.88 31.75 4.05
CA VAL A 63 -6.71 31.64 3.17
C VAL A 63 -6.27 33.03 2.71
N ASP A 64 -7.23 33.95 2.55
CA ASP A 64 -6.87 35.33 2.26
C ASP A 64 -6.01 35.92 3.36
N LYS A 65 -6.39 35.72 4.63
CA LYS A 65 -5.60 36.27 5.73
C LYS A 65 -4.24 35.59 5.80
N TYR A 66 -4.19 34.28 5.56
CA TYR A 66 -2.90 33.59 5.53
C TYR A 66 -1.99 34.17 4.46
N HIS A 67 -2.52 34.34 3.25
CA HIS A 67 -1.72 34.86 2.14
C HIS A 67 -1.34 36.31 2.38
N GLU A 68 -2.20 37.05 3.09
CA GLU A 68 -1.90 38.42 3.49
C GLU A 68 -0.70 38.46 4.43
N GLU A 69 -0.73 37.67 5.49
CA GLU A 69 0.39 37.66 6.43
C GLU A 69 1.63 37.08 5.78
N LEU A 70 1.47 36.29 4.72
CA LEU A 70 2.63 35.69 4.07
C LEU A 70 3.31 36.65 3.10
N TYR A 71 2.57 37.13 2.09
CA TYR A 71 3.16 37.92 1.01
C TYR A 71 2.86 39.40 1.11
N GLY A 72 2.03 39.83 2.08
CA GLY A 72 1.81 41.24 2.34
C GLY A 72 0.76 41.91 1.47
N SER A 73 0.19 41.21 0.50
CA SER A 73 -0.83 41.79 -0.37
C SER A 73 -1.79 40.69 -0.78
N PRO A 74 -3.10 40.95 -0.81
CA PRO A 74 -4.05 39.91 -1.23
C PRO A 74 -3.74 39.39 -2.62
N LYS A 75 -3.93 38.09 -2.80
CA LYS A 75 -3.73 37.47 -4.10
C LYS A 75 -4.76 37.99 -5.09
N LYS A 76 -4.31 38.31 -6.29
CA LYS A 76 -5.18 38.87 -7.32
C LYS A 76 -6.05 37.77 -7.90
N GLY A 77 -7.37 37.89 -7.72
CA GLY A 77 -8.30 36.94 -8.29
C GLY A 77 -8.68 35.83 -7.34
N ASN A 78 -9.22 34.76 -7.93
CA ASN A 78 -9.71 33.61 -7.19
C ASN A 78 -8.54 32.74 -6.73
N TYR A 79 -8.86 31.79 -5.86
CA TYR A 79 -7.89 30.82 -5.36
C TYR A 79 -8.27 29.42 -5.82
N SER A 80 -7.27 28.66 -6.26
CA SER A 80 -7.46 27.28 -6.64
C SER A 80 -7.50 26.38 -5.41
N SER A 81 -7.91 25.13 -5.63
CA SER A 81 -7.87 24.14 -4.55
C SER A 81 -6.45 23.89 -4.09
N ASP A 82 -5.50 23.86 -5.03
CA ASP A 82 -4.10 23.71 -4.67
C ASP A 82 -3.63 24.87 -3.79
N GLU A 83 -4.06 26.10 -4.12
CA GLU A 83 -3.77 27.23 -3.25
C GLU A 83 -4.43 27.06 -1.89
N TYR A 84 -5.69 26.64 -1.87
CA TYR A 84 -6.40 26.39 -0.61
C TYR A 84 -5.62 25.44 0.28
N LEU A 85 -4.94 24.45 -0.32
CA LEU A 85 -4.26 23.46 0.50
C LEU A 85 -2.84 23.87 0.83
N ARG A 86 -2.21 24.67 -0.02
CA ARG A 86 -0.79 24.95 0.14
C ARG A 86 -0.51 26.23 0.91
N ILE A 87 -1.34 27.26 0.75
CA ILE A 87 -1.09 28.54 1.42
C ILE A 87 -1.10 28.35 2.93
N PRO A 88 -2.10 27.66 3.51
CA PRO A 88 -2.01 27.34 4.95
C PRO A 88 -0.76 26.55 5.29
N GLN A 89 -0.38 25.60 4.44
CA GLN A 89 0.83 24.81 4.70
C GLN A 89 2.08 25.68 4.66
N ILE A 90 2.18 26.56 3.66
CA ILE A 90 3.34 27.43 3.55
C ILE A 90 3.45 28.33 4.76
N PHE A 91 2.31 28.91 5.18
CA PHE A 91 2.33 29.76 6.36
C PHE A 91 2.65 28.95 7.61
N TYR A 92 2.24 27.69 7.64
CA TYR A 92 2.49 26.85 8.82
C TYR A 92 3.98 26.58 8.99
N ASN A 93 4.67 26.17 7.92
CA ASN A 93 6.07 25.83 8.12
C ASN A 93 7.00 27.03 7.90
N VAL A 94 6.45 28.17 7.48
CA VAL A 94 7.27 29.36 7.29
C VAL A 94 7.12 30.31 8.48
N LYS A 95 5.87 30.62 8.84
CA LYS A 95 5.59 31.55 9.93
C LYS A 95 5.41 30.86 11.28
N GLY A 96 5.58 29.54 11.33
CA GLY A 96 5.50 28.81 12.58
C GLY A 96 4.10 28.30 12.88
N GLU A 97 4.02 27.38 13.84
CA GLU A 97 2.75 26.80 14.23
C GLU A 97 1.94 27.77 15.09
N MET A 98 2.62 28.56 15.93
CA MET A 98 1.90 29.42 16.87
C MET A 98 1.07 30.48 16.14
N ALA A 99 1.60 31.06 15.07
CA ALA A 99 0.82 32.03 14.30
C ALA A 99 -0.30 31.33 13.53
N PHE A 100 -0.04 30.11 13.06
CA PHE A 100 -1.07 29.34 12.36
C PHE A 100 -2.27 29.08 13.27
N ASP A 101 -2.01 28.76 14.54
CA ASP A 101 -3.09 28.60 15.50
C ASP A 101 -3.65 29.93 15.97
N GLY A 102 -2.85 30.99 15.97
CA GLY A 102 -3.35 32.29 16.36
C GLY A 102 -4.39 32.82 15.39
N ILE A 103 -4.15 32.66 14.10
CA ILE A 103 -5.15 33.07 13.11
C ILE A 103 -6.39 32.19 13.20
N LEU A 104 -6.21 30.91 13.50
CA LEU A 104 -7.36 30.03 13.70
C LEU A 104 -8.21 30.51 14.88
N LYS A 105 -7.56 30.91 15.96
CA LYS A 105 -8.29 31.50 17.09
C LYS A 105 -8.96 32.80 16.69
N ASP A 106 -8.27 33.62 15.89
CA ASP A 106 -8.81 34.92 15.51
C ASP A 106 -10.09 34.76 14.69
N PHE A 107 -10.13 33.79 13.79
CA PHE A 107 -11.26 33.69 12.86
C PHE A 107 -12.33 32.71 13.33
N PHE A 108 -11.97 31.69 14.11
CA PHE A 108 -12.88 30.59 14.40
C PHE A 108 -13.46 30.65 15.81
N GLN A 109 -12.91 31.47 16.70
CA GLN A 109 -13.39 31.51 18.07
C GLN A 109 -14.81 32.08 18.18
N VAL A 110 -15.22 32.92 17.23
CA VAL A 110 -16.52 33.54 17.31
C VAL A 110 -17.63 32.50 17.25
N ASP A 111 -18.77 32.82 17.85
CA ASP A 111 -19.93 31.95 17.88
C ASP A 111 -21.02 32.55 17.01
N LYS A 112 -21.56 31.76 16.08
CA LYS A 112 -22.55 32.25 15.15
C LYS A 112 -23.87 31.50 15.31
N PRO A 113 -25.00 32.17 15.12
CA PRO A 113 -26.28 31.48 15.27
C PRO A 113 -26.49 30.43 14.20
N THR A 114 -27.25 29.39 14.56
CA THR A 114 -27.53 28.31 13.63
C THR A 114 -28.57 28.75 12.61
N ASN A 115 -28.28 28.50 11.33
CA ASN A 115 -29.22 28.82 10.28
C ASN A 115 -30.37 27.83 10.28
N PRO A 116 -31.52 28.22 9.72
CA PRO A 116 -32.66 27.28 9.67
C PRO A 116 -32.37 26.00 8.93
N ILE A 117 -31.39 25.99 8.02
CA ILE A 117 -31.07 24.79 7.27
C ILE A 117 -30.53 23.70 8.20
N HIS A 118 -29.79 24.07 9.24
CA HIS A 118 -29.36 23.09 10.24
C HIS A 118 -30.56 22.40 10.87
N ASP A 119 -31.57 23.19 11.28
CA ASP A 119 -32.77 22.61 11.86
C ASP A 119 -33.50 21.75 10.85
N LYS A 120 -33.49 22.14 9.57
CA LYS A 120 -34.17 21.33 8.56
C LYS A 120 -33.45 20.00 8.33
N ILE A 121 -32.11 20.01 8.37
CA ILE A 121 -31.36 18.76 8.30
C ILE A 121 -31.71 17.86 9.48
N LEU A 122 -31.75 18.44 10.67
CA LEU A 122 -32.13 17.65 11.85
C LEU A 122 -33.57 17.16 11.79
N ALA A 123 -34.45 17.87 11.09
CA ALA A 123 -35.86 17.48 11.03
C ALA A 123 -36.03 16.14 10.31
N MET A 124 -35.10 15.77 9.45
CA MET A 124 -35.19 14.52 8.71
C MET A 124 -34.72 13.31 9.54
N ASN A 125 -34.40 13.52 10.81
CA ASN A 125 -33.90 12.51 11.74
C ASN A 125 -32.92 11.53 11.09
N PRO A 126 -31.75 12.02 10.67
CA PRO A 126 -30.78 11.12 10.03
C PRO A 126 -30.22 10.10 11.00
N ALA A 127 -29.86 8.94 10.47
CA ALA A 127 -29.27 7.88 11.29
C ALA A 127 -27.88 8.27 11.78
N HIS A 128 -27.12 8.97 10.95
CA HIS A 128 -25.84 9.54 11.35
C HIS A 128 -25.67 10.86 10.64
N VAL A 129 -24.78 11.70 11.16
CA VAL A 129 -24.47 12.97 10.52
C VAL A 129 -22.96 13.04 10.37
N ILE A 130 -22.47 12.99 9.13
CA ILE A 130 -21.06 13.13 8.83
C ILE A 130 -20.82 14.55 8.33
N THR A 131 -19.78 15.18 8.84
CA THR A 131 -19.48 16.56 8.44
C THR A 131 -17.98 16.79 8.42
N THR A 132 -17.52 17.51 7.41
CA THR A 132 -16.14 17.97 7.36
C THR A 132 -15.95 19.31 8.04
N ASN A 133 -17.01 19.90 8.58
CA ASN A 133 -16.90 21.18 9.27
C ASN A 133 -16.21 21.00 10.61
N TYR A 134 -15.49 22.05 11.03
CA TYR A 134 -14.83 22.08 12.33
C TYR A 134 -15.66 22.76 13.40
N ASP A 135 -16.70 23.49 13.02
CA ASP A 135 -17.49 24.25 13.98
C ASP A 135 -18.46 23.33 14.72
N ASN A 136 -19.04 23.88 15.79
CA ASN A 136 -20.04 23.20 16.59
C ASN A 136 -21.46 23.62 16.23
N LEU A 137 -21.65 24.31 15.11
CA LEU A 137 -22.98 24.76 14.73
C LEU A 137 -23.94 23.58 14.57
N ILE A 138 -23.46 22.49 13.95
CA ILE A 138 -24.28 21.29 13.86
C ILE A 138 -24.54 20.71 15.25
N ASP A 139 -23.53 20.77 16.13
CA ASP A 139 -23.72 20.31 17.51
C ASP A 139 -24.81 21.11 18.22
N THR A 140 -24.74 22.44 18.16
CA THR A 140 -25.74 23.26 18.82
C THR A 140 -27.11 23.08 18.20
N ALA A 141 -27.18 22.89 16.88
CA ALA A 141 -28.49 22.63 16.25
C ALA A 141 -29.06 21.30 16.74
N CYS A 142 -28.23 20.27 16.82
CA CYS A 142 -28.69 18.97 17.29
C CYS A 142 -29.17 19.05 18.73
N TRP A 143 -28.49 19.87 19.54
CA TRP A 143 -28.91 20.01 20.93
C TRP A 143 -30.18 20.85 21.04
N LYS A 144 -30.32 21.87 20.22
CA LYS A 144 -31.54 22.67 20.20
C LYS A 144 -32.74 21.82 19.81
N ARG A 145 -32.57 20.91 18.87
CA ARG A 145 -33.64 19.98 18.49
C ARG A 145 -33.75 18.82 19.47
N GLY A 146 -32.94 18.79 20.52
CA GLY A 146 -33.01 17.73 21.50
C GLY A 146 -32.62 16.36 20.96
N LYS A 147 -31.55 16.32 20.18
CA LYS A 147 -31.04 15.08 19.60
C LYS A 147 -29.71 14.73 20.26
N TYR A 148 -29.56 13.46 20.63
CA TYR A 148 -28.34 12.97 21.29
C TYR A 148 -27.44 12.35 20.23
N PHE A 149 -26.39 13.08 19.86
CA PHE A 149 -25.43 12.65 18.86
C PHE A 149 -24.07 12.43 19.52
N SER A 150 -23.54 11.21 19.40
CA SER A 150 -22.22 10.91 19.93
C SER A 150 -21.18 11.37 18.92
N VAL A 151 -20.61 12.54 19.15
CA VAL A 151 -19.69 13.17 18.21
C VAL A 151 -18.37 12.41 18.23
N ILE A 152 -17.83 12.14 17.05
CA ILE A 152 -16.51 11.53 16.90
C ILE A 152 -15.73 12.47 15.99
N SER A 153 -14.87 13.29 16.60
CA SER A 153 -14.06 14.24 15.85
C SER A 153 -12.56 13.98 15.96
N ALA A 154 -12.11 13.29 17.00
CA ALA A 154 -10.72 12.90 17.15
C ALA A 154 -10.60 11.40 16.96
N GLU A 155 -9.35 10.93 16.99
CA GLU A 155 -9.09 9.50 16.77
C GLU A 155 -9.66 8.66 17.90
N GLU A 156 -9.50 9.10 19.15
CA GLU A 156 -9.85 8.25 20.29
C GLU A 156 -11.35 8.17 20.51
N ASP A 157 -12.14 8.99 19.81
CA ASP A 157 -13.57 9.03 20.07
C ASP A 157 -14.31 7.88 19.42
N VAL A 158 -13.68 7.17 18.48
CA VAL A 158 -14.38 6.13 17.73
C VAL A 158 -14.70 4.94 18.63
N ALA A 159 -13.74 4.54 19.48
CA ALA A 159 -13.96 3.37 20.33
C ALA A 159 -14.96 3.68 21.43
N ASN A 160 -14.89 4.88 22.02
CA ASN A 160 -15.76 5.26 23.13
C ASN A 160 -16.95 6.07 22.61
N ALA A 161 -17.79 5.38 21.83
CA ALA A 161 -19.01 5.99 21.34
C ALA A 161 -20.07 5.98 22.43
N THR A 162 -20.60 7.16 22.74
CA THR A 162 -21.54 7.33 23.83
C THR A 162 -22.99 7.31 23.39
N SER A 163 -23.27 7.04 22.12
CA SER A 163 -24.65 6.98 21.64
C SER A 163 -24.68 6.14 20.37
N SER A 164 -25.89 5.72 20.00
CA SER A 164 -26.05 4.85 18.83
C SER A 164 -25.72 5.59 17.53
N ARG A 165 -26.07 6.87 17.46
CA ARG A 165 -25.91 7.66 16.25
C ARG A 165 -24.74 8.63 16.41
N TYR A 166 -23.85 8.66 15.42
CA TYR A 166 -22.65 9.47 15.46
C TYR A 166 -22.82 10.75 14.67
N LEU A 167 -22.36 11.86 15.26
CA LEU A 167 -22.05 13.07 14.52
C LEU A 167 -20.55 13.03 14.24
N LEU A 168 -20.18 12.35 13.16
CA LEU A 168 -18.79 12.08 12.82
C LEU A 168 -18.20 13.29 12.09
N LYS A 169 -17.29 14.00 12.74
CA LYS A 169 -16.58 15.10 12.13
C LYS A 169 -15.26 14.58 11.59
N VAL A 170 -15.27 14.13 10.33
CA VAL A 170 -14.11 13.48 9.73
C VAL A 170 -12.90 14.39 9.59
N ALA A 171 -13.10 15.71 9.64
CA ALA A 171 -12.00 16.66 9.53
C ALA A 171 -11.56 17.20 10.88
N GLY A 172 -12.05 16.64 11.97
CA GLY A 172 -11.74 17.15 13.28
C GLY A 172 -12.57 18.36 13.65
N ASP A 173 -12.36 18.84 14.87
CA ASP A 173 -13.09 20.01 15.35
C ASP A 173 -12.27 20.69 16.44
N PHE A 174 -12.84 21.77 16.98
CA PHE A 174 -12.15 22.65 17.91
C PHE A 174 -12.56 22.42 19.37
N ARG A 175 -13.08 21.23 19.69
CA ARG A 175 -13.44 20.94 21.08
C ARG A 175 -12.20 20.93 21.96
N LYS A 176 -11.13 20.30 21.51
CA LYS A 176 -9.89 20.20 22.29
C LYS A 176 -8.94 21.34 21.92
N GLY A 177 -9.41 22.56 22.16
CA GLY A 177 -8.67 23.76 21.85
C GLY A 177 -8.77 24.14 20.38
N PHE A 178 -8.33 25.35 20.09
CA PHE A 178 -8.34 25.88 18.73
C PHE A 178 -7.00 25.73 18.03
N LYS A 179 -6.20 24.75 18.44
CA LYS A 179 -4.96 24.46 17.75
C LYS A 179 -5.23 23.76 16.43
N GLY A 180 -4.31 23.92 15.49
CA GLY A 180 -4.48 23.33 14.17
C GLY A 180 -4.11 21.87 14.06
N GLU A 181 -3.68 21.24 15.15
CA GLU A 181 -3.27 19.85 15.08
C GLU A 181 -4.48 18.92 14.97
N ASN A 182 -5.52 19.17 15.76
CA ASN A 182 -6.72 18.33 15.69
C ASN A 182 -7.73 18.85 14.68
N VAL A 183 -7.27 19.18 13.47
CA VAL A 183 -8.09 19.70 12.39
C VAL A 183 -7.38 19.31 11.09
N VAL A 184 -8.12 19.27 9.99
CA VAL A 184 -7.56 18.96 8.68
C VAL A 184 -7.70 20.22 7.83
N LEU A 185 -6.64 21.03 7.79
CA LEU A 185 -6.60 22.22 6.96
C LEU A 185 -5.48 22.24 5.93
N LYS A 186 -4.25 21.93 6.33
CA LYS A 186 -3.09 22.14 5.47
C LYS A 186 -2.96 21.01 4.46
N GLU A 187 -1.98 21.14 3.56
CA GLU A 187 -1.72 20.11 2.57
C GLU A 187 -1.25 18.82 3.24
N ASP A 188 -0.41 18.94 4.26
CA ASP A 188 0.06 17.75 4.98
C ASP A 188 -1.09 17.00 5.62
N ASP A 189 -2.03 17.72 6.24
CA ASP A 189 -3.12 17.07 6.96
C ASP A 189 -3.96 16.20 6.03
N TYR A 190 -4.28 16.71 4.84
CA TYR A 190 -5.01 15.89 3.87
C TYR A 190 -4.11 14.81 3.27
N LEU A 191 -2.83 15.11 3.10
CA LEU A 191 -1.91 14.13 2.53
C LEU A 191 -1.76 12.92 3.44
N ASN A 192 -1.64 13.15 4.74
CA ASN A 192 -1.49 12.09 5.72
C ASN A 192 -2.80 11.74 6.42
N TYR A 193 -3.93 12.11 5.81
CA TYR A 193 -5.22 11.87 6.45
C TYR A 193 -5.51 10.39 6.59
N ASP A 194 -5.17 9.60 5.56
CA ASP A 194 -5.44 8.16 5.61
C ASP A 194 -4.59 7.46 6.67
N GLN A 195 -3.56 8.14 7.17
CA GLN A 195 -2.72 7.58 8.22
C GLN A 195 -2.89 8.29 9.54
N ASN A 196 -3.24 9.59 9.52
CA ASN A 196 -3.52 10.29 10.77
C ASN A 196 -4.88 9.90 11.33
N TYR A 197 -5.85 9.61 10.46
CA TYR A 197 -7.20 9.24 10.87
C TYR A 197 -7.62 7.95 10.17
N PRO A 198 -7.02 6.81 10.55
CA PRO A 198 -7.43 5.54 9.94
C PRO A 198 -8.84 5.12 10.34
N LEU A 199 -9.11 5.11 11.64
CA LEU A 199 -10.41 4.61 12.12
C LEU A 199 -11.54 5.53 11.70
N ILE A 200 -11.33 6.84 11.78
CA ILE A 200 -12.37 7.77 11.35
C ILE A 200 -12.66 7.59 9.86
N SER A 201 -11.62 7.47 9.05
CA SER A 201 -11.81 7.32 7.61
C SER A 201 -12.55 6.02 7.28
N ASN A 202 -12.15 4.91 7.91
CA ASN A 202 -12.81 3.65 7.57
C ASN A 202 -14.22 3.57 8.14
N LEU A 203 -14.48 4.23 9.28
CA LEU A 203 -15.84 4.32 9.78
C LEU A 203 -16.72 5.14 8.85
N MET A 204 -16.19 6.25 8.32
CA MET A 204 -16.94 7.03 7.34
C MET A 204 -17.21 6.20 6.09
N LYS A 205 -16.22 5.44 5.63
CA LYS A 205 -16.43 4.58 4.47
C LYS A 205 -17.49 3.53 4.74
N THR A 206 -17.48 2.92 5.93
CA THR A 206 -18.51 1.95 6.28
C THR A 206 -19.90 2.57 6.30
N ILE A 207 -20.01 3.77 6.89
CA ILE A 207 -21.31 4.45 6.93
C ILE A 207 -21.81 4.74 5.53
N ILE A 208 -20.94 5.23 4.65
CA ILE A 208 -21.34 5.45 3.26
C ILE A 208 -21.75 4.14 2.59
N ALA A 209 -21.05 3.05 2.91
CA ALA A 209 -21.35 1.76 2.30
C ALA A 209 -22.73 1.26 2.71
N THR A 210 -23.09 1.40 3.98
CA THR A 210 -24.28 0.76 4.52
C THR A 210 -25.48 1.71 4.67
N HIS A 211 -25.33 2.98 4.29
CA HIS A 211 -26.40 3.95 4.47
C HIS A 211 -26.62 4.73 3.18
N THR A 212 -27.70 5.51 3.16
CA THR A 212 -28.01 6.41 2.05
C THR A 212 -27.48 7.80 2.40
N ILE A 213 -26.48 8.26 1.65
CA ILE A 213 -25.74 9.47 1.98
C ILE A 213 -26.30 10.62 1.14
N VAL A 214 -26.62 11.73 1.79
CA VAL A 214 -27.08 12.94 1.12
C VAL A 214 -26.10 14.06 1.44
N PHE A 215 -25.44 14.58 0.42
CA PHE A 215 -24.43 15.61 0.58
C PHE A 215 -25.08 16.99 0.52
N ILE A 216 -24.84 17.81 1.54
CA ILE A 216 -25.30 19.19 1.57
C ILE A 216 -24.12 20.08 1.91
N GLY A 217 -24.00 21.20 1.20
CA GLY A 217 -22.94 22.15 1.47
C GLY A 217 -21.64 21.90 0.75
N TYR A 218 -21.66 21.11 -0.32
CA TYR A 218 -20.45 20.73 -1.04
C TYR A 218 -20.53 21.21 -2.48
N GLY A 219 -19.41 21.66 -3.01
CA GLY A 219 -19.30 21.89 -4.43
C GLY A 219 -18.80 20.66 -5.16
N LEU A 220 -19.01 20.65 -6.48
CA LEU A 220 -18.57 19.51 -7.27
C LEU A 220 -17.05 19.44 -7.34
N GLY A 221 -16.37 20.58 -7.35
CA GLY A 221 -14.93 20.63 -7.48
C GLY A 221 -14.14 20.63 -6.19
N ASP A 222 -14.78 20.40 -5.04
CA ASP A 222 -14.06 20.44 -3.78
C ASP A 222 -13.21 19.19 -3.60
N TYR A 223 -12.35 19.21 -2.57
CA TYR A 223 -11.34 18.16 -2.43
C TYR A 223 -11.92 16.92 -1.75
N ASN A 224 -12.82 17.12 -0.79
CA ASN A 224 -13.39 15.99 -0.07
C ASN A 224 -14.23 15.11 -0.99
N ILE A 225 -15.06 15.72 -1.84
CA ILE A 225 -15.85 14.94 -2.79
C ILE A 225 -14.93 14.27 -3.80
N ASN A 226 -13.83 14.93 -4.16
CA ASN A 226 -12.86 14.30 -5.06
C ASN A 226 -12.29 13.03 -4.44
N MET A 227 -11.88 13.10 -3.18
CA MET A 227 -11.37 11.91 -2.50
C MET A 227 -12.44 10.83 -2.43
N LEU A 228 -13.67 11.21 -2.08
CA LEU A 228 -14.73 10.23 -1.93
C LEU A 228 -15.05 9.55 -3.25
N LEU A 229 -15.10 10.30 -4.34
CA LEU A 229 -15.39 9.71 -5.64
C LEU A 229 -14.23 8.87 -6.15
N ASN A 230 -12.99 9.26 -5.80
CA ASN A 230 -11.86 8.41 -6.14
C ASN A 230 -11.91 7.09 -5.38
N TRP A 231 -12.31 7.12 -4.11
CA TRP A 231 -12.45 5.88 -3.36
C TRP A 231 -13.57 5.03 -3.93
N VAL A 232 -14.71 5.65 -4.27
CA VAL A 232 -15.83 4.93 -4.85
C VAL A 232 -15.45 4.24 -6.16
N ARG A 233 -14.51 4.83 -6.91
CA ARG A 233 -14.07 4.21 -8.15
C ARG A 233 -13.55 2.79 -7.93
N LYS A 234 -12.88 2.56 -6.81
CA LYS A 234 -12.32 1.24 -6.53
C LYS A 234 -13.40 0.21 -6.21
N LEU A 235 -14.62 0.66 -5.92
CA LEU A 235 -15.71 -0.26 -5.61
C LEU A 235 -16.15 -1.00 -6.88
N GLN A 236 -16.83 -2.13 -6.68
CA GLN A 236 -17.34 -2.91 -7.80
C GLN A 236 -18.49 -2.19 -8.48
N LYS A 237 -18.82 -2.66 -9.68
CA LYS A 237 -19.92 -2.07 -10.43
C LYS A 237 -21.25 -2.39 -9.76
N ASP A 238 -22.06 -1.35 -9.56
CA ASP A 238 -23.39 -1.47 -8.95
C ASP A 238 -23.34 -2.27 -7.65
N SER A 239 -22.26 -2.07 -6.89
CA SER A 239 -22.09 -2.71 -5.59
C SER A 239 -22.55 -1.81 -4.45
N PHE A 240 -22.26 -0.52 -4.53
CA PHE A 240 -22.71 0.45 -3.55
C PHE A 240 -24.05 1.04 -3.97
N HIS A 241 -24.53 2.00 -3.18
CA HIS A 241 -25.68 2.81 -3.53
C HIS A 241 -25.21 4.23 -3.80
N LYS A 242 -25.57 4.77 -4.95
CA LYS A 242 -25.09 6.09 -5.32
C LYS A 242 -25.61 7.12 -4.34
N PRO A 243 -24.75 7.86 -3.64
CA PRO A 243 -25.22 8.89 -2.72
C PRO A 243 -25.82 10.08 -3.45
N PHE A 244 -26.79 10.71 -2.79
CA PHE A 244 -27.44 11.88 -3.35
C PHE A 244 -26.65 13.14 -3.01
N PHE A 245 -26.71 14.10 -3.94
CA PHE A 245 -25.97 15.35 -3.82
C PHE A 245 -26.97 16.48 -3.99
N ILE A 246 -26.83 17.54 -3.19
CA ILE A 246 -27.68 18.71 -3.31
C ILE A 246 -26.82 19.88 -3.77
N ARG A 247 -26.99 20.29 -5.02
CA ARG A 247 -26.17 21.33 -5.65
C ARG A 247 -26.97 22.62 -5.63
N THR A 248 -26.45 23.62 -4.91
CA THR A 248 -27.12 24.89 -4.69
C THR A 248 -26.27 26.07 -5.14
N ASP A 249 -25.52 25.88 -6.22
CA ASP A 249 -24.65 26.92 -6.74
C ASP A 249 -25.46 27.93 -7.56
N PRO A 250 -24.92 29.14 -7.75
CA PRO A 250 -25.71 30.16 -8.47
C PRO A 250 -26.14 29.75 -9.87
N SER A 251 -25.18 29.42 -10.73
CA SER A 251 -25.52 28.99 -12.07
C SER A 251 -26.20 27.63 -12.04
N PRO A 252 -27.12 27.38 -12.97
CA PRO A 252 -27.74 26.06 -13.04
C PRO A 252 -26.76 25.04 -13.57
N ILE A 253 -27.02 23.76 -13.23
CA ILE A 253 -26.10 22.70 -13.59
C ILE A 253 -25.98 22.59 -15.10
N GLU A 254 -24.75 22.47 -15.58
CA GLU A 254 -24.52 22.24 -16.99
C GLU A 254 -24.72 20.76 -17.31
N ASN A 255 -25.33 20.50 -18.47
CA ASN A 255 -25.67 19.14 -18.85
C ASN A 255 -24.46 18.22 -18.99
N GLU A 256 -23.29 18.77 -19.30
CA GLU A 256 -22.11 17.92 -19.48
C GLU A 256 -21.52 17.51 -18.13
N THR A 257 -21.33 18.46 -17.21
CA THR A 257 -20.80 18.10 -15.90
C THR A 257 -21.79 17.27 -15.11
N LEU A 258 -23.09 17.52 -15.30
CA LEU A 258 -24.12 16.68 -14.69
C LEU A 258 -23.98 15.24 -15.16
N ILE A 259 -23.81 15.04 -16.46
CA ILE A 259 -23.62 13.69 -16.99
C ILE A 259 -22.34 13.08 -16.44
N TYR A 260 -21.25 13.85 -16.40
CA TYR A 260 -19.98 13.34 -15.91
C TYR A 260 -20.11 12.87 -14.46
N TYR A 261 -20.70 13.68 -13.60
CA TYR A 261 -20.77 13.35 -12.18
C TYR A 261 -21.85 12.32 -11.86
N GLU A 262 -22.85 12.16 -12.72
CA GLU A 262 -23.89 11.16 -12.46
C GLU A 262 -23.44 9.74 -12.71
N ASN A 263 -22.55 9.50 -13.68
CA ASN A 263 -21.95 8.20 -13.85
C ASN A 263 -20.73 7.98 -12.97
N LYS A 264 -20.31 9.00 -12.22
CA LYS A 264 -19.20 8.89 -11.29
C LYS A 264 -19.63 8.43 -9.91
N GLY A 265 -20.93 8.19 -9.72
CA GLY A 265 -21.45 7.69 -8.46
C GLY A 265 -22.35 8.65 -7.71
N LEU A 266 -22.59 9.85 -8.23
CA LEU A 266 -23.41 10.83 -7.55
C LEU A 266 -24.84 10.81 -8.08
N ARG A 267 -25.75 11.41 -7.31
CA ARG A 267 -27.16 11.50 -7.68
C ARG A 267 -27.62 12.95 -7.65
N ILE A 268 -26.87 13.80 -8.37
CA ILE A 268 -26.98 15.26 -8.29
C ILE A 268 -28.44 15.71 -8.34
N ILE A 269 -28.76 16.70 -7.52
CA ILE A 269 -30.05 17.38 -7.52
C ILE A 269 -29.78 18.88 -7.55
N ASP A 270 -30.08 19.53 -8.66
CA ASP A 270 -29.77 20.94 -8.84
C ASP A 270 -30.86 21.78 -8.21
N ALA A 271 -30.48 22.67 -7.30
CA ALA A 271 -31.43 23.61 -6.71
C ALA A 271 -31.78 24.72 -7.69
N ALA A 272 -30.78 25.26 -8.40
CA ALA A 272 -31.01 26.38 -9.30
C ALA A 272 -31.86 25.98 -10.49
N SER A 273 -31.74 24.73 -10.96
CA SER A 273 -32.54 24.28 -12.09
C SER A 273 -34.02 24.22 -11.75
N LEU A 274 -34.36 23.86 -10.51
CA LEU A 274 -35.75 23.79 -10.09
C LEU A 274 -36.32 25.18 -9.85
N ILE A 275 -35.74 25.91 -8.89
CA ILE A 275 -36.27 27.21 -8.51
C ILE A 275 -35.54 28.30 -9.26
N ASP A 276 -36.28 29.11 -10.01
CA ASP A 276 -35.71 30.24 -10.74
C ASP A 276 -35.56 31.40 -9.76
N SER A 277 -34.61 31.25 -8.84
CA SER A 277 -34.35 32.22 -7.79
C SER A 277 -33.17 33.10 -8.19
N ASN A 278 -32.82 34.01 -7.29
CA ASN A 278 -31.81 35.02 -7.55
C ASN A 278 -30.44 34.51 -7.09
N GLU A 279 -29.39 35.12 -7.64
CA GLU A 279 -28.02 34.73 -7.32
C GLU A 279 -27.58 35.43 -6.04
N TYR A 280 -26.72 34.77 -5.25
CA TYR A 280 -26.32 35.22 -3.92
C TYR A 280 -27.49 35.23 -2.95
N ASP A 281 -28.46 34.34 -3.17
CA ASP A 281 -29.61 34.15 -2.29
C ASP A 281 -29.63 32.71 -1.79
N TYR A 282 -28.48 32.25 -1.27
CA TYR A 282 -28.21 30.85 -1.03
C TYR A 282 -29.22 30.21 -0.07
N LEU A 283 -29.72 30.99 0.88
CA LEU A 283 -30.65 30.45 1.87
C LEU A 283 -31.94 29.97 1.21
N GLU A 284 -32.49 30.76 0.30
CA GLU A 284 -33.70 30.36 -0.40
C GLU A 284 -33.46 29.11 -1.24
N ARG A 285 -32.33 29.06 -1.93
CA ARG A 285 -31.99 27.88 -2.74
C ARG A 285 -31.86 26.64 -1.88
N TYR A 286 -31.20 26.75 -0.73
CA TYR A 286 -31.08 25.62 0.19
C TYR A 286 -32.45 25.18 0.69
N SER A 287 -33.24 26.15 1.15
CA SER A 287 -34.54 25.86 1.76
C SER A 287 -35.50 25.24 0.76
N ALA A 288 -35.40 25.59 -0.52
CA ALA A 288 -36.28 24.99 -1.51
C ALA A 288 -36.13 23.47 -1.52
N VAL A 289 -34.91 22.99 -1.74
CA VAL A 289 -34.68 21.54 -1.78
C VAL A 289 -34.92 20.92 -0.41
N MET A 290 -34.57 21.64 0.66
CA MET A 290 -34.70 21.05 1.99
C MET A 290 -36.16 20.85 2.38
N ASP A 291 -37.00 21.86 2.14
CA ASP A 291 -38.42 21.73 2.47
C ASP A 291 -39.18 20.86 1.48
N LEU A 292 -38.78 20.83 0.21
CA LEU A 292 -39.36 19.86 -0.71
C LEU A 292 -39.01 18.44 -0.26
N LEU A 293 -37.81 18.26 0.30
CA LEU A 293 -37.45 16.99 0.92
C LEU A 293 -38.29 16.73 2.16
N ILE A 294 -38.49 17.77 2.98
CA ILE A 294 -39.15 17.61 4.27
C ILE A 294 -40.66 17.51 4.17
N GLU A 295 -41.28 18.22 3.23
CA GLU A 295 -42.73 18.28 3.11
C GLU A 295 -43.36 16.93 2.80
N SER A 296 -42.57 15.96 2.33
CA SER A 296 -43.08 14.61 2.09
C SER A 296 -42.99 13.77 3.35
N LYS A 304 -58.10 8.61 -6.38
CA LYS A 304 -58.22 8.07 -7.73
C LYS A 304 -59.16 6.87 -7.74
N ASP A 305 -59.42 6.31 -6.55
CA ASP A 305 -60.32 5.18 -6.34
C ASP A 305 -59.76 3.91 -6.96
N ASP A 306 -58.60 4.01 -7.60
CA ASP A 306 -57.87 2.85 -8.11
C ASP A 306 -56.57 2.62 -7.36
N GLU A 307 -55.99 3.67 -6.77
CA GLU A 307 -54.82 3.54 -5.93
C GLU A 307 -55.15 3.32 -4.46
N VAL A 308 -56.39 3.62 -4.04
CA VAL A 308 -56.79 3.35 -2.67
C VAL A 308 -56.81 1.84 -2.42
N ILE A 309 -57.30 1.08 -3.40
CA ILE A 309 -57.28 -0.38 -3.30
C ILE A 309 -55.85 -0.88 -3.26
N ASP A 310 -54.98 -0.30 -4.10
CA ASP A 310 -53.58 -0.71 -4.09
C ASP A 310 -52.92 -0.44 -2.75
N TYR A 311 -53.20 0.72 -2.15
CA TYR A 311 -52.62 1.06 -0.86
C TYR A 311 -53.11 0.11 0.23
N ILE A 312 -54.42 -0.12 0.29
CA ILE A 312 -54.97 -1.00 1.32
C ILE A 312 -54.43 -2.41 1.16
N TYR A 313 -54.36 -2.91 -0.07
CA TYR A 313 -53.86 -4.25 -0.30
C TYR A 313 -52.37 -4.32 -0.01
N GLY A 314 -51.63 -3.24 -0.26
CA GLY A 314 -50.22 -3.23 0.10
C GLY A 314 -50.01 -3.30 1.60
N LYS A 315 -50.87 -2.61 2.35
CA LYS A 315 -50.79 -2.70 3.81
C LYS A 315 -51.18 -4.08 4.32
N ILE A 316 -52.18 -4.72 3.71
CA ILE A 316 -52.74 -5.96 4.26
C ILE A 316 -52.29 -7.22 3.51
N SER A 317 -51.33 -7.11 2.60
CA SER A 317 -50.82 -8.28 1.89
C SER A 317 -50.21 -9.33 2.81
N PRO A 318 -49.34 -9.00 3.78
CA PRO A 318 -48.76 -10.06 4.63
C PRO A 318 -49.76 -10.69 5.58
N LEU A 319 -50.94 -10.11 5.76
CA LEU A 319 -51.87 -10.58 6.78
C LEU A 319 -52.67 -11.81 6.37
N PHE A 320 -52.68 -12.18 5.08
CA PHE A 320 -53.37 -13.40 4.69
C PHE A 320 -52.62 -14.66 5.13
N ALA A 321 -51.38 -14.52 5.61
CA ALA A 321 -50.67 -15.64 6.19
C ALA A 321 -51.16 -15.99 7.59
N LEU A 322 -52.00 -15.16 8.18
CA LEU A 322 -52.53 -15.38 9.52
C LEU A 322 -54.00 -15.76 9.45
N GLN A 323 -54.39 -16.75 10.25
CA GLN A 323 -55.75 -17.27 10.20
C GLN A 323 -56.77 -16.21 10.61
N TYR A 324 -56.42 -15.37 11.57
CA TYR A 324 -57.33 -14.32 12.03
C TYR A 324 -56.52 -13.13 12.52
N ILE A 325 -57.08 -11.93 12.34
CA ILE A 325 -56.44 -10.68 12.72
C ILE A 325 -57.38 -9.89 13.62
N ARG A 326 -56.86 -9.44 14.75
CA ARG A 326 -57.65 -8.60 15.64
C ARG A 326 -57.90 -7.23 15.01
N LYS A 327 -59.09 -6.67 15.25
CA LYS A 327 -59.41 -5.36 14.70
C LYS A 327 -58.53 -4.28 15.30
N ILE A 328 -58.19 -4.40 16.59
CA ILE A 328 -57.24 -3.48 17.18
C ILE A 328 -55.88 -3.61 16.50
N ASP A 329 -55.47 -4.84 16.19
CA ASP A 329 -54.27 -5.01 15.38
C ASP A 329 -54.44 -4.40 14.00
N LEU A 330 -55.65 -4.42 13.45
CA LEU A 330 -55.89 -3.74 12.17
C LEU A 330 -55.67 -2.24 12.31
N LYS A 331 -56.08 -1.66 13.43
CA LYS A 331 -55.78 -0.25 13.69
C LYS A 331 -54.28 -0.04 13.82
N HIS A 332 -53.57 -1.05 14.35
CA HIS A 332 -52.11 -0.97 14.39
C HIS A 332 -51.52 -1.03 12.99
N VAL A 333 -52.19 -1.70 12.06
CA VAL A 333 -51.67 -1.84 10.70
C VAL A 333 -51.58 -0.48 10.02
N PHE A 334 -52.65 0.30 10.10
CA PHE A 334 -52.81 1.51 9.30
C PHE A 334 -52.16 2.74 9.93
N GLU A 335 -51.24 2.54 10.87
CA GLU A 335 -50.51 3.63 11.51
C GLU A 335 -51.45 4.64 12.16
N TYR A 336 -52.46 4.13 12.86
CA TYR A 336 -53.41 4.93 13.63
C TYR A 336 -54.23 5.89 12.79
N ASP A 337 -54.28 5.69 11.46
CA ASP A 337 -55.09 6.57 10.63
C ASP A 337 -56.56 6.44 10.97
N TYR A 338 -57.00 5.27 11.41
CA TYR A 338 -58.35 5.03 11.85
C TYR A 338 -58.34 4.10 13.05
N HIS A 339 -59.47 4.04 13.76
CA HIS A 339 -59.68 3.08 14.84
C HIS A 339 -60.74 2.09 14.40
N PHE A 340 -60.41 0.80 14.48
CA PHE A 340 -61.38 -0.26 14.23
C PHE A 340 -61.93 -0.72 15.58
N GLU A 341 -63.22 -0.53 15.79
CA GLU A 341 -63.87 -0.93 17.02
C GLU A 341 -64.29 -2.39 16.94
N VAL A 342 -64.53 -2.98 18.11
CA VAL A 342 -64.81 -4.41 18.18
C VAL A 342 -66.18 -4.74 17.61
N ASN A 343 -67.06 -3.74 17.48
CA ASN A 343 -68.35 -3.97 16.85
C ASN A 343 -68.19 -4.25 15.37
N GLY A 344 -67.10 -3.77 14.76
CA GLY A 344 -66.85 -3.97 13.36
C GLY A 344 -66.99 -2.70 12.55
N THR A 345 -67.11 -1.57 13.23
CA THR A 345 -67.29 -0.28 12.58
C THR A 345 -66.04 0.57 12.77
N VAL A 346 -65.49 1.04 11.67
CA VAL A 346 -64.29 1.87 11.67
C VAL A 346 -64.67 3.32 11.91
N VAL A 347 -63.81 4.06 12.59
CA VAL A 347 -63.96 5.49 12.79
C VAL A 347 -62.68 6.17 12.32
N ARG A 348 -62.83 7.31 11.65
CA ARG A 348 -61.68 8.09 11.23
C ARG A 348 -61.27 9.02 12.37
N HIS A 349 -60.01 8.88 12.81
CA HIS A 349 -59.53 9.69 13.93
C HIS A 349 -58.36 10.56 13.52
N LYS A 350 -57.37 9.98 12.84
CA LYS A 350 -56.16 10.71 12.48
C LYS A 350 -55.97 10.84 10.97
N ASN A 351 -56.75 10.14 10.16
CA ASN A 351 -56.61 10.24 8.72
C ASN A 351 -57.03 11.63 8.24
N LYS A 352 -56.05 12.46 7.90
CA LYS A 352 -56.31 13.82 7.45
C LYS A 352 -56.44 13.93 5.95
N GLY A 353 -55.71 13.11 5.19
CA GLY A 353 -55.79 13.11 3.75
C GLY A 353 -57.08 12.49 3.24
N PHE A 354 -57.02 11.97 2.02
CA PHE A 354 -58.19 11.33 1.43
C PHE A 354 -58.51 10.04 2.18
N GLY A 355 -59.79 9.85 2.47
CA GLY A 355 -60.23 8.68 3.21
C GLY A 355 -60.47 7.47 2.33
N TYR A 356 -59.54 6.52 2.35
CA TYR A 356 -59.67 5.35 1.49
C TYR A 356 -60.71 4.36 2.01
N MET A 357 -60.93 4.31 3.33
CA MET A 357 -61.95 3.41 3.86
C MET A 357 -63.36 3.90 3.59
N GLU A 358 -63.57 5.22 3.61
CA GLU A 358 -64.88 5.77 3.29
C GLU A 358 -65.29 5.41 1.87
N ARG A 359 -64.35 5.52 0.92
CA ARG A 359 -64.66 5.07 -0.43
C ARG A 359 -64.73 3.55 -0.51
N PHE A 360 -63.90 2.86 0.28
CA PHE A 360 -63.83 1.40 0.20
C PHE A 360 -65.15 0.75 0.61
N PHE A 361 -65.75 1.22 1.70
CA PHE A 361 -66.99 0.59 2.18
C PHE A 361 -68.13 0.81 1.20
N GLU A 362 -68.26 2.04 0.66
CA GLU A 362 -69.30 2.29 -0.33
C GLU A 362 -69.03 1.50 -1.61
N LEU A 363 -67.76 1.32 -1.97
CA LEU A 363 -67.41 0.50 -3.12
C LEU A 363 -67.83 -0.95 -2.89
N LYS A 364 -67.65 -1.44 -1.66
CA LYS A 364 -68.10 -2.78 -1.31
C LYS A 364 -69.63 -2.89 -1.41
N GLU A 365 -70.34 -1.88 -0.92
CA GLU A 365 -71.81 -1.95 -0.92
C GLU A 365 -72.37 -1.83 -2.33
N GLU A 369 -71.28 -0.60 -8.61
CA GLU A 369 -70.52 0.16 -9.59
C GLU A 369 -69.03 -0.18 -9.58
N ARG A 370 -68.64 -1.20 -8.82
CA ARG A 370 -67.25 -1.61 -8.73
C ARG A 370 -66.72 -2.14 -10.06
N SER A 371 -67.60 -2.42 -11.02
CA SER A 371 -67.20 -3.02 -12.29
C SER A 371 -66.25 -2.14 -13.08
N LYS A 372 -66.20 -0.84 -12.81
CA LYS A 372 -65.33 0.04 -13.58
C LYS A 372 -63.85 -0.16 -13.25
N LEU A 373 -63.52 -0.90 -12.19
CA LEU A 373 -62.14 -1.06 -11.79
C LEU A 373 -61.41 -2.03 -12.72
N SER A 374 -60.07 -2.04 -12.60
CA SER A 374 -59.25 -2.94 -13.39
C SER A 374 -59.41 -4.38 -12.90
N LYS A 375 -59.00 -5.32 -13.75
CA LYS A 375 -59.13 -6.74 -13.41
C LYS A 375 -58.27 -7.10 -12.21
N LYS A 376 -57.02 -6.63 -12.18
CA LYS A 376 -56.17 -6.84 -11.01
C LYS A 376 -56.75 -6.14 -9.80
N GLN A 377 -57.27 -4.92 -9.99
CA GLN A 377 -57.93 -4.23 -8.89
C GLN A 377 -59.19 -4.98 -8.47
N TYR A 378 -59.90 -5.59 -9.42
CA TYR A 378 -61.08 -6.37 -9.08
C TYR A 378 -60.73 -7.59 -8.22
N GLU A 379 -59.70 -8.34 -8.61
CA GLU A 379 -59.34 -9.52 -7.83
C GLU A 379 -58.77 -9.14 -6.47
N ARG A 380 -58.03 -8.03 -6.41
CA ARG A 380 -57.54 -7.56 -5.11
C ARG A 380 -58.68 -7.05 -4.24
N PHE A 381 -59.69 -6.41 -4.83
CA PHE A 381 -60.88 -6.05 -4.06
C PHE A 381 -61.63 -7.28 -3.56
N ASN A 382 -61.70 -8.34 -4.37
CA ASN A 382 -62.33 -9.56 -3.90
C ASN A 382 -61.57 -10.16 -2.72
N ALA A 383 -60.24 -10.18 -2.82
CA ALA A 383 -59.41 -10.67 -1.71
C ALA A 383 -59.59 -9.82 -0.46
N LEU A 384 -59.60 -8.49 -0.63
CA LEU A 384 -59.76 -7.60 0.51
C LEU A 384 -61.15 -7.71 1.13
N PHE A 385 -62.17 -7.90 0.30
CA PHE A 385 -63.53 -8.10 0.80
C PHE A 385 -63.62 -9.39 1.60
N ASN A 386 -62.99 -10.46 1.11
CA ASN A 386 -62.97 -11.72 1.86
C ASN A 386 -62.25 -11.54 3.18
N PHE A 387 -61.11 -10.83 3.16
CA PHE A 387 -60.36 -10.58 4.38
C PHE A 387 -61.17 -9.78 5.38
N PHE A 388 -61.87 -8.75 4.90
CA PHE A 388 -62.60 -7.85 5.78
C PHE A 388 -63.86 -8.47 6.36
N GLU A 389 -64.64 -9.19 5.54
CA GLU A 389 -65.80 -9.91 6.05
C GLU A 389 -65.42 -11.11 6.90
N LYS A 390 -64.22 -11.68 6.68
CA LYS A 390 -63.77 -12.80 7.48
C LYS A 390 -63.28 -12.37 8.85
N ASN A 391 -62.73 -11.16 8.97
CA ASN A 391 -62.24 -10.64 10.24
C ASN A 391 -63.26 -9.78 10.97
N GLY A 392 -64.47 -9.65 10.44
CA GLY A 392 -65.55 -8.98 11.16
C GLY A 392 -65.62 -7.48 11.01
N VAL A 393 -64.75 -6.87 10.21
CA VAL A 393 -64.87 -5.44 9.93
C VAL A 393 -65.87 -5.26 8.78
N ILE A 394 -67.05 -4.75 9.10
CA ILE A 394 -68.16 -4.82 8.16
C ILE A 394 -68.37 -3.47 7.46
N CYS A 395 -68.59 -2.41 8.23
CA CYS A 395 -68.94 -1.11 7.68
C CYS A 395 -68.40 -0.02 8.60
N MET A 396 -68.92 1.19 8.43
CA MET A 396 -68.43 2.33 9.19
C MET A 396 -69.41 2.74 10.29
N ALA A 397 -68.90 3.54 11.22
CA ALA A 397 -69.69 3.91 12.40
C ALA A 397 -70.93 4.71 12.03
N LYS A 398 -70.91 5.37 10.87
CA LYS A 398 -72.07 6.15 10.44
C LYS A 398 -73.29 5.25 10.26
N ASP A 399 -73.08 3.97 9.96
CA ASP A 399 -74.17 3.03 9.76
C ASP A 399 -73.82 1.65 10.30
N SER A 406 -72.49 -12.72 17.42
CA SER A 406 -71.95 -14.02 17.78
C SER A 406 -70.60 -14.25 17.10
N ILE A 407 -69.84 -15.21 17.62
CA ILE A 407 -68.52 -15.53 17.10
C ILE A 407 -68.42 -17.04 16.90
N GLU A 408 -67.48 -17.43 16.04
CA GLU A 408 -67.16 -18.84 15.83
C GLU A 408 -65.65 -18.99 15.80
N ILE A 409 -65.14 -19.98 16.51
CA ILE A 409 -63.70 -20.28 16.55
C ILE A 409 -63.50 -21.64 15.90
N ASN A 410 -62.82 -21.64 14.76
CA ASN A 410 -62.60 -22.85 13.97
C ASN A 410 -61.23 -23.42 14.34
N SER A 411 -61.21 -24.26 15.37
CA SER A 411 -59.97 -24.91 15.79
C SER A 411 -60.32 -26.15 16.59
N LEU A 412 -59.61 -27.24 16.30
CA LEU A 412 -59.76 -28.46 17.08
C LEU A 412 -59.25 -28.28 18.51
N ALA A 413 -58.47 -27.24 18.77
CA ALA A 413 -57.98 -26.99 20.12
C ALA A 413 -59.05 -26.43 21.03
N TYR A 414 -59.89 -25.52 20.51
CA TYR A 414 -60.84 -24.85 21.37
C TYR A 414 -61.99 -25.79 21.74
N HIS A 415 -62.33 -26.71 20.83
CA HIS A 415 -63.42 -27.66 21.08
C HIS A 415 -62.97 -28.90 21.82
N GLY A 416 -61.67 -29.08 22.03
CA GLY A 416 -61.17 -30.27 22.73
C GLY A 416 -61.37 -31.57 21.97
N LYS A 417 -61.19 -31.55 20.65
CA LYS A 417 -61.35 -32.76 19.83
C LYS A 417 -60.06 -33.58 19.91
N TYR A 418 -59.77 -34.08 21.11
CA TYR A 418 -58.47 -34.68 21.39
C TYR A 418 -58.25 -36.01 20.67
N ASP A 419 -59.20 -36.46 19.85
CA ASP A 419 -58.99 -37.59 18.95
C ASP A 419 -58.73 -37.14 17.53
N VAL A 420 -59.45 -36.12 17.07
CA VAL A 420 -59.15 -35.52 15.77
C VAL A 420 -57.76 -34.90 15.79
N MET A 421 -57.35 -34.33 16.94
CA MET A 421 -55.96 -33.89 17.09
C MET A 421 -54.99 -35.03 16.78
N LYS A 422 -55.17 -36.18 17.43
CA LYS A 422 -54.22 -37.27 17.28
C LYS A 422 -54.21 -37.79 15.85
N LYS A 423 -55.39 -37.93 15.25
CA LYS A 423 -55.45 -38.35 13.84
C LYS A 423 -54.72 -37.37 12.96
N PHE A 424 -54.89 -36.07 13.21
CA PHE A 424 -54.22 -35.04 12.42
C PHE A 424 -52.71 -35.12 12.58
N ILE A 425 -52.24 -35.37 13.80
CA ILE A 425 -50.80 -35.43 14.05
C ILE A 425 -50.18 -36.65 13.36
N GLU A 426 -50.85 -37.80 13.43
CA GLU A 426 -50.29 -39.00 12.80
C GLU A 426 -50.21 -38.85 11.28
N GLU A 427 -51.03 -37.98 10.71
CA GLU A 427 -50.95 -37.72 9.28
C GLU A 427 -49.64 -37.01 8.95
N GLN A 428 -49.14 -37.26 7.74
CA GLN A 428 -47.93 -36.57 7.28
C GLN A 428 -48.26 -35.16 6.83
N SER A 429 -47.54 -34.19 7.40
CA SER A 429 -47.79 -32.78 7.10
C SER A 429 -47.28 -32.46 5.70
N VAL A 430 -48.17 -31.93 4.85
CA VAL A 430 -47.78 -31.61 3.49
C VAL A 430 -46.86 -30.39 3.46
N SER A 431 -47.20 -29.36 4.22
CA SER A 431 -46.47 -28.10 4.20
C SER A 431 -46.15 -27.65 5.62
N ILE A 432 -45.39 -26.55 5.70
CA ILE A 432 -45.02 -26.00 7.01
C ILE A 432 -46.24 -25.40 7.71
N GLU A 433 -47.13 -24.74 6.95
CA GLU A 433 -48.38 -24.26 7.54
C GLU A 433 -49.18 -25.40 8.14
N ASP A 434 -49.22 -26.54 7.46
CA ASP A 434 -49.83 -27.74 8.02
C ASP A 434 -49.04 -28.30 9.18
N ASP A 435 -47.73 -28.04 9.22
CA ASP A 435 -46.87 -28.53 10.29
C ASP A 435 -46.90 -27.66 11.53
N TYR A 436 -47.42 -26.44 11.42
CA TYR A 436 -47.46 -25.52 12.55
C TYR A 436 -48.63 -25.82 13.46
N LYS A 437 -49.83 -25.97 12.88
CA LYS A 437 -50.98 -26.36 13.68
C LYS A 437 -50.83 -27.78 14.21
N LYS A 438 -50.10 -28.64 13.49
CA LYS A 438 -49.81 -29.96 14.02
C LYS A 438 -48.92 -29.87 15.26
N ALA A 439 -47.92 -28.99 15.25
CA ALA A 439 -47.11 -28.78 16.44
C ALA A 439 -47.94 -28.21 17.59
N PHE A 440 -48.85 -27.29 17.28
CA PHE A 440 -49.73 -26.75 18.33
C PHE A 440 -50.60 -27.85 18.93
N PHE A 441 -51.13 -28.74 18.09
CA PHE A 441 -51.92 -29.86 18.58
C PHE A 441 -51.06 -30.79 19.43
N LEU A 442 -49.82 -31.04 19.00
CA LEU A 442 -48.90 -31.82 19.80
C LEU A 442 -48.70 -31.19 21.17
N ALA A 443 -48.65 -29.86 21.22
CA ALA A 443 -48.53 -29.16 22.49
C ALA A 443 -49.80 -29.32 23.34
N CYS A 444 -50.97 -29.32 22.70
CA CYS A 444 -52.23 -29.37 23.43
C CYS A 444 -52.48 -30.73 24.06
N LEU A 445 -51.85 -31.78 23.58
CA LEU A 445 -52.05 -33.14 24.10
C LEU A 445 -50.89 -33.59 24.97
N GLY A 446 -50.34 -32.68 25.77
CA GLY A 446 -49.09 -33.00 26.45
C GLY A 446 -47.98 -32.96 25.44
N ARG A 447 -47.16 -34.01 25.41
CA ARG A 447 -46.21 -34.24 24.31
C ARG A 447 -45.34 -33.01 24.04
N TRP A 448 -44.92 -32.34 25.11
CA TRP A 448 -44.21 -31.07 24.94
C TRP A 448 -42.83 -31.25 24.34
N GLU A 449 -42.17 -32.40 24.55
CA GLU A 449 -40.88 -32.64 23.90
C GLU A 449 -41.06 -32.78 22.40
N GLU A 450 -42.09 -33.49 21.96
CA GLU A 450 -42.37 -33.62 20.54
C GLU A 450 -42.73 -32.28 19.93
N SER A 451 -43.53 -31.48 20.65
CA SER A 451 -43.88 -30.15 20.16
C SER A 451 -42.65 -29.26 20.05
N TYR A 452 -41.75 -29.33 21.04
CA TYR A 452 -40.53 -28.54 20.98
C TYR A 452 -39.67 -28.94 19.80
N ASP A 453 -39.49 -30.25 19.58
CA ASP A 453 -38.70 -30.71 18.45
C ASP A 453 -39.33 -30.30 17.13
N LEU A 454 -40.65 -30.39 17.03
CA LEU A 454 -41.33 -30.01 15.80
C LEU A 454 -41.21 -28.51 15.53
N TYR A 455 -41.32 -27.69 16.58
CA TYR A 455 -41.12 -26.26 16.40
C TYR A 455 -39.69 -25.95 15.99
N SER A 456 -38.73 -26.68 16.55
CA SER A 456 -37.33 -26.49 16.16
C SER A 456 -37.13 -26.82 14.68
N ASN A 457 -37.72 -27.92 14.21
CA ASN A 457 -37.52 -28.28 12.82
C ASN A 457 -38.29 -27.35 11.88
N ILE A 458 -39.43 -26.81 12.32
CA ILE A 458 -40.13 -25.79 11.54
C ILE A 458 -39.26 -24.55 11.41
N ILE A 459 -38.64 -24.13 12.51
CA ILE A 459 -37.74 -22.99 12.47
C ILE A 459 -36.58 -23.25 11.53
N LEU A 460 -36.04 -24.47 11.56
CA LEU A 460 -34.94 -24.84 10.66
C LEU A 460 -35.38 -24.80 9.20
N ASN A 461 -36.60 -25.26 8.92
CA ASN A 461 -37.08 -25.35 7.55
C ASN A 461 -37.76 -24.08 7.06
N SER A 462 -37.91 -23.04 7.87
CA SER A 462 -38.58 -21.82 7.44
C SER A 462 -37.62 -20.79 6.84
N ILE A 463 -36.49 -21.25 6.28
CA ILE A 463 -35.53 -20.33 5.68
C ILE A 463 -36.11 -19.70 4.42
N ASP A 464 -36.76 -20.51 3.58
CA ASP A 464 -37.32 -20.03 2.32
C ASP A 464 -38.72 -19.45 2.48
N GLU A 465 -39.11 -19.06 3.68
CA GLU A 465 -40.46 -18.55 3.92
C GLU A 465 -40.69 -17.27 3.12
N SER A 466 -41.86 -17.18 2.49
CA SER A 466 -42.20 -16.01 1.69
C SER A 466 -42.32 -14.77 2.57
N ASN A 467 -42.86 -14.94 3.78
CA ASN A 467 -43.11 -13.83 4.69
C ASN A 467 -42.39 -13.95 6.02
N GLY A 468 -42.11 -15.16 6.48
CA GLY A 468 -41.44 -15.35 7.76
C GLY A 468 -42.36 -15.27 8.96
N CYS A 469 -43.66 -15.11 8.76
CA CYS A 469 -44.60 -15.06 9.88
C CYS A 469 -44.61 -16.39 10.64
N VAL A 470 -44.59 -17.50 9.91
CA VAL A 470 -44.62 -18.81 10.53
C VAL A 470 -43.37 -19.01 11.38
N TYR A 471 -42.22 -18.56 10.89
CA TYR A 471 -40.98 -18.70 11.65
C TYR A 471 -41.01 -17.90 12.95
N TYR A 472 -41.53 -16.67 12.89
CA TYR A 472 -41.64 -15.85 14.09
C TYR A 472 -42.59 -16.48 15.10
N LEU A 473 -43.77 -16.90 14.64
CA LEU A 473 -44.72 -17.53 15.55
C LEU A 473 -44.19 -18.86 16.08
N SER A 474 -43.37 -19.56 15.30
CA SER A 474 -42.76 -20.79 15.78
C SER A 474 -41.73 -20.50 16.86
N GLN A 475 -40.97 -19.42 16.71
CA GLN A 475 -40.07 -19.01 17.78
C GLN A 475 -40.85 -18.70 19.06
N ILE A 476 -41.95 -17.95 18.92
CA ILE A 476 -42.76 -17.61 20.09
C ILE A 476 -43.31 -18.88 20.76
N ASN A 477 -43.85 -19.79 19.95
CA ASN A 477 -44.45 -20.99 20.50
C ASN A 477 -43.41 -21.93 21.09
N ARG A 478 -42.21 -21.98 20.49
CA ARG A 478 -41.15 -22.79 21.06
C ARG A 478 -40.70 -22.24 22.40
N TYR A 479 -40.62 -20.91 22.52
CA TYR A 479 -40.28 -20.33 23.82
C TYR A 479 -41.37 -20.61 24.85
N ARG A 480 -42.64 -20.53 24.43
CA ARG A 480 -43.73 -20.85 25.35
C ARG A 480 -43.68 -22.31 25.78
N ILE A 481 -43.34 -23.21 24.86
CA ILE A 481 -43.22 -24.62 25.20
C ILE A 481 -42.05 -24.84 26.16
N TYR A 482 -40.94 -24.12 25.94
CA TYR A 482 -39.82 -24.22 26.87
C TYR A 482 -40.21 -23.73 28.25
N GLN A 483 -40.97 -22.63 28.32
CA GLN A 483 -41.45 -22.15 29.61
C GLN A 483 -42.35 -23.19 30.29
N SER A 484 -43.26 -23.79 29.52
CA SER A 484 -44.15 -24.80 30.08
C SER A 484 -43.35 -26.00 30.61
N ILE A 485 -42.36 -26.44 29.85
CA ILE A 485 -41.53 -27.56 30.26
C ILE A 485 -40.76 -27.22 31.53
N THR A 486 -40.19 -26.03 31.59
CA THR A 486 -39.41 -25.63 32.76
C THR A 486 -40.29 -25.56 34.01
N GLN A 487 -41.47 -24.94 33.89
CA GLN A 487 -42.35 -24.84 35.03
C GLN A 487 -42.88 -26.20 35.47
N ALA A 488 -43.18 -27.08 34.51
CA ALA A 488 -43.63 -28.42 34.87
C ALA A 488 -42.53 -29.20 35.57
N VAL A 489 -41.28 -29.08 35.11
CA VAL A 489 -40.16 -29.75 35.76
C VAL A 489 -39.97 -29.20 37.17
N THR A 490 -40.04 -27.88 37.33
CA THR A 490 -39.91 -27.28 38.65
C THR A 490 -41.02 -27.76 39.58
N GLN A 491 -42.23 -27.95 39.05
CA GLN A 491 -43.29 -28.58 39.82
C GLN A 491 -42.91 -30.00 40.23
N PHE A 492 -42.49 -30.82 39.26
CA PHE A 492 -42.31 -32.23 39.53
C PHE A 492 -41.19 -32.47 40.52
N ASN A 493 -40.22 -31.56 40.58
CA ASN A 493 -39.24 -31.57 41.65
C ASN A 493 -39.78 -30.98 42.95
N GLY A 494 -40.90 -30.26 42.90
CA GLY A 494 -41.51 -29.68 44.07
C GLY A 494 -42.86 -30.28 44.40
N LEU A 495 -43.94 -29.60 44.00
CA LEU A 495 -45.29 -30.12 44.21
C LEU A 495 -45.49 -31.48 43.56
N GLY A 496 -44.75 -31.77 42.49
CA GLY A 496 -44.86 -33.07 41.85
C GLY A 496 -44.34 -34.21 42.71
N LEU A 497 -43.70 -33.91 43.83
CA LEU A 497 -43.31 -34.94 44.78
C LEU A 497 -44.37 -35.09 45.87
N LEU A 498 -44.84 -33.98 46.43
CA LEU A 498 -45.92 -34.04 47.42
C LEU A 498 -47.18 -34.61 46.77
N THR A 499 -47.60 -34.02 45.65
CA THR A 499 -48.67 -34.59 44.86
C THR A 499 -48.12 -35.66 43.94
N PHE A 500 -48.89 -36.72 43.73
CA PHE A 500 -48.58 -37.93 42.97
C PHE A 500 -47.59 -38.82 43.72
N GLY A 501 -47.04 -38.39 44.85
CA GLY A 501 -46.11 -39.21 45.59
C GLY A 501 -44.75 -39.38 44.94
N ARG A 502 -44.73 -39.88 43.72
CA ARG A 502 -43.49 -40.27 43.05
C ARG A 502 -42.88 -39.09 42.29
N HIS A 503 -41.67 -39.31 41.77
CA HIS A 503 -41.02 -38.41 40.85
C HIS A 503 -41.28 -38.89 39.42
N TYR A 504 -41.80 -38.00 38.58
CA TYR A 504 -42.25 -38.42 37.25
C TYR A 504 -41.15 -38.33 36.20
N LYS A 505 -40.48 -37.18 36.12
CA LYS A 505 -39.46 -36.92 35.10
C LYS A 505 -39.98 -37.22 33.68
N PRO A 506 -41.05 -36.56 33.24
CA PRO A 506 -41.58 -36.85 31.91
C PRO A 506 -40.62 -36.53 30.78
N PHE A 507 -39.68 -35.61 31.00
CA PHE A 507 -38.72 -35.21 29.99
C PHE A 507 -37.33 -35.69 30.41
N THR A 508 -36.58 -36.22 29.45
CA THR A 508 -35.25 -36.73 29.73
C THR A 508 -34.29 -35.59 30.08
N ASP A 509 -33.27 -35.93 30.86
CA ASP A 509 -32.31 -34.91 31.32
C ASP A 509 -31.54 -34.31 30.15
N GLU A 510 -31.18 -35.12 29.15
CA GLU A 510 -30.48 -34.60 27.98
C GLU A 510 -31.35 -33.59 27.23
N PHE A 511 -32.64 -33.88 27.11
CA PHE A 511 -33.56 -32.94 26.46
C PHE A 511 -33.61 -31.62 27.21
N LEU A 512 -33.70 -31.67 28.54
CA LEU A 512 -33.73 -30.44 29.32
C LEU A 512 -32.42 -29.66 29.18
N ALA A 513 -31.28 -30.37 29.21
CA ALA A 513 -30.01 -29.69 29.02
C ALA A 513 -29.93 -29.02 27.66
N ARG A 514 -30.40 -29.70 26.62
CA ARG A 514 -30.37 -29.12 25.28
C ARG A 514 -31.26 -27.90 25.18
N ILE A 515 -32.48 -27.97 25.74
CA ILE A 515 -33.36 -26.82 25.64
C ILE A 515 -32.83 -25.64 26.45
N GLU A 516 -32.23 -25.89 27.61
CA GLU A 516 -31.59 -24.79 28.34
C GLU A 516 -30.42 -24.22 27.57
N ARG A 517 -29.67 -25.06 26.87
CA ARG A 517 -28.55 -24.58 26.06
C ARG A 517 -29.03 -23.69 24.92
N GLU A 518 -30.10 -24.09 24.23
CA GLU A 518 -30.59 -23.28 23.12
C GLU A 518 -31.35 -22.05 23.60
N MET A 519 -32.00 -22.12 24.76
CA MET A 519 -32.81 -21.02 25.27
C MET A 519 -32.05 -20.12 26.24
N THR A 520 -30.73 -20.31 26.35
CA THR A 520 -29.95 -19.53 27.30
C THR A 520 -29.88 -18.07 26.87
N ASN A 521 -30.07 -17.17 27.83
CA ASN A 521 -30.01 -15.72 27.59
C ASN A 521 -30.94 -15.30 26.45
N PHE A 522 -32.07 -16.00 26.34
CA PHE A 522 -33.04 -15.73 25.28
C PHE A 522 -34.04 -14.70 25.78
N ASN A 523 -33.74 -13.43 25.54
CA ASN A 523 -34.68 -12.36 25.82
C ASN A 523 -35.80 -12.43 24.79
N ILE A 524 -37.03 -12.66 25.26
CA ILE A 524 -38.15 -12.78 24.35
C ILE A 524 -38.54 -11.41 23.78
N ASP A 525 -38.38 -10.35 24.57
CA ASP A 525 -38.90 -9.04 24.20
C ASP A 525 -38.30 -8.53 22.89
N ASP A 526 -36.99 -8.72 22.70
CA ASP A 526 -36.36 -8.24 21.48
C ASP A 526 -36.41 -9.26 20.35
N LEU A 527 -37.14 -10.37 20.52
CA LEU A 527 -37.27 -11.35 19.44
C LEU A 527 -37.82 -10.70 18.18
N PHE A 528 -38.80 -9.81 18.33
CA PHE A 528 -39.31 -9.06 17.19
C PHE A 528 -38.33 -8.01 16.70
N ASN A 529 -37.52 -7.44 17.59
CA ASN A 529 -36.53 -6.47 17.16
C ASN A 529 -35.36 -7.13 16.45
N GLY A 530 -35.11 -8.41 16.73
CA GLY A 530 -34.12 -9.16 16.01
C GLY A 530 -34.71 -9.86 14.80
N MET A 531 -35.36 -9.10 13.94
CA MET A 531 -36.05 -9.60 12.76
C MET A 531 -35.69 -8.75 11.55
N PRO A 532 -35.85 -9.28 10.35
CA PRO A 532 -35.63 -8.47 9.14
C PRO A 532 -36.57 -7.27 9.14
N PHE A 533 -36.05 -6.14 8.65
CA PHE A 533 -36.80 -4.88 8.76
C PHE A 533 -38.04 -4.88 7.87
N GLU A 534 -38.03 -5.62 6.76
CA GLU A 534 -39.25 -5.76 5.99
C GLU A 534 -40.32 -6.49 6.79
N PHE A 535 -39.91 -7.51 7.56
CA PHE A 535 -40.86 -8.22 8.42
C PHE A 535 -41.48 -7.27 9.44
N GLN A 536 -40.66 -6.43 10.07
CA GLN A 536 -41.19 -5.48 11.05
C GLN A 536 -42.06 -4.43 10.38
N LYS A 537 -41.72 -4.02 9.16
CA LYS A 537 -42.55 -3.06 8.44
C LYS A 537 -43.93 -3.64 8.14
N LYS A 538 -43.98 -4.92 7.74
CA LYS A 538 -45.26 -5.53 7.42
C LYS A 538 -45.95 -6.06 8.68
N TYR A 539 -45.25 -6.87 9.45
CA TYR A 539 -45.84 -7.51 10.63
C TYR A 539 -45.61 -6.67 11.88
N LYS A 540 -46.07 -5.42 11.81
CA LYS A 540 -46.01 -4.53 12.96
C LYS A 540 -46.93 -4.99 14.08
N ILE A 541 -48.01 -5.69 13.74
CA ILE A 541 -49.03 -6.06 14.72
C ILE A 541 -48.70 -7.34 15.47
N LEU A 542 -47.68 -8.07 15.04
CA LEU A 542 -47.21 -9.23 15.78
C LEU A 542 -46.17 -8.86 16.83
N GLU A 543 -45.89 -7.56 16.99
CA GLU A 543 -44.94 -7.14 18.01
C GLU A 543 -45.46 -7.43 19.41
N PHE A 544 -46.77 -7.27 19.63
CA PHE A 544 -47.29 -7.41 20.99
C PHE A 544 -47.07 -8.83 21.51
N LEU A 545 -47.09 -9.83 20.62
CA LEU A 545 -46.78 -11.19 21.05
C LEU A 545 -45.33 -11.34 21.48
N SER A 546 -44.46 -10.38 21.12
CA SER A 546 -43.03 -10.55 21.38
C SER A 546 -42.68 -10.32 22.84
N ASP A 547 -43.36 -9.39 23.50
CA ASP A 547 -43.00 -9.11 24.88
C ASP A 547 -43.52 -10.22 25.80
N ASN A 548 -42.84 -10.40 26.92
CA ASN A 548 -43.16 -11.49 27.83
C ASN A 548 -44.48 -11.28 28.56
N GLN A 549 -45.09 -10.10 28.47
CA GLN A 549 -46.38 -9.80 29.08
C GLN A 549 -47.22 -9.08 28.02
N PHE A 550 -47.95 -9.86 27.23
CA PHE A 550 -48.67 -9.32 26.08
C PHE A 550 -50.16 -9.10 26.34
N LEU A 551 -50.69 -9.62 27.44
CA LEU A 551 -52.08 -9.40 27.80
C LEU A 551 -52.27 -8.21 28.72
N TYR A 552 -51.21 -7.44 28.99
CA TYR A 552 -51.32 -6.30 29.87
C TYR A 552 -52.28 -5.25 29.31
N ASP A 553 -52.20 -4.99 28.00
CA ASP A 553 -53.11 -4.02 27.40
C ASP A 553 -54.54 -4.51 27.43
N ASP A 554 -54.75 -5.79 27.10
CA ASP A 554 -56.09 -6.36 27.15
C ASP A 554 -56.63 -6.38 28.59
N THR A 555 -55.76 -6.72 29.55
CA THR A 555 -56.18 -6.72 30.95
C THR A 555 -56.53 -5.32 31.41
N VAL A 556 -55.78 -4.32 30.98
CA VAL A 556 -56.07 -2.93 31.35
C VAL A 556 -57.41 -2.48 30.77
N LYS A 557 -57.65 -2.81 29.50
CA LYS A 557 -58.93 -2.46 28.89
C LYS A 557 -60.08 -3.17 29.58
N LEU A 558 -59.91 -4.46 29.92
CA LEU A 558 -60.93 -5.17 30.67
C LEU A 558 -61.15 -4.55 32.04
N PHE A 559 -60.10 -4.07 32.69
CA PHE A 559 -60.25 -3.41 33.98
C PHE A 559 -61.06 -2.13 33.85
N GLU A 560 -60.76 -1.31 32.83
CA GLU A 560 -61.51 -0.07 32.63
C GLU A 560 -62.98 -0.37 32.36
N LEU A 561 -63.24 -1.34 31.50
CA LEU A 561 -64.62 -1.70 31.20
C LEU A 561 -65.32 -2.28 32.42
N THR A 562 -64.58 -3.02 33.26
CA THR A 562 -65.16 -3.56 34.49
C THR A 562 -65.55 -2.45 35.44
N ASN A 563 -64.69 -1.43 35.58
CA ASN A 563 -65.05 -0.29 36.41
C ASN A 563 -66.28 0.43 35.87
N LYS A 564 -66.36 0.59 34.54
CA LYS A 564 -67.53 1.23 33.97
C LYS A 564 -68.80 0.42 34.24
N VAL A 565 -68.73 -0.90 34.07
CA VAL A 565 -69.91 -1.74 34.27
C VAL A 565 -70.32 -1.73 35.74
N ARG A 566 -69.34 -1.80 36.65
CA ARG A 566 -69.67 -1.76 38.08
C ARG A 566 -70.24 -0.41 38.49
N SER A 567 -69.74 0.68 37.89
CA SER A 567 -70.33 1.99 38.15
C SER A 567 -71.76 2.05 37.66
N GLU A 568 -72.04 1.49 36.48
CA GLU A 568 -73.41 1.45 36.00
C GLU A 568 -74.29 0.61 36.93
N MET A 569 -73.76 -0.51 37.42
CA MET A 569 -74.53 -1.38 38.30
C MET A 569 -74.86 -0.69 39.63
N SER A 570 -73.86 -0.06 40.25
CA SER A 570 -74.08 0.58 41.54
C SER A 570 -74.96 1.82 41.39
N GLU A 571 -74.72 2.61 40.36
CA GLU A 571 -75.52 3.83 40.14
C GLU A 571 -76.95 3.49 39.75
N GLY A 572 -77.14 2.43 38.98
CA GLY A 572 -78.45 2.10 38.46
C GLY A 572 -78.80 2.78 37.16
N SER A 573 -77.80 3.28 36.42
CA SER A 573 -78.05 3.92 35.14
C SER A 573 -78.39 2.89 34.08
N TYR A 574 -78.90 3.38 32.95
CA TYR A 574 -79.34 2.54 31.84
C TYR A 574 -78.44 2.77 30.64
N SER A 575 -77.73 1.72 30.22
CA SER A 575 -76.92 1.81 29.00
C SER A 575 -77.82 1.79 27.78
N PHE A 576 -77.53 2.67 26.82
CA PHE A 576 -78.39 2.87 25.66
C PHE A 576 -77.77 2.40 24.36
N GLY A 577 -76.54 2.82 24.07
CA GLY A 577 -75.86 2.37 22.87
C GLY A 577 -75.30 0.98 23.06
N MET A 578 -74.11 0.71 22.53
CA MET A 578 -73.44 -0.55 22.80
C MET A 578 -72.89 -0.51 24.23
N SER A 579 -73.35 -1.43 25.07
CA SER A 579 -72.95 -1.43 26.46
C SER A 579 -71.49 -1.85 26.60
N SER A 580 -70.85 -1.36 27.67
CA SER A 580 -69.49 -1.79 27.96
C SER A 580 -69.41 -3.29 28.20
N ASP A 581 -70.51 -3.89 28.67
CA ASP A 581 -70.57 -5.34 28.82
C ASP A 581 -70.46 -6.02 27.46
N ILE A 582 -71.18 -5.51 26.46
CA ILE A 582 -71.09 -6.04 25.11
C ILE A 582 -69.68 -5.84 24.55
N VAL A 583 -69.05 -4.71 24.87
CA VAL A 583 -67.67 -4.48 24.43
C VAL A 583 -66.73 -5.49 25.05
N VAL A 584 -66.92 -5.79 26.34
CA VAL A 584 -66.11 -6.82 26.99
C VAL A 584 -66.26 -8.15 26.25
N LEU A 585 -67.51 -8.52 25.96
CA LEU A 585 -67.75 -9.79 25.29
C LEU A 585 -67.10 -9.81 23.91
N LEU A 586 -67.19 -8.71 23.17
CA LEU A 586 -66.65 -8.66 21.82
C LEU A 586 -65.13 -8.73 21.82
N ARG A 587 -64.47 -7.97 22.71
CA ARG A 587 -63.01 -8.06 22.81
C ARG A 587 -62.57 -9.43 23.28
N LEU A 588 -63.31 -10.04 24.22
CA LEU A 588 -63.00 -11.39 24.67
C LEU A 588 -63.04 -12.37 23.51
N TYR A 589 -64.10 -12.33 22.71
CA TYR A 589 -64.18 -13.24 21.57
C TYR A 589 -63.12 -12.95 20.52
N ASP A 590 -62.80 -11.68 20.28
CA ASP A 590 -61.75 -11.35 19.33
C ASP A 590 -60.41 -11.94 19.77
N ASN A 591 -60.04 -11.74 21.04
CA ASN A 591 -58.79 -12.27 21.55
C ASN A 591 -58.78 -13.79 21.50
N LEU A 592 -59.88 -14.42 21.93
CA LEU A 592 -59.96 -15.88 21.92
C LEU A 592 -59.78 -16.44 20.52
N ARG A 593 -60.54 -15.91 19.55
CA ARG A 593 -60.46 -16.39 18.18
C ARG A 593 -59.08 -16.14 17.57
N PHE A 594 -58.50 -14.97 17.81
CA PHE A 594 -57.17 -14.68 17.25
C PHE A 594 -56.12 -15.62 17.82
N LEU A 595 -56.16 -15.86 19.14
CA LEU A 595 -55.12 -16.67 19.75
C LEU A 595 -55.31 -18.16 19.49
N TYR A 596 -56.55 -18.63 19.35
CA TYR A 596 -56.78 -20.06 19.13
C TYR A 596 -56.66 -20.43 17.65
N GLU A 597 -57.19 -19.58 16.76
CA GLU A 597 -57.20 -19.92 15.34
C GLU A 597 -55.81 -19.81 14.73
N ASN A 598 -54.94 -18.99 15.31
CA ASN A 598 -53.57 -18.86 14.83
C ASN A 598 -52.63 -19.89 15.44
N CYS A 599 -53.14 -20.78 16.30
CA CYS A 599 -52.35 -21.85 16.91
C CYS A 599 -51.17 -21.28 17.70
N LEU A 600 -51.49 -20.51 18.73
CA LEU A 600 -50.52 -19.93 19.64
C LEU A 600 -50.65 -20.62 20.99
N TRP A 601 -49.53 -21.09 21.54
CA TRP A 601 -49.56 -21.84 22.79
C TRP A 601 -49.83 -20.96 24.00
N SER A 602 -49.63 -19.65 23.89
CA SER A 602 -49.89 -18.72 24.99
C SER A 602 -51.35 -18.72 25.43
N VAL A 603 -52.21 -19.48 24.74
CA VAL A 603 -53.60 -19.64 25.19
C VAL A 603 -53.72 -20.52 26.41
N SER A 604 -52.67 -21.29 26.74
CA SER A 604 -52.76 -22.26 27.82
C SER A 604 -52.13 -21.76 29.11
N PHE A 605 -51.71 -20.50 29.18
CA PHE A 605 -51.00 -19.99 30.34
C PHE A 605 -51.96 -19.34 31.32
N HIS A 606 -51.46 -19.09 32.54
CA HIS A 606 -52.31 -18.59 33.61
C HIS A 606 -52.80 -17.18 33.33
N GLU A 607 -51.98 -16.37 32.66
CA GLU A 607 -52.37 -15.00 32.40
C GLU A 607 -53.61 -14.95 31.51
N PHE A 608 -53.62 -15.72 30.43
CA PHE A 608 -54.77 -15.73 29.54
C PHE A 608 -55.98 -16.39 30.19
N HIS A 609 -55.75 -17.44 30.97
CA HIS A 609 -56.84 -18.07 31.71
C HIS A 609 -57.51 -17.07 32.64
N GLN A 610 -56.71 -16.30 33.37
CA GLN A 610 -57.24 -15.29 34.28
C GLN A 610 -57.94 -14.17 33.52
N TYR A 611 -57.39 -13.79 32.36
CA TYR A 611 -58.05 -12.76 31.56
C TYR A 611 -59.43 -13.21 31.09
N ILE A 612 -59.55 -14.46 30.63
CA ILE A 612 -60.86 -14.96 30.20
C ILE A 612 -61.78 -15.12 31.40
N ARG A 613 -61.23 -15.54 32.54
CA ARG A 613 -62.06 -15.71 33.74
C ARG A 613 -62.62 -14.38 34.22
N ASN A 614 -61.84 -13.30 34.14
CA ASN A 614 -62.33 -11.99 34.50
C ASN A 614 -63.17 -11.35 33.41
N SER A 615 -63.03 -11.79 32.15
CA SER A 615 -63.92 -11.32 31.10
C SER A 615 -65.32 -11.89 31.28
N MET A 616 -65.42 -13.20 31.50
CA MET A 616 -66.59 -13.75 32.15
C MET A 616 -66.62 -13.32 33.62
N SER A 617 -67.63 -13.78 34.35
CA SER A 617 -67.90 -13.34 35.71
C SER A 617 -68.10 -11.84 35.80
N LEU A 618 -68.16 -11.16 34.66
CA LEU A 618 -68.58 -9.78 34.50
C LEU A 618 -69.72 -9.67 33.50
N LEU A 619 -69.69 -10.47 32.44
CA LEU A 619 -70.89 -10.72 31.65
C LEU A 619 -71.97 -11.34 32.50
N ILE A 620 -71.61 -12.35 33.31
CA ILE A 620 -72.58 -13.08 34.10
C ILE A 620 -73.12 -12.24 35.25
N GLU A 621 -72.24 -11.50 35.93
CA GLU A 621 -72.68 -10.64 37.01
C GLU A 621 -73.57 -9.52 36.50
N LYS A 622 -73.21 -8.93 35.35
CA LYS A 622 -74.05 -7.90 34.75
C LYS A 622 -75.41 -8.49 34.34
N ALA A 623 -75.41 -9.71 33.82
CA ALA A 623 -76.67 -10.36 33.45
C ALA A 623 -77.55 -10.59 34.68
N GLU A 624 -76.94 -11.08 35.77
CA GLU A 624 -77.72 -11.31 36.98
C GLU A 624 -78.27 -10.01 37.55
N TYR A 625 -77.47 -8.94 37.51
CA TYR A 625 -77.98 -7.63 37.93
C TYR A 625 -79.14 -7.19 37.04
N GLU A 626 -79.03 -7.42 35.73
CA GLU A 626 -80.12 -7.10 34.83
C GLU A 626 -81.38 -7.87 35.19
N ARG A 627 -81.23 -9.14 35.56
CA ARG A 627 -82.37 -9.94 36.00
C ARG A 627 -82.98 -9.37 37.27
N THR A 628 -82.17 -9.27 38.33
CA THR A 628 -82.63 -8.76 39.62
C THR A 628 -82.48 -7.23 39.62
N ARG A 629 -83.32 -6.58 38.81
CA ARG A 629 -83.29 -5.13 38.65
C ARG A 629 -84.71 -4.61 38.81
N ASP A 630 -84.88 -3.63 39.69
CA ASP A 630 -86.20 -3.05 39.92
C ASP A 630 -86.56 -2.08 38.80
N ILE A 631 -87.82 -2.12 38.38
CA ILE A 631 -88.32 -1.19 37.38
C ILE A 631 -88.25 0.22 37.93
N ASP A 632 -87.95 1.19 37.06
CA ASP A 632 -88.01 2.60 37.41
C ASP A 632 -89.16 3.25 36.67
N GLU A 633 -89.69 4.33 37.25
CA GLU A 633 -90.86 5.02 36.72
C GLU A 633 -90.40 6.17 35.81
N LEU A 634 -90.11 5.84 34.56
CA LEU A 634 -89.73 6.82 33.55
C LEU A 634 -89.68 6.18 32.16
N GLY A 644 -81.94 -10.01 27.68
CA GLY A 644 -81.03 -10.51 28.69
C GLY A 644 -79.85 -11.26 28.09
N PHE A 645 -79.03 -11.85 28.96
CA PHE A 645 -77.85 -12.60 28.55
C PHE A 645 -78.09 -14.08 28.81
N PHE A 646 -78.08 -14.87 27.75
CA PHE A 646 -78.12 -16.32 27.81
C PHE A 646 -76.80 -16.87 27.28
N MET A 647 -76.29 -17.91 27.93
CA MET A 647 -74.93 -18.37 27.66
C MET A 647 -74.98 -19.53 26.67
N GLU A 648 -74.13 -19.44 25.64
CA GLU A 648 -74.14 -20.36 24.50
C GLU A 648 -73.15 -21.50 24.75
N TYR A 649 -72.88 -22.29 23.72
CA TYR A 649 -71.84 -23.31 23.78
C TYR A 649 -70.47 -22.68 24.05
N TYR A 650 -70.20 -21.55 23.40
CA TYR A 650 -68.88 -20.91 23.52
C TYR A 650 -68.64 -20.39 24.93
N ASP A 651 -69.66 -19.79 25.53
CA ASP A 651 -69.51 -19.28 26.90
C ASP A 651 -69.26 -20.42 27.87
N PHE A 652 -69.97 -21.54 27.70
CA PHE A 652 -69.72 -22.72 28.53
C PHE A 652 -68.31 -23.25 28.34
N VAL A 653 -67.83 -23.29 27.10
CA VAL A 653 -66.47 -23.77 26.86
C VAL A 653 -65.46 -22.87 27.56
N ASN A 654 -65.63 -21.55 27.43
CA ASN A 654 -64.73 -20.63 28.10
C ASN A 654 -64.79 -20.79 29.61
N ILE A 655 -65.98 -20.99 30.16
CA ILE A 655 -66.12 -21.18 31.60
C ILE A 655 -65.45 -22.46 32.05
N SER A 656 -65.65 -23.54 31.30
CA SER A 656 -65.07 -24.82 31.66
C SER A 656 -63.55 -24.77 31.61
N ARG A 657 -62.99 -24.11 30.61
CA ARG A 657 -61.54 -24.10 30.44
C ARG A 657 -60.86 -23.14 31.41
N HIS A 658 -61.38 -21.91 31.51
CA HIS A 658 -60.64 -20.83 32.15
C HIS A 658 -61.08 -20.52 33.56
N PHE A 659 -61.99 -21.30 34.14
CA PHE A 659 -62.43 -21.11 35.52
C PHE A 659 -61.94 -22.25 36.40
N LYS A 660 -61.31 -21.89 37.52
CA LYS A 660 -61.01 -22.88 38.55
C LYS A 660 -62.29 -23.25 39.28
N ILE A 661 -62.23 -24.33 40.06
CA ILE A 661 -63.40 -24.80 40.79
C ILE A 661 -63.81 -23.77 41.83
N ASP A 662 -62.84 -23.24 42.56
CA ASP A 662 -63.11 -22.22 43.57
C ASP A 662 -63.69 -20.95 42.97
N ASP A 663 -63.30 -20.59 41.74
CA ASP A 663 -63.79 -19.33 41.18
C ASP A 663 -65.20 -19.47 40.61
N ILE A 664 -65.56 -20.64 40.10
CA ILE A 664 -66.97 -20.87 39.78
C ILE A 664 -67.81 -20.95 41.05
N LYS A 665 -67.25 -21.51 42.13
CA LYS A 665 -67.91 -21.41 43.42
C LYS A 665 -68.11 -19.96 43.83
N ASN A 666 -67.11 -19.11 43.59
CA ASN A 666 -67.23 -17.68 43.86
C ASN A 666 -68.33 -17.05 43.02
N LEU A 667 -68.41 -17.39 41.74
CA LEU A 667 -69.44 -16.85 40.88
C LEU A 667 -70.83 -17.29 41.34
N GLU A 668 -70.93 -18.52 41.83
CA GLU A 668 -72.19 -18.99 42.39
C GLU A 668 -72.56 -18.23 43.65
N ARG A 669 -71.60 -18.03 44.56
CA ARG A 669 -71.91 -17.31 45.80
C ARG A 669 -72.29 -15.87 45.51
N SER A 670 -71.62 -15.23 44.53
CA SER A 670 -71.90 -13.83 44.23
C SER A 670 -73.23 -13.66 43.50
N CYS A 671 -73.49 -14.50 42.49
CA CYS A 671 -74.66 -14.34 41.66
C CYS A 671 -75.30 -15.70 41.41
N SER A 672 -76.62 -15.69 41.20
CA SER A 672 -77.36 -16.91 40.92
C SER A 672 -77.29 -17.22 39.43
N ILE A 673 -76.61 -18.32 39.09
CA ILE A 673 -76.42 -18.66 37.69
C ILE A 673 -77.49 -19.61 37.17
N ASP A 674 -78.13 -20.39 38.06
CA ASP A 674 -79.09 -21.40 37.65
C ASP A 674 -80.35 -20.83 37.02
N LYS A 675 -80.68 -19.56 37.27
CA LYS A 675 -81.78 -18.90 36.60
C LYS A 675 -81.36 -18.23 35.29
N ILE A 676 -80.12 -18.42 34.85
CA ILE A 676 -79.70 -18.03 33.51
C ILE A 676 -79.88 -19.22 32.60
N ARG A 677 -80.68 -19.06 31.54
CA ARG A 677 -81.01 -20.18 30.67
C ARG A 677 -79.80 -20.63 29.88
N PHE A 678 -79.80 -21.91 29.50
CA PHE A 678 -78.69 -22.54 28.79
C PHE A 678 -79.13 -22.90 27.39
N GLY A 679 -78.51 -22.27 26.38
CA GLY A 679 -78.77 -22.60 25.00
C GLY A 679 -77.75 -23.59 24.45
N GLU A 680 -78.08 -24.12 23.27
CA GLU A 680 -77.22 -25.07 22.55
C GLU A 680 -76.83 -26.25 23.44
N GLN A 681 -77.84 -26.79 24.15
CA GLN A 681 -77.57 -27.82 25.13
C GLN A 681 -77.13 -29.14 24.49
N GLU A 682 -77.40 -29.35 23.21
CA GLU A 682 -76.94 -30.57 22.55
C GLU A 682 -75.44 -30.52 22.29
N LYS A 683 -74.93 -29.38 21.81
CA LYS A 683 -73.48 -29.22 21.68
C LYS A 683 -72.81 -29.33 23.03
N ILE A 684 -73.46 -28.82 24.08
CA ILE A 684 -72.89 -28.85 25.41
C ILE A 684 -72.85 -30.29 25.91
N GLU A 685 -73.90 -31.04 25.64
CA GLU A 685 -73.94 -32.46 25.96
C GLU A 685 -72.80 -33.18 25.26
N GLU A 686 -72.56 -32.87 23.98
CA GLU A 686 -71.50 -33.55 23.25
C GLU A 686 -70.12 -33.17 23.79
N TYR A 687 -69.95 -31.91 24.21
CA TYR A 687 -68.67 -31.48 24.78
C TYR A 687 -68.38 -32.19 26.10
N LEU A 688 -69.37 -32.22 26.99
CA LEU A 688 -69.21 -32.91 28.27
C LEU A 688 -68.99 -34.40 28.05
N VAL A 689 -69.71 -34.98 27.09
CA VAL A 689 -69.53 -36.40 26.77
C VAL A 689 -68.12 -36.65 26.25
N GLY A 690 -67.62 -35.78 25.38
CA GLY A 690 -66.25 -35.94 24.91
C GLY A 690 -65.26 -35.94 26.05
N ILE A 691 -65.42 -35.00 26.99
CA ILE A 691 -64.54 -34.98 28.16
C ILE A 691 -64.63 -36.30 28.93
N ALA A 692 -65.86 -36.80 29.13
CA ALA A 692 -66.04 -38.04 29.88
C ALA A 692 -65.35 -39.22 29.19
N GLU A 693 -65.49 -39.32 27.88
CA GLU A 693 -64.82 -40.41 27.14
C GLU A 693 -63.30 -40.27 27.19
N GLU A 694 -62.77 -39.04 27.12
CA GLU A 694 -61.32 -38.91 27.29
C GLU A 694 -60.89 -39.45 28.65
N ILE A 695 -61.58 -39.06 29.70
CA ILE A 695 -61.19 -39.51 31.03
C ILE A 695 -61.28 -41.03 31.13
N THR A 696 -62.39 -41.62 30.67
CA THR A 696 -62.54 -43.07 30.71
C THR A 696 -61.45 -43.77 29.91
N LYS A 697 -61.23 -43.33 28.67
CA LYS A 697 -60.29 -44.01 27.78
C LYS A 697 -58.88 -43.98 28.33
N GLN A 698 -58.45 -42.84 28.87
CA GLN A 698 -57.07 -42.76 29.33
C GLN A 698 -56.88 -43.39 30.71
N PHE A 699 -57.75 -43.09 31.68
CA PHE A 699 -57.50 -43.63 33.01
C PHE A 699 -57.84 -45.11 33.11
N SER A 700 -58.77 -45.60 32.29
CA SER A 700 -59.11 -47.01 32.32
C SER A 700 -58.04 -47.85 31.61
N ALA A 701 -57.19 -47.22 30.80
CA ALA A 701 -56.16 -47.91 30.02
C ALA A 701 -54.80 -47.37 30.46
N ASN A 702 -54.20 -48.02 31.46
CA ASN A 702 -52.86 -47.77 32.01
C ASN A 702 -52.57 -46.30 32.28
N GLY A 703 -53.58 -45.47 32.53
CA GLY A 703 -53.38 -44.12 32.99
C GLY A 703 -53.17 -43.13 31.87
N MET A 704 -53.21 -41.85 32.24
CA MET A 704 -52.96 -40.73 31.34
C MET A 704 -51.56 -40.18 31.57
N ASN A 705 -50.92 -39.72 30.50
CA ASN A 705 -49.65 -39.03 30.63
C ASN A 705 -49.82 -37.78 31.49
N VAL A 706 -48.88 -37.59 32.42
CA VAL A 706 -49.06 -36.59 33.46
C VAL A 706 -49.07 -35.17 32.88
N VAL A 707 -48.22 -34.90 31.89
CA VAL A 707 -48.09 -33.55 31.37
C VAL A 707 -49.42 -33.07 30.79
N PHE A 708 -50.11 -33.93 30.04
CA PHE A 708 -51.44 -33.59 29.56
C PHE A 708 -52.46 -33.62 30.68
N TYR A 709 -52.21 -34.42 31.73
CA TYR A 709 -53.19 -34.56 32.80
C TYR A 709 -53.33 -33.28 33.60
N THR A 710 -52.21 -32.69 34.03
CA THR A 710 -52.27 -31.47 34.82
C THR A 710 -52.90 -30.33 34.03
N GLN A 711 -52.92 -30.43 32.70
CA GLN A 711 -53.50 -29.40 31.87
C GLN A 711 -54.99 -29.65 31.64
N PHE A 712 -55.39 -30.91 31.50
CA PHE A 712 -56.75 -31.23 31.09
C PHE A 712 -57.69 -31.50 32.25
N ILE A 713 -57.19 -31.93 33.41
CA ILE A 713 -58.07 -32.24 34.53
C ILE A 713 -58.74 -30.99 35.09
N SER A 714 -58.07 -29.83 35.06
CA SER A 714 -58.68 -28.61 35.56
C SER A 714 -59.88 -28.20 34.72
N GLU A 715 -59.81 -28.42 33.40
CA GLU A 715 -60.94 -28.17 32.52
C GLU A 715 -62.03 -29.23 32.66
N ALA A 716 -61.64 -30.50 32.79
CA ALA A 716 -62.62 -31.57 32.89
C ALA A 716 -63.45 -31.43 34.16
N LYS A 717 -62.80 -31.24 35.30
CA LYS A 717 -63.50 -31.15 36.57
C LYS A 717 -64.41 -29.92 36.60
N ALA A 718 -63.92 -28.80 36.06
CA ALA A 718 -64.73 -27.59 36.01
C ALA A 718 -65.94 -27.76 35.10
N ALA A 719 -65.75 -28.42 33.94
CA ALA A 719 -66.88 -28.62 33.04
C ALA A 719 -67.93 -29.51 33.67
N LEU A 720 -67.52 -30.62 34.27
CA LEU A 720 -68.50 -31.47 34.93
C LEU A 720 -69.12 -30.81 36.16
N TYR A 721 -68.42 -29.86 36.78
CA TYR A 721 -68.99 -29.18 37.93
C TYR A 721 -70.05 -28.18 37.49
N PHE A 722 -69.78 -27.45 36.41
CA PHE A 722 -70.74 -26.55 35.76
C PHE A 722 -71.87 -27.28 35.07
N ALA A 723 -71.72 -28.59 34.84
CA ALA A 723 -72.72 -29.36 34.13
C ALA A 723 -74.05 -29.49 34.87
N LYS A 724 -74.14 -29.05 36.13
CA LYS A 724 -75.39 -29.27 36.87
C LYS A 724 -76.50 -28.39 36.33
N TYR A 725 -76.17 -27.20 35.82
CA TYR A 725 -77.16 -26.32 35.20
C TYR A 725 -77.72 -26.89 33.91
N VAL A 726 -76.96 -27.69 33.19
CA VAL A 726 -77.32 -28.13 31.85
C VAL A 726 -78.03 -29.48 31.94
N LYS A 727 -78.89 -29.75 30.96
CA LYS A 727 -79.68 -30.97 30.90
C LYS A 727 -79.09 -31.90 29.85
N LEU A 728 -78.81 -33.14 30.26
CA LEU A 728 -78.15 -34.11 29.40
C LEU A 728 -78.99 -35.38 29.32
N SER A 729 -78.75 -36.19 28.28
CA SER A 729 -79.53 -37.38 28.03
C SER A 729 -79.07 -38.54 28.93
N GLU A 730 -79.84 -39.63 28.89
CA GLU A 730 -79.58 -40.74 29.81
C GLU A 730 -78.28 -41.47 29.46
N GLU A 731 -78.02 -41.68 28.16
CA GLU A 731 -76.75 -42.28 27.77
C GLU A 731 -75.58 -41.36 28.11
N GLY A 732 -75.76 -40.06 27.90
CA GLY A 732 -74.75 -39.11 28.33
C GLY A 732 -74.56 -39.11 29.83
N LEU A 733 -75.66 -39.21 30.58
CA LEU A 733 -75.54 -39.34 32.03
C LEU A 733 -74.77 -40.59 32.41
N GLY A 734 -75.04 -41.71 31.75
CA GLY A 734 -74.31 -42.93 32.05
C GLY A 734 -72.82 -42.78 31.81
N LYS A 735 -72.46 -42.24 30.63
CA LYS A 735 -71.04 -42.07 30.31
C LYS A 735 -70.36 -41.13 31.29
N ILE A 736 -71.00 -39.99 31.56
CA ILE A 736 -70.38 -38.98 32.42
C ILE A 736 -70.27 -39.49 33.86
N VAL A 737 -71.31 -40.19 34.34
CA VAL A 737 -71.28 -40.67 35.72
C VAL A 737 -70.25 -41.79 35.89
N LYS A 738 -70.16 -42.70 34.91
CA LYS A 738 -69.15 -43.74 35.04
C LYS A 738 -67.75 -43.16 34.95
N ALA A 739 -67.55 -42.15 34.09
CA ALA A 739 -66.27 -41.45 34.05
C ALA A 739 -65.98 -40.75 35.37
N LEU A 740 -67.01 -40.16 35.98
CA LEU A 740 -66.84 -39.39 37.21
C LEU A 740 -66.47 -40.31 38.37
N LEU A 741 -67.21 -41.39 38.56
CA LEU A 741 -67.04 -42.21 39.75
C LEU A 741 -65.80 -43.11 39.65
N PHE A 742 -65.75 -43.98 38.64
CA PHE A 742 -64.71 -45.00 38.61
C PHE A 742 -63.37 -44.43 38.17
N TYR A 743 -63.35 -43.60 37.13
CA TYR A 743 -62.09 -43.30 36.46
C TYR A 743 -61.59 -41.87 36.68
N PHE A 744 -62.31 -41.03 37.40
CA PHE A 744 -61.71 -39.80 37.88
C PHE A 744 -60.64 -40.13 38.91
N PRO A 745 -59.50 -39.43 38.89
CA PRO A 745 -58.49 -39.67 39.93
C PRO A 745 -59.03 -39.34 41.31
N GLU A 746 -58.70 -40.18 42.28
CA GLU A 746 -59.07 -39.93 43.67
C GLU A 746 -58.22 -38.85 44.31
N ARG A 747 -57.06 -38.53 43.74
CA ARG A 747 -56.21 -37.48 44.29
C ARG A 747 -56.82 -36.10 44.08
N ASP A 748 -57.68 -35.93 43.07
CA ASP A 748 -58.35 -34.67 42.83
C ASP A 748 -59.78 -34.65 43.34
N LEU A 749 -60.60 -35.62 42.93
CA LEU A 749 -61.98 -35.72 43.36
C LEU A 749 -62.07 -36.88 44.35
N ASP A 750 -61.91 -36.58 45.63
CA ASP A 750 -62.06 -37.59 46.67
C ASP A 750 -63.53 -38.01 46.75
N ILE A 751 -63.81 -38.99 47.60
CA ILE A 751 -65.14 -39.59 47.66
C ILE A 751 -66.20 -38.53 47.98
N GLY A 752 -65.91 -37.67 48.95
CA GLY A 752 -66.89 -36.67 49.36
C GLY A 752 -67.22 -35.67 48.27
N LYS A 753 -66.19 -35.11 47.63
CA LYS A 753 -66.41 -34.12 46.58
C LYS A 753 -66.94 -34.77 45.31
N ARG A 754 -66.57 -36.03 45.07
CA ARG A 754 -67.15 -36.81 43.99
C ARG A 754 -68.65 -36.97 44.18
N TYR A 755 -69.09 -37.20 45.42
CA TYR A 755 -70.53 -37.28 45.69
C TYR A 755 -71.22 -35.96 45.40
N VAL A 756 -70.57 -34.84 45.73
CA VAL A 756 -71.16 -33.53 45.46
C VAL A 756 -71.31 -33.32 43.97
N TRP A 757 -70.28 -33.69 43.20
CA TRP A 757 -70.38 -33.60 41.74
C TRP A 757 -71.55 -34.44 41.23
N LEU A 758 -71.66 -35.67 41.72
CA LEU A 758 -72.73 -36.56 41.27
C LEU A 758 -74.10 -35.99 41.63
N GLU A 759 -74.25 -35.48 42.85
CA GLU A 759 -75.52 -34.91 43.27
C GLU A 759 -75.88 -33.69 42.46
N ARG A 760 -74.91 -32.83 42.15
CA ARG A 760 -75.21 -31.67 41.32
C ARG A 760 -75.64 -32.10 39.93
N LEU A 761 -74.96 -33.09 39.34
CA LEU A 761 -75.43 -33.64 38.08
C LEU A 761 -76.85 -34.18 38.17
N THR A 762 -77.18 -34.83 39.30
CA THR A 762 -78.51 -35.37 39.54
C THR A 762 -79.57 -34.28 39.73
N LYS A 763 -79.17 -33.08 40.13
CA LYS A 763 -80.16 -32.05 40.46
C LYS A 763 -81.13 -31.78 39.32
N CYS A 764 -80.61 -31.51 38.12
CA CYS A 764 -81.50 -31.14 37.02
C CYS A 764 -82.24 -32.35 36.45
N ASN A 765 -81.54 -33.47 36.27
CA ASN A 765 -82.14 -34.69 35.73
C ASN A 765 -82.17 -35.74 36.82
N GLU A 766 -83.37 -36.24 37.14
CA GLU A 766 -83.52 -37.19 38.24
C GLU A 766 -82.78 -38.48 37.93
N LEU A 767 -82.42 -39.19 38.98
CA LEU A 767 -81.55 -40.36 38.86
C LEU A 767 -82.26 -41.49 38.11
N PRO A 768 -81.75 -41.93 36.97
CA PRO A 768 -82.35 -43.09 36.29
C PRO A 768 -81.80 -44.40 36.85
N LYS A 769 -82.43 -45.50 36.41
CA LYS A 769 -82.05 -46.81 36.92
C LYS A 769 -80.63 -47.18 36.52
N SER A 770 -80.21 -46.80 35.31
CA SER A 770 -78.84 -47.08 34.87
C SER A 770 -77.82 -46.38 35.77
N ILE A 771 -78.08 -45.11 36.10
CA ILE A 771 -77.16 -44.39 36.98
C ILE A 771 -77.15 -45.03 38.36
N ILE A 772 -78.30 -45.49 38.84
CA ILE A 772 -78.35 -46.16 40.13
C ILE A 772 -77.52 -47.45 40.10
N SER A 773 -77.57 -48.17 38.98
CA SER A 773 -76.71 -49.34 38.85
C SER A 773 -75.23 -48.95 38.85
N ILE A 774 -74.90 -47.82 38.22
CA ILE A 774 -73.52 -47.35 38.22
C ILE A 774 -73.04 -47.06 39.64
N ILE A 775 -73.87 -46.35 40.42
CA ILE A 775 -73.50 -46.09 41.81
C ILE A 775 -73.46 -47.38 42.62
N ASP A 776 -74.29 -48.37 42.25
CA ASP A 776 -74.21 -49.67 42.92
C ASP A 776 -72.86 -50.33 42.67
N ASP A 777 -72.38 -50.31 41.43
CA ASP A 777 -71.04 -50.81 41.15
C ASP A 777 -69.99 -50.03 41.93
N PHE A 778 -70.15 -48.72 42.02
CA PHE A 778 -69.19 -47.91 42.77
C PHE A 778 -69.16 -48.32 44.24
N LEU A 779 -70.34 -48.55 44.83
CA LEU A 779 -70.40 -48.96 46.23
C LEU A 779 -69.83 -50.36 46.42
N VAL A 780 -70.06 -51.27 45.47
CA VAL A 780 -69.49 -52.62 45.58
C VAL A 780 -67.96 -52.56 45.51
N LEU A 781 -67.43 -51.72 44.61
CA LEU A 781 -65.98 -51.55 44.53
C LEU A 781 -65.43 -50.97 45.82
N GLN A 782 -66.11 -49.96 46.38
CA GLN A 782 -65.68 -49.39 47.65
C GLN A 782 -65.71 -50.44 48.76
N ALA A 783 -66.74 -51.31 48.75
CA ALA A 783 -66.85 -52.35 49.76
C ALA A 783 -65.69 -53.34 49.65
N GLU A 784 -65.42 -53.84 48.45
CA GLU A 784 -64.31 -54.78 48.30
C GLU A 784 -62.96 -54.11 48.51
N LYS A 785 -62.89 -52.78 48.44
CA LYS A 785 -61.66 -52.09 48.81
C LYS A 785 -61.33 -52.31 50.27
N HIS A 786 -62.34 -52.24 51.14
CA HIS A 786 -62.14 -52.42 52.57
C HIS A 786 -61.76 -53.85 52.91
N GLN A 789 -59.14 -54.98 54.54
CA GLN A 789 -57.90 -54.22 54.60
C GLN A 789 -57.95 -53.12 55.65
N ASN A 790 -56.78 -52.64 56.07
CA ASN A 790 -56.68 -51.52 56.99
C ASN A 790 -56.73 -50.23 56.18
N TYR A 791 -57.83 -50.05 55.47
CA TYR A 791 -58.03 -48.92 54.58
C TYR A 791 -59.16 -48.04 55.11
N SER A 792 -58.89 -46.74 55.20
CA SER A 792 -59.83 -45.77 55.74
C SER A 792 -60.32 -44.86 54.62
N GLU A 793 -61.64 -44.72 54.52
CA GLU A 793 -62.25 -43.84 53.53
C GLU A 793 -62.23 -42.42 54.07
N VAL A 794 -61.18 -41.69 53.71
CA VAL A 794 -61.03 -40.30 54.12
C VAL A 794 -61.59 -39.40 53.03
N SER A 795 -62.12 -38.24 53.43
CA SER A 795 -62.73 -37.30 52.50
C SER A 795 -62.54 -35.88 53.01
N SER A 796 -62.27 -34.95 52.10
CA SER A 796 -62.12 -33.55 52.49
C SER A 796 -63.47 -32.91 52.81
N ASN A 797 -64.56 -33.55 52.40
CA ASN A 797 -65.87 -32.95 52.54
C ASN A 797 -66.69 -33.58 53.65
N GLY A 798 -66.24 -34.70 54.20
CA GLY A 798 -67.02 -35.39 55.23
C GLY A 798 -68.28 -36.04 54.72
N LEU A 799 -68.39 -36.26 53.42
CA LEU A 799 -69.60 -36.75 52.78
C LEU A 799 -69.24 -38.11 52.19
N TYR A 800 -69.32 -39.15 53.01
CA TYR A 800 -68.68 -40.43 52.70
C TYR A 800 -69.56 -41.28 51.79
N SER A 801 -69.20 -42.57 51.65
CA SER A 801 -69.86 -43.47 50.72
C SER A 801 -71.31 -43.74 51.10
N ARG A 802 -71.67 -43.61 52.37
CA ARG A 802 -73.03 -43.89 52.80
C ARG A 802 -74.04 -42.97 52.13
N ASP A 803 -73.62 -41.76 51.77
CA ASP A 803 -74.56 -40.80 51.18
C ASP A 803 -74.87 -41.15 49.72
N TYR A 804 -74.00 -41.93 49.07
CA TYR A 804 -74.36 -42.46 47.76
C TYR A 804 -75.57 -43.39 47.86
N GLY A 805 -75.52 -44.33 48.82
CA GLY A 805 -76.68 -45.18 49.06
C GLY A 805 -77.88 -44.38 49.54
N ALA A 806 -77.62 -43.31 50.31
CA ALA A 806 -78.70 -42.43 50.72
C ALA A 806 -79.38 -41.78 49.52
N LEU A 807 -78.60 -41.32 48.54
CA LEU A 807 -79.17 -40.77 47.32
C LEU A 807 -79.95 -41.82 46.54
N ILE A 808 -79.41 -43.03 46.47
CA ILE A 808 -80.09 -44.12 45.76
C ILE A 808 -81.45 -44.40 46.40
N LYS A 809 -81.49 -44.49 47.73
CA LYS A 809 -82.74 -44.73 48.43
C LYS A 809 -83.68 -43.54 48.30
N HIS A 810 -83.13 -42.33 48.32
CA HIS A 810 -83.94 -41.13 48.14
C HIS A 810 -84.62 -41.11 46.78
N PHE A 811 -83.97 -41.64 45.74
CA PHE A 811 -84.55 -41.64 44.41
C PHE A 811 -85.31 -42.90 44.05
N GLU A 812 -85.22 -43.97 44.85
CA GLU A 812 -86.05 -45.14 44.62
C GLU A 812 -86.91 -45.51 45.83
N LYS A 813 -86.33 -45.55 47.03
CA LYS A 813 -86.96 -45.98 48.28
C LYS A 813 -87.27 -47.46 48.30
N ASN A 814 -86.92 -48.21 47.24
CA ASN A 814 -87.14 -49.64 47.20
C ASN A 814 -85.97 -50.41 46.62
N PHE A 815 -84.84 -49.75 46.35
CA PHE A 815 -83.70 -50.44 45.76
C PHE A 815 -83.07 -51.39 46.76
N ILE A 816 -82.79 -52.62 46.32
CA ILE A 816 -82.08 -53.61 47.11
C ILE A 816 -80.89 -54.07 46.28
N SER A 817 -79.69 -53.64 46.67
CA SER A 817 -78.47 -53.97 45.94
C SER A 817 -78.16 -55.45 46.13
N LYS A 818 -78.15 -56.20 45.02
CA LYS A 818 -77.91 -57.63 45.11
C LYS A 818 -76.50 -57.94 45.59
N ARG A 819 -75.49 -57.36 44.93
CA ARG A 819 -74.11 -57.77 45.19
C ARG A 819 -73.65 -57.39 46.59
N LEU A 820 -74.06 -56.21 47.09
CA LEU A 820 -73.71 -55.85 48.45
C LEU A 820 -74.38 -56.77 49.46
N SER A 821 -75.61 -57.20 49.19
CA SER A 821 -76.26 -58.18 50.06
C SER A 821 -75.51 -59.50 50.06
N GLU A 822 -75.05 -59.95 48.88
CA GLU A 822 -74.26 -61.18 48.82
C GLU A 822 -72.97 -61.03 49.62
N ILE A 823 -72.31 -59.87 49.51
CA ILE A 823 -71.10 -59.62 50.29
C ILE A 823 -71.41 -59.69 51.79
N THR A 824 -72.54 -59.10 52.19
CA THR A 824 -72.94 -59.13 53.59
C THR A 824 -73.19 -60.56 54.07
N LEU A 825 -73.78 -61.40 53.22
CA LEU A 825 -74.01 -62.79 53.60
C LEU A 825 -72.70 -63.53 53.82
N CYS A 826 -71.68 -63.21 53.02
CA CYS A 826 -70.36 -63.83 53.16
C CYS A 826 -69.50 -63.13 54.21
N LEU A 827 -70.00 -62.08 54.84
CA LEU A 827 -69.24 -61.38 55.87
C LEU A 827 -69.03 -62.28 57.09
N THR A 828 -67.86 -62.12 57.70
CA THR A 828 -67.50 -62.85 58.91
C THR A 828 -67.06 -61.86 59.97
N GLN A 829 -67.09 -62.32 61.23
CA GLN A 829 -66.74 -61.46 62.36
C GLN A 829 -65.29 -60.99 62.30
N ASP A 830 -64.42 -61.72 61.58
CA ASP A 830 -63.00 -61.37 61.55
C ASP A 830 -62.78 -60.00 60.94
N LYS A 831 -63.43 -59.70 59.82
CA LYS A 831 -63.26 -58.42 59.13
C LYS A 831 -64.28 -57.43 59.68
N GLN A 832 -63.84 -56.61 60.62
CA GLN A 832 -64.72 -55.60 61.20
C GLN A 832 -64.91 -54.41 60.26
N LYS A 833 -63.90 -54.10 59.45
CA LYS A 833 -63.97 -52.95 58.55
C LYS A 833 -65.11 -53.11 57.55
N GLN A 834 -65.22 -54.28 56.93
CA GLN A 834 -66.34 -54.54 56.03
C GLN A 834 -67.67 -54.52 56.76
N ILE A 835 -67.71 -55.07 57.98
CA ILE A 835 -68.97 -55.14 58.73
C ILE A 835 -69.50 -53.73 59.00
N ASP A 836 -68.65 -52.85 59.54
CA ASP A 836 -69.13 -51.51 59.83
C ASP A 836 -69.08 -50.59 58.61
N PHE A 837 -68.59 -51.07 57.47
CA PHE A 837 -68.82 -50.34 56.22
C PHE A 837 -70.22 -50.61 55.68
N LEU A 838 -70.59 -51.88 55.54
CA LEU A 838 -71.96 -52.20 55.14
C LEU A 838 -72.99 -51.84 56.21
N PHE A 839 -72.55 -51.60 57.44
CA PHE A 839 -73.47 -51.09 58.46
C PHE A 839 -74.02 -49.73 58.04
N LYS A 840 -73.16 -48.86 57.49
CA LYS A 840 -73.61 -47.57 56.98
C LYS A 840 -74.44 -47.71 55.70
N LEU A 841 -74.30 -48.82 54.99
CA LEU A 841 -75.09 -49.09 53.79
C LEU A 841 -76.26 -50.03 54.08
N LEU A 842 -76.80 -49.98 55.29
CA LEU A 842 -77.86 -50.92 55.67
C LEU A 842 -79.12 -50.83 54.82
N PRO A 843 -79.68 -49.65 54.51
CA PRO A 843 -80.94 -49.63 53.73
C PRO A 843 -80.84 -50.29 52.37
N LEU A 844 -79.64 -50.35 51.78
CA LEU A 844 -79.48 -51.00 50.48
C LEU A 844 -79.56 -52.52 50.58
N LEU A 845 -79.19 -53.09 51.73
CA LEU A 845 -79.10 -54.53 51.87
C LEU A 845 -80.48 -55.18 51.87
N SER A 846 -80.50 -56.48 51.59
CA SER A 846 -81.72 -57.27 51.62
C SER A 846 -82.06 -57.67 53.05
N THR A 847 -83.28 -58.17 53.24
CA THR A 847 -83.75 -58.51 54.59
C THR A 847 -82.86 -59.55 55.24
N ASN A 848 -82.53 -60.62 54.52
CA ASN A 848 -81.58 -61.58 55.04
C ASN A 848 -80.21 -60.95 55.28
N ALA A 849 -79.83 -59.99 54.42
CA ALA A 849 -78.56 -59.31 54.61
C ALA A 849 -78.55 -58.48 55.88
N LYS A 850 -79.63 -57.73 56.14
CA LYS A 850 -79.69 -56.97 57.39
C LYS A 850 -79.70 -57.90 58.59
N SER A 851 -80.43 -59.02 58.51
CA SER A 851 -80.46 -59.97 59.61
C SER A 851 -79.06 -60.54 59.88
N HIS A 852 -78.33 -60.88 58.82
CA HIS A 852 -76.98 -61.40 58.98
C HIS A 852 -76.03 -60.34 59.54
N LEU A 853 -76.16 -59.10 59.08
CA LEU A 853 -75.23 -58.05 59.51
C LEU A 853 -75.48 -57.63 60.95
N LEU A 854 -76.74 -57.58 61.37
CA LEU A 854 -77.06 -57.20 62.73
C LEU A 854 -76.56 -58.20 63.78
N SER A 855 -76.23 -59.43 63.37
CA SER A 855 -75.69 -60.39 64.32
C SER A 855 -74.34 -59.93 64.86
N PHE A 856 -73.47 -59.41 64.00
CA PHE A 856 -72.17 -58.91 64.43
C PHE A 856 -72.17 -57.42 64.76
N LYS A 857 -73.30 -56.74 64.58
CA LYS A 857 -73.35 -55.29 64.77
C LYS A 857 -73.87 -54.96 66.17
N SER A 858 -73.08 -54.20 66.92
CA SER A 858 -73.45 -53.75 68.25
C SER A 858 -73.13 -52.27 68.37
N VAL A 859 -73.94 -51.56 69.17
CA VAL A 859 -73.75 -50.11 69.37
C VAL A 859 -72.75 -49.97 70.51
N GLU A 860 -71.46 -50.01 70.14
CA GLU A 860 -70.41 -49.94 71.15
C GLU A 860 -70.11 -48.50 71.56
N ASN A 861 -69.99 -47.60 70.60
CA ASN A 861 -69.67 -46.20 70.85
C ASN A 861 -70.72 -45.30 70.20
N ILE A 862 -70.52 -43.99 70.36
CA ILE A 862 -71.46 -43.01 69.83
C ILE A 862 -71.49 -43.03 68.30
N ASN A 863 -70.36 -43.34 67.65
CA ASN A 863 -70.32 -43.39 66.20
C ASN A 863 -71.24 -44.47 65.66
N ASP A 864 -71.27 -45.63 66.31
CA ASP A 864 -72.16 -46.70 65.88
C ASP A 864 -73.63 -46.29 66.02
N LEU A 865 -73.96 -45.59 67.11
CA LEU A 865 -75.31 -45.08 67.28
C LEU A 865 -75.67 -44.09 66.17
N MET A 866 -74.74 -43.21 65.80
CA MET A 866 -75.04 -42.24 64.75
C MET A 866 -75.18 -42.91 63.40
N ASN A 867 -74.36 -43.92 63.11
CA ASN A 867 -74.55 -44.68 61.88
C ASN A 867 -75.91 -45.37 61.89
N GLY A 868 -76.31 -45.89 63.05
CA GLY A 868 -77.62 -46.54 63.14
C GLY A 868 -78.77 -45.58 62.87
N ILE A 869 -78.70 -44.37 63.40
CA ILE A 869 -79.78 -43.42 63.14
C ILE A 869 -79.74 -42.94 61.69
N ARG A 870 -78.55 -42.72 61.12
CA ARG A 870 -78.47 -42.31 59.73
C ARG A 870 -79.05 -43.37 58.80
N ILE A 871 -78.76 -44.64 59.05
CA ILE A 871 -79.37 -45.70 58.25
C ILE A 871 -80.83 -45.91 58.62
N GLY A 872 -81.26 -45.44 59.78
CA GLY A 872 -82.63 -45.59 60.21
C GLY A 872 -82.91 -46.76 61.13
N LEU A 873 -81.88 -47.48 61.57
CA LEU A 873 -82.09 -48.64 62.45
C LEU A 873 -82.66 -48.22 63.80
N ILE A 874 -82.34 -47.02 64.26
CA ILE A 874 -82.77 -46.52 65.56
C ILE A 874 -83.74 -45.38 65.33
N ASP A 875 -84.94 -45.50 65.90
CA ASP A 875 -85.95 -44.45 65.81
C ASP A 875 -86.34 -43.85 67.16
N GLU A 876 -86.21 -44.60 68.25
CA GLU A 876 -86.46 -44.08 69.59
C GLU A 876 -85.27 -44.45 70.47
N PHE A 877 -84.97 -43.59 71.44
CA PHE A 877 -83.88 -43.87 72.36
C PHE A 877 -84.29 -44.93 73.37
N THR A 878 -83.64 -46.09 73.32
CA THR A 878 -83.73 -47.04 74.41
C THR A 878 -82.88 -46.54 75.58
N PRO A 879 -83.15 -47.03 76.79
CA PRO A 879 -82.32 -46.61 77.93
C PRO A 879 -80.84 -46.92 77.74
N GLU A 880 -80.50 -47.96 76.99
CA GLU A 880 -79.10 -48.27 76.74
C GLU A 880 -78.42 -47.16 75.94
N HIS A 881 -79.11 -46.64 74.92
CA HIS A 881 -78.53 -45.55 74.12
C HIS A 881 -78.35 -44.29 74.96
N GLU A 882 -79.34 -43.98 75.81
CA GLU A 882 -79.21 -42.84 76.70
C GLU A 882 -78.03 -43.01 77.65
N GLU A 883 -77.86 -44.22 78.19
CA GLU A 883 -76.75 -44.47 79.10
C GLU A 883 -75.41 -44.34 78.38
N LEU A 884 -75.34 -44.81 77.14
CA LEU A 884 -74.10 -44.66 76.36
C LEU A 884 -73.80 -43.19 76.12
N ILE A 885 -74.83 -42.41 75.78
CA ILE A 885 -74.64 -40.98 75.55
C ILE A 885 -74.15 -40.31 76.83
N ILE A 886 -74.75 -40.64 77.97
CA ILE A 886 -74.35 -40.05 79.24
C ILE A 886 -72.92 -40.46 79.60
N GLU A 887 -72.55 -41.70 79.32
CA GLU A 887 -71.18 -42.13 79.59
C GLU A 887 -70.17 -41.38 78.75
N TYR A 888 -70.47 -41.16 77.47
CA TYR A 888 -69.59 -40.36 76.64
C TYR A 888 -69.51 -38.92 77.15
N LEU A 889 -70.65 -38.38 77.59
CA LEU A 889 -70.65 -37.04 78.19
C LEU A 889 -69.75 -37.00 79.42
N GLU A 890 -69.84 -38.02 80.27
CA GLU A 890 -69.03 -38.07 81.49
C GLU A 890 -67.55 -38.14 81.17
N THR A 891 -67.17 -38.97 80.18
CA THR A 891 -65.75 -39.06 79.86
C THR A 891 -65.25 -37.79 79.19
N ARG A 892 -66.10 -37.10 78.42
CA ARG A 892 -65.72 -35.81 77.85
C ARG A 892 -65.50 -34.79 78.95
N LYS A 893 -66.38 -34.77 79.96
CA LYS A 893 -66.17 -33.87 81.09
C LYS A 893 -64.90 -34.23 81.86
N VAL A 894 -64.63 -35.53 82.00
CA VAL A 894 -63.47 -35.96 82.78
C VAL A 894 -62.17 -35.54 82.10
N ASN A 895 -62.07 -35.80 80.79
CA ASN A 895 -60.81 -35.47 80.11
C ASN A 895 -60.74 -34.00 79.69
N TYR A 896 -61.85 -33.25 79.80
CA TYR A 896 -61.76 -31.81 79.59
C TYR A 896 -61.04 -31.13 80.74
N ILE A 897 -61.34 -31.52 81.98
CA ILE A 897 -60.69 -30.93 83.14
C ILE A 897 -59.35 -31.60 83.38
N GLY A 903 -54.91 -28.12 82.61
CA GLY A 903 -55.78 -28.57 81.54
C GLY A 903 -56.28 -27.44 80.66
N ILE A 904 -55.60 -27.24 79.53
CA ILE A 904 -56.01 -26.18 78.62
C ILE A 904 -57.29 -26.57 77.87
N GLN A 905 -57.89 -25.58 77.22
CA GLN A 905 -59.12 -25.80 76.46
C GLN A 905 -58.79 -26.12 75.01
N THR A 906 -59.40 -27.20 74.52
CA THR A 906 -59.24 -27.63 73.14
C THR A 906 -60.61 -27.76 72.50
N PHE A 907 -60.81 -27.06 71.38
CA PHE A 907 -62.06 -27.10 70.64
C PHE A 907 -61.87 -28.01 69.44
N SER A 908 -62.82 -28.91 69.23
CA SER A 908 -62.79 -29.86 68.13
C SER A 908 -64.12 -29.82 67.38
N SER A 909 -64.05 -30.10 66.08
CA SER A 909 -65.22 -30.03 65.20
C SER A 909 -65.88 -31.39 65.03
N ASN A 910 -65.84 -32.21 66.08
CA ASN A 910 -66.53 -33.50 66.03
C ASN A 910 -68.05 -33.31 66.00
N ASP A 911 -68.51 -32.18 66.54
CA ASP A 911 -69.91 -31.73 66.58
C ASP A 911 -70.83 -32.68 67.35
N TYR A 912 -70.26 -33.62 68.11
CA TYR A 912 -71.09 -34.53 68.90
C TYR A 912 -71.89 -33.77 69.94
N MET A 913 -71.25 -32.79 70.60
CA MET A 913 -71.89 -32.06 71.68
C MET A 913 -73.09 -31.27 71.17
N SER A 914 -72.93 -30.62 70.01
CA SER A 914 -74.05 -29.88 69.43
C SER A 914 -75.19 -30.81 69.07
N THR A 915 -74.87 -32.03 68.64
CA THR A 915 -75.92 -33.00 68.32
C THR A 915 -76.65 -33.46 69.58
N PHE A 916 -75.92 -33.64 70.68
CA PHE A 916 -76.57 -33.94 71.96
C PHE A 916 -77.51 -32.82 72.35
N GLY A 917 -77.05 -31.57 72.23
CA GLY A 917 -77.91 -30.43 72.53
C GLY A 917 -79.13 -30.38 71.64
N ILE A 918 -78.95 -30.72 70.36
CA ILE A 918 -80.07 -30.67 69.42
C ILE A 918 -81.09 -31.76 69.72
N TRP A 919 -80.62 -32.93 70.18
CA TRP A 919 -81.57 -33.95 70.63
C TRP A 919 -82.29 -33.50 71.89
N TYR A 920 -81.59 -32.83 72.81
CA TYR A 920 -82.26 -32.35 74.02
C TYR A 920 -83.32 -31.31 73.69
N PHE A 921 -83.02 -30.41 72.75
CA PHE A 921 -83.95 -29.33 72.42
C PHE A 921 -85.22 -29.87 71.80
N LEU A 922 -85.10 -30.86 70.91
CA LEU A 922 -86.23 -31.42 70.19
C LEU A 922 -87.00 -32.46 70.99
N GLU A 923 -86.68 -32.63 72.27
CA GLU A 923 -87.32 -33.57 73.19
C GLU A 923 -87.12 -35.01 72.79
N GLU A 924 -86.22 -35.30 71.86
CA GLU A 924 -85.96 -36.68 71.47
C GLU A 924 -85.27 -37.47 72.58
N ILE A 925 -84.52 -36.80 73.45
CA ILE A 925 -84.01 -37.39 74.68
C ILE A 925 -84.73 -36.70 75.84
N ASN A 926 -85.14 -37.49 76.83
CA ASN A 926 -85.93 -36.99 77.95
C ASN A 926 -85.34 -37.43 79.27
N ASN A 927 -84.02 -37.28 79.41
CA ASN A 927 -83.33 -37.53 80.67
C ASN A 927 -82.68 -36.22 81.11
N SER A 928 -82.90 -35.85 82.37
CA SER A 928 -82.46 -34.55 82.90
C SER A 928 -81.09 -34.63 83.56
N LYS A 929 -80.11 -35.15 82.82
CA LYS A 929 -78.73 -35.19 83.29
C LYS A 929 -77.80 -34.37 82.41
N MET A 930 -78.26 -33.95 81.22
CA MET A 930 -77.42 -33.17 80.33
C MET A 930 -77.00 -31.85 80.95
N GLU A 931 -77.86 -31.27 81.80
CA GLU A 931 -77.58 -29.98 82.43
C GLU A 931 -76.30 -30.02 83.26
N GLU A 932 -75.90 -31.20 83.72
CA GLU A 932 -74.65 -31.31 84.47
C GLU A 932 -73.45 -30.97 83.61
N PHE A 933 -73.48 -31.34 82.33
CA PHE A 933 -72.36 -31.13 81.43
C PHE A 933 -72.37 -29.75 80.78
N ILE A 934 -73.13 -28.80 81.34
CA ILE A 934 -73.22 -27.47 80.78
C ILE A 934 -71.93 -26.70 81.06
N GLY A 935 -71.39 -26.05 80.04
CA GLY A 935 -70.11 -25.38 80.12
C GLY A 935 -69.04 -26.03 79.26
N MET A 936 -69.36 -27.11 78.57
CA MET A 936 -68.39 -27.77 77.70
C MET A 936 -68.05 -26.89 76.50
N ASP A 937 -69.05 -26.58 75.67
CA ASP A 937 -68.83 -25.80 74.47
C ASP A 937 -70.13 -25.13 74.08
N ASP A 938 -70.02 -24.13 73.20
CA ASP A 938 -71.19 -23.44 72.71
C ASP A 938 -71.97 -24.31 71.72
N GLN A 939 -73.19 -23.88 71.43
CA GLN A 939 -74.20 -24.59 70.64
C GLN A 939 -74.73 -25.82 71.37
N TYR A 940 -74.22 -26.12 72.56
CA TYR A 940 -74.78 -27.14 73.43
C TYR A 940 -75.55 -26.52 74.59
N ASP A 941 -75.01 -25.46 75.19
CA ASP A 941 -75.77 -24.69 76.18
C ASP A 941 -76.83 -23.83 75.52
N PHE A 942 -76.73 -23.65 74.19
CA PHE A 942 -77.76 -22.93 73.46
C PHE A 942 -79.08 -23.68 73.53
N PHE A 943 -79.04 -25.00 73.43
CA PHE A 943 -80.26 -25.79 73.32
C PHE A 943 -80.66 -26.48 74.61
N VAL A 944 -79.72 -26.69 75.54
CA VAL A 944 -80.04 -27.36 76.79
C VAL A 944 -80.70 -26.38 77.76
N ASP A 945 -80.07 -25.23 77.98
CA ASP A 945 -80.63 -24.15 78.80
C ASP A 945 -80.62 -22.87 77.96
N PRO A 946 -81.55 -22.73 77.02
CA PRO A 946 -81.56 -21.53 76.16
C PRO A 946 -81.71 -20.25 76.95
N GLU A 947 -82.38 -20.31 78.11
CA GLU A 947 -82.57 -19.10 78.91
C GLU A 947 -81.23 -18.58 79.44
N ASN A 948 -80.33 -19.48 79.84
CA ASN A 948 -79.07 -19.10 80.48
C ASN A 948 -77.88 -19.22 79.53
N PHE A 949 -78.04 -18.86 78.25
CA PHE A 949 -76.97 -19.08 77.30
C PHE A 949 -75.93 -17.97 77.27
N ASP A 950 -76.31 -16.74 77.63
CA ASP A 950 -75.41 -15.58 77.56
C ASP A 950 -74.90 -15.40 76.13
N TYR A 951 -75.84 -15.00 75.26
CA TYR A 951 -75.68 -15.06 73.80
C TYR A 951 -74.53 -14.22 73.25
N LYS A 952 -73.74 -13.59 74.13
CA LYS A 952 -72.51 -12.94 73.66
C LYS A 952 -71.59 -13.92 72.95
N LYS A 953 -71.68 -15.21 73.27
CA LYS A 953 -70.90 -16.24 72.60
C LYS A 953 -71.64 -16.89 71.44
N PHE A 954 -72.87 -16.47 71.16
CA PHE A 954 -73.63 -17.05 70.07
C PHE A 954 -72.97 -16.72 68.73
N ILE A 955 -72.86 -17.71 67.85
CA ILE A 955 -72.16 -17.58 66.58
C ILE A 955 -73.21 -17.61 65.46
N PRO A 956 -73.44 -16.50 64.76
CA PRO A 956 -74.38 -16.49 63.63
C PRO A 956 -74.31 -17.69 62.71
N SER A 957 -73.13 -18.32 62.53
CA SER A 957 -72.99 -19.36 61.52
C SER A 957 -73.78 -20.61 61.84
N TRP A 958 -74.31 -20.74 63.06
CA TRP A 958 -75.04 -21.95 63.44
C TRP A 958 -76.34 -22.08 62.65
N LEU A 959 -77.04 -20.97 62.42
CA LEU A 959 -78.36 -21.02 61.80
C LEU A 959 -78.35 -21.66 60.41
N LYS A 960 -77.23 -21.60 59.70
CA LYS A 960 -77.16 -22.24 58.39
C LYS A 960 -77.20 -23.76 58.51
N ASN A 961 -76.64 -24.30 59.59
CA ASN A 961 -76.63 -25.76 59.77
C ASN A 961 -78.03 -26.29 60.06
N TYR A 962 -78.93 -25.44 60.53
CA TYR A 962 -80.27 -25.90 60.91
C TYR A 962 -81.17 -25.99 59.68
N ASN A 963 -82.19 -26.85 59.79
CA ASN A 963 -83.10 -27.14 58.69
C ASN A 963 -84.53 -26.73 59.05
N ASP A 964 -85.48 -27.13 58.21
CA ASP A 964 -86.84 -26.61 58.29
C ASP A 964 -87.48 -26.92 59.64
N LYS A 965 -87.52 -28.19 60.02
CA LYS A 965 -88.17 -28.57 61.28
C LYS A 965 -87.43 -27.99 62.48
N LEU A 966 -86.09 -28.01 62.43
CA LEU A 966 -85.30 -27.44 63.53
C LEU A 966 -85.56 -25.95 63.67
N LEU A 967 -85.58 -25.22 62.55
CA LEU A 967 -85.85 -23.79 62.60
C LEU A 967 -87.25 -23.49 63.11
N GLY A 968 -88.23 -24.29 62.68
CA GLY A 968 -89.59 -24.11 63.19
C GLY A 968 -89.68 -24.36 64.68
N LYS A 969 -89.03 -25.41 65.17
CA LYS A 969 -89.04 -25.68 66.61
C LYS A 969 -88.33 -24.58 67.40
N ILE A 970 -87.20 -24.08 66.91
CA ILE A 970 -86.51 -23.00 67.61
C ILE A 970 -87.37 -21.74 67.61
N ALA A 971 -88.12 -21.51 66.54
CA ALA A 971 -88.99 -20.34 66.48
C ALA A 971 -90.13 -20.44 67.48
N GLY A 972 -90.67 -21.64 67.68
CA GLY A 972 -91.79 -21.83 68.57
C GLY A 972 -91.48 -21.76 70.05
N ASN A 973 -90.20 -21.74 70.42
CA ASN A 973 -89.83 -21.62 71.82
C ASN A 973 -90.27 -20.27 72.38
N LYS A 974 -90.01 -19.19 71.64
CA LYS A 974 -90.50 -17.85 71.94
C LYS A 974 -89.92 -17.26 73.23
N HIS A 975 -89.04 -17.99 73.92
CA HIS A 975 -88.35 -17.44 75.09
C HIS A 975 -87.01 -16.82 74.75
N MET A 976 -86.27 -17.39 73.80
CA MET A 976 -85.17 -16.68 73.15
C MET A 976 -85.37 -16.50 71.65
N LYS A 977 -86.57 -16.21 71.17
CA LYS A 977 -86.70 -15.82 69.77
C LYS A 977 -86.03 -14.47 69.51
N HIS A 978 -85.94 -13.63 70.55
CA HIS A 978 -85.45 -12.26 70.32
C HIS A 978 -83.95 -12.24 70.11
N HIS A 979 -83.19 -13.02 70.87
CA HIS A 979 -81.74 -13.05 70.66
C HIS A 979 -81.40 -13.46 69.24
N VAL A 980 -81.99 -14.58 68.80
CA VAL A 980 -81.69 -15.09 67.46
C VAL A 980 -82.23 -14.14 66.38
N ILE A 981 -83.37 -13.50 66.62
CA ILE A 981 -83.89 -12.59 65.59
C ILE A 981 -82.98 -11.37 65.47
N GLU A 982 -82.44 -10.88 66.59
CA GLU A 982 -81.47 -9.78 66.53
C GLU A 982 -80.21 -10.20 65.79
N VAL A 983 -79.75 -11.42 66.06
CA VAL A 983 -78.60 -11.94 65.31
C VAL A 983 -78.89 -11.93 63.81
N LEU A 984 -80.10 -12.35 63.43
CA LEU A 984 -80.45 -12.33 62.01
C LEU A 984 -80.53 -10.92 61.45
N LYS A 985 -81.07 -9.96 62.22
CA LYS A 985 -81.05 -8.58 61.75
C LYS A 985 -79.63 -8.12 61.47
N GLU A 986 -78.72 -8.37 62.41
CA GLU A 986 -77.33 -7.95 62.23
C GLU A 986 -76.71 -8.60 61.01
N ARG A 987 -76.91 -9.91 60.83
CA ARG A 987 -76.25 -10.61 59.74
C ARG A 987 -76.84 -10.23 58.39
N VAL A 988 -78.16 -10.10 58.30
CA VAL A 988 -78.79 -9.75 57.03
C VAL A 988 -78.45 -8.31 56.65
N LYS A 989 -78.44 -7.39 57.62
CA LYS A 989 -78.09 -6.01 57.32
C LYS A 989 -76.61 -5.84 57.04
N ASN A 990 -75.78 -6.77 57.51
CA ASN A 990 -74.34 -6.68 57.28
C ASN A 990 -73.89 -7.47 56.06
N SER A 991 -74.14 -8.77 56.03
CA SER A 991 -73.64 -9.63 54.98
C SER A 991 -74.59 -9.67 53.79
N ASN A 992 -74.11 -10.24 52.68
CA ASN A 992 -74.89 -10.46 51.48
C ASN A 992 -75.06 -11.94 51.18
N ASP A 993 -75.08 -12.78 52.22
CA ASP A 993 -75.18 -14.22 52.02
C ASP A 993 -76.51 -14.60 51.40
N LYS A 994 -77.59 -13.92 51.80
CA LYS A 994 -78.95 -14.11 51.28
C LYS A 994 -79.56 -15.43 51.77
N ARG A 995 -78.77 -16.25 52.47
CA ARG A 995 -79.33 -17.43 53.12
C ARG A 995 -79.82 -17.08 54.53
N TYR A 996 -79.11 -16.19 55.23
CA TYR A 996 -79.64 -15.65 56.47
C TYR A 996 -80.93 -14.90 56.21
N LEU A 997 -80.96 -14.11 55.13
CA LEU A 997 -82.19 -13.45 54.72
C LEU A 997 -83.26 -14.46 54.36
N GLU A 998 -82.87 -15.61 53.79
CA GLU A 998 -83.86 -16.63 53.44
C GLU A 998 -84.45 -17.28 54.69
N ILE A 999 -83.64 -17.47 55.73
CA ILE A 999 -84.15 -18.01 56.99
C ILE A 999 -85.08 -17.00 57.65
N LEU A 1000 -84.68 -15.73 57.67
CA LEU A 1000 -85.55 -14.66 58.15
C LEU A 1000 -86.84 -14.60 57.33
N MET A 1001 -86.74 -14.87 56.04
CA MET A 1001 -87.85 -14.97 55.12
C MET A 1001 -88.84 -16.06 55.54
N ASN A 1002 -88.33 -17.26 55.80
CA ASN A 1002 -89.20 -18.41 55.95
C ASN A 1002 -89.79 -18.50 57.35
N TYR A 1003 -88.98 -18.28 58.39
CA TYR A 1003 -89.49 -18.50 59.75
C TYR A 1003 -89.20 -17.39 60.74
N PHE A 1004 -88.49 -16.33 60.36
CA PHE A 1004 -88.19 -15.21 61.26
C PHE A 1004 -87.56 -15.70 62.55
N ILE A 1005 -86.59 -16.60 62.40
CA ILE A 1005 -85.99 -17.26 63.57
C ILE A 1005 -85.27 -16.22 64.42
N ASP B 23 -7.28 -16.66 38.25
CA ASP B 23 -6.17 -15.72 38.10
C ASP B 23 -6.73 -14.33 37.76
N ASN B 24 -6.02 -13.28 38.19
CA ASN B 24 -6.53 -11.93 38.01
C ASN B 24 -6.65 -11.56 36.53
N ASN B 25 -5.69 -12.00 35.70
CA ASN B 25 -5.74 -11.69 34.28
C ASN B 25 -6.99 -12.28 33.64
N VAL B 26 -7.24 -13.57 33.89
CA VAL B 26 -8.38 -14.24 33.27
C VAL B 26 -9.69 -13.67 33.77
N VAL B 27 -9.79 -13.37 35.06
CA VAL B 27 -11.04 -12.84 35.58
C VAL B 27 -11.30 -11.44 35.03
N GLU B 28 -10.24 -10.63 34.89
CA GLU B 28 -10.42 -9.32 34.27
C GLU B 28 -10.89 -9.45 32.83
N CYS B 29 -10.28 -10.36 32.07
CA CYS B 29 -10.71 -10.56 30.68
C CYS B 29 -12.17 -11.00 30.61
N ILE B 30 -12.56 -11.96 31.46
CA ILE B 30 -13.93 -12.46 31.45
C ILE B 30 -14.90 -11.34 31.83
N LYS B 31 -14.52 -10.52 32.82
CA LYS B 31 -15.36 -9.40 33.21
C LYS B 31 -15.54 -8.43 32.05
N GLU B 32 -14.47 -8.11 31.32
CA GLU B 32 -14.60 -7.22 30.18
C GLU B 32 -15.50 -7.81 29.11
N ILE B 33 -15.35 -9.10 28.81
CA ILE B 33 -16.20 -9.72 27.78
C ILE B 33 -17.67 -9.66 28.19
N THR B 34 -17.96 -10.00 29.46
CA THR B 34 -19.36 -9.98 29.89
C THR B 34 -19.93 -8.57 29.90
N GLU B 35 -19.14 -7.58 30.35
CA GLU B 35 -19.62 -6.21 30.32
C GLU B 35 -19.91 -5.74 28.91
N SER B 36 -19.04 -6.09 27.96
CA SER B 36 -19.30 -5.74 26.56
C SER B 36 -20.51 -6.47 26.02
N SER B 37 -20.71 -7.73 26.43
CA SER B 37 -21.83 -8.51 25.92
C SER B 37 -23.16 -7.95 26.39
N ARG B 38 -23.25 -7.57 27.67
CA ARG B 38 -24.51 -7.07 28.19
C ARG B 38 -24.91 -5.74 27.56
N ASN B 39 -23.93 -4.96 27.11
CA ASN B 39 -24.20 -3.67 26.50
C ASN B 39 -24.52 -3.78 25.01
N GLY B 40 -24.48 -4.98 24.43
CA GLY B 40 -24.65 -5.11 23.00
C GLY B 40 -23.45 -4.67 22.21
N LYS B 41 -22.28 -4.58 22.83
CA LYS B 41 -21.05 -4.14 22.18
C LYS B 41 -20.03 -5.26 22.06
N LEU B 42 -20.47 -6.51 22.01
CA LEU B 42 -19.59 -7.64 21.83
C LEU B 42 -19.74 -8.21 20.43
N VAL B 43 -18.60 -8.48 19.79
CA VAL B 43 -18.57 -9.09 18.47
C VAL B 43 -17.63 -10.28 18.53
N PHE B 44 -18.08 -11.40 17.96
CA PHE B 44 -17.36 -12.67 18.07
C PHE B 44 -16.62 -12.96 16.77
N PHE B 45 -15.30 -13.10 16.86
CA PHE B 45 -14.46 -13.48 15.73
C PHE B 45 -14.25 -15.00 15.80
N VAL B 46 -15.08 -15.73 15.08
CA VAL B 46 -15.09 -17.19 15.13
C VAL B 46 -14.15 -17.73 14.05
N GLY B 47 -13.28 -18.65 14.43
CA GLY B 47 -12.31 -19.23 13.52
C GLY B 47 -12.79 -20.53 12.92
N ALA B 48 -11.82 -21.31 12.43
CA ALA B 48 -12.12 -22.58 11.80
C ALA B 48 -12.15 -23.74 12.80
N GLY B 49 -11.62 -23.55 14.00
CA GLY B 49 -11.69 -24.60 15.00
C GLY B 49 -13.12 -24.92 15.41
N VAL B 50 -13.94 -23.87 15.58
CA VAL B 50 -15.34 -24.08 15.93
C VAL B 50 -16.06 -24.85 14.82
N SER B 51 -15.80 -24.49 13.56
CA SER B 51 -16.44 -25.19 12.45
C SER B 51 -15.97 -26.63 12.35
N THR B 52 -14.69 -26.88 12.63
CA THR B 52 -14.18 -28.24 12.56
C THR B 52 -14.65 -29.09 13.73
N LEU B 53 -15.01 -28.44 14.85
CA LEU B 53 -15.63 -29.16 15.95
C LEU B 53 -16.87 -29.92 15.50
N SER B 54 -17.58 -29.40 14.51
CA SER B 54 -18.72 -30.07 13.89
C SER B 54 -18.28 -31.03 12.79
N ASP B 55 -17.01 -31.44 12.78
CA ASP B 55 -16.48 -32.40 11.82
C ASP B 55 -16.55 -31.86 10.39
N TYR B 56 -16.49 -30.55 10.24
CA TYR B 56 -16.36 -29.99 8.92
C TYR B 56 -14.94 -30.23 8.39
N PRO B 57 -14.81 -30.64 7.14
CA PRO B 57 -13.47 -30.84 6.55
C PRO B 57 -12.57 -29.63 6.77
N GLN B 58 -11.52 -29.83 7.56
CA GLN B 58 -10.57 -28.76 7.84
C GLN B 58 -9.71 -28.48 6.61
N TRP B 59 -9.07 -27.32 6.62
CA TRP B 59 -8.40 -26.84 5.41
C TRP B 59 -7.19 -27.69 5.04
N TRP B 60 -6.49 -28.24 6.04
CA TRP B 60 -5.32 -29.05 5.73
C TRP B 60 -5.71 -30.30 4.96
N ARG B 61 -6.92 -30.83 5.21
CA ARG B 61 -7.40 -31.97 4.45
C ARG B 61 -7.51 -31.63 2.97
N LEU B 62 -8.09 -30.47 2.65
CA LEU B 62 -8.24 -30.10 1.25
C LEU B 62 -6.91 -29.73 0.62
N VAL B 63 -6.00 -29.14 1.40
CA VAL B 63 -4.66 -28.86 0.88
C VAL B 63 -3.95 -30.17 0.55
N ASP B 64 -4.10 -31.19 1.41
CA ASP B 64 -3.53 -32.49 1.12
C ASP B 64 -4.17 -33.13 -0.10
N LYS B 65 -5.49 -32.96 -0.27
CA LYS B 65 -6.14 -33.47 -1.47
C LYS B 65 -5.59 -32.81 -2.73
N TYR B 66 -5.40 -31.49 -2.68
CA TYR B 66 -4.81 -30.78 -3.80
C TYR B 66 -3.39 -31.28 -4.07
N HIS B 67 -2.62 -31.53 -3.01
CA HIS B 67 -1.28 -32.06 -3.17
C HIS B 67 -1.30 -33.45 -3.80
N GLU B 68 -2.25 -34.29 -3.39
CA GLU B 68 -2.37 -35.62 -4.00
C GLU B 68 -2.68 -35.51 -5.48
N GLU B 69 -3.61 -34.63 -5.84
CA GLU B 69 -3.96 -34.47 -7.26
C GLU B 69 -2.78 -33.91 -8.06
N LEU B 70 -2.04 -32.96 -7.48
CA LEU B 70 -0.94 -32.33 -8.19
C LEU B 70 0.25 -33.27 -8.34
N TYR B 71 0.85 -33.68 -7.21
CA TYR B 71 2.11 -34.42 -7.21
C TYR B 71 1.92 -35.92 -7.13
N GLY B 72 0.70 -36.42 -7.29
CA GLY B 72 0.46 -37.85 -7.23
C GLY B 72 0.27 -38.38 -5.83
N SER B 73 1.23 -38.12 -4.95
CA SER B 73 1.18 -38.57 -3.58
C SER B 73 1.45 -37.40 -2.64
N PRO B 74 0.89 -37.40 -1.42
CA PRO B 74 1.06 -36.28 -0.49
C PRO B 74 2.51 -36.16 0.02
N TYR B 79 1.76 -28.32 7.46
CA TYR B 79 2.31 -27.56 6.34
C TYR B 79 2.82 -26.20 6.81
N SER B 80 2.36 -25.15 6.14
CA SER B 80 2.73 -23.79 6.48
C SER B 80 1.71 -22.84 5.88
N SER B 81 1.71 -21.61 6.39
CA SER B 81 0.80 -20.60 5.85
C SER B 81 1.14 -20.28 4.39
N ASP B 82 2.42 -20.37 4.04
CA ASP B 82 2.80 -20.18 2.64
C ASP B 82 2.35 -21.37 1.79
N GLU B 83 2.48 -22.59 2.31
CA GLU B 83 2.04 -23.77 1.58
C GLU B 83 0.52 -23.79 1.45
N TYR B 84 -0.19 -23.40 2.52
CA TYR B 84 -1.65 -23.36 2.47
C TYR B 84 -2.14 -22.42 1.38
N LEU B 85 -1.35 -21.40 1.06
CA LEU B 85 -1.74 -20.45 0.01
C LEU B 85 -1.17 -20.85 -1.33
N ARG B 86 -0.12 -21.67 -1.34
CA ARG B 86 0.57 -21.97 -2.58
C ARG B 86 -0.01 -23.22 -3.26
N ILE B 87 -0.15 -24.32 -2.52
CA ILE B 87 -0.62 -25.56 -3.13
C ILE B 87 -1.98 -25.40 -3.79
N PRO B 88 -3.00 -24.82 -3.15
CA PRO B 88 -4.22 -24.49 -3.89
C PRO B 88 -3.95 -23.56 -5.06
N GLN B 89 -3.02 -22.62 -4.91
CA GLN B 89 -2.71 -21.70 -6.00
C GLN B 89 -2.06 -22.43 -7.17
N ILE B 90 -1.14 -23.35 -6.88
CA ILE B 90 -0.53 -24.14 -7.95
C ILE B 90 -1.61 -24.95 -8.67
N PHE B 91 -2.50 -25.58 -7.89
CA PHE B 91 -3.55 -26.39 -8.50
C PHE B 91 -4.47 -25.55 -9.36
N TYR B 92 -4.78 -24.33 -8.92
CA TYR B 92 -5.74 -23.50 -9.64
C TYR B 92 -5.29 -23.20 -11.05
N ASN B 93 -4.03 -22.78 -11.22
CA ASN B 93 -3.55 -22.43 -12.55
C ASN B 93 -2.86 -23.58 -13.26
N VAL B 94 -2.70 -24.73 -12.63
CA VAL B 94 -2.17 -25.89 -13.37
C VAL B 94 -3.30 -26.80 -13.87
N LYS B 95 -4.27 -27.11 -13.02
CA LYS B 95 -5.37 -27.98 -13.42
C LYS B 95 -6.62 -27.23 -13.90
N GLY B 96 -6.68 -25.93 -13.71
CA GLY B 96 -7.77 -25.15 -14.24
C GLY B 96 -8.81 -24.81 -13.19
N GLU B 97 -9.71 -23.90 -13.56
CA GLU B 97 -10.78 -23.50 -12.65
C GLU B 97 -11.76 -24.64 -12.39
N MET B 98 -12.07 -25.42 -13.43
CA MET B 98 -13.13 -26.42 -13.30
C MET B 98 -12.74 -27.52 -12.32
N ALA B 99 -11.53 -28.07 -12.45
CA ALA B 99 -11.10 -29.12 -11.52
C ALA B 99 -10.99 -28.59 -10.10
N PHE B 100 -10.48 -27.37 -9.95
CA PHE B 100 -10.37 -26.75 -8.63
C PHE B 100 -11.75 -26.63 -7.98
N ASP B 101 -12.71 -26.07 -8.71
CA ASP B 101 -14.06 -25.91 -8.18
C ASP B 101 -14.70 -27.26 -7.89
N GLY B 102 -14.45 -28.25 -8.74
CA GLY B 102 -15.03 -29.56 -8.51
C GLY B 102 -14.51 -30.22 -7.25
N ILE B 103 -13.19 -30.14 -7.04
CA ILE B 103 -12.61 -30.73 -5.83
C ILE B 103 -13.08 -29.96 -4.60
N LEU B 104 -13.19 -28.64 -4.70
CA LEU B 104 -13.70 -27.85 -3.58
C LEU B 104 -15.14 -28.22 -3.25
N LYS B 105 -16.00 -28.36 -4.25
CA LYS B 105 -17.40 -28.69 -4.01
C LYS B 105 -17.55 -30.09 -3.46
N ASP B 106 -16.80 -31.05 -4.00
CA ASP B 106 -16.85 -32.42 -3.49
C ASP B 106 -16.46 -32.49 -2.02
N PHE B 107 -15.67 -31.53 -1.55
CA PHE B 107 -15.19 -31.53 -0.17
C PHE B 107 -16.09 -30.70 0.75
N PHE B 108 -16.77 -29.69 0.22
CA PHE B 108 -17.56 -28.80 1.06
C PHE B 108 -19.06 -28.85 0.79
N GLN B 109 -19.53 -29.73 -0.10
CA GLN B 109 -20.97 -29.82 -0.34
C GLN B 109 -21.69 -30.48 0.83
N VAL B 110 -20.99 -31.34 1.57
CA VAL B 110 -21.62 -32.05 2.67
C VAL B 110 -22.07 -31.07 3.75
N ASP B 111 -23.15 -31.43 4.44
CA ASP B 111 -23.69 -30.63 5.54
C ASP B 111 -23.39 -31.27 6.88
N LYS B 112 -23.30 -30.43 7.90
CA LYS B 112 -22.89 -30.86 9.24
C LYS B 112 -23.81 -30.24 10.28
N PRO B 113 -23.96 -30.87 11.43
CA PRO B 113 -24.77 -30.28 12.52
C PRO B 113 -23.95 -29.36 13.40
N THR B 114 -24.60 -28.29 13.86
CA THR B 114 -23.92 -27.30 14.67
C THR B 114 -23.50 -27.90 16.01
N ASN B 115 -22.24 -27.66 16.38
CA ASN B 115 -21.73 -28.04 17.68
C ASN B 115 -22.31 -27.13 18.75
N PRO B 116 -22.27 -27.54 20.02
CA PRO B 116 -22.78 -26.67 21.08
C PRO B 116 -22.06 -25.34 21.18
N ILE B 117 -20.84 -25.24 20.65
CA ILE B 117 -20.09 -24.00 20.75
C ILE B 117 -20.75 -22.88 19.95
N HIS B 118 -21.43 -23.22 18.85
CA HIS B 118 -22.21 -22.21 18.13
C HIS B 118 -23.32 -21.66 19.01
N ASP B 119 -24.02 -22.54 19.73
CA ASP B 119 -25.07 -22.08 20.64
C ASP B 119 -24.50 -21.23 21.76
N LYS B 120 -23.34 -21.62 22.31
CA LYS B 120 -22.71 -20.81 23.36
C LYS B 120 -22.28 -19.44 22.82
N ILE B 121 -21.75 -19.40 21.60
CA ILE B 121 -21.35 -18.13 21.00
C ILE B 121 -22.57 -17.23 20.84
N LEU B 122 -23.68 -17.80 20.37
CA LEU B 122 -24.90 -17.02 20.21
C LEU B 122 -25.53 -16.63 21.54
N ALA B 123 -25.26 -17.37 22.62
CA ALA B 123 -25.84 -17.06 23.90
C ALA B 123 -25.35 -15.74 24.48
N MET B 124 -24.22 -15.21 23.98
CA MET B 124 -23.73 -13.91 24.41
C MET B 124 -24.46 -12.75 23.76
N ASN B 125 -25.38 -13.03 22.83
CA ASN B 125 -26.04 -12.01 22.04
C ASN B 125 -25.04 -11.04 21.40
N PRO B 126 -24.11 -11.54 20.59
CA PRO B 126 -23.11 -10.66 20.00
C PRO B 126 -23.74 -9.69 19.02
N ALA B 127 -23.21 -8.47 18.99
CA ALA B 127 -23.68 -7.48 18.03
C ALA B 127 -23.39 -7.91 16.61
N HIS B 128 -22.22 -8.49 16.37
CA HIS B 128 -21.87 -9.05 15.08
C HIS B 128 -21.00 -10.28 15.27
N VAL B 129 -20.99 -11.14 14.26
CA VAL B 129 -20.13 -12.31 14.22
C VAL B 129 -19.31 -12.23 12.93
N ILE B 130 -17.99 -12.20 13.07
CA ILE B 130 -17.07 -12.20 11.95
C ILE B 130 -16.37 -13.54 11.93
N THR B 131 -16.44 -14.24 10.80
CA THR B 131 -15.86 -15.55 10.69
C THR B 131 -15.21 -15.73 9.32
N THR B 132 -14.08 -16.41 9.31
CA THR B 132 -13.41 -16.79 8.06
C THR B 132 -13.89 -18.13 7.53
N ASN B 133 -14.88 -18.75 8.17
CA ASN B 133 -15.43 -19.99 7.67
C ASN B 133 -16.24 -19.74 6.40
N TYR B 134 -16.22 -20.73 5.50
CA TYR B 134 -16.98 -20.67 4.26
C TYR B 134 -18.18 -21.61 4.28
N ASP B 135 -18.65 -22.00 5.46
CA ASP B 135 -19.84 -22.81 5.60
C ASP B 135 -20.99 -21.98 6.16
N ASN B 136 -22.16 -22.61 6.24
CA ASN B 136 -23.37 -21.95 6.72
C ASN B 136 -23.73 -22.36 8.14
N LEU B 137 -22.78 -22.92 8.89
CA LEU B 137 -23.08 -23.42 10.24
C LEU B 137 -23.47 -22.27 11.16
N ILE B 138 -22.69 -21.19 11.17
CA ILE B 138 -23.05 -20.05 12.00
C ILE B 138 -24.32 -19.39 11.48
N ASP B 139 -24.51 -19.38 10.16
CA ASP B 139 -25.75 -18.87 9.58
C ASP B 139 -26.96 -19.66 10.09
N THR B 140 -26.88 -20.98 10.08
CA THR B 140 -28.03 -21.78 10.51
C THR B 140 -28.21 -21.74 12.02
N ALA B 141 -27.12 -21.53 12.77
CA ALA B 141 -27.27 -21.30 14.20
C ALA B 141 -27.96 -19.99 14.50
N CYS B 142 -27.62 -18.93 13.74
CA CYS B 142 -28.30 -17.66 13.91
C CYS B 142 -29.76 -17.76 13.51
N TRP B 143 -30.06 -18.58 12.51
CA TRP B 143 -31.46 -18.86 12.19
C TRP B 143 -32.15 -19.61 13.33
N LYS B 144 -31.44 -20.55 13.96
CA LYS B 144 -32.00 -21.27 15.09
C LYS B 144 -32.35 -20.34 16.24
N ARG B 145 -31.43 -19.43 16.58
CA ARG B 145 -31.61 -18.61 17.79
C ARG B 145 -32.84 -17.72 17.69
N GLY B 146 -33.03 -17.05 16.55
CA GLY B 146 -34.08 -16.08 16.40
C GLY B 146 -33.59 -14.67 16.14
N LYS B 147 -32.27 -14.46 16.11
CA LYS B 147 -31.69 -13.16 15.80
C LYS B 147 -31.31 -13.17 14.33
N TYR B 148 -31.96 -12.33 13.53
CA TYR B 148 -31.73 -12.32 12.09
C TYR B 148 -30.39 -11.65 11.81
N PHE B 149 -29.34 -12.45 11.66
CA PHE B 149 -28.02 -11.97 11.31
C PHE B 149 -27.95 -11.84 9.79
N SER B 150 -28.00 -10.61 9.29
CA SER B 150 -27.81 -10.37 7.87
C SER B 150 -26.41 -10.82 7.50
N VAL B 151 -26.31 -11.86 6.69
CA VAL B 151 -25.03 -12.43 6.34
C VAL B 151 -24.42 -11.62 5.20
N ILE B 152 -23.10 -11.42 5.28
CA ILE B 152 -22.37 -10.61 4.32
C ILE B 152 -21.15 -11.42 3.91
N SER B 153 -21.15 -11.91 2.67
CA SER B 153 -20.03 -12.66 2.12
C SER B 153 -19.56 -12.12 0.79
N ALA B 154 -20.14 -11.02 0.31
CA ALA B 154 -19.74 -10.40 -0.94
C ALA B 154 -19.99 -8.90 -0.82
N GLU B 155 -19.41 -8.14 -1.75
CA GLU B 155 -19.50 -6.69 -1.70
C GLU B 155 -20.95 -6.22 -1.81
N GLU B 156 -21.73 -6.84 -2.69
CA GLU B 156 -23.10 -6.38 -2.90
C GLU B 156 -23.97 -6.61 -1.67
N ASP B 157 -23.55 -7.51 -0.78
CA ASP B 157 -24.35 -7.79 0.41
C ASP B 157 -24.30 -6.62 1.39
N VAL B 158 -23.23 -5.83 1.35
CA VAL B 158 -23.07 -4.74 2.31
C VAL B 158 -24.08 -3.63 2.03
N ALA B 159 -24.25 -3.27 0.76
CA ALA B 159 -25.14 -2.14 0.44
C ALA B 159 -26.59 -2.46 0.77
N ASN B 160 -27.01 -3.71 0.55
CA ASN B 160 -28.38 -4.12 0.84
C ASN B 160 -28.35 -5.24 1.89
N ALA B 161 -28.33 -4.80 3.15
CA ALA B 161 -28.47 -5.67 4.31
C ALA B 161 -29.41 -4.97 5.27
N THR B 162 -30.69 -5.36 5.23
CA THR B 162 -31.73 -4.58 5.89
C THR B 162 -31.49 -4.47 7.39
N SER B 163 -31.16 -5.58 8.04
CA SER B 163 -30.93 -5.56 9.47
C SER B 163 -29.60 -4.86 9.79
N SER B 164 -29.52 -4.35 11.02
CA SER B 164 -28.30 -3.72 11.51
C SER B 164 -27.35 -4.72 12.14
N ARG B 165 -27.68 -6.01 12.10
CA ARG B 165 -26.84 -7.07 12.65
C ARG B 165 -26.18 -7.80 11.50
N TYR B 166 -24.84 -7.80 11.48
CA TYR B 166 -24.08 -8.38 10.38
C TYR B 166 -23.35 -9.62 10.84
N LEU B 167 -23.51 -10.71 10.10
CA LEU B 167 -22.68 -11.90 10.22
C LEU B 167 -21.72 -11.85 9.04
N LEU B 168 -20.47 -11.51 9.33
CA LEU B 168 -19.49 -11.17 8.29
C LEU B 168 -18.63 -12.39 8.00
N LYS B 169 -18.81 -12.99 6.83
CA LYS B 169 -17.93 -14.06 6.37
C LYS B 169 -16.81 -13.40 5.57
N VAL B 170 -15.77 -12.97 6.29
CA VAL B 170 -14.67 -12.24 5.67
C VAL B 170 -13.83 -13.09 4.75
N ALA B 171 -14.13 -14.38 4.62
CA ALA B 171 -13.43 -15.25 3.68
C ALA B 171 -14.39 -15.83 2.65
N GLY B 172 -15.46 -15.09 2.34
CA GLY B 172 -16.42 -15.54 1.36
C GLY B 172 -17.32 -16.65 1.89
N ASP B 173 -18.15 -17.16 0.99
CA ASP B 173 -19.09 -18.22 1.32
C ASP B 173 -19.54 -18.89 0.03
N PHE B 174 -20.25 -20.00 0.18
CA PHE B 174 -20.74 -20.80 -0.94
C PHE B 174 -22.23 -20.58 -1.21
N ARG B 175 -22.77 -19.44 -0.80
CA ARG B 175 -24.20 -19.19 -0.99
C ARG B 175 -24.55 -19.08 -2.47
N LYS B 176 -23.80 -18.27 -3.22
CA LYS B 176 -24.08 -18.12 -4.65
C LYS B 176 -23.88 -19.42 -5.38
N GLY B 177 -22.79 -20.12 -5.10
CA GLY B 177 -22.46 -21.39 -5.73
C GLY B 177 -21.28 -22.01 -5.02
N PHE B 178 -20.81 -23.13 -5.57
CA PHE B 178 -19.69 -23.86 -4.98
C PHE B 178 -18.40 -23.68 -5.77
N LYS B 179 -18.27 -22.56 -6.49
CA LYS B 179 -17.06 -22.27 -7.23
C LYS B 179 -15.98 -21.73 -6.30
N GLY B 180 -14.74 -21.77 -6.78
CA GLY B 180 -13.63 -21.24 -6.02
C GLY B 180 -13.49 -19.74 -6.04
N GLU B 181 -14.26 -19.05 -6.89
CA GLU B 181 -14.20 -17.60 -6.95
C GLU B 181 -14.92 -16.96 -5.77
N ASN B 182 -15.88 -17.66 -5.16
CA ASN B 182 -16.69 -17.09 -4.10
C ASN B 182 -16.01 -17.14 -2.74
N VAL B 183 -14.86 -17.78 -2.63
CA VAL B 183 -14.18 -17.98 -1.35
C VAL B 183 -12.71 -17.62 -1.50
N VAL B 184 -12.17 -16.96 -0.48
CA VAL B 184 -10.76 -16.57 -0.44
C VAL B 184 -10.00 -17.69 0.27
N LEU B 185 -9.28 -18.49 -0.51
CA LEU B 185 -8.42 -19.51 0.07
C LEU B 185 -7.12 -19.76 -0.69
N LYS B 186 -6.84 -19.03 -1.76
CA LYS B 186 -5.64 -19.24 -2.55
C LYS B 186 -4.80 -17.97 -2.59
N GLU B 187 -3.61 -18.08 -3.20
CA GLU B 187 -2.58 -17.06 -2.99
C GLU B 187 -3.00 -15.71 -3.55
N ASP B 188 -3.39 -15.64 -4.83
CA ASP B 188 -3.72 -14.33 -5.39
C ASP B 188 -5.05 -13.83 -4.85
N ASP B 189 -5.88 -14.75 -4.34
CA ASP B 189 -7.10 -14.34 -3.64
C ASP B 189 -6.77 -13.57 -2.38
N TYR B 190 -5.75 -14.03 -1.64
CA TYR B 190 -5.31 -13.30 -0.46
C TYR B 190 -4.55 -12.04 -0.83
N LEU B 191 -3.76 -12.10 -1.92
CA LEU B 191 -2.98 -10.94 -2.34
C LEU B 191 -3.89 -9.79 -2.75
N ASN B 192 -4.98 -10.09 -3.46
CA ASN B 192 -5.93 -9.08 -3.91
C ASN B 192 -7.13 -8.97 -2.98
N TYR B 193 -6.96 -9.36 -1.71
CA TYR B 193 -8.08 -9.33 -0.77
C TYR B 193 -8.57 -7.90 -0.53
N ASP B 194 -7.66 -6.95 -0.32
CA ASP B 194 -8.08 -5.57 -0.11
C ASP B 194 -8.73 -5.00 -1.36
N GLN B 195 -8.20 -5.37 -2.53
CA GLN B 195 -8.77 -4.88 -3.79
C GLN B 195 -10.08 -5.58 -4.11
N ASN B 196 -10.16 -6.88 -3.88
CA ASN B 196 -11.37 -7.63 -4.23
C ASN B 196 -12.47 -7.49 -3.17
N TYR B 197 -12.13 -7.10 -1.95
CA TYR B 197 -13.11 -6.93 -0.87
C TYR B 197 -12.85 -5.62 -0.12
N PRO B 198 -13.06 -4.48 -0.78
CA PRO B 198 -12.94 -3.21 -0.02
C PRO B 198 -14.05 -3.01 0.98
N LEU B 199 -15.30 -3.28 0.59
CA LEU B 199 -16.43 -3.04 1.47
C LEU B 199 -16.40 -4.00 2.67
N ILE B 200 -16.13 -5.28 2.42
CA ILE B 200 -16.08 -6.25 3.51
C ILE B 200 -14.94 -5.93 4.47
N SER B 201 -13.76 -5.60 3.94
CA SER B 201 -12.63 -5.26 4.80
C SER B 201 -12.92 -4.01 5.62
N ASN B 202 -13.51 -2.99 4.98
CA ASN B 202 -13.85 -1.76 5.71
C ASN B 202 -14.86 -2.05 6.81
N LEU B 203 -15.87 -2.86 6.52
CA LEU B 203 -16.86 -3.21 7.54
C LEU B 203 -16.22 -3.98 8.68
N MET B 204 -15.34 -4.93 8.37
CA MET B 204 -14.67 -5.69 9.42
C MET B 204 -13.82 -4.79 10.30
N LYS B 205 -13.07 -3.87 9.69
CA LYS B 205 -12.24 -2.96 10.48
C LYS B 205 -13.09 -2.03 11.32
N THR B 206 -14.20 -1.53 10.78
CA THR B 206 -15.09 -0.67 11.56
C THR B 206 -15.70 -1.42 12.74
N ILE B 207 -16.12 -2.67 12.51
CA ILE B 207 -16.65 -3.50 13.59
C ILE B 207 -15.61 -3.78 14.66
N ILE B 208 -14.38 -4.09 14.28
CA ILE B 208 -13.31 -4.28 15.24
C ILE B 208 -13.03 -3.02 16.04
N ALA B 209 -13.08 -1.86 15.36
CA ALA B 209 -12.86 -0.59 16.05
C ALA B 209 -13.93 -0.31 17.08
N THR B 210 -15.20 -0.39 16.67
CA THR B 210 -16.28 0.06 17.54
C THR B 210 -16.58 -0.96 18.64
N HIS B 211 -16.52 -2.25 18.32
CA HIS B 211 -16.98 -3.30 19.22
C HIS B 211 -15.80 -4.01 19.87
N THR B 212 -16.11 -4.77 20.92
CA THR B 212 -15.13 -5.65 21.53
C THR B 212 -15.03 -6.94 20.72
N ILE B 213 -13.81 -7.33 20.37
CA ILE B 213 -13.57 -8.47 19.50
C ILE B 213 -12.99 -9.61 20.32
N VAL B 214 -13.58 -10.80 20.16
CA VAL B 214 -13.10 -12.02 20.80
C VAL B 214 -12.81 -13.04 19.72
N PHE B 215 -11.58 -13.54 19.69
CA PHE B 215 -11.15 -14.55 18.73
C PHE B 215 -11.34 -15.94 19.33
N ILE B 216 -12.07 -16.80 18.63
CA ILE B 216 -12.31 -18.16 19.08
C ILE B 216 -12.14 -19.10 17.89
N GLY B 217 -11.52 -20.25 18.12
CA GLY B 217 -11.32 -21.21 17.07
C GLY B 217 -10.21 -20.88 16.10
N TYR B 218 -9.31 -19.99 16.47
CA TYR B 218 -8.21 -19.57 15.61
C TYR B 218 -6.89 -20.04 16.19
N GLY B 219 -5.99 -20.48 15.31
CA GLY B 219 -4.62 -20.71 15.71
C GLY B 219 -3.91 -19.40 16.00
N LEU B 220 -3.00 -19.43 16.96
CA LEU B 220 -2.28 -18.21 17.33
C LEU B 220 -1.45 -17.70 16.17
N GLY B 221 -0.77 -18.60 15.45
CA GLY B 221 -0.05 -18.22 14.26
C GLY B 221 -0.87 -18.39 12.99
N ASP B 222 -1.97 -17.66 12.89
CA ASP B 222 -2.86 -17.74 11.73
C ASP B 222 -2.59 -16.57 10.80
N TYR B 223 -2.97 -16.76 9.53
CA TYR B 223 -2.77 -15.69 8.55
C TYR B 223 -3.72 -14.53 8.80
N ASN B 224 -5.00 -14.81 9.05
CA ASN B 224 -5.96 -13.75 9.29
C ASN B 224 -5.59 -12.93 10.52
N ILE B 225 -5.19 -13.62 11.60
CA ILE B 225 -4.81 -12.91 12.81
C ILE B 225 -3.57 -12.06 12.58
N ASN B 226 -2.61 -12.59 11.84
CA ASN B 226 -1.40 -11.81 11.55
C ASN B 226 -1.72 -10.57 10.73
N MET B 227 -2.59 -10.71 9.72
CA MET B 227 -2.98 -9.54 8.94
C MET B 227 -3.73 -8.52 9.80
N LEU B 228 -4.61 -8.98 10.68
CA LEU B 228 -5.35 -8.05 11.53
C LEU B 228 -4.42 -7.36 12.52
N LEU B 229 -3.43 -8.07 13.05
CA LEU B 229 -2.48 -7.45 13.96
C LEU B 229 -1.61 -6.45 13.21
N ASN B 230 -1.25 -6.75 11.96
CA ASN B 230 -0.51 -5.78 11.15
C ASN B 230 -1.32 -4.53 10.93
N TRP B 231 -2.62 -4.67 10.65
CA TRP B 231 -3.47 -3.48 10.53
C TRP B 231 -3.57 -2.73 11.84
N VAL B 232 -3.70 -3.46 12.96
CA VAL B 232 -3.82 -2.84 14.27
C VAL B 232 -2.57 -2.02 14.59
N ARG B 233 -1.39 -2.51 14.18
CA ARG B 233 -0.16 -1.77 14.41
C ARG B 233 -0.21 -0.39 13.77
N LYS B 234 -0.98 -0.22 12.70
CA LYS B 234 -1.09 1.09 12.06
C LYS B 234 -1.94 2.05 12.88
N LEU B 235 -2.79 1.53 13.76
CA LEU B 235 -3.69 2.38 14.52
C LEU B 235 -2.94 3.19 15.58
N GLN B 236 -3.53 4.32 15.95
CA GLN B 236 -2.96 5.14 17.02
C GLN B 236 -3.01 4.40 18.34
N LYS B 237 -2.02 4.66 19.19
CA LYS B 237 -1.92 3.94 20.46
C LYS B 237 -3.07 4.30 21.38
N ASP B 238 -3.63 3.27 22.03
CA ASP B 238 -4.74 3.38 22.98
C ASP B 238 -5.99 4.01 22.38
N SER B 239 -6.09 4.05 21.05
CA SER B 239 -7.27 4.57 20.36
C SER B 239 -8.29 3.49 20.05
N PHE B 240 -7.99 2.24 20.39
CA PHE B 240 -8.88 1.12 20.11
C PHE B 240 -8.92 0.21 21.33
N HIS B 241 -9.74 -0.83 21.22
CA HIS B 241 -9.83 -1.83 22.28
C HIS B 241 -9.12 -3.11 21.86
N LYS B 242 -8.24 -3.58 22.74
CA LYS B 242 -7.42 -4.75 22.42
C LYS B 242 -8.30 -5.99 22.31
N PRO B 243 -8.30 -6.69 21.17
CA PRO B 243 -9.14 -7.88 21.04
C PRO B 243 -8.72 -8.99 21.98
N PHE B 244 -9.70 -9.79 22.38
CA PHE B 244 -9.46 -10.99 23.17
C PHE B 244 -9.28 -12.19 22.25
N PHE B 245 -8.43 -13.12 22.68
CA PHE B 245 -8.11 -14.32 21.91
C PHE B 245 -8.28 -15.53 22.81
N ILE B 246 -9.26 -16.38 22.49
CA ILE B 246 -9.50 -17.61 23.23
C ILE B 246 -8.65 -18.69 22.58
N ARG B 247 -7.60 -19.13 23.29
CA ARG B 247 -6.67 -20.13 22.78
C ARG B 247 -7.09 -21.50 23.29
N THR B 248 -7.48 -22.38 22.36
CA THR B 248 -7.93 -23.72 22.70
C THR B 248 -6.91 -24.78 22.29
N ASP B 249 -5.65 -24.40 22.11
CA ASP B 249 -4.63 -25.34 21.70
C ASP B 249 -4.39 -26.38 22.80
N PRO B 250 -4.05 -27.62 22.43
CA PRO B 250 -3.90 -28.67 23.44
C PRO B 250 -2.82 -28.39 24.47
N SER B 251 -1.76 -27.69 24.11
CA SER B 251 -0.73 -27.45 25.10
C SER B 251 -0.83 -26.04 25.67
N PRO B 252 -0.41 -25.86 26.93
CA PRO B 252 -0.42 -24.50 27.51
C PRO B 252 0.48 -23.56 26.71
N ILE B 253 0.04 -22.32 26.58
CA ILE B 253 0.78 -21.34 25.81
C ILE B 253 2.09 -21.00 26.52
N GLU B 254 3.16 -20.89 25.74
CA GLU B 254 4.44 -20.50 26.31
C GLU B 254 4.39 -19.04 26.75
N ASN B 255 5.06 -18.75 27.87
CA ASN B 255 4.97 -17.42 28.45
C ASN B 255 5.54 -16.35 27.51
N GLU B 256 6.66 -16.67 26.85
CA GLU B 256 7.28 -15.70 25.94
C GLU B 256 6.38 -15.40 24.74
N THR B 257 5.76 -16.44 24.18
CA THR B 257 4.80 -16.23 23.10
C THR B 257 3.61 -15.41 23.58
N LEU B 258 3.16 -15.67 24.81
CA LEU B 258 2.06 -14.89 25.38
C LEU B 258 2.43 -13.43 25.51
N ILE B 259 3.66 -13.14 25.97
CA ILE B 259 4.10 -11.75 26.08
C ILE B 259 4.19 -11.10 24.71
N TYR B 260 4.73 -11.82 23.73
CA TYR B 260 4.87 -11.27 22.38
C TYR B 260 3.51 -10.92 21.80
N TYR B 261 2.52 -11.80 21.96
CA TYR B 261 1.22 -11.53 21.39
C TYR B 261 0.37 -10.58 22.22
N GLU B 262 0.64 -10.46 23.52
CA GLU B 262 -0.03 -9.46 24.33
C GLU B 262 0.51 -8.06 24.08
N ASN B 263 1.79 -7.93 23.74
CA ASN B 263 2.35 -6.65 23.34
C ASN B 263 1.97 -6.27 21.91
N LYS B 264 1.45 -7.22 21.14
CA LYS B 264 1.01 -6.96 19.77
C LYS B 264 -0.44 -6.51 19.69
N GLY B 265 -1.15 -6.45 20.81
CA GLY B 265 -2.52 -5.99 20.81
C GLY B 265 -3.53 -7.11 20.98
N LEU B 266 -3.21 -8.10 21.81
CA LEU B 266 -4.10 -9.22 22.09
C LEU B 266 -4.17 -9.46 23.59
N ARG B 267 -5.32 -9.91 24.05
CA ARG B 267 -5.51 -10.34 25.43
C ARG B 267 -5.87 -11.82 25.38
N ILE B 268 -4.93 -12.68 25.79
CA ILE B 268 -5.01 -14.11 25.55
C ILE B 268 -5.63 -14.80 26.76
N ILE B 269 -6.71 -15.52 26.53
CA ILE B 269 -7.34 -16.39 27.52
C ILE B 269 -7.08 -17.83 27.08
N ASP B 270 -6.26 -18.54 27.85
CA ASP B 270 -5.80 -19.86 27.45
C ASP B 270 -6.72 -20.94 28.02
N ALA B 271 -7.32 -21.73 27.14
CA ALA B 271 -8.19 -22.82 27.58
C ALA B 271 -7.38 -23.95 28.21
N ALA B 272 -6.20 -24.25 27.68
CA ALA B 272 -5.42 -25.36 28.19
C ALA B 272 -4.90 -25.09 29.60
N SER B 273 -4.82 -23.83 30.00
CA SER B 273 -4.37 -23.52 31.35
C SER B 273 -5.52 -23.55 32.34
N LEU B 274 -6.71 -23.10 31.92
CA LEU B 274 -7.86 -23.06 32.81
C LEU B 274 -8.26 -24.47 33.26
N ILE B 275 -8.27 -25.42 32.34
CA ILE B 275 -8.64 -26.80 32.64
C ILE B 275 -7.64 -27.75 32.00
N ASP B 276 -7.62 -28.98 32.47
CA ASP B 276 -6.74 -30.02 31.93
C ASP B 276 -7.58 -31.09 31.25
N SER B 277 -7.22 -31.43 30.01
CA SER B 277 -7.95 -32.42 29.24
C SER B 277 -7.01 -33.06 28.23
N ASN B 278 -7.48 -34.16 27.65
CA ASN B 278 -6.70 -34.85 26.62
C ASN B 278 -6.55 -33.99 25.39
N GLU B 279 -5.42 -34.16 24.69
CA GLU B 279 -5.15 -33.32 23.52
C GLU B 279 -6.10 -33.62 22.37
N TYR B 280 -6.61 -34.86 22.29
CA TYR B 280 -7.42 -35.24 21.13
C TYR B 280 -8.79 -34.58 21.15
N ASP B 281 -9.39 -34.39 22.33
CA ASP B 281 -10.70 -33.76 22.41
C ASP B 281 -10.57 -32.25 22.56
N TYR B 282 -11.56 -31.54 22.01
CA TYR B 282 -11.58 -30.08 22.05
C TYR B 282 -12.88 -29.49 22.54
N LEU B 283 -14.01 -30.15 22.32
CA LEU B 283 -15.29 -29.57 22.73
C LEU B 283 -15.30 -29.32 24.23
N GLU B 284 -14.49 -30.05 24.98
CA GLU B 284 -14.35 -29.77 26.41
C GLU B 284 -13.73 -28.40 26.66
N ARG B 285 -12.66 -28.06 25.92
CA ARG B 285 -11.98 -26.78 26.16
C ARG B 285 -12.82 -25.60 25.68
N TYR B 286 -13.35 -25.68 24.46
CA TYR B 286 -14.23 -24.64 23.96
C TYR B 286 -15.43 -24.47 24.89
N SER B 287 -16.01 -25.60 25.32
CA SER B 287 -17.16 -25.57 26.22
C SER B 287 -16.80 -24.94 27.56
N ALA B 288 -15.61 -25.24 28.08
CA ALA B 288 -15.19 -24.66 29.36
C ALA B 288 -15.06 -23.14 29.26
N VAL B 289 -14.39 -22.67 28.21
CA VAL B 289 -14.20 -21.23 28.08
C VAL B 289 -15.54 -20.53 27.84
N MET B 290 -16.37 -21.07 26.95
CA MET B 290 -17.66 -20.44 26.69
C MET B 290 -18.60 -20.56 27.90
N ASP B 291 -18.45 -21.60 28.72
CA ASP B 291 -19.23 -21.70 29.95
C ASP B 291 -18.81 -20.64 30.96
N LEU B 292 -17.49 -20.44 31.10
CA LEU B 292 -17.03 -19.32 31.93
C LEU B 292 -17.53 -17.99 31.40
N LEU B 293 -17.69 -17.87 30.08
CA LEU B 293 -18.22 -16.63 29.52
C LEU B 293 -19.71 -16.45 29.84
N ILE B 294 -20.52 -17.48 29.61
CA ILE B 294 -21.97 -17.34 29.76
C ILE B 294 -22.34 -17.24 31.24
N GLU B 295 -21.75 -18.10 32.07
CA GLU B 295 -22.15 -18.19 33.48
C GLU B 295 -21.66 -16.98 34.27
N SER B 296 -20.71 -16.24 33.72
CA SER B 296 -20.11 -15.13 34.46
C SER B 296 -21.11 -14.01 34.70
N GLN B 297 -21.07 -13.47 35.91
CA GLN B 297 -21.84 -12.28 36.27
C GLN B 297 -20.97 -11.40 37.15
N GLU B 298 -21.33 -10.12 37.22
CA GLU B 298 -20.52 -9.18 38.00
C GLU B 298 -20.47 -9.56 39.47
N ASN B 299 -21.54 -10.16 39.99
CA ASN B 299 -21.58 -10.60 41.38
C ASN B 299 -20.89 -11.94 41.60
N LYS B 300 -20.51 -12.65 40.53
CA LYS B 300 -19.84 -13.93 40.69
C LYS B 300 -18.43 -13.76 41.28
N PHE B 301 -17.78 -12.63 41.01
CA PHE B 301 -16.40 -12.43 41.43
C PHE B 301 -16.26 -11.63 42.71
N ILE B 302 -17.31 -10.94 43.16
CA ILE B 302 -17.20 -10.17 44.39
C ILE B 302 -17.31 -11.12 45.57
N THR B 303 -16.28 -11.12 46.41
CA THR B 303 -16.27 -11.85 47.66
C THR B 303 -15.86 -11.00 48.86
N LYS B 304 -14.91 -10.10 48.67
CA LYS B 304 -14.56 -9.14 49.71
C LYS B 304 -15.73 -8.20 49.96
N ASP B 305 -16.01 -7.95 51.23
CA ASP B 305 -17.05 -6.99 51.61
C ASP B 305 -16.71 -5.56 51.22
N ASP B 306 -15.44 -5.29 50.88
CA ASP B 306 -15.07 -4.04 50.25
C ASP B 306 -15.47 -4.00 48.78
N GLU B 307 -15.67 -5.15 48.15
CA GLU B 307 -16.17 -5.20 46.78
C GLU B 307 -17.68 -5.34 46.71
N VAL B 308 -18.32 -5.91 47.73
CA VAL B 308 -19.78 -5.93 47.77
C VAL B 308 -20.32 -4.51 47.83
N ILE B 309 -19.74 -3.68 48.70
CA ILE B 309 -20.13 -2.28 48.79
C ILE B 309 -19.85 -1.57 47.48
N ASP B 310 -18.71 -1.86 46.85
CA ASP B 310 -18.38 -1.24 45.57
C ASP B 310 -19.41 -1.59 44.50
N TYR B 311 -19.81 -2.87 44.45
CA TYR B 311 -20.81 -3.30 43.47
C TYR B 311 -22.15 -2.63 43.71
N ILE B 312 -22.64 -2.68 44.94
CA ILE B 312 -23.95 -2.12 45.24
C ILE B 312 -23.95 -0.62 45.01
N TYR B 313 -22.84 0.05 45.37
CA TYR B 313 -22.74 1.49 45.13
C TYR B 313 -22.67 1.79 43.64
N GLY B 314 -22.01 0.94 42.86
CA GLY B 314 -22.02 1.14 41.42
C GLY B 314 -23.41 1.03 40.83
N LYS B 315 -24.21 0.12 41.36
CA LYS B 315 -25.58 -0.02 40.86
C LYS B 315 -26.50 1.08 41.37
N ILE B 316 -26.20 1.66 42.54
CA ILE B 316 -27.13 2.59 43.19
C ILE B 316 -26.79 4.06 42.97
N SER B 317 -25.51 4.40 42.80
CA SER B 317 -25.08 5.79 42.74
C SER B 317 -25.83 6.66 41.75
N PRO B 318 -26.15 6.22 40.53
CA PRO B 318 -26.98 7.06 39.64
C PRO B 318 -28.35 7.38 40.22
N LEU B 319 -28.89 6.54 41.10
CA LEU B 319 -30.21 6.77 41.66
C LEU B 319 -30.22 7.88 42.70
N PHE B 320 -29.07 8.39 43.12
CA PHE B 320 -29.04 9.49 44.07
C PHE B 320 -29.60 10.78 43.48
N ALA B 321 -29.65 10.90 42.16
CA ALA B 321 -30.20 12.09 41.52
C ALA B 321 -31.73 12.12 41.56
N LEU B 322 -32.37 11.04 42.01
CA LEU B 322 -33.82 10.95 42.06
C LEU B 322 -34.28 11.02 43.51
N GLN B 323 -35.35 11.79 43.74
CA GLN B 323 -35.81 12.04 45.10
C GLN B 323 -36.23 10.75 45.80
N TYR B 324 -36.97 9.90 45.11
CA TYR B 324 -37.43 8.64 45.69
C TYR B 324 -37.56 7.62 44.58
N ILE B 325 -37.19 6.37 44.88
CA ILE B 325 -37.21 5.28 43.91
C ILE B 325 -38.21 4.24 44.40
N ARG B 326 -39.11 3.83 43.51
CA ARG B 326 -40.09 2.81 43.86
C ARG B 326 -39.39 1.53 44.29
N LYS B 327 -39.85 0.95 45.41
CA LYS B 327 -39.24 -0.26 45.92
C LYS B 327 -39.39 -1.41 44.93
N ILE B 328 -40.55 -1.49 44.27
CA ILE B 328 -40.78 -2.55 43.30
C ILE B 328 -39.97 -2.33 42.02
N ASP B 329 -39.39 -1.15 41.84
CA ASP B 329 -38.55 -0.88 40.68
C ASP B 329 -37.09 -1.25 40.90
N LEU B 330 -36.67 -1.44 42.16
CA LEU B 330 -35.29 -1.80 42.45
C LEU B 330 -34.89 -3.14 41.83
N LYS B 331 -35.86 -4.01 41.52
CA LYS B 331 -35.54 -5.25 40.84
C LYS B 331 -34.92 -5.00 39.47
N HIS B 332 -35.27 -3.87 38.84
CA HIS B 332 -34.64 -3.52 37.57
C HIS B 332 -33.19 -3.08 37.79
N VAL B 333 -32.90 -2.51 38.96
CA VAL B 333 -31.54 -2.03 39.23
C VAL B 333 -30.55 -3.18 39.18
N PHE B 334 -30.84 -4.27 39.89
CA PHE B 334 -29.90 -5.37 40.09
C PHE B 334 -30.07 -6.45 39.04
N GLU B 335 -30.68 -6.13 37.90
CA GLU B 335 -30.86 -7.08 36.80
C GLU B 335 -31.61 -8.33 37.26
N TYR B 336 -32.69 -8.11 38.01
CA TYR B 336 -33.53 -9.15 38.58
C TYR B 336 -32.77 -10.10 39.49
N ASP B 337 -31.64 -9.65 40.06
CA ASP B 337 -30.88 -10.51 40.96
C ASP B 337 -31.66 -10.79 42.24
N TYR B 338 -32.42 -9.82 42.72
CA TYR B 338 -33.18 -9.95 43.94
C TYR B 338 -34.62 -9.53 43.68
N HIS B 339 -35.47 -9.68 44.70
CA HIS B 339 -36.87 -9.32 44.62
C HIS B 339 -37.19 -8.36 45.76
N PHE B 340 -37.42 -7.10 45.42
CA PHE B 340 -37.80 -6.07 46.38
C PHE B 340 -39.30 -5.87 46.32
N GLU B 341 -39.96 -6.01 47.46
CA GLU B 341 -41.41 -5.88 47.51
C GLU B 341 -41.79 -4.68 48.38
N VAL B 342 -43.09 -4.42 48.48
CA VAL B 342 -43.59 -3.15 48.98
C VAL B 342 -43.31 -2.96 50.47
N ASN B 343 -43.26 -4.04 51.24
CA ASN B 343 -43.03 -3.92 52.67
C ASN B 343 -41.64 -3.36 52.96
N GLY B 344 -40.68 -3.66 52.11
CA GLY B 344 -39.29 -3.37 52.36
C GLY B 344 -38.45 -4.57 52.70
N THR B 345 -38.81 -5.75 52.19
CA THR B 345 -38.09 -6.98 52.48
C THR B 345 -37.49 -7.52 51.19
N VAL B 346 -36.17 -7.76 51.20
CA VAL B 346 -35.50 -8.25 50.01
C VAL B 346 -35.65 -9.76 49.92
N VAL B 347 -35.96 -10.25 48.72
CA VAL B 347 -36.11 -11.69 48.48
C VAL B 347 -35.11 -12.10 47.41
N ARG B 348 -34.32 -13.12 47.72
CA ARG B 348 -33.41 -13.69 46.72
C ARG B 348 -34.22 -14.37 45.63
N HIS B 349 -34.09 -13.89 44.40
CA HIS B 349 -34.94 -14.34 43.30
C HIS B 349 -34.14 -15.08 42.23
N LYS B 350 -33.05 -14.50 41.72
CA LYS B 350 -32.26 -15.14 40.68
C LYS B 350 -30.77 -15.09 40.98
N ASN B 351 -30.38 -14.99 42.24
CA ASN B 351 -28.96 -14.88 42.60
C ASN B 351 -28.33 -16.27 42.65
N LYS B 352 -27.44 -16.56 41.71
CA LYS B 352 -26.72 -17.81 41.69
C LYS B 352 -25.31 -17.70 42.25
N GLY B 353 -24.71 -16.53 42.22
CA GLY B 353 -23.39 -16.30 42.76
C GLY B 353 -23.43 -15.90 44.23
N PHE B 354 -22.46 -15.08 44.62
CA PHE B 354 -22.40 -14.59 45.98
C PHE B 354 -23.59 -13.71 46.29
N GLY B 355 -24.11 -13.82 47.51
CA GLY B 355 -25.22 -12.98 47.93
C GLY B 355 -24.74 -11.67 48.52
N TYR B 356 -24.73 -10.61 47.71
CA TYR B 356 -24.21 -9.33 48.17
C TYR B 356 -25.22 -8.59 49.04
N MET B 357 -26.51 -8.74 48.76
CA MET B 357 -27.52 -8.02 49.53
C MET B 357 -27.63 -8.55 50.96
N GLU B 358 -27.56 -9.87 51.13
CA GLU B 358 -27.60 -10.44 52.48
C GLU B 358 -26.44 -9.95 53.31
N ARG B 359 -25.24 -9.93 52.72
CA ARG B 359 -24.07 -9.44 53.45
C ARG B 359 -24.15 -7.95 53.69
N PHE B 360 -24.74 -7.19 52.76
CA PHE B 360 -24.96 -5.77 53.01
C PHE B 360 -25.87 -5.54 54.21
N PHE B 361 -26.97 -6.31 54.29
CA PHE B 361 -27.88 -6.16 55.41
C PHE B 361 -27.24 -6.62 56.72
N GLU B 362 -26.43 -7.68 56.66
CA GLU B 362 -25.72 -8.12 57.87
C GLU B 362 -24.73 -7.06 58.33
N LEU B 363 -24.02 -6.44 57.38
CA LEU B 363 -23.09 -5.37 57.71
C LEU B 363 -23.83 -4.16 58.28
N LYS B 364 -25.02 -3.87 57.77
CA LYS B 364 -25.80 -2.75 58.27
C LYS B 364 -26.29 -3.02 59.70
N GLU B 365 -26.80 -4.23 59.95
CA GLU B 365 -27.33 -4.55 61.27
C GLU B 365 -26.21 -4.83 62.27
N GLU B 369 -19.72 -4.02 61.93
CA GLU B 369 -18.32 -4.33 61.69
C GLU B 369 -17.85 -3.62 60.43
N ARG B 370 -18.55 -2.54 60.07
CA ARG B 370 -18.29 -1.78 58.85
C ARG B 370 -17.00 -0.98 58.91
N SER B 371 -16.34 -0.91 60.07
CA SER B 371 -15.07 -0.19 60.14
C SER B 371 -13.97 -0.91 59.39
N LYS B 372 -14.10 -2.23 59.22
CA LYS B 372 -13.08 -2.99 58.50
C LYS B 372 -13.03 -2.63 57.02
N LEU B 373 -14.14 -2.11 56.47
CA LEU B 373 -14.12 -1.64 55.09
C LEU B 373 -13.19 -0.45 54.94
N SER B 374 -12.64 -0.29 53.74
CA SER B 374 -11.81 0.87 53.46
C SER B 374 -12.61 2.15 53.63
N LYS B 375 -11.91 3.24 53.94
CA LYS B 375 -12.60 4.50 54.25
C LYS B 375 -13.40 4.99 53.06
N LYS B 376 -12.87 4.83 51.84
CA LYS B 376 -13.65 5.17 50.65
C LYS B 376 -14.88 4.28 50.53
N GLN B 377 -14.73 2.99 50.88
CA GLN B 377 -15.90 2.11 50.91
C GLN B 377 -16.85 2.48 52.04
N TYR B 378 -16.31 2.98 53.15
CA TYR B 378 -17.16 3.40 54.28
C TYR B 378 -18.01 4.60 53.91
N GLU B 379 -17.42 5.61 53.26
CA GLU B 379 -18.20 6.78 52.87
C GLU B 379 -19.24 6.44 51.82
N ARG B 380 -18.98 5.41 51.02
CA ARG B 380 -19.99 4.95 50.07
C ARG B 380 -21.09 4.18 50.77
N PHE B 381 -20.73 3.35 51.76
CA PHE B 381 -21.73 2.59 52.50
C PHE B 381 -22.63 3.50 53.32
N ASN B 382 -22.12 4.65 53.77
CA ASN B 382 -22.97 5.59 54.51
C ASN B 382 -24.11 6.09 53.61
N ALA B 383 -23.78 6.57 52.42
CA ALA B 383 -24.81 7.00 51.49
C ALA B 383 -25.68 5.83 51.05
N LEU B 384 -25.11 4.64 50.95
CA LEU B 384 -25.88 3.46 50.59
C LEU B 384 -26.93 3.16 51.64
N PHE B 385 -26.56 3.24 52.92
CA PHE B 385 -27.51 3.05 54.01
C PHE B 385 -28.57 4.14 54.01
N ASN B 386 -28.16 5.38 53.75
CA ASN B 386 -29.14 6.47 53.68
C ASN B 386 -30.16 6.23 52.58
N PHE B 387 -29.70 5.81 51.40
CA PHE B 387 -30.61 5.53 50.30
C PHE B 387 -31.51 4.32 50.61
N PHE B 388 -30.95 3.27 51.18
CA PHE B 388 -31.70 2.06 51.48
C PHE B 388 -32.63 2.23 52.68
N GLU B 389 -32.48 3.31 53.45
CA GLU B 389 -33.41 3.60 54.54
C GLU B 389 -34.48 4.60 54.13
N LYS B 390 -34.12 5.63 53.36
CA LYS B 390 -35.10 6.63 52.94
C LYS B 390 -36.19 6.00 52.08
N ASN B 391 -35.81 5.10 51.17
CA ASN B 391 -36.78 4.52 50.25
C ASN B 391 -37.68 3.47 50.90
N GLY B 392 -37.16 2.78 51.91
CA GLY B 392 -37.85 1.64 52.48
C GLY B 392 -36.86 0.54 52.79
N VAL B 393 -37.08 -0.65 52.20
CA VAL B 393 -36.12 -1.75 52.20
C VAL B 393 -35.48 -1.91 53.57
N ILE B 394 -36.31 -2.17 54.59
CA ILE B 394 -35.83 -2.10 55.96
C ILE B 394 -34.84 -3.22 56.26
N CYS B 395 -35.08 -4.42 55.73
CA CYS B 395 -34.25 -5.57 56.07
C CYS B 395 -34.58 -6.73 55.12
N MET B 396 -33.94 -7.87 55.36
CA MET B 396 -34.13 -9.07 54.57
C MET B 396 -35.48 -9.69 54.87
N ALA B 397 -35.97 -10.50 53.91
CA ALA B 397 -37.28 -11.12 54.06
C ALA B 397 -37.32 -12.08 55.24
N LYS B 398 -36.25 -12.86 55.43
CA LYS B 398 -36.20 -13.81 56.53
C LYS B 398 -36.31 -13.12 57.89
N ASP B 399 -35.75 -11.91 58.02
CA ASP B 399 -35.89 -11.14 59.25
C ASP B 399 -36.90 -10.02 59.06
N SER B 406 -46.63 3.33 57.18
CA SER B 406 -46.68 4.79 57.21
C SER B 406 -45.98 5.39 56.01
N ILE B 407 -46.61 6.41 55.40
CA ILE B 407 -46.08 7.08 54.23
C ILE B 407 -46.03 8.57 54.48
N GLU B 408 -44.98 9.22 53.97
CA GLU B 408 -44.85 10.67 54.01
C GLU B 408 -44.36 11.15 52.65
N ILE B 409 -45.20 11.89 51.94
CA ILE B 409 -44.87 12.42 50.63
C ILE B 409 -44.64 13.93 50.78
N ASN B 410 -43.41 14.37 50.57
CA ASN B 410 -43.02 15.74 50.80
C ASN B 410 -43.00 16.49 49.47
N SER B 411 -44.09 17.18 49.17
CA SER B 411 -44.19 17.99 47.96
C SER B 411 -45.36 18.96 48.12
N LEU B 412 -45.07 20.24 47.95
CA LEU B 412 -46.11 21.26 48.06
C LEU B 412 -47.18 21.12 46.99
N ALA B 413 -46.92 20.35 45.93
CA ALA B 413 -47.94 20.09 44.93
C ALA B 413 -48.95 19.07 45.42
N TYR B 414 -48.51 18.08 46.20
CA TYR B 414 -49.44 17.11 46.75
C TYR B 414 -50.38 17.75 47.76
N HIS B 415 -49.83 18.47 48.73
CA HIS B 415 -50.62 18.96 49.86
C HIS B 415 -51.49 20.16 49.52
N GLY B 416 -51.55 20.54 48.24
CA GLY B 416 -52.37 21.67 47.84
C GLY B 416 -51.91 22.99 48.40
N LYS B 417 -50.59 23.17 48.54
CA LYS B 417 -50.04 24.43 49.02
C LYS B 417 -49.92 25.39 47.83
N TYR B 418 -51.09 25.87 47.40
CA TYR B 418 -51.18 26.71 46.21
C TYR B 418 -50.71 28.14 46.43
N ASP B 419 -50.27 28.47 47.64
CA ASP B 419 -49.68 29.78 47.94
C ASP B 419 -48.18 29.70 48.17
N VAL B 420 -47.70 28.66 48.85
CA VAL B 420 -46.26 28.48 49.03
C VAL B 420 -45.60 28.18 47.69
N MET B 421 -46.30 27.45 46.82
CA MET B 421 -45.72 27.13 45.52
C MET B 421 -45.45 28.38 44.70
N LYS B 422 -46.38 29.35 44.73
CA LYS B 422 -46.15 30.61 44.02
C LYS B 422 -44.94 31.35 44.58
N LYS B 423 -44.78 31.35 45.90
CA LYS B 423 -43.64 32.03 46.51
C LYS B 423 -42.33 31.35 46.13
N PHE B 424 -42.34 30.02 46.03
CA PHE B 424 -41.18 29.31 45.50
C PHE B 424 -40.96 29.66 44.03
N ILE B 425 -42.05 29.89 43.30
CA ILE B 425 -41.96 30.19 41.88
C ILE B 425 -41.27 31.52 41.65
N GLU B 426 -41.64 32.54 42.42
CA GLU B 426 -41.05 33.86 42.23
C GLU B 426 -39.58 33.89 42.62
N GLU B 427 -39.18 33.02 43.54
CA GLU B 427 -37.78 32.95 43.96
C GLU B 427 -36.88 32.54 42.79
N GLN B 428 -35.69 33.13 42.73
CA GLN B 428 -34.73 32.75 41.70
C GLN B 428 -34.15 31.38 42.00
N SER B 429 -34.09 30.53 40.98
CA SER B 429 -33.68 29.15 41.13
C SER B 429 -32.15 29.06 41.14
N VAL B 430 -31.62 28.27 42.08
CA VAL B 430 -30.18 28.19 42.27
C VAL B 430 -29.55 27.16 41.34
N SER B 431 -30.23 26.03 41.11
CA SER B 431 -29.65 24.93 40.35
C SER B 431 -30.69 24.37 39.38
N ILE B 432 -30.23 23.40 38.57
CA ILE B 432 -31.10 22.82 37.54
C ILE B 432 -32.25 22.04 38.17
N GLU B 433 -31.98 21.36 39.30
CA GLU B 433 -33.05 20.66 40.00
C GLU B 433 -34.10 21.64 40.53
N ASP B 434 -33.68 22.86 40.88
CA ASP B 434 -34.63 23.84 41.36
C ASP B 434 -35.40 24.49 40.22
N ASP B 435 -34.88 24.41 38.99
CA ASP B 435 -35.74 24.73 37.84
C ASP B 435 -36.68 23.58 37.53
N TYR B 436 -36.27 22.34 37.80
CA TYR B 436 -37.17 21.21 37.63
C TYR B 436 -38.38 21.32 38.56
N LYS B 437 -38.12 21.51 39.86
CA LYS B 437 -39.21 21.66 40.81
C LYS B 437 -40.06 22.88 40.48
N LYS B 438 -39.42 23.98 40.07
CA LYS B 438 -40.13 25.18 39.70
C LYS B 438 -41.03 24.95 38.48
N ALA B 439 -40.55 24.22 37.47
CA ALA B 439 -41.38 23.92 36.31
C ALA B 439 -42.56 23.03 36.68
N PHE B 440 -42.34 22.03 37.54
CA PHE B 440 -43.46 21.21 37.97
C PHE B 440 -44.50 22.04 38.73
N PHE B 441 -44.04 22.95 39.60
CA PHE B 441 -44.97 23.81 40.32
C PHE B 441 -45.70 24.75 39.38
N LEU B 442 -45.00 25.27 38.36
CA LEU B 442 -45.66 26.04 37.31
C LEU B 442 -46.77 25.21 36.67
N ALA B 443 -46.49 23.96 36.34
CA ALA B 443 -47.49 23.10 35.72
C ALA B 443 -48.68 22.90 36.63
N CYS B 444 -48.46 22.73 37.93
CA CYS B 444 -49.55 22.47 38.85
C CYS B 444 -50.54 23.63 38.91
N LEU B 445 -50.05 24.87 38.97
CA LEU B 445 -50.92 26.04 39.04
C LEU B 445 -51.34 26.50 37.65
N GLY B 446 -51.90 25.59 36.85
CA GLY B 446 -52.17 25.93 35.47
C GLY B 446 -50.87 26.29 34.77
N ARG B 447 -50.86 27.46 34.14
CA ARG B 447 -49.63 28.09 33.64
C ARG B 447 -48.77 27.12 32.85
N TRP B 448 -49.42 26.29 32.02
CA TRP B 448 -48.65 25.32 31.26
C TRP B 448 -47.80 25.98 30.19
N GLU B 449 -48.10 27.22 29.81
CA GLU B 449 -47.23 27.94 28.90
C GLU B 449 -45.88 28.23 29.54
N GLU B 450 -45.89 28.80 30.75
CA GLU B 450 -44.66 29.09 31.46
C GLU B 450 -43.91 27.81 31.82
N SER B 451 -44.64 26.78 32.25
CA SER B 451 -44.00 25.51 32.59
C SER B 451 -43.38 24.87 31.34
N TYR B 452 -44.07 24.94 30.21
CA TYR B 452 -43.53 24.43 28.96
C TYR B 452 -42.24 25.16 28.58
N ASP B 453 -42.26 26.50 28.70
CA ASP B 453 -41.06 27.28 28.37
C ASP B 453 -39.91 26.94 29.31
N LEU B 454 -40.21 26.79 30.60
CA LEU B 454 -39.16 26.46 31.57
C LEU B 454 -38.59 25.07 31.31
N TYR B 455 -39.44 24.11 30.94
CA TYR B 455 -38.94 22.78 30.63
C TYR B 455 -38.09 22.79 29.37
N SER B 456 -38.50 23.56 28.36
CA SER B 456 -37.66 23.68 27.16
C SER B 456 -36.31 24.30 27.51
N ASN B 457 -36.31 25.31 28.38
CA ASN B 457 -35.06 25.91 28.82
C ASN B 457 -34.19 24.91 29.57
N ILE B 458 -34.81 24.08 30.42
CA ILE B 458 -34.07 23.07 31.16
C ILE B 458 -33.43 22.07 30.22
N ILE B 459 -34.19 21.56 29.26
CA ILE B 459 -33.65 20.65 28.26
C ILE B 459 -32.52 21.32 27.48
N LEU B 460 -32.65 22.62 27.20
CA LEU B 460 -31.58 23.35 26.54
C LEU B 460 -30.32 23.40 27.40
N ASN B 461 -30.47 23.61 28.70
CA ASN B 461 -29.34 23.85 29.59
C ASN B 461 -28.77 22.60 30.23
N SER B 462 -29.38 21.43 30.04
CA SER B 462 -28.95 20.20 30.69
C SER B 462 -27.96 19.49 29.77
N ILE B 463 -26.76 20.04 29.65
CA ILE B 463 -25.74 19.47 28.80
C ILE B 463 -24.53 19.05 29.62
N ASN B 467 -25.54 13.74 35.43
CA ASN B 467 -26.45 12.63 35.68
C ASN B 467 -27.17 12.22 34.41
N GLY B 468 -27.82 13.18 33.77
CA GLY B 468 -28.59 12.94 32.57
C GLY B 468 -30.02 12.52 32.81
N CYS B 469 -30.40 12.22 34.05
CA CYS B 469 -31.77 11.88 34.38
C CYS B 469 -32.68 13.09 34.43
N VAL B 470 -32.13 14.26 34.76
CA VAL B 470 -32.92 15.49 34.70
C VAL B 470 -33.35 15.80 33.27
N TYR B 471 -32.47 15.62 32.29
CA TYR B 471 -32.85 15.81 30.89
C TYR B 471 -33.97 14.86 30.50
N TYR B 472 -33.85 13.59 30.89
CA TYR B 472 -34.86 12.58 30.58
C TYR B 472 -36.22 12.95 31.17
N LEU B 473 -36.24 13.23 32.48
CA LEU B 473 -37.50 13.55 33.14
C LEU B 473 -38.08 14.86 32.63
N SER B 474 -37.22 15.82 32.27
CA SER B 474 -37.70 17.07 31.70
C SER B 474 -38.34 16.85 30.34
N GLN B 475 -37.76 15.97 29.51
CA GLN B 475 -38.39 15.63 28.24
C GLN B 475 -39.76 14.99 28.46
N ILE B 476 -39.84 14.06 29.41
CA ILE B 476 -41.12 13.40 29.69
C ILE B 476 -42.15 14.40 30.16
N ASN B 477 -41.78 15.25 31.12
CA ASN B 477 -42.72 16.23 31.66
C ASN B 477 -43.11 17.25 30.60
N ARG B 478 -42.17 17.64 29.74
CA ARG B 478 -42.48 18.58 28.67
C ARG B 478 -43.48 17.99 27.69
N TYR B 479 -43.31 16.71 27.34
CA TYR B 479 -44.29 16.07 26.47
C TYR B 479 -45.65 15.96 27.15
N ARG B 480 -45.67 15.65 28.46
CA ARG B 480 -46.94 15.58 29.18
C ARG B 480 -47.63 16.93 29.20
N ILE B 481 -46.87 18.01 29.39
CA ILE B 481 -47.45 19.35 29.39
C ILE B 481 -47.98 19.70 28.01
N TYR B 482 -47.26 19.31 26.96
CA TYR B 482 -47.78 19.52 25.61
C TYR B 482 -49.10 18.78 25.41
N GLN B 483 -49.17 17.53 25.87
CA GLN B 483 -50.41 16.77 25.77
C GLN B 483 -51.55 17.47 26.51
N SER B 484 -51.28 17.92 27.72
CA SER B 484 -52.31 18.58 28.51
C SER B 484 -52.78 19.86 27.84
N ILE B 485 -51.85 20.63 27.26
CA ILE B 485 -52.23 21.85 26.56
C ILE B 485 -53.12 21.55 25.37
N THR B 486 -52.76 20.52 24.59
CA THR B 486 -53.57 20.17 23.42
C THR B 486 -54.96 19.71 23.82
N GLN B 487 -55.04 18.86 24.85
CA GLN B 487 -56.36 18.39 25.30
C GLN B 487 -57.20 19.52 25.87
N ALA B 488 -56.57 20.44 26.61
CA ALA B 488 -57.29 21.59 27.13
C ALA B 488 -57.81 22.48 26.00
N VAL B 489 -57.01 22.68 24.96
CA VAL B 489 -57.45 23.49 23.83
C VAL B 489 -58.61 22.82 23.12
N THR B 490 -58.53 21.50 22.93
CA THR B 490 -59.62 20.77 22.31
C THR B 490 -60.90 20.88 23.12
N GLN B 491 -60.78 20.75 24.45
CA GLN B 491 -61.96 20.87 25.31
C GLN B 491 -62.53 22.28 25.28
N PHE B 492 -61.67 23.30 25.33
CA PHE B 492 -62.14 24.67 25.35
C PHE B 492 -62.84 25.03 24.05
N ASN B 493 -62.30 24.58 22.91
CA ASN B 493 -62.96 24.80 21.63
C ASN B 493 -64.30 24.07 21.59
N GLY B 494 -64.30 22.81 22.00
CA GLY B 494 -65.49 21.99 21.94
C GLY B 494 -66.48 22.14 23.09
N LEU B 495 -66.03 21.82 24.30
CA LEU B 495 -66.96 21.75 25.43
C LEU B 495 -66.98 23.05 26.22
N GLY B 496 -65.90 23.84 26.13
CA GLY B 496 -65.82 25.10 26.85
C GLY B 496 -66.90 26.08 26.47
N LEU B 497 -67.21 26.15 25.16
CA LEU B 497 -68.25 27.06 24.70
C LEU B 497 -69.60 26.72 25.32
N LEU B 498 -69.92 25.43 25.39
CA LEU B 498 -71.21 25.02 25.93
C LEU B 498 -71.25 25.16 27.44
N THR B 499 -70.16 24.82 28.12
CA THR B 499 -70.17 24.82 29.59
C THR B 499 -70.04 26.25 30.13
N PHE B 500 -68.95 26.93 29.80
CA PHE B 500 -68.70 28.27 30.32
C PHE B 500 -69.58 29.34 29.69
N GLY B 501 -70.19 29.05 28.54
CA GLY B 501 -70.97 30.03 27.83
C GLY B 501 -70.18 30.98 26.95
N ARG B 502 -68.86 30.84 26.92
CA ARG B 502 -67.99 31.71 26.13
C ARG B 502 -66.69 31.01 25.82
N HIS B 503 -66.06 31.42 24.72
CA HIS B 503 -64.76 30.88 24.35
C HIS B 503 -63.67 31.56 25.16
N TYR B 504 -62.74 30.77 25.68
CA TYR B 504 -61.73 31.28 26.61
C TYR B 504 -60.37 31.50 25.94
N LYS B 505 -59.85 30.49 25.24
CA LYS B 505 -58.57 30.57 24.56
C LYS B 505 -57.47 31.02 25.53
N PRO B 506 -57.04 30.15 26.45
CA PRO B 506 -56.01 30.56 27.41
C PRO B 506 -54.62 30.59 26.83
N PHE B 507 -54.41 30.00 25.66
CA PHE B 507 -53.10 29.95 25.01
C PHE B 507 -53.19 30.69 23.68
N THR B 508 -52.21 31.55 23.42
CA THR B 508 -52.18 32.30 22.16
C THR B 508 -51.99 31.35 20.99
N ASP B 509 -52.60 31.72 19.86
CA ASP B 509 -52.51 30.88 18.66
C ASP B 509 -51.07 30.73 18.20
N GLU B 510 -50.25 31.78 18.40
CA GLU B 510 -48.83 31.67 18.09
C GLU B 510 -48.17 30.62 18.98
N PHE B 511 -48.50 30.61 20.27
CA PHE B 511 -47.94 29.62 21.18
C PHE B 511 -48.37 28.22 20.77
N LEU B 512 -49.63 28.05 20.37
CA LEU B 512 -50.08 26.74 19.91
C LEU B 512 -49.35 26.31 18.66
N ALA B 513 -49.16 27.22 17.70
CA ALA B 513 -48.41 26.87 16.50
C ALA B 513 -46.99 26.45 16.85
N ARG B 514 -46.36 27.18 17.79
CA ARG B 514 -44.99 26.85 18.19
C ARG B 514 -44.92 25.47 18.85
N ILE B 515 -45.85 25.18 19.77
CA ILE B 515 -45.79 23.89 20.44
C ILE B 515 -46.07 22.76 19.46
N GLU B 516 -46.98 22.97 18.50
CA GLU B 516 -47.22 21.93 17.51
C GLU B 516 -46.01 21.69 16.64
N ARG B 517 -45.41 22.76 16.09
CA ARG B 517 -44.27 22.57 15.20
C ARG B 517 -43.08 21.98 15.95
N GLU B 518 -42.99 22.24 17.25
CA GLU B 518 -41.89 21.65 18.03
C GLU B 518 -42.17 20.19 18.33
N MET B 519 -43.43 19.83 18.62
CA MET B 519 -43.75 18.50 19.11
C MET B 519 -44.07 17.48 18.03
N THR B 520 -44.16 17.87 16.75
CA THR B 520 -44.17 16.85 15.71
C THR B 520 -42.78 16.23 15.58
N ASN B 521 -42.76 15.02 15.04
CA ASN B 521 -41.55 14.20 14.88
C ASN B 521 -40.94 13.78 16.20
N PHE B 522 -41.64 13.99 17.33
CA PHE B 522 -41.16 13.56 18.64
C PHE B 522 -42.03 12.39 19.09
N ASN B 523 -41.49 11.18 18.96
CA ASN B 523 -42.18 9.98 19.41
C ASN B 523 -41.67 9.69 20.82
N ILE B 524 -42.60 9.53 21.77
CA ILE B 524 -42.22 9.41 23.17
C ILE B 524 -41.62 8.04 23.46
N ASP B 525 -41.90 7.04 22.61
CA ASP B 525 -41.41 5.69 22.89
C ASP B 525 -39.90 5.57 22.66
N ASP B 526 -39.38 6.22 21.63
CA ASP B 526 -37.95 6.20 21.37
C ASP B 526 -37.21 7.30 22.12
N LEU B 527 -37.82 7.90 23.14
CA LEU B 527 -37.14 8.92 23.92
C LEU B 527 -36.06 8.30 24.80
N PHE B 528 -36.27 7.07 25.27
CA PHE B 528 -35.27 6.39 26.08
C PHE B 528 -34.25 5.64 25.23
N ASN B 529 -34.63 5.21 24.02
CA ASN B 529 -33.66 4.56 23.15
C ASN B 529 -32.67 5.57 22.57
N GLY B 530 -33.15 6.77 22.26
CA GLY B 530 -32.27 7.84 21.84
C GLY B 530 -31.57 8.50 23.02
N MET B 531 -30.83 7.71 23.77
CA MET B 531 -30.21 8.12 25.02
C MET B 531 -28.76 7.69 25.00
N PRO B 532 -27.90 8.31 25.80
CA PRO B 532 -26.54 7.79 25.96
C PRO B 532 -26.56 6.37 26.51
N PHE B 533 -25.56 5.58 26.11
CA PHE B 533 -25.48 4.20 26.57
C PHE B 533 -25.32 4.13 28.08
N GLU B 534 -24.55 5.06 28.66
CA GLU B 534 -24.36 5.04 30.11
C GLU B 534 -25.67 5.29 30.85
N PHE B 535 -26.48 6.24 30.36
CA PHE B 535 -27.76 6.50 30.99
C PHE B 535 -28.68 5.29 30.87
N GLN B 536 -28.70 4.65 29.70
CA GLN B 536 -29.56 3.48 29.51
C GLN B 536 -29.13 2.34 30.43
N LYS B 537 -27.82 2.19 30.64
CA LYS B 537 -27.34 1.12 31.51
C LYS B 537 -27.65 1.42 32.97
N LYS B 538 -27.43 2.67 33.40
CA LYS B 538 -27.66 3.01 34.80
C LYS B 538 -29.14 3.16 35.11
N TYR B 539 -29.82 4.03 34.37
CA TYR B 539 -31.22 4.35 34.65
C TYR B 539 -32.16 3.45 33.84
N LYS B 540 -32.01 2.15 34.08
CA LYS B 540 -32.92 1.18 33.47
C LYS B 540 -34.31 1.24 34.11
N ILE B 541 -34.38 1.71 35.36
CA ILE B 541 -35.66 1.75 36.07
C ILE B 541 -36.57 2.86 35.56
N LEU B 542 -36.03 3.86 34.88
CA LEU B 542 -36.83 4.94 34.33
C LEU B 542 -37.38 4.61 32.95
N GLU B 543 -37.01 3.45 32.39
CA GLU B 543 -37.45 3.07 31.06
C GLU B 543 -38.96 3.09 30.95
N PHE B 544 -39.66 2.61 31.98
CA PHE B 544 -41.11 2.55 31.92
C PHE B 544 -41.73 3.92 31.77
N LEU B 545 -41.07 4.97 32.26
CA LEU B 545 -41.60 6.31 32.10
C LEU B 545 -41.60 6.76 30.64
N SER B 546 -40.81 6.12 29.78
CA SER B 546 -40.67 6.59 28.41
C SER B 546 -41.93 6.35 27.59
N ASP B 547 -42.53 5.18 27.72
CA ASP B 547 -43.63 4.82 26.83
C ASP B 547 -44.88 5.63 27.17
N ASN B 548 -45.77 5.72 26.18
CA ASN B 548 -47.00 6.50 26.32
C ASN B 548 -48.00 5.86 27.26
N GLN B 549 -47.79 4.60 27.66
CA GLN B 549 -48.67 3.90 28.60
C GLN B 549 -47.79 3.21 29.65
N PHE B 550 -47.50 3.94 30.73
CA PHE B 550 -46.60 3.43 31.75
C PHE B 550 -47.31 2.88 32.96
N LEU B 551 -48.59 3.20 33.15
CA LEU B 551 -49.36 2.68 34.26
C LEU B 551 -50.04 1.36 33.93
N TYR B 552 -49.81 0.80 32.74
CA TYR B 552 -50.42 -0.47 32.39
C TYR B 552 -49.95 -1.58 33.30
N ASP B 553 -48.66 -1.61 33.64
CA ASP B 553 -48.16 -2.62 34.57
C ASP B 553 -48.78 -2.45 35.95
N ASP B 554 -48.78 -1.21 36.46
CA ASP B 554 -49.37 -0.95 37.77
C ASP B 554 -50.87 -1.24 37.77
N THR B 555 -51.57 -0.87 36.70
CA THR B 555 -53.01 -1.13 36.62
C THR B 555 -53.28 -2.63 36.55
N VAL B 556 -52.47 -3.38 35.82
CA VAL B 556 -52.65 -4.82 35.72
C VAL B 556 -52.42 -5.48 37.09
N LYS B 557 -51.37 -5.06 37.79
CA LYS B 557 -51.14 -5.57 39.13
C LYS B 557 -52.29 -5.22 40.07
N LEU B 558 -52.81 -4.00 39.95
CA LEU B 558 -53.97 -3.61 40.75
C LEU B 558 -55.19 -4.46 40.42
N PHE B 559 -55.36 -4.82 39.14
CA PHE B 559 -56.47 -5.69 38.76
C PHE B 559 -56.31 -7.08 39.35
N GLU B 560 -55.10 -7.63 39.31
CA GLU B 560 -54.87 -8.95 39.90
C GLU B 560 -55.17 -8.92 41.39
N LEU B 561 -54.67 -7.89 42.08
CA LEU B 561 -54.94 -7.77 43.51
C LEU B 561 -56.41 -7.50 43.78
N THR B 562 -57.09 -6.79 42.89
CA THR B 562 -58.52 -6.56 43.03
C THR B 562 -59.30 -7.87 42.95
N ASN B 563 -58.93 -8.71 41.99
CA ASN B 563 -59.56 -10.01 41.87
C ASN B 563 -59.29 -10.86 43.10
N LYS B 564 -58.06 -10.83 43.62
CA LYS B 564 -57.75 -11.59 44.83
C LYS B 564 -58.55 -11.09 46.01
N VAL B 565 -58.68 -9.77 46.15
CA VAL B 565 -59.43 -9.19 47.27
C VAL B 565 -60.91 -9.55 47.17
N ARG B 566 -61.47 -9.47 45.96
CA ARG B 566 -62.87 -9.83 45.79
C ARG B 566 -63.09 -11.31 46.04
N SER B 567 -62.13 -12.16 45.66
CA SER B 567 -62.24 -13.58 45.99
C SER B 567 -62.22 -13.79 47.49
N GLU B 568 -61.32 -13.11 48.21
CA GLU B 568 -61.29 -13.24 49.66
C GLU B 568 -62.58 -12.71 50.29
N MET B 569 -63.19 -11.70 49.69
CA MET B 569 -64.43 -11.15 50.20
C MET B 569 -65.58 -12.13 50.00
N SER B 570 -65.69 -12.71 48.82
CA SER B 570 -66.82 -13.60 48.51
C SER B 570 -66.68 -14.93 49.25
N GLU B 571 -65.49 -15.52 49.23
CA GLU B 571 -65.28 -16.78 49.94
C GLU B 571 -65.39 -16.60 51.45
N GLY B 572 -64.88 -15.48 51.96
CA GLY B 572 -64.80 -15.29 53.39
C GLY B 572 -63.51 -15.75 54.02
N SER B 573 -62.48 -16.01 53.22
CA SER B 573 -61.21 -16.50 53.74
C SER B 573 -60.48 -15.41 54.51
N TYR B 574 -59.60 -15.85 55.41
CA TYR B 574 -58.81 -14.95 56.26
C TYR B 574 -57.37 -14.96 55.77
N SER B 575 -56.78 -13.77 55.67
CA SER B 575 -55.38 -13.62 55.30
C SER B 575 -54.56 -13.35 56.55
N PHE B 576 -53.55 -14.19 56.78
CA PHE B 576 -52.73 -14.09 57.99
C PHE B 576 -51.52 -13.19 57.80
N GLY B 577 -50.76 -13.38 56.72
CA GLY B 577 -49.60 -12.54 56.47
C GLY B 577 -50.01 -11.19 55.95
N MET B 578 -49.22 -10.63 55.04
CA MET B 578 -49.56 -9.34 54.45
C MET B 578 -50.72 -9.52 53.49
N SER B 579 -51.86 -8.93 53.80
CA SER B 579 -53.04 -9.07 52.98
C SER B 579 -52.90 -8.32 51.67
N SER B 580 -53.65 -8.76 50.66
CA SER B 580 -53.63 -8.09 49.37
C SER B 580 -54.13 -6.65 49.48
N ASP B 581 -54.99 -6.38 50.46
CA ASP B 581 -55.41 -5.00 50.74
C ASP B 581 -54.20 -4.15 51.13
N ILE B 582 -53.36 -4.67 52.03
CA ILE B 582 -52.16 -3.96 52.44
C ILE B 582 -51.21 -3.80 51.25
N VAL B 583 -51.14 -4.82 50.40
CA VAL B 583 -50.28 -4.73 49.21
C VAL B 583 -50.76 -3.61 48.30
N VAL B 584 -52.07 -3.52 48.07
CA VAL B 584 -52.62 -2.47 47.22
C VAL B 584 -52.31 -1.11 47.81
N LEU B 585 -52.53 -0.95 49.11
CA LEU B 585 -52.27 0.34 49.76
C LEU B 585 -50.81 0.73 49.66
N LEU B 586 -49.90 -0.21 49.93
CA LEU B 586 -48.48 0.09 49.92
C LEU B 586 -47.99 0.42 48.51
N ARG B 587 -48.45 -0.34 47.51
CA ARG B 587 -48.06 -0.05 46.13
C ARG B 587 -48.64 1.27 45.65
N LEU B 588 -49.86 1.59 46.09
CA LEU B 588 -50.45 2.89 45.79
C LEU B 588 -49.59 4.01 46.36
N TYR B 589 -49.15 3.87 47.61
CA TYR B 589 -48.29 4.89 48.19
C TYR B 589 -46.93 4.94 47.50
N ASP B 590 -46.41 3.79 47.06
CA ASP B 590 -45.15 3.79 46.32
C ASP B 590 -45.26 4.59 45.04
N ASN B 591 -46.31 4.34 44.25
CA ASN B 591 -46.50 5.10 43.02
C ASN B 591 -46.71 6.59 43.32
N LEU B 592 -47.52 6.89 44.35
CA LEU B 592 -47.82 8.27 44.68
C LEU B 592 -46.57 9.03 45.10
N ARG B 593 -45.72 8.40 45.91
CA ARG B 593 -44.50 9.03 46.38
C ARG B 593 -43.39 9.01 45.34
N PHE B 594 -43.50 8.17 44.31
CA PHE B 594 -42.54 8.21 43.22
C PHE B 594 -42.85 9.30 42.21
N LEU B 595 -44.12 9.44 41.82
CA LEU B 595 -44.46 10.45 40.82
C LEU B 595 -44.47 11.85 41.42
N TYR B 596 -45.01 12.01 42.63
CA TYR B 596 -45.15 13.34 43.21
C TYR B 596 -43.82 13.90 43.70
N GLU B 597 -42.98 13.06 44.33
CA GLU B 597 -41.72 13.56 44.87
C GLU B 597 -40.71 13.83 43.77
N ASN B 598 -40.76 13.08 42.68
CA ASN B 598 -39.86 13.31 41.56
C ASN B 598 -40.34 14.40 40.62
N CYS B 599 -41.50 15.00 40.91
CA CYS B 599 -42.04 16.11 40.13
C CYS B 599 -42.28 15.71 38.68
N LEU B 600 -43.09 14.68 38.49
CA LEU B 600 -43.49 14.21 37.17
C LEU B 600 -44.92 14.65 36.89
N TRP B 601 -45.14 15.33 35.76
CA TRP B 601 -46.47 15.84 35.44
C TRP B 601 -47.46 14.74 35.12
N SER B 602 -47.00 13.55 34.75
CA SER B 602 -47.90 12.43 34.50
C SER B 602 -48.76 12.09 35.71
N VAL B 603 -48.51 12.72 36.86
CA VAL B 603 -49.32 12.53 38.05
C VAL B 603 -50.68 13.22 37.95
N SER B 604 -50.89 14.04 36.93
CA SER B 604 -52.12 14.83 36.83
C SER B 604 -53.00 14.40 35.66
N PHE B 605 -52.83 13.19 35.14
CA PHE B 605 -53.61 12.73 34.00
C PHE B 605 -54.73 11.79 34.44
N HIS B 606 -55.65 11.54 33.51
CA HIS B 606 -56.82 10.75 33.84
C HIS B 606 -56.47 9.29 34.10
N GLU B 607 -55.42 8.77 33.46
CA GLU B 607 -54.99 7.41 33.73
C GLU B 607 -54.55 7.26 35.18
N PHE B 608 -53.71 8.18 35.66
CA PHE B 608 -53.28 8.10 37.04
C PHE B 608 -54.42 8.38 38.01
N HIS B 609 -55.31 9.32 37.65
CA HIS B 609 -56.45 9.59 38.52
C HIS B 609 -57.34 8.36 38.66
N GLN B 610 -57.59 7.65 37.57
CA GLN B 610 -58.41 6.45 37.65
C GLN B 610 -57.65 5.32 38.34
N TYR B 611 -56.32 5.28 38.22
CA TYR B 611 -55.55 4.30 38.97
C TYR B 611 -55.69 4.53 40.46
N ILE B 612 -55.65 5.80 40.90
CA ILE B 612 -55.85 6.09 42.31
C ILE B 612 -57.29 5.79 42.72
N ARG B 613 -58.24 6.12 41.86
CA ARG B 613 -59.65 5.90 42.17
C ARG B 613 -59.97 4.42 42.32
N ASN B 614 -59.31 3.56 41.54
CA ASN B 614 -59.53 2.12 41.66
C ASN B 614 -58.66 1.50 42.75
N SER B 615 -57.51 2.11 43.04
CA SER B 615 -56.70 1.64 44.17
C SER B 615 -57.39 1.98 45.48
N MET B 616 -57.87 3.20 45.62
CA MET B 616 -58.88 3.50 46.62
C MET B 616 -60.22 2.93 46.15
N SER B 617 -61.26 3.13 46.95
CA SER B 617 -62.57 2.51 46.74
C SER B 617 -62.48 0.97 46.69
N LEU B 618 -61.31 0.43 47.00
CA LEU B 618 -61.04 -0.98 47.19
C LEU B 618 -60.58 -1.28 48.60
N LEU B 619 -59.62 -0.50 49.11
CA LEU B 619 -59.29 -0.56 50.53
C LEU B 619 -60.52 -0.22 51.36
N ILE B 620 -61.32 0.74 50.88
CA ILE B 620 -62.51 1.15 51.61
C ILE B 620 -63.57 0.05 51.59
N GLU B 621 -63.81 -0.55 50.42
CA GLU B 621 -64.79 -1.63 50.32
C GLU B 621 -64.35 -2.83 51.15
N LYS B 622 -63.06 -3.19 51.05
CA LYS B 622 -62.56 -4.32 51.82
C LYS B 622 -62.67 -4.06 53.33
N ALA B 623 -62.33 -2.84 53.75
CA ALA B 623 -62.43 -2.51 55.17
C ALA B 623 -63.88 -2.52 55.65
N GLU B 624 -64.80 -2.01 54.83
CA GLU B 624 -66.21 -2.05 55.21
C GLU B 624 -66.71 -3.48 55.34
N TYR B 625 -66.32 -4.35 54.39
CA TYR B 625 -66.66 -5.75 54.51
C TYR B 625 -66.01 -6.38 55.73
N GLU B 626 -64.84 -5.89 56.14
CA GLU B 626 -64.17 -6.42 57.32
C GLU B 626 -64.99 -6.19 58.59
N ARG B 627 -65.74 -5.09 58.66
CA ARG B 627 -66.62 -4.87 59.80
C ARG B 627 -67.77 -5.87 59.83
N THR B 628 -68.25 -6.32 58.67
CA THR B 628 -69.34 -7.28 58.58
C THR B 628 -68.81 -8.71 58.51
N ARG B 629 -67.64 -8.94 59.10
CA ARG B 629 -67.06 -10.27 59.13
C ARG B 629 -67.93 -11.21 59.96
N ASP B 630 -68.17 -12.41 59.43
CA ASP B 630 -68.94 -13.41 60.16
C ASP B 630 -68.02 -14.12 61.16
N ILE B 631 -68.32 -13.96 62.45
CA ILE B 631 -67.51 -14.61 63.46
C ILE B 631 -67.70 -16.12 63.39
N ASP B 632 -66.59 -16.84 63.29
CA ASP B 632 -66.61 -18.29 63.14
C ASP B 632 -65.70 -18.91 64.18
N GLU B 633 -65.79 -20.23 64.32
CA GLU B 633 -64.96 -20.95 65.27
C GLU B 633 -63.54 -21.10 64.74
N GLY B 644 -58.56 -2.86 62.16
CA GLY B 644 -59.40 -2.07 61.29
C GLY B 644 -58.62 -1.11 60.42
N PHE B 645 -59.32 -0.41 59.53
CA PHE B 645 -58.69 0.54 58.62
C PHE B 645 -59.33 1.91 58.86
N PHE B 646 -58.49 2.92 58.98
CA PHE B 646 -58.94 4.29 59.17
C PHE B 646 -58.25 5.20 58.17
N MET B 647 -58.99 6.16 57.65
CA MET B 647 -58.52 7.03 56.59
C MET B 647 -57.83 8.24 57.20
N GLU B 648 -56.54 8.38 56.91
CA GLU B 648 -55.73 9.47 57.44
C GLU B 648 -55.80 10.66 56.49
N TYR B 649 -54.90 11.63 56.67
CA TYR B 649 -54.88 12.82 55.82
C TYR B 649 -54.61 12.47 54.37
N TYR B 650 -53.68 11.54 54.13
CA TYR B 650 -53.30 11.21 52.77
C TYR B 650 -54.44 10.54 52.01
N ASP B 651 -55.18 9.64 52.67
CA ASP B 651 -56.33 9.01 52.02
C ASP B 651 -57.39 10.03 51.68
N PHE B 652 -57.64 10.99 52.59
CA PHE B 652 -58.59 12.05 52.31
C PHE B 652 -58.15 12.88 51.12
N VAL B 653 -56.85 13.19 51.03
CA VAL B 653 -56.36 13.98 49.92
C VAL B 653 -56.52 13.22 48.60
N ASN B 654 -56.20 11.93 48.61
CA ASN B 654 -56.37 11.12 47.39
C ASN B 654 -57.82 11.07 46.97
N ILE B 655 -58.74 10.90 47.92
CA ILE B 655 -60.16 10.87 47.58
C ILE B 655 -60.61 12.23 47.03
N SER B 656 -60.15 13.31 47.65
CA SER B 656 -60.55 14.65 47.19
C SER B 656 -60.04 14.93 45.78
N ARG B 657 -58.81 14.51 45.49
CA ARG B 657 -58.23 14.83 44.18
C ARG B 657 -58.76 13.90 43.09
N HIS B 658 -58.57 12.60 43.25
CA HIS B 658 -58.70 11.67 42.15
C HIS B 658 -60.10 11.11 41.95
N PHE B 659 -61.06 11.45 42.81
CA PHE B 659 -62.42 10.95 42.70
C PHE B 659 -63.33 12.03 42.12
N LYS B 660 -64.07 11.67 41.07
CA LYS B 660 -65.16 12.52 40.62
C LYS B 660 -66.30 12.47 41.63
N ILE B 661 -67.29 13.35 41.44
CA ILE B 661 -68.37 13.44 42.41
C ILE B 661 -69.25 12.18 42.35
N ASP B 662 -69.50 11.67 41.14
CA ASP B 662 -70.29 10.45 41.03
C ASP B 662 -69.52 9.23 41.52
N ASP B 663 -68.19 9.27 41.43
CA ASP B 663 -67.39 8.19 41.99
C ASP B 663 -67.55 8.13 43.50
N ILE B 664 -67.54 9.29 44.16
CA ILE B 664 -67.77 9.32 45.61
C ILE B 664 -69.19 8.90 45.93
N LYS B 665 -70.15 9.26 45.07
CA LYS B 665 -71.53 8.81 45.28
C LYS B 665 -71.61 7.28 45.21
N ASN B 666 -70.94 6.67 44.23
CA ASN B 666 -70.93 5.22 44.12
C ASN B 666 -70.24 4.58 45.33
N LEU B 667 -69.16 5.19 45.80
CA LEU B 667 -68.47 4.69 46.99
C LEU B 667 -69.38 4.73 48.21
N GLU B 668 -70.14 5.82 48.36
CA GLU B 668 -71.07 5.92 49.48
C GLU B 668 -72.19 4.90 49.35
N ARG B 669 -72.65 4.64 48.12
CA ARG B 669 -73.70 3.64 47.91
C ARG B 669 -73.20 2.25 48.28
N SER B 670 -72.03 1.86 47.77
CA SER B 670 -71.55 0.50 47.96
C SER B 670 -71.25 0.20 49.42
N CYS B 671 -70.64 1.15 50.12
CA CYS B 671 -70.21 0.92 51.49
C CYS B 671 -70.65 2.06 52.38
N SER B 672 -71.01 1.73 53.63
CA SER B 672 -71.29 2.74 54.62
C SER B 672 -69.99 3.36 55.10
N ILE B 673 -69.70 4.58 54.65
CA ILE B 673 -68.39 5.18 54.80
C ILE B 673 -68.33 6.14 55.99
N ASP B 674 -69.45 6.34 56.68
CA ASP B 674 -69.47 7.23 57.85
C ASP B 674 -69.11 6.51 59.16
N LYS B 675 -68.94 5.20 59.14
CA LYS B 675 -68.43 4.45 60.28
C LYS B 675 -66.95 4.11 60.14
N ILE B 676 -66.27 4.71 59.17
CA ILE B 676 -64.83 4.60 59.04
C ILE B 676 -64.20 5.72 59.84
N ARG B 677 -63.26 5.37 60.73
CA ARG B 677 -62.61 6.37 61.56
C ARG B 677 -61.78 7.30 60.69
N PHE B 678 -61.89 8.61 60.96
CA PHE B 678 -61.14 9.63 60.23
C PHE B 678 -60.06 10.18 61.15
N GLY B 679 -58.83 9.65 61.00
CA GLY B 679 -57.70 10.15 61.75
C GLY B 679 -57.14 11.42 61.16
N GLU B 680 -56.25 12.05 61.92
CA GLU B 680 -55.55 13.27 61.49
C GLU B 680 -56.55 14.34 61.07
N GLN B 681 -57.57 14.57 61.91
CA GLN B 681 -58.63 15.51 61.55
C GLN B 681 -58.12 16.95 61.47
N GLU B 682 -57.07 17.27 62.22
CA GLU B 682 -56.52 18.63 62.14
C GLU B 682 -55.93 18.90 60.77
N LYS B 683 -55.17 17.94 60.23
CA LYS B 683 -54.58 18.13 58.91
C LYS B 683 -55.64 18.14 57.82
N ILE B 684 -56.67 17.31 57.94
CA ILE B 684 -57.76 17.31 56.97
C ILE B 684 -58.49 18.65 57.00
N GLU B 685 -58.74 19.17 58.21
CA GLU B 685 -59.37 20.47 58.35
C GLU B 685 -58.51 21.56 57.74
N GLU B 686 -57.20 21.49 57.95
CA GLU B 686 -56.29 22.49 57.36
C GLU B 686 -56.31 22.43 55.84
N TYR B 687 -56.31 21.22 55.28
CA TYR B 687 -56.37 21.07 53.82
C TYR B 687 -57.68 21.60 53.27
N LEU B 688 -58.79 21.32 53.94
CA LEU B 688 -60.09 21.82 53.49
C LEU B 688 -60.14 23.34 53.58
N VAL B 689 -59.57 23.91 54.65
CA VAL B 689 -59.50 25.37 54.78
C VAL B 689 -58.64 25.96 53.67
N GLY B 690 -57.55 25.28 53.31
CA GLY B 690 -56.74 25.75 52.21
C GLY B 690 -57.49 25.75 50.89
N ILE B 691 -58.27 24.70 50.65
CA ILE B 691 -59.08 24.66 49.43
C ILE B 691 -60.10 25.80 49.43
N ALA B 692 -60.77 26.01 50.56
CA ALA B 692 -61.76 27.09 50.65
C ALA B 692 -61.10 28.45 50.47
N GLU B 693 -59.89 28.62 51.03
CA GLU B 693 -59.18 29.89 50.90
C GLU B 693 -58.73 30.13 49.46
N GLU B 694 -58.28 29.10 48.77
CA GLU B 694 -57.96 29.28 47.35
C GLU B 694 -59.21 29.63 46.55
N ILE B 695 -60.33 28.99 46.86
CA ILE B 695 -61.58 29.32 46.18
C ILE B 695 -61.96 30.77 46.41
N THR B 696 -61.89 31.24 47.66
CA THR B 696 -62.31 32.60 47.96
C THR B 696 -61.34 33.62 47.36
N LYS B 697 -60.03 33.32 47.37
CA LYS B 697 -59.06 34.21 46.75
C LYS B 697 -59.29 34.32 45.25
N GLN B 698 -59.52 33.20 44.58
CA GLN B 698 -59.75 33.22 43.14
C GLN B 698 -61.04 33.96 42.81
N PHE B 699 -62.13 33.64 43.52
CA PHE B 699 -63.45 33.96 43.01
C PHE B 699 -64.04 35.19 43.70
N SER B 700 -63.32 35.77 44.66
CA SER B 700 -63.76 37.04 45.24
C SER B 700 -63.45 38.20 44.31
N ALA B 701 -62.33 38.13 43.59
CA ALA B 701 -61.88 39.22 42.74
C ALA B 701 -61.38 38.68 41.41
N ASN B 702 -61.90 39.24 40.32
CA ASN B 702 -61.33 39.09 38.98
C ASN B 702 -61.31 37.63 38.52
N GLY B 703 -62.51 37.04 38.41
CA GLY B 703 -62.66 35.78 37.70
C GLY B 703 -61.78 34.67 38.25
N MET B 704 -60.93 34.11 37.39
CA MET B 704 -60.06 33.02 37.76
C MET B 704 -59.04 32.79 36.65
N ASN B 705 -58.06 31.92 36.95
CA ASN B 705 -57.23 31.35 35.90
C ASN B 705 -57.89 30.08 35.40
N VAL B 706 -58.42 30.13 34.18
CA VAL B 706 -59.35 29.09 33.72
C VAL B 706 -58.63 27.74 33.59
N VAL B 707 -57.37 27.75 33.15
CA VAL B 707 -56.63 26.50 33.04
C VAL B 707 -56.45 25.87 34.43
N PHE B 708 -56.13 26.67 35.43
CA PHE B 708 -56.08 26.16 36.80
C PHE B 708 -57.48 25.81 37.31
N TYR B 709 -58.50 26.55 36.86
CA TYR B 709 -59.86 26.27 37.30
C TYR B 709 -60.30 24.87 36.89
N THR B 710 -60.04 24.50 35.64
CA THR B 710 -60.44 23.17 35.17
C THR B 710 -59.74 22.07 35.96
N GLN B 711 -58.49 22.30 36.36
CA GLN B 711 -57.77 21.34 37.18
C GLN B 711 -58.34 21.26 38.59
N PHE B 712 -58.65 22.40 39.20
CA PHE B 712 -58.83 22.47 40.64
C PHE B 712 -60.28 22.40 41.09
N ILE B 713 -61.24 22.71 40.22
CA ILE B 713 -62.64 22.72 40.65
C ILE B 713 -63.13 21.31 40.97
N SER B 714 -62.63 20.28 40.26
CA SER B 714 -63.02 18.91 40.59
C SER B 714 -62.54 18.55 41.99
N GLU B 715 -61.29 18.87 42.31
CA GLU B 715 -60.77 18.63 43.65
C GLU B 715 -61.54 19.41 44.71
N ALA B 716 -61.87 20.67 44.43
CA ALA B 716 -62.61 21.47 45.39
C ALA B 716 -63.98 20.88 45.66
N LYS B 717 -64.72 20.53 44.60
CA LYS B 717 -66.04 19.96 44.76
C LYS B 717 -65.98 18.63 45.51
N ALA B 718 -65.03 17.76 45.14
CA ALA B 718 -64.93 16.47 45.81
C ALA B 718 -64.56 16.63 47.27
N ALA B 719 -63.63 17.54 47.59
CA ALA B 719 -63.22 17.75 48.97
C ALA B 719 -64.35 18.30 49.81
N LEU B 720 -65.09 19.29 49.29
CA LEU B 720 -66.20 19.83 50.06
C LEU B 720 -67.39 18.87 50.12
N TYR B 721 -67.48 17.92 49.19
CA TYR B 721 -68.48 16.85 49.30
C TYR B 721 -68.08 15.85 50.37
N PHE B 722 -66.79 15.52 50.45
CA PHE B 722 -66.27 14.55 51.39
C PHE B 722 -66.06 15.15 52.78
N ALA B 723 -66.18 16.46 52.92
CA ALA B 723 -66.03 17.12 54.21
C ALA B 723 -67.12 16.75 55.21
N LYS B 724 -68.18 16.07 54.76
CA LYS B 724 -69.26 15.68 55.67
C LYS B 724 -68.75 14.79 56.81
N TYR B 725 -67.74 13.98 56.56
CA TYR B 725 -67.32 12.94 57.49
C TYR B 725 -66.25 13.40 58.47
N VAL B 726 -65.86 14.67 58.44
CA VAL B 726 -64.84 15.19 59.35
C VAL B 726 -65.46 16.29 60.20
N LYS B 727 -64.94 16.44 61.42
CA LYS B 727 -65.37 17.49 62.33
C LYS B 727 -64.53 18.73 62.08
N LEU B 728 -65.18 19.86 61.84
CA LEU B 728 -64.52 21.12 61.54
C LEU B 728 -64.82 22.12 62.62
N SER B 729 -63.78 22.84 63.07
CA SER B 729 -63.94 23.87 64.09
C SER B 729 -64.80 25.02 63.55
N GLU B 730 -65.32 25.86 64.45
CA GLU B 730 -66.31 26.86 64.05
C GLU B 730 -65.75 27.84 63.04
N GLU B 731 -64.50 28.30 63.23
CA GLU B 731 -63.92 29.26 62.30
C GLU B 731 -63.67 28.63 60.94
N GLY B 732 -63.08 27.43 60.92
CA GLY B 732 -62.89 26.74 59.66
C GLY B 732 -64.21 26.36 59.01
N LEU B 733 -65.19 25.97 59.82
CA LEU B 733 -66.52 25.67 59.30
C LEU B 733 -67.12 26.88 58.62
N GLY B 734 -67.02 28.05 59.26
CA GLY B 734 -67.55 29.27 58.67
C GLY B 734 -66.84 29.65 57.40
N LYS B 735 -65.51 29.51 57.39
CA LYS B 735 -64.76 29.81 56.16
C LYS B 735 -65.18 28.89 55.03
N ILE B 736 -65.33 27.59 55.32
CA ILE B 736 -65.73 26.63 54.30
C ILE B 736 -67.12 26.97 53.77
N VAL B 737 -68.04 27.31 54.67
CA VAL B 737 -69.41 27.62 54.25
C VAL B 737 -69.45 28.90 53.42
N LYS B 738 -68.68 29.92 53.84
CA LYS B 738 -68.58 31.14 53.04
C LYS B 738 -68.09 30.82 51.63
N ALA B 739 -67.02 30.03 51.52
CA ALA B 739 -66.50 29.69 50.20
C ALA B 739 -67.50 28.86 49.40
N LEU B 740 -68.28 28.03 50.08
CA LEU B 740 -69.18 27.11 49.38
C LEU B 740 -70.40 27.84 48.81
N LEU B 741 -70.97 28.79 49.56
CA LEU B 741 -72.18 29.42 49.05
C LEU B 741 -71.89 30.65 48.20
N PHE B 742 -71.20 31.64 48.78
CA PHE B 742 -71.05 32.92 48.09
C PHE B 742 -70.20 32.81 46.83
N TYR B 743 -69.06 32.13 46.92
CA TYR B 743 -68.03 32.24 45.91
C TYR B 743 -67.88 31.02 45.00
N PHE B 744 -68.49 29.90 45.36
CA PHE B 744 -68.47 28.73 44.47
C PHE B 744 -69.31 29.04 43.23
N PRO B 745 -68.85 28.66 42.03
CA PRO B 745 -69.57 29.03 40.81
C PRO B 745 -70.99 28.48 40.79
N GLU B 746 -71.87 29.22 40.11
CA GLU B 746 -73.22 28.74 39.87
C GLU B 746 -73.22 27.57 38.89
N ARG B 747 -72.22 27.51 37.99
CA ARG B 747 -72.21 26.45 36.99
C ARG B 747 -71.81 25.11 37.59
N ASP B 748 -70.82 25.10 38.51
CA ASP B 748 -70.39 23.85 39.11
C ASP B 748 -71.45 23.28 40.05
N LEU B 749 -71.98 24.13 40.94
CA LEU B 749 -73.06 23.75 41.82
C LEU B 749 -74.23 24.71 41.62
N ASP B 750 -75.40 24.16 41.35
CA ASP B 750 -76.62 24.93 41.37
C ASP B 750 -77.04 25.18 42.81
N ILE B 751 -78.20 25.82 42.99
CA ILE B 751 -78.66 26.12 44.35
C ILE B 751 -78.92 24.84 45.13
N GLY B 752 -79.57 23.86 44.48
CA GLY B 752 -79.87 22.62 45.17
C GLY B 752 -78.64 21.80 45.51
N LYS B 753 -77.71 21.68 44.56
CA LYS B 753 -76.49 20.91 44.81
C LYS B 753 -75.66 21.57 45.91
N ARG B 754 -75.58 22.89 45.89
CA ARG B 754 -74.89 23.61 46.96
C ARG B 754 -75.60 23.42 48.30
N TYR B 755 -76.93 23.30 48.27
CA TYR B 755 -77.65 22.95 49.48
C TYR B 755 -77.20 21.58 49.98
N VAL B 756 -77.08 20.60 49.09
CA VAL B 756 -76.64 19.27 49.51
C VAL B 756 -75.26 19.34 50.14
N TRP B 757 -74.36 20.12 49.53
CA TRP B 757 -73.03 20.30 50.11
C TRP B 757 -73.13 20.85 51.53
N LEU B 758 -73.91 21.91 51.72
CA LEU B 758 -74.05 22.52 53.03
C LEU B 758 -74.64 21.55 54.04
N GLU B 759 -75.70 20.84 53.66
CA GLU B 759 -76.40 19.98 54.60
C GLU B 759 -75.60 18.74 54.94
N ARG B 760 -74.72 18.29 54.03
CA ARG B 760 -73.78 17.25 54.40
C ARG B 760 -72.71 17.79 55.34
N LEU B 761 -72.30 19.03 55.14
CA LEU B 761 -71.38 19.65 56.11
C LEU B 761 -71.99 19.72 57.50
N THR B 762 -73.30 19.96 57.58
CA THR B 762 -73.94 20.14 58.89
C THR B 762 -74.06 18.86 59.69
N LYS B 763 -73.70 17.70 59.12
CA LYS B 763 -74.00 16.43 59.78
C LYS B 763 -73.06 16.19 60.96
N CYS B 764 -71.76 16.04 60.69
CA CYS B 764 -70.80 15.81 61.77
C CYS B 764 -70.70 17.02 62.68
N ASN B 765 -71.00 18.20 62.16
CA ASN B 765 -70.91 19.45 62.90
C ASN B 765 -72.24 20.21 62.79
N GLU B 766 -72.96 20.29 63.90
CA GLU B 766 -74.25 20.97 63.91
C GLU B 766 -74.09 22.45 63.61
N LEU B 767 -75.18 23.07 63.15
CA LEU B 767 -75.11 24.44 62.67
C LEU B 767 -74.91 25.41 63.83
N PRO B 768 -73.84 26.20 63.83
CA PRO B 768 -73.70 27.26 64.84
C PRO B 768 -74.30 28.57 64.34
N LYS B 769 -74.50 29.54 65.24
CA LYS B 769 -75.07 30.83 64.85
C LYS B 769 -74.23 31.54 63.80
N SER B 770 -72.90 31.39 63.85
CA SER B 770 -72.05 32.06 62.86
C SER B 770 -72.38 31.59 61.45
N ILE B 771 -72.52 30.28 61.27
CA ILE B 771 -72.87 29.75 59.94
C ILE B 771 -74.33 30.01 59.64
N ILE B 772 -75.17 30.13 60.68
CA ILE B 772 -76.55 30.53 60.47
C ILE B 772 -76.60 31.90 59.81
N SER B 773 -75.70 32.81 60.21
CA SER B 773 -75.65 34.13 59.59
C SER B 773 -75.21 34.05 58.13
N ILE B 774 -74.28 33.15 57.82
CA ILE B 774 -73.86 32.99 56.43
C ILE B 774 -75.01 32.49 55.57
N ILE B 775 -75.77 31.52 56.07
CA ILE B 775 -76.94 31.07 55.32
C ILE B 775 -77.95 32.20 55.20
N ASP B 776 -78.09 33.01 56.26
CA ASP B 776 -79.02 34.13 56.22
C ASP B 776 -78.68 35.11 55.11
N ASP B 777 -77.43 35.59 55.07
CA ASP B 777 -77.14 36.60 54.06
C ASP B 777 -76.96 36.00 52.67
N PHE B 778 -76.69 34.69 52.57
CA PHE B 778 -76.82 34.05 51.26
C PHE B 778 -78.25 34.09 50.77
N LEU B 779 -79.21 33.79 51.65
CA LEU B 779 -80.62 33.88 51.27
C LEU B 779 -81.01 35.32 50.93
N VAL B 780 -80.45 36.28 51.67
CA VAL B 780 -80.73 37.69 51.40
C VAL B 780 -80.22 38.06 50.01
N LEU B 781 -79.00 37.63 49.67
CA LEU B 781 -78.45 37.89 48.35
C LEU B 781 -79.31 37.25 47.28
N GLN B 782 -79.77 36.02 47.50
CA GLN B 782 -80.67 35.37 46.56
C GLN B 782 -81.97 36.16 46.40
N ALA B 783 -82.46 36.75 47.50
CA ALA B 783 -83.65 37.59 47.41
C ALA B 783 -83.39 38.82 46.57
N GLU B 784 -82.21 39.43 46.72
CA GLU B 784 -81.85 40.57 45.86
C GLU B 784 -81.81 40.16 44.40
N LYS B 785 -81.26 38.98 44.10
CA LYS B 785 -81.23 38.50 42.72
C LYS B 785 -82.62 38.27 42.14
N HIS B 786 -83.62 38.08 42.98
CA HIS B 786 -84.98 37.79 42.50
C HIS B 786 -85.75 39.05 42.17
N ILE B 787 -85.13 39.92 41.36
CA ILE B 787 -85.81 41.12 40.86
C ILE B 787 -86.20 40.98 39.39
N ASP B 788 -85.30 40.52 38.54
CA ASP B 788 -85.66 40.25 37.15
C ASP B 788 -86.70 39.14 37.08
N GLN B 789 -87.78 39.40 36.33
CA GLN B 789 -88.83 38.41 36.21
C GLN B 789 -88.35 37.16 35.50
N ASN B 790 -87.40 37.29 34.59
CA ASN B 790 -86.84 36.12 33.92
C ASN B 790 -86.03 35.26 34.88
N TYR B 791 -85.35 35.89 35.84
CA TYR B 791 -84.52 35.14 36.77
C TYR B 791 -85.39 34.30 37.69
N SER B 792 -85.06 33.01 37.77
CA SER B 792 -85.65 32.09 38.73
C SER B 792 -84.62 31.03 39.04
N GLU B 793 -84.24 30.92 40.31
CA GLU B 793 -83.21 29.97 40.72
C GLU B 793 -83.66 28.56 40.32
N VAL B 794 -82.75 27.81 39.71
CA VAL B 794 -83.03 26.49 39.17
C VAL B 794 -81.97 25.53 39.68
N SER B 795 -82.38 24.31 39.99
CA SER B 795 -81.49 23.31 40.59
C SER B 795 -81.74 21.96 39.94
N SER B 796 -80.65 21.20 39.76
CA SER B 796 -80.79 19.83 39.27
C SER B 796 -81.53 18.95 40.27
N ASN B 797 -81.27 19.15 41.57
CA ASN B 797 -81.90 18.32 42.58
C ASN B 797 -83.37 18.65 42.78
N GLY B 798 -83.79 19.85 42.41
CA GLY B 798 -85.15 20.30 42.69
C GLY B 798 -85.35 20.91 44.06
N LEU B 799 -84.28 21.24 44.76
CA LEU B 799 -84.34 21.82 46.09
C LEU B 799 -83.84 23.25 46.05
N TYR B 800 -84.40 24.10 46.91
CA TYR B 800 -84.24 25.54 46.71
C TYR B 800 -83.92 26.30 47.99
N SER B 801 -84.05 27.63 47.93
CA SER B 801 -83.77 28.48 49.09
C SER B 801 -84.72 28.18 50.24
N ARG B 802 -85.94 27.73 49.92
CA ARG B 802 -86.87 27.33 50.97
C ARG B 802 -86.28 26.20 51.81
N ASP B 803 -85.45 25.35 51.18
CA ASP B 803 -84.79 24.29 51.93
C ASP B 803 -83.74 24.86 52.87
N TYR B 804 -83.03 25.91 52.45
CA TYR B 804 -82.12 26.59 53.36
C TYR B 804 -82.87 27.15 54.55
N GLY B 805 -84.02 27.80 54.28
CA GLY B 805 -84.83 28.33 55.37
C GLY B 805 -85.30 27.25 56.31
N ALA B 806 -85.72 26.11 55.76
CA ALA B 806 -86.13 24.98 56.58
C ALA B 806 -84.99 24.46 57.43
N LEU B 807 -83.78 24.40 56.86
CA LEU B 807 -82.61 23.99 57.64
C LEU B 807 -82.37 24.94 58.81
N ILE B 808 -82.43 26.25 58.56
CA ILE B 808 -82.16 27.20 59.62
C ILE B 808 -83.23 27.12 60.70
N LYS B 809 -84.50 27.01 60.29
CA LYS B 809 -85.58 26.89 61.27
C LYS B 809 -85.48 25.59 62.05
N HIS B 810 -85.00 24.52 61.41
CA HIS B 810 -84.74 23.28 62.12
C HIS B 810 -83.67 23.45 63.17
N PHE B 811 -82.60 24.17 62.87
CA PHE B 811 -81.49 24.32 63.80
C PHE B 811 -81.66 25.43 64.83
N GLU B 812 -82.64 26.34 64.65
CA GLU B 812 -82.88 27.38 65.65
C GLU B 812 -84.29 27.34 66.22
N LYS B 813 -85.31 27.27 65.37
CA LYS B 813 -86.74 27.21 65.71
C LYS B 813 -87.27 28.49 66.33
N ASN B 814 -86.43 29.52 66.51
CA ASN B 814 -86.89 30.81 67.00
C ASN B 814 -86.24 31.96 66.23
N PHE B 815 -85.75 31.70 65.02
CA PHE B 815 -84.96 32.68 64.30
C PHE B 815 -85.89 33.66 63.61
N ILE B 816 -85.61 34.96 63.76
CA ILE B 816 -86.25 36.01 62.99
C ILE B 816 -85.17 36.70 62.17
N SER B 817 -85.28 36.61 60.85
CA SER B 817 -84.25 37.13 59.94
C SER B 817 -84.50 38.61 59.69
N LYS B 818 -83.53 39.45 60.07
CA LYS B 818 -83.73 40.89 60.01
C LYS B 818 -83.75 41.39 58.56
N ARG B 819 -82.75 40.99 57.76
CA ARG B 819 -82.61 41.57 56.43
C ARG B 819 -83.77 41.20 55.51
N LEU B 820 -84.12 39.91 55.45
CA LEU B 820 -85.29 39.51 54.67
C LEU B 820 -86.55 40.15 55.21
N SER B 821 -86.59 40.45 56.52
CA SER B 821 -87.79 41.09 57.06
C SER B 821 -87.94 42.52 56.56
N GLU B 822 -86.85 43.29 56.53
CA GLU B 822 -87.01 44.65 56.00
C GLU B 822 -87.26 44.63 54.50
N ILE B 823 -86.72 43.63 53.80
CA ILE B 823 -87.05 43.48 52.39
C ILE B 823 -88.54 43.21 52.22
N THR B 824 -89.11 42.34 53.06
CA THR B 824 -90.53 42.06 52.99
C THR B 824 -91.37 43.29 53.33
N LEU B 825 -90.93 44.07 54.33
CA LEU B 825 -91.62 45.31 54.66
C LEU B 825 -91.56 46.30 53.50
N CYS B 826 -90.47 46.32 52.76
CA CYS B 826 -90.34 47.14 51.56
C CYS B 826 -91.03 46.51 50.35
N LEU B 827 -91.37 45.22 50.42
CA LEU B 827 -91.95 44.51 49.29
C LEU B 827 -93.28 45.13 48.89
N THR B 828 -93.52 45.22 47.58
CA THR B 828 -94.74 45.76 47.02
C THR B 828 -95.36 44.76 46.05
N GLN B 829 -96.54 45.10 45.55
CA GLN B 829 -97.23 44.23 44.59
C GLN B 829 -96.51 44.19 43.25
N ASP B 830 -95.74 45.23 42.93
CA ASP B 830 -95.12 45.31 41.60
C ASP B 830 -94.14 44.17 41.37
N LYS B 831 -93.32 43.86 42.37
CA LYS B 831 -92.32 42.81 42.25
C LYS B 831 -92.92 41.51 42.79
N GLN B 832 -93.62 40.79 41.91
CA GLN B 832 -94.27 39.54 42.30
C GLN B 832 -93.24 38.43 42.52
N LYS B 833 -92.10 38.49 41.83
CA LYS B 833 -91.08 37.47 42.02
C LYS B 833 -90.55 37.47 43.45
N GLN B 834 -90.25 38.65 44.00
CA GLN B 834 -89.89 38.71 45.40
C GLN B 834 -91.04 38.28 46.29
N ILE B 835 -92.28 38.54 45.87
CA ILE B 835 -93.45 38.16 46.68
C ILE B 835 -93.49 36.65 46.86
N ASP B 836 -93.55 35.90 45.76
CA ASP B 836 -93.63 34.45 45.87
C ASP B 836 -92.28 33.81 46.17
N PHE B 837 -91.18 34.58 46.19
CA PHE B 837 -89.94 34.05 46.76
C PHE B 837 -89.99 34.10 48.28
N LEU B 838 -90.21 35.28 48.85
CA LEU B 838 -90.32 35.42 50.30
C LEU B 838 -91.50 34.64 50.87
N PHE B 839 -92.48 34.27 50.03
CA PHE B 839 -93.52 33.37 50.49
C PHE B 839 -92.93 32.05 50.98
N LYS B 840 -91.88 31.59 50.32
CA LYS B 840 -91.25 30.32 50.69
C LYS B 840 -90.45 30.42 51.99
N LEU B 841 -90.06 31.62 52.40
CA LEU B 841 -89.33 31.83 53.64
C LEU B 841 -90.14 32.56 54.69
N LEU B 842 -91.44 32.24 54.82
CA LEU B 842 -92.25 32.85 55.87
C LEU B 842 -91.74 32.61 57.28
N PRO B 843 -91.35 31.40 57.69
CA PRO B 843 -90.94 31.20 59.10
C PRO B 843 -89.73 32.01 59.50
N LEU B 844 -88.86 32.39 58.56
CA LEU B 844 -87.74 33.26 58.88
C LEU B 844 -88.18 34.71 59.08
N LEU B 845 -89.19 35.15 58.35
CA LEU B 845 -89.63 36.54 58.42
C LEU B 845 -90.29 36.83 59.77
N SER B 846 -90.28 38.11 60.15
CA SER B 846 -90.94 38.54 61.38
C SER B 846 -92.46 38.57 61.17
N THR B 847 -93.18 38.74 62.29
CA THR B 847 -94.64 38.75 62.22
C THR B 847 -95.15 39.92 61.40
N ASN B 848 -94.53 41.09 61.54
CA ASN B 848 -94.90 42.22 60.68
C ASN B 848 -94.63 41.91 59.22
N ALA B 849 -93.47 41.31 58.93
CA ALA B 849 -93.17 40.89 57.56
C ALA B 849 -94.14 39.83 57.08
N LYS B 850 -94.51 38.89 57.96
CA LYS B 850 -95.49 37.87 57.58
C LYS B 850 -96.81 38.49 57.18
N SER B 851 -97.33 39.42 57.98
CA SER B 851 -98.58 40.08 57.65
C SER B 851 -98.45 40.90 56.36
N HIS B 852 -97.32 41.62 56.22
CA HIS B 852 -97.12 42.46 55.04
C HIS B 852 -97.13 41.62 53.77
N LEU B 853 -96.46 40.46 53.78
CA LEU B 853 -96.42 39.63 52.59
C LEU B 853 -97.74 38.90 52.37
N LEU B 854 -98.37 38.41 53.45
CA LEU B 854 -99.66 37.77 53.33
C LEU B 854 -100.75 38.72 52.83
N SER B 855 -100.53 40.02 52.95
CA SER B 855 -101.44 40.97 52.33
C SER B 855 -101.53 40.76 50.82
N PHE B 856 -100.37 40.51 50.18
CA PHE B 856 -100.34 40.27 48.74
C PHE B 856 -100.38 38.80 48.36
N LYS B 857 -100.30 37.88 49.32
CA LYS B 857 -100.20 36.46 49.00
C LYS B 857 -101.58 35.82 48.96
N SER B 858 -101.87 35.14 47.86
CA SER B 858 -103.10 34.39 47.68
C SER B 858 -102.78 33.04 47.05
N VAL B 859 -103.56 32.02 47.40
CA VAL B 859 -103.32 30.66 46.90
C VAL B 859 -104.05 30.56 45.56
N GLU B 860 -103.37 31.00 44.51
CA GLU B 860 -103.96 31.03 43.18
C GLU B 860 -103.92 29.66 42.50
N ASN B 861 -102.84 28.91 42.70
CA ASN B 861 -102.62 27.66 41.99
C ASN B 861 -102.09 26.60 42.96
N ILE B 862 -101.65 25.47 42.39
CA ILE B 862 -101.22 24.33 43.20
C ILE B 862 -99.98 24.68 44.01
N ASN B 863 -98.95 25.21 43.35
CA ASN B 863 -97.66 25.39 44.01
C ASN B 863 -97.76 26.39 45.15
N ASP B 864 -98.69 27.34 45.06
CA ASP B 864 -98.91 28.26 46.18
C ASP B 864 -99.39 27.50 47.40
N LEU B 865 -100.36 26.59 47.23
CA LEU B 865 -100.82 25.78 48.36
C LEU B 865 -99.72 24.86 48.87
N MET B 866 -98.94 24.28 47.95
CA MET B 866 -97.86 23.39 48.37
C MET B 866 -96.84 24.14 49.21
N ASN B 867 -96.45 25.34 48.78
CA ASN B 867 -95.50 26.14 49.56
C ASN B 867 -96.11 26.59 50.88
N GLY B 868 -97.41 26.91 50.88
CA GLY B 868 -98.06 27.27 52.13
C GLY B 868 -98.05 26.13 53.14
N ILE B 869 -98.28 24.91 52.66
CA ILE B 869 -98.19 23.74 53.55
C ILE B 869 -96.75 23.53 54.00
N ARG B 870 -95.79 23.71 53.10
CA ARG B 870 -94.38 23.50 53.44
C ARG B 870 -93.92 24.48 54.52
N ILE B 871 -94.31 25.75 54.40
CA ILE B 871 -93.89 26.75 55.37
C ILE B 871 -94.69 26.64 56.65
N GLY B 872 -95.84 25.97 56.61
CA GLY B 872 -96.69 25.82 57.77
C GLY B 872 -97.86 26.78 57.85
N LEU B 873 -98.10 27.58 56.81
CA LEU B 873 -99.24 28.49 56.82
C LEU B 873 -100.56 27.72 56.86
N ILE B 874 -100.66 26.62 56.13
CA ILE B 874 -101.84 25.78 56.10
C ILE B 874 -101.61 24.61 57.05
N ASP B 875 -102.55 24.40 57.97
CA ASP B 875 -102.53 23.25 58.85
C ASP B 875 -103.72 22.31 58.65
N GLU B 876 -104.85 22.82 58.16
CA GLU B 876 -105.98 21.98 57.80
C GLU B 876 -106.57 22.49 56.50
N PHE B 877 -107.14 21.60 55.71
CA PHE B 877 -107.63 21.96 54.39
C PHE B 877 -108.96 22.70 54.49
N THR B 878 -108.95 23.98 54.13
CA THR B 878 -110.17 24.75 54.02
C THR B 878 -110.94 24.33 52.77
N PRO B 879 -112.25 24.56 52.73
CA PRO B 879 -113.03 24.17 51.54
C PRO B 879 -112.53 24.82 50.26
N GLU B 880 -111.96 26.03 50.34
CA GLU B 880 -111.39 26.65 49.14
C GLU B 880 -110.21 25.84 48.60
N HIS B 881 -109.37 25.33 49.50
CA HIS B 881 -108.25 24.50 49.07
C HIS B 881 -108.74 23.20 48.43
N GLU B 882 -109.78 22.60 49.00
CA GLU B 882 -110.39 21.41 48.40
C GLU B 882 -110.93 21.72 47.02
N GLU B 883 -111.59 22.87 46.88
CA GLU B 883 -112.10 23.28 45.58
C GLU B 883 -110.98 23.45 44.57
N LEU B 884 -109.86 24.07 44.99
CA LEU B 884 -108.73 24.24 44.09
C LEU B 884 -108.15 22.90 43.65
N ILE B 885 -107.99 21.97 44.60
CA ILE B 885 -107.42 20.67 44.28
C ILE B 885 -108.33 19.92 43.31
N ILE B 886 -109.65 19.93 43.57
CA ILE B 886 -110.57 19.22 42.69
C ILE B 886 -110.63 19.89 41.32
N GLU B 887 -110.54 21.22 41.27
CA GLU B 887 -110.51 21.91 39.98
C GLU B 887 -109.28 21.54 39.17
N TYR B 888 -108.12 21.46 39.83
CA TYR B 888 -106.93 21.02 39.12
C TYR B 888 -107.08 19.58 38.64
N LEU B 889 -107.70 18.73 39.45
CA LEU B 889 -107.90 17.35 39.03
C LEU B 889 -108.82 17.27 37.82
N GLU B 890 -109.88 18.09 37.80
CA GLU B 890 -110.71 18.23 36.60
C GLU B 890 -109.88 18.64 35.40
N THR B 891 -109.03 19.66 35.57
CA THR B 891 -108.22 20.14 34.45
C THR B 891 -107.26 19.08 33.95
N ARG B 892 -106.63 18.34 34.86
CA ARG B 892 -105.70 17.28 34.48
C ARG B 892 -106.42 16.16 33.73
N LYS B 893 -107.61 15.78 34.21
CA LYS B 893 -108.38 14.76 33.50
C LYS B 893 -108.81 15.24 32.12
N VAL B 894 -109.19 16.51 32.00
CA VAL B 894 -109.58 17.05 30.71
C VAL B 894 -108.39 17.04 29.74
N ASN B 895 -107.23 17.48 30.22
CA ASN B 895 -106.02 17.45 29.39
C ASN B 895 -105.60 16.03 29.04
N TYR B 896 -105.89 15.07 29.92
CA TYR B 896 -105.64 13.66 29.61
C TYR B 896 -106.44 13.22 28.39
N ILE B 897 -107.74 13.48 28.39
CA ILE B 897 -108.60 13.09 27.28
C ILE B 897 -108.46 14.06 26.12
N GLY B 903 -103.44 9.99 20.17
CA GLY B 903 -103.44 8.68 20.80
C GLY B 903 -102.16 8.40 21.56
N ILE B 904 -101.73 9.36 22.38
CA ILE B 904 -100.52 9.25 23.18
C ILE B 904 -100.84 9.66 24.61
N GLN B 905 -99.95 9.26 25.53
CA GLN B 905 -100.15 9.54 26.94
C GLN B 905 -98.86 10.08 27.55
N THR B 906 -99.03 10.92 28.57
CA THR B 906 -97.93 11.57 29.26
C THR B 906 -97.78 10.98 30.66
N PHE B 907 -96.53 10.74 31.05
CA PHE B 907 -96.18 10.46 32.43
C PHE B 907 -95.28 11.59 32.91
N SER B 908 -95.80 12.43 33.80
CA SER B 908 -95.05 13.58 34.28
C SER B 908 -94.45 13.29 35.65
N SER B 909 -93.39 14.03 35.98
CA SER B 909 -92.68 13.86 37.25
C SER B 909 -93.06 14.95 38.25
N ASN B 910 -94.19 15.64 38.03
CA ASN B 910 -94.59 16.72 38.92
C ASN B 910 -94.91 16.18 40.31
N ASP B 911 -95.53 15.00 40.38
CA ASP B 911 -95.79 14.27 41.61
C ASP B 911 -96.87 14.92 42.48
N TYR B 912 -97.72 15.78 41.89
CA TYR B 912 -98.82 16.37 42.63
C TYR B 912 -99.92 15.36 42.91
N MET B 913 -100.26 14.54 41.91
CA MET B 913 -101.33 13.56 42.08
C MET B 913 -100.98 12.57 43.18
N SER B 914 -99.70 12.22 43.31
CA SER B 914 -99.27 11.38 44.43
C SER B 914 -99.51 12.07 45.76
N THR B 915 -99.25 13.38 45.85
CA THR B 915 -99.53 14.09 47.09
C THR B 915 -101.01 14.07 47.41
N PHE B 916 -101.87 14.25 46.41
CA PHE B 916 -103.31 14.19 46.64
C PHE B 916 -103.73 12.81 47.12
N GLY B 917 -103.21 11.76 46.49
CA GLY B 917 -103.55 10.41 46.92
C GLY B 917 -103.07 10.12 48.33
N ILE B 918 -101.87 10.59 48.68
CA ILE B 918 -101.35 10.40 50.03
C ILE B 918 -102.21 11.15 51.03
N TRP B 919 -102.64 12.36 50.69
CA TRP B 919 -103.53 13.11 51.57
C TRP B 919 -104.84 12.37 51.77
N TYR B 920 -105.36 11.75 50.72
CA TYR B 920 -106.56 10.91 50.89
C TYR B 920 -106.28 9.74 51.82
N PHE B 921 -105.13 9.09 51.64
CA PHE B 921 -104.84 7.88 52.40
C PHE B 921 -104.61 8.18 53.87
N LEU B 922 -104.04 9.34 54.19
CA LEU B 922 -103.82 9.75 55.57
C LEU B 922 -105.02 10.48 56.16
N GLU B 923 -106.13 10.56 55.42
CA GLU B 923 -107.36 11.19 55.85
C GLU B 923 -107.22 12.70 56.08
N GLU B 924 -106.16 13.31 55.57
CA GLU B 924 -106.06 14.77 55.63
C GLU B 924 -107.16 15.42 54.83
N ILE B 925 -107.47 14.88 53.65
CA ILE B 925 -108.64 15.27 52.88
C ILE B 925 -109.75 14.27 53.19
N ASN B 926 -110.99 14.75 53.19
CA ASN B 926 -112.14 13.92 53.54
C ASN B 926 -113.32 14.20 52.61
N ASN B 927 -113.04 14.33 51.32
CA ASN B 927 -114.07 14.49 50.30
C ASN B 927 -113.91 13.37 49.29
N SER B 928 -114.95 12.55 49.14
CA SER B 928 -114.90 11.35 48.30
C SER B 928 -115.33 11.63 46.86
N LYS B 929 -114.71 12.63 46.23
CA LYS B 929 -114.93 12.89 44.81
C LYS B 929 -113.74 12.48 43.96
N MET B 930 -112.56 12.29 44.55
CA MET B 930 -111.36 12.03 43.75
C MET B 930 -111.36 10.62 43.18
N GLU B 931 -112.25 9.74 43.63
CA GLU B 931 -112.36 8.42 43.03
C GLU B 931 -112.76 8.48 41.57
N GLU B 932 -113.29 9.62 41.12
CA GLU B 932 -113.55 9.82 39.70
C GLU B 932 -112.27 9.82 38.89
N PHE B 933 -111.19 10.41 39.43
CA PHE B 933 -109.93 10.51 38.69
C PHE B 933 -109.04 9.28 38.85
N ILE B 934 -109.61 8.13 39.19
CA ILE B 934 -108.80 6.93 39.40
C ILE B 934 -108.42 6.32 38.05
N GLY B 935 -107.12 6.16 37.82
CA GLY B 935 -106.60 5.53 36.62
C GLY B 935 -105.72 6.40 35.76
N MET B 936 -105.65 7.70 36.03
CA MET B 936 -104.89 8.60 35.17
C MET B 936 -103.39 8.48 35.43
N ASP B 937 -103.00 8.23 36.69
CA ASP B 937 -101.60 7.90 36.97
C ASP B 937 -101.55 7.04 38.22
N ASP B 938 -100.45 6.30 38.36
CA ASP B 938 -100.26 5.43 39.51
C ASP B 938 -99.70 6.21 40.70
N GLN B 939 -99.60 5.52 41.83
CA GLN B 939 -99.26 6.07 43.15
C GLN B 939 -100.40 6.96 43.65
N TYR B 940 -101.44 7.10 42.83
CA TYR B 940 -102.67 7.78 43.17
C TYR B 940 -103.82 6.79 43.39
N ASP B 941 -103.88 5.76 42.55
CA ASP B 941 -104.80 4.66 42.79
C ASP B 941 -104.36 3.80 43.97
N PHE B 942 -103.05 3.72 44.20
CA PHE B 942 -102.52 2.89 45.28
C PHE B 942 -103.00 3.41 46.64
N PHE B 943 -103.05 4.72 46.81
CA PHE B 943 -103.42 5.30 48.10
C PHE B 943 -104.90 5.54 48.26
N VAL B 944 -105.61 5.81 47.17
CA VAL B 944 -107.04 6.12 47.27
C VAL B 944 -107.87 4.84 47.41
N ASP B 945 -107.71 3.92 46.45
CA ASP B 945 -108.44 2.65 46.45
C ASP B 945 -107.44 1.52 46.31
N PRO B 946 -106.74 1.18 47.40
CA PRO B 946 -105.68 0.16 47.30
C PRO B 946 -106.19 -1.22 46.90
N GLU B 947 -107.43 -1.57 47.26
CA GLU B 947 -107.90 -2.93 47.07
C GLU B 947 -107.93 -3.32 45.60
N ASN B 948 -108.38 -2.41 44.74
CA ASN B 948 -108.44 -2.66 43.30
C ASN B 948 -107.30 -1.99 42.54
N PHE B 949 -106.13 -1.84 43.17
CA PHE B 949 -105.01 -1.15 42.55
C PHE B 949 -104.32 -1.99 41.47
N ASP B 950 -104.45 -3.32 41.52
CA ASP B 950 -103.81 -4.21 40.55
C ASP B 950 -102.29 -4.00 40.53
N TYR B 951 -101.67 -4.41 41.64
CA TYR B 951 -100.31 -4.04 41.99
C TYR B 951 -99.26 -4.55 41.00
N LYS B 952 -99.69 -5.18 39.91
CA LYS B 952 -98.75 -5.53 38.85
C LYS B 952 -98.05 -4.29 38.30
N LYS B 953 -98.69 -3.13 38.40
CA LYS B 953 -98.09 -1.86 38.02
C LYS B 953 -97.40 -1.16 39.18
N PHE B 954 -97.44 -1.73 40.38
CA PHE B 954 -96.77 -1.13 41.53
C PHE B 954 -95.25 -1.18 41.33
N ILE B 955 -94.59 -0.11 41.71
CA ILE B 955 -93.14 0.03 41.60
C ILE B 955 -92.56 0.18 43.00
N PRO B 956 -91.51 -0.57 43.34
CA PRO B 956 -90.95 -0.49 44.71
C PRO B 956 -90.39 0.88 45.05
N SER B 957 -89.98 1.67 44.05
CA SER B 957 -89.33 2.94 44.31
C SER B 957 -90.20 3.90 45.12
N TRP B 958 -91.52 3.78 45.00
CA TRP B 958 -92.42 4.62 45.80
C TRP B 958 -92.13 4.47 47.29
N LEU B 959 -91.83 3.24 47.74
CA LEU B 959 -91.57 3.00 49.14
C LEU B 959 -90.34 3.77 49.63
N LYS B 960 -89.46 4.17 48.73
CA LYS B 960 -88.36 5.06 49.11
C LYS B 960 -88.89 6.42 49.56
N ASN B 961 -89.84 6.98 48.81
CA ASN B 961 -90.23 8.37 49.03
C ASN B 961 -91.00 8.56 50.33
N TYR B 962 -91.50 7.48 50.93
CA TYR B 962 -92.37 7.62 52.09
C TYR B 962 -91.54 7.77 53.37
N ASN B 963 -92.18 8.30 54.40
CA ASN B 963 -91.55 8.58 55.69
C ASN B 963 -92.11 7.63 56.75
N ASP B 964 -91.72 7.85 58.00
CA ASP B 964 -92.09 6.95 59.09
C ASP B 964 -93.60 6.91 59.29
N LYS B 965 -94.26 8.07 59.29
CA LYS B 965 -95.69 8.12 59.52
C LYS B 965 -96.45 7.45 58.38
N LEU B 966 -96.12 7.80 57.14
CA LEU B 966 -96.81 7.22 56.00
C LEU B 966 -96.55 5.72 55.89
N LEU B 967 -95.31 5.29 56.14
CA LEU B 967 -95.01 3.86 56.08
C LEU B 967 -95.72 3.10 57.19
N GLY B 968 -95.80 3.69 58.38
CA GLY B 968 -96.55 3.05 59.45
C GLY B 968 -98.03 2.91 59.13
N LYS B 969 -98.63 3.97 58.56
CA LYS B 969 -100.02 3.88 58.13
C LYS B 969 -100.21 2.83 57.05
N ILE B 970 -99.27 2.76 56.09
CA ILE B 970 -99.35 1.78 55.02
C ILE B 970 -99.29 0.36 55.59
N ALA B 971 -98.39 0.14 56.56
CA ALA B 971 -98.30 -1.17 57.21
C ALA B 971 -99.57 -1.48 57.98
N GLY B 972 -100.14 -0.49 58.66
CA GLY B 972 -101.36 -0.68 59.42
C GLY B 972 -102.63 -0.72 58.61
N ASN B 973 -102.55 -0.51 57.29
CA ASN B 973 -103.73 -0.62 56.44
C ASN B 973 -104.37 -2.00 56.55
N LYS B 974 -103.55 -3.05 56.47
CA LYS B 974 -103.92 -4.46 56.65
C LYS B 974 -104.83 -4.99 55.54
N HIS B 975 -105.27 -4.15 54.62
CA HIS B 975 -105.95 -4.61 53.41
C HIS B 975 -105.08 -4.43 52.18
N MET B 976 -103.87 -3.91 52.34
CA MET B 976 -102.92 -3.74 51.26
C MET B 976 -101.49 -4.07 51.69
N LYS B 977 -101.28 -4.52 52.91
CA LYS B 977 -99.93 -4.75 53.42
C LYS B 977 -99.30 -5.99 52.82
N HIS B 978 -100.12 -6.91 52.31
CA HIS B 978 -99.56 -8.16 51.78
C HIS B 978 -98.86 -7.95 50.44
N HIS B 979 -99.44 -7.16 49.55
CA HIS B 979 -98.76 -6.87 48.28
C HIS B 979 -97.47 -6.09 48.53
N VAL B 980 -97.51 -5.14 49.46
CA VAL B 980 -96.32 -4.37 49.77
C VAL B 980 -95.25 -5.25 50.42
N ILE B 981 -95.64 -6.17 51.30
CA ILE B 981 -94.67 -7.07 51.89
C ILE B 981 -94.08 -7.98 50.81
N GLU B 982 -94.88 -8.40 49.83
CA GLU B 982 -94.35 -9.21 48.73
C GLU B 982 -93.31 -8.45 47.93
N VAL B 983 -93.64 -7.22 47.52
CA VAL B 983 -92.70 -6.47 46.68
C VAL B 983 -91.44 -6.13 47.46
N LEU B 984 -91.59 -5.73 48.73
CA LEU B 984 -90.41 -5.43 49.56
C LEU B 984 -89.55 -6.65 49.77
N LYS B 985 -90.18 -7.81 49.99
CA LYS B 985 -89.41 -9.03 50.25
C LYS B 985 -88.66 -9.47 49.01
N GLU B 986 -89.32 -9.46 47.84
CA GLU B 986 -88.63 -9.83 46.62
C GLU B 986 -87.55 -8.82 46.25
N ARG B 987 -87.73 -7.54 46.60
CA ARG B 987 -86.71 -6.55 46.31
C ARG B 987 -85.50 -6.71 47.21
N VAL B 988 -85.71 -6.97 48.50
CA VAL B 988 -84.59 -7.17 49.41
C VAL B 988 -83.85 -8.46 49.07
N LYS B 989 -84.57 -9.46 48.56
CA LYS B 989 -83.90 -10.66 48.07
C LYS B 989 -83.09 -10.36 46.82
N ASN B 990 -83.65 -9.58 45.89
CA ASN B 990 -83.01 -9.36 44.60
C ASN B 990 -81.83 -8.40 44.70
N SER B 991 -81.97 -7.31 45.44
CA SER B 991 -81.01 -6.23 45.41
C SER B 991 -80.18 -6.18 46.71
N ASN B 992 -79.15 -5.33 46.68
CA ASN B 992 -78.29 -5.08 47.82
C ASN B 992 -78.39 -3.63 48.31
N ASP B 993 -79.57 -3.02 48.15
CA ASP B 993 -79.72 -1.61 48.50
C ASP B 993 -79.51 -1.36 49.98
N LYS B 994 -80.01 -2.26 50.84
CA LYS B 994 -79.90 -2.24 52.29
C LYS B 994 -80.77 -1.16 52.93
N ARG B 995 -81.40 -0.30 52.15
CA ARG B 995 -82.44 0.59 52.67
C ARG B 995 -83.82 -0.04 52.54
N TYR B 996 -84.02 -0.84 51.50
CA TYR B 996 -85.26 -1.60 51.39
C TYR B 996 -85.43 -2.55 52.56
N LEU B 997 -84.33 -3.15 53.02
CA LEU B 997 -84.39 -3.99 54.22
C LEU B 997 -84.71 -3.16 55.46
N GLU B 998 -84.15 -1.95 55.54
CA GLU B 998 -84.46 -1.06 56.66
C GLU B 998 -85.95 -0.74 56.71
N ILE B 999 -86.53 -0.44 55.56
CA ILE B 999 -87.98 -0.23 55.48
C ILE B 999 -88.72 -1.52 55.85
N LEU B 1000 -88.24 -2.64 55.33
CA LEU B 1000 -88.90 -3.93 55.53
C LEU B 1000 -89.01 -4.28 56.99
N MET B 1001 -87.96 -4.02 57.78
CA MET B 1001 -87.92 -4.48 59.15
C MET B 1001 -88.09 -3.38 60.19
N ASN B 1002 -88.18 -2.12 59.79
CA ASN B 1002 -88.52 -1.07 60.74
C ASN B 1002 -90.01 -1.08 61.08
N TYR B 1003 -90.87 -1.32 60.09
CA TYR B 1003 -92.31 -1.29 60.30
C TYR B 1003 -93.03 -2.54 59.80
N PHE B 1004 -92.31 -3.50 59.22
CA PHE B 1004 -92.89 -4.78 58.77
C PHE B 1004 -94.04 -4.57 57.79
N ILE B 1005 -93.89 -3.62 56.88
CA ILE B 1005 -94.95 -3.32 55.91
C ILE B 1005 -95.10 -4.46 54.92
N LEU C 22 26.59 38.76 -8.45
CA LEU C 22 26.29 37.37 -8.14
C LEU C 22 25.97 37.19 -6.66
N ASP C 23 25.72 35.95 -6.25
CA ASP C 23 25.40 35.64 -4.87
C ASP C 23 26.09 34.34 -4.49
N ASN C 24 26.46 34.25 -3.21
CA ASN C 24 27.24 33.10 -2.73
C ASN C 24 26.48 31.79 -2.89
N ASN C 25 25.19 31.78 -2.55
CA ASN C 25 24.38 30.57 -2.72
C ASN C 25 24.28 30.20 -4.19
N VAL C 26 24.06 31.20 -5.05
CA VAL C 26 23.90 30.96 -6.47
C VAL C 26 25.20 30.40 -7.06
N VAL C 27 26.34 30.98 -6.69
CA VAL C 27 27.61 30.50 -7.24
C VAL C 27 27.93 29.11 -6.69
N GLU C 28 27.56 28.83 -5.44
CA GLU C 28 27.75 27.48 -4.92
C GLU C 28 26.93 26.47 -5.73
N CYS C 29 25.67 26.79 -6.01
CA CYS C 29 24.83 25.89 -6.80
C CYS C 29 25.40 25.71 -8.20
N ILE C 30 25.88 26.80 -8.80
CA ILE C 30 26.48 26.71 -10.13
C ILE C 30 27.71 25.83 -10.12
N LYS C 31 28.57 25.99 -9.11
CA LYS C 31 29.76 25.14 -9.01
C LYS C 31 29.40 23.68 -8.83
N GLU C 32 28.38 23.40 -7.99
CA GLU C 32 27.97 22.01 -7.79
C GLU C 32 27.43 21.41 -9.08
N ILE C 33 26.60 22.16 -9.82
CA ILE C 33 26.05 21.66 -11.07
C ILE C 33 27.15 21.40 -12.07
N THR C 34 28.11 22.33 -12.17
CA THR C 34 29.22 22.16 -13.11
C THR C 34 30.07 20.94 -12.74
N GLU C 35 30.39 20.78 -11.46
CA GLU C 35 31.21 19.65 -11.03
C GLU C 35 30.49 18.33 -11.30
N SER C 36 29.18 18.30 -11.06
CA SER C 36 28.40 17.10 -11.38
C SER C 36 28.39 16.82 -12.87
N SER C 37 28.26 17.88 -13.69
CA SER C 37 28.21 17.70 -15.13
C SER C 37 29.55 17.19 -15.67
N ARG C 38 30.66 17.65 -15.09
CA ARG C 38 31.97 17.20 -15.57
C ARG C 38 32.16 15.72 -15.36
N ASN C 39 31.55 15.16 -14.32
CA ASN C 39 31.65 13.73 -14.03
C ASN C 39 30.55 12.92 -14.71
N GLY C 40 29.71 13.56 -15.52
CA GLY C 40 28.65 12.85 -16.22
C GLY C 40 27.48 12.44 -15.37
N LYS C 41 27.27 13.09 -14.23
CA LYS C 41 26.16 12.78 -13.33
C LYS C 41 24.96 13.69 -13.52
N LEU C 42 25.07 14.74 -14.35
CA LEU C 42 23.99 15.69 -14.48
C LEU C 42 22.84 15.11 -15.29
N VAL C 43 21.61 15.35 -14.82
CA VAL C 43 20.40 14.91 -15.49
C VAL C 43 19.41 16.06 -15.49
N PHE C 44 18.77 16.29 -16.62
CA PHE C 44 17.89 17.45 -16.80
C PHE C 44 16.43 17.02 -16.82
N PHE C 45 15.63 17.60 -15.93
CA PHE C 45 14.19 17.35 -15.86
C PHE C 45 13.50 18.54 -16.51
N VAL C 46 13.37 18.52 -17.83
CA VAL C 46 12.83 19.66 -18.58
C VAL C 46 11.32 19.50 -18.66
N GLY C 47 10.60 20.62 -18.55
CA GLY C 47 9.15 20.60 -18.51
C GLY C 47 8.52 21.29 -19.71
N ALA C 48 7.27 21.72 -19.51
CA ALA C 48 6.52 22.41 -20.55
C ALA C 48 7.02 23.81 -20.82
N GLY C 49 7.76 24.42 -19.87
CA GLY C 49 8.27 25.75 -20.10
C GLY C 49 9.31 25.82 -21.20
N VAL C 50 10.20 24.82 -21.24
CA VAL C 50 11.24 24.80 -22.27
C VAL C 50 10.63 24.47 -23.62
N SER C 51 9.42 23.92 -23.63
CA SER C 51 8.70 23.64 -24.87
C SER C 51 7.86 24.82 -25.34
N THR C 52 7.39 25.66 -24.43
CA THR C 52 6.66 26.87 -24.80
C THR C 52 7.57 27.89 -25.49
N LEU C 53 8.87 27.88 -25.19
CA LEU C 53 9.82 28.73 -25.88
C LEU C 53 9.74 28.51 -27.38
N SER C 54 9.50 27.27 -27.81
CA SER C 54 9.36 26.92 -29.21
C SER C 54 7.96 27.20 -29.74
N ASP C 55 7.17 28.00 -29.03
CA ASP C 55 5.83 28.39 -29.44
C ASP C 55 4.93 27.17 -29.65
N TYR C 56 5.18 26.14 -28.86
CA TYR C 56 4.32 24.97 -28.83
C TYR C 56 3.03 25.27 -28.11
N PRO C 57 1.93 24.65 -28.50
CA PRO C 57 0.65 24.90 -27.82
C PRO C 57 0.74 24.56 -26.33
N GLN C 58 0.59 25.60 -25.50
CA GLN C 58 0.64 25.43 -24.07
C GLN C 58 -0.57 24.64 -23.58
N TRP C 59 -0.44 24.03 -22.40
CA TRP C 59 -1.50 23.16 -21.89
C TRP C 59 -2.80 23.94 -21.68
N TRP C 60 -2.70 25.17 -21.18
CA TRP C 60 -3.90 25.96 -20.96
C TRP C 60 -4.65 26.23 -22.25
N ARG C 61 -3.93 26.32 -23.37
CA ARG C 61 -4.59 26.52 -24.66
C ARG C 61 -5.49 25.33 -25.01
N LEU C 62 -4.95 24.12 -24.89
CA LEU C 62 -5.74 22.92 -25.20
C LEU C 62 -6.87 22.75 -24.19
N VAL C 63 -6.62 23.05 -22.92
CA VAL C 63 -7.66 22.94 -21.91
C VAL C 63 -8.79 23.93 -22.20
N ASP C 64 -8.43 25.15 -22.64
CA ASP C 64 -9.44 26.13 -23.02
C ASP C 64 -10.22 25.68 -24.25
N LYS C 65 -9.54 25.05 -25.22
CA LYS C 65 -10.25 24.50 -26.36
C LYS C 65 -11.24 23.43 -25.93
N TYR C 66 -10.83 22.55 -25.02
CA TYR C 66 -11.72 21.53 -24.49
C TYR C 66 -12.91 22.17 -23.79
N HIS C 67 -12.66 23.20 -23.00
CA HIS C 67 -13.71 23.91 -22.28
C HIS C 67 -14.70 24.56 -23.25
N GLU C 68 -14.20 25.18 -24.30
CA GLU C 68 -15.08 25.84 -25.26
C GLU C 68 -15.89 24.83 -26.05
N GLU C 69 -15.29 23.70 -26.42
CA GLU C 69 -16.05 22.64 -27.08
C GLU C 69 -17.08 22.04 -26.14
N LEU C 70 -16.82 22.10 -24.83
CA LEU C 70 -17.75 21.52 -23.86
C LEU C 70 -18.94 22.44 -23.61
N TYR C 71 -18.68 23.73 -23.40
CA TYR C 71 -19.73 24.69 -23.07
C TYR C 71 -19.80 25.85 -24.06
N GLY C 72 -19.73 25.60 -25.36
CA GLY C 72 -19.83 26.64 -26.36
C GLY C 72 -18.69 27.63 -26.31
N TYR C 79 -6.79 30.04 -15.05
CA TYR C 79 -7.21 28.65 -14.96
C TYR C 79 -6.69 28.00 -13.68
N SER C 80 -7.60 27.39 -12.93
CA SER C 80 -7.21 26.69 -11.72
C SER C 80 -6.45 25.41 -12.07
N SER C 81 -5.71 24.89 -11.09
CA SER C 81 -4.90 23.70 -11.33
C SER C 81 -5.76 22.46 -11.54
N ASP C 82 -6.88 22.37 -10.81
CA ASP C 82 -7.71 21.17 -10.92
C ASP C 82 -8.50 21.14 -12.22
N GLU C 83 -8.80 22.31 -12.78
CA GLU C 83 -9.47 22.36 -14.07
C GLU C 83 -8.63 21.72 -15.16
N TYR C 84 -7.31 21.92 -15.08
CA TYR C 84 -6.40 21.37 -16.09
C TYR C 84 -6.57 19.87 -16.25
N LEU C 85 -6.97 19.19 -15.17
CA LEU C 85 -7.17 17.75 -15.26
C LEU C 85 -8.65 17.40 -15.42
N ARG C 86 -9.54 18.19 -14.83
CA ARG C 86 -10.97 17.86 -14.88
C ARG C 86 -11.55 18.05 -16.27
N ILE C 87 -11.27 19.19 -16.91
CA ILE C 87 -11.89 19.51 -18.19
C ILE C 87 -11.55 18.46 -19.24
N PRO C 88 -10.27 18.06 -19.40
CA PRO C 88 -10.01 16.94 -20.32
C PRO C 88 -10.73 15.67 -19.93
N GLN C 89 -10.86 15.40 -18.62
CA GLN C 89 -11.54 14.18 -18.19
C GLN C 89 -13.02 14.22 -18.55
N ILE C 90 -13.69 15.35 -18.27
CA ILE C 90 -15.10 15.47 -18.58
C ILE C 90 -15.33 15.37 -20.08
N PHE C 91 -14.51 16.08 -20.85
CA PHE C 91 -14.67 16.04 -22.31
C PHE C 91 -14.42 14.64 -22.84
N TYR C 92 -13.43 13.94 -22.30
CA TYR C 92 -13.21 12.55 -22.68
C TYR C 92 -14.45 11.71 -22.42
N ASN C 93 -14.98 11.78 -21.20
CA ASN C 93 -16.11 10.93 -20.82
C ASN C 93 -17.34 11.22 -21.68
N VAL C 94 -17.50 12.49 -22.12
CA VAL C 94 -18.75 12.83 -22.82
C VAL C 94 -18.60 12.68 -24.33
N LYS C 95 -17.42 12.99 -24.88
CA LYS C 95 -17.21 13.03 -26.32
C LYS C 95 -16.31 11.91 -26.83
N GLY C 96 -16.08 10.88 -26.02
CA GLY C 96 -15.40 9.70 -26.47
C GLY C 96 -13.95 9.93 -26.80
N GLU C 97 -13.24 8.81 -26.93
CA GLU C 97 -11.90 8.85 -27.50
C GLU C 97 -11.92 9.50 -28.87
N MET C 98 -13.06 9.41 -29.58
CA MET C 98 -13.12 10.03 -30.89
C MET C 98 -12.83 11.53 -30.82
N ALA C 99 -13.55 12.28 -29.97
CA ALA C 99 -13.29 13.71 -29.95
C ALA C 99 -12.02 14.03 -29.17
N PHE C 100 -11.71 13.23 -28.14
CA PHE C 100 -10.48 13.49 -27.39
C PHE C 100 -9.26 13.41 -28.30
N ASP C 101 -9.12 12.32 -29.04
CA ASP C 101 -8.01 12.16 -29.96
C ASP C 101 -8.10 13.13 -31.13
N GLY C 102 -9.32 13.51 -31.53
CA GLY C 102 -9.45 14.51 -32.57
C GLY C 102 -8.80 15.82 -32.19
N ILE C 103 -9.17 16.36 -31.02
CA ILE C 103 -8.59 17.61 -30.56
C ILE C 103 -7.09 17.45 -30.32
N LEU C 104 -6.70 16.33 -29.69
CA LEU C 104 -5.29 16.12 -29.35
C LEU C 104 -4.41 16.09 -30.60
N LYS C 105 -4.88 15.42 -31.66
CA LYS C 105 -4.13 15.40 -32.91
C LYS C 105 -4.18 16.76 -33.60
N ASP C 106 -5.30 17.48 -33.46
CA ASP C 106 -5.42 18.79 -34.09
C ASP C 106 -4.37 19.77 -33.57
N PHE C 107 -4.20 19.83 -32.25
CA PHE C 107 -3.35 20.88 -31.69
C PHE C 107 -1.86 20.55 -31.75
N PHE C 108 -1.49 19.28 -31.71
CA PHE C 108 -0.12 18.89 -31.37
C PHE C 108 0.65 18.30 -32.54
N GLN C 109 0.36 18.78 -33.75
CA GLN C 109 1.09 18.39 -34.95
C GLN C 109 1.76 19.58 -35.61
N VAL C 110 2.41 20.45 -34.83
CA VAL C 110 2.83 21.75 -35.35
C VAL C 110 4.32 21.79 -35.68
N ASP C 111 5.02 20.67 -35.50
CA ASP C 111 6.43 20.47 -35.89
C ASP C 111 7.29 21.73 -35.68
N LYS C 112 7.11 22.33 -34.51
CA LYS C 112 7.78 23.59 -34.19
C LYS C 112 9.29 23.41 -34.14
N PRO C 113 10.06 24.45 -34.46
CA PRO C 113 11.52 24.33 -34.45
C PRO C 113 12.08 24.31 -33.04
N THR C 114 13.27 23.73 -32.90
CA THR C 114 13.92 23.66 -31.60
C THR C 114 14.42 25.02 -31.16
N ASN C 115 14.53 25.20 -29.85
CA ASN C 115 15.00 26.45 -29.26
C ASN C 115 16.51 26.45 -29.12
N PRO C 116 17.12 27.63 -28.99
CA PRO C 116 18.50 27.67 -28.50
C PRO C 116 18.65 27.04 -27.13
N ILE C 117 17.59 27.07 -26.32
CA ILE C 117 17.67 26.51 -24.97
C ILE C 117 17.75 24.99 -25.02
N HIS C 118 17.11 24.37 -26.01
CA HIS C 118 17.25 22.92 -26.16
C HIS C 118 18.70 22.53 -26.41
N ASP C 119 19.36 23.23 -27.33
CA ASP C 119 20.77 22.97 -27.60
C ASP C 119 21.63 23.34 -26.41
N LYS C 120 21.26 24.38 -25.66
CA LYS C 120 22.01 24.75 -24.47
C LYS C 120 21.92 23.65 -23.41
N ILE C 121 20.74 23.08 -23.23
CA ILE C 121 20.57 21.97 -22.29
C ILE C 121 21.39 20.77 -22.74
N LEU C 122 21.34 20.44 -24.03
CA LEU C 122 22.16 19.35 -24.54
C LEU C 122 23.65 19.64 -24.40
N ALA C 123 24.02 20.92 -24.41
CA ALA C 123 25.42 21.31 -24.29
C ALA C 123 26.02 20.93 -22.94
N MET C 124 25.18 20.75 -21.92
CA MET C 124 25.65 20.31 -20.61
C MET C 124 25.90 18.81 -20.55
N ASN C 125 25.95 18.14 -21.70
CA ASN C 125 26.16 16.69 -21.86
C ASN C 125 25.47 15.84 -20.81
N PRO C 126 24.19 16.10 -20.51
CA PRO C 126 23.55 15.43 -19.38
C PRO C 126 23.45 13.93 -19.60
N ALA C 127 23.58 13.19 -18.49
CA ALA C 127 23.49 11.74 -18.56
C ALA C 127 22.10 11.31 -19.01
N HIS C 128 21.05 11.96 -18.50
CA HIS C 128 19.69 11.64 -18.87
C HIS C 128 18.88 12.93 -18.99
N VAL C 129 17.88 12.89 -19.87
CA VAL C 129 16.98 14.02 -20.05
C VAL C 129 15.57 13.51 -19.81
N ILE C 130 15.08 13.67 -18.59
CA ILE C 130 13.72 13.34 -18.23
C ILE C 130 12.84 14.53 -18.64
N THR C 131 11.63 14.25 -19.10
CA THR C 131 10.71 15.29 -19.49
C THR C 131 9.28 14.78 -19.39
N THR C 132 8.39 15.62 -18.90
CA THR C 132 6.96 15.34 -18.97
C THR C 132 6.37 15.76 -20.30
N ASN C 133 7.19 16.32 -21.20
CA ASN C 133 6.69 16.71 -22.51
C ASN C 133 6.42 15.49 -23.38
N TYR C 134 5.42 15.66 -24.24
CA TYR C 134 5.05 14.71 -25.28
C TYR C 134 5.43 15.20 -26.67
N ASP C 135 6.04 16.38 -26.79
CA ASP C 135 6.62 16.83 -28.04
C ASP C 135 8.01 16.24 -28.23
N ASN C 136 8.45 16.22 -29.49
CA ASN C 136 9.73 15.61 -29.83
C ASN C 136 10.86 16.62 -29.95
N LEU C 137 10.63 17.87 -29.56
CA LEU C 137 11.66 18.90 -29.75
C LEU C 137 12.96 18.54 -29.05
N ILE C 138 12.87 17.93 -27.87
CA ILE C 138 14.07 17.59 -27.12
C ILE C 138 14.88 16.52 -27.84
N ASP C 139 14.22 15.47 -28.35
CA ASP C 139 14.97 14.41 -29.01
C ASP C 139 15.49 14.85 -30.38
N THR C 140 14.75 15.71 -31.08
CA THR C 140 15.28 16.28 -32.31
C THR C 140 16.49 17.17 -32.03
N ALA C 141 16.48 17.90 -30.91
CA ALA C 141 17.64 18.67 -30.53
C ALA C 141 18.83 17.76 -30.23
N CYS C 142 18.58 16.64 -29.54
CA CYS C 142 19.63 15.67 -29.30
C CYS C 142 20.19 15.13 -30.62
N TRP C 143 19.31 14.86 -31.57
CA TRP C 143 19.74 14.37 -32.87
C TRP C 143 20.58 15.42 -33.59
N LYS C 144 20.17 16.69 -33.51
CA LYS C 144 20.92 17.76 -34.16
C LYS C 144 22.31 17.91 -33.56
N ARG C 145 22.41 17.91 -32.24
CA ARG C 145 23.73 17.98 -31.60
C ARG C 145 24.54 16.71 -31.87
N GLY C 146 23.86 15.61 -32.19
CA GLY C 146 24.52 14.35 -32.44
C GLY C 146 24.51 13.39 -31.28
N LYS C 147 24.22 13.86 -30.07
CA LYS C 147 24.09 12.96 -28.93
C LYS C 147 22.89 12.05 -29.13
N TYR C 148 23.07 10.76 -28.88
CA TYR C 148 22.02 9.78 -29.05
C TYR C 148 21.49 9.36 -27.68
N PHE C 149 20.22 9.64 -27.43
CA PHE C 149 19.52 9.22 -26.23
C PHE C 149 18.43 8.23 -26.61
N SER C 150 18.45 7.05 -26.01
CA SER C 150 17.40 6.06 -26.24
C SER C 150 16.12 6.57 -25.59
N VAL C 151 15.08 6.77 -26.40
CA VAL C 151 13.85 7.34 -25.90
C VAL C 151 13.02 6.28 -25.18
N ILE C 152 12.69 6.55 -23.92
CA ILE C 152 11.82 5.68 -23.14
C ILE C 152 10.56 6.46 -22.81
N SER C 153 9.47 6.17 -23.52
CA SER C 153 8.22 6.90 -23.33
C SER C 153 7.04 5.99 -23.05
N ALA C 154 7.22 4.67 -23.15
CA ALA C 154 6.17 3.72 -22.85
C ALA C 154 6.73 2.62 -21.96
N GLU C 155 5.85 1.67 -21.63
CA GLU C 155 6.26 0.57 -20.76
C GLU C 155 7.32 -0.31 -21.42
N GLU C 156 7.05 -0.77 -22.64
CA GLU C 156 7.95 -1.73 -23.30
C GLU C 156 9.29 -1.11 -23.66
N ASP C 157 9.41 0.21 -23.67
CA ASP C 157 10.67 0.84 -24.05
C ASP C 157 11.73 0.66 -22.98
N VAL C 158 11.32 0.39 -21.73
CA VAL C 158 12.28 0.24 -20.65
C VAL C 158 13.18 -0.98 -20.88
N ALA C 159 12.57 -2.13 -21.17
CA ALA C 159 13.35 -3.35 -21.35
C ALA C 159 14.16 -3.30 -22.65
N ASN C 160 13.60 -2.66 -23.68
CA ASN C 160 14.24 -2.60 -24.99
C ASN C 160 15.15 -1.38 -25.15
N ALA C 161 15.36 -0.61 -24.08
CA ALA C 161 16.21 0.57 -24.13
C ALA C 161 17.65 0.12 -24.38
N THR C 162 18.23 0.57 -25.49
CA THR C 162 19.59 0.17 -25.82
C THR C 162 20.62 1.04 -25.09
N SER C 163 20.63 2.34 -25.39
CA SER C 163 21.74 3.18 -24.95
C SER C 163 21.78 3.31 -23.43
N SER C 164 23.00 3.48 -22.90
CA SER C 164 23.17 3.64 -21.46
C SER C 164 22.59 4.96 -21.00
N ARG C 165 22.38 5.90 -21.91
CA ARG C 165 21.79 7.19 -21.61
C ARG C 165 20.35 7.23 -22.11
N TYR C 166 19.41 7.44 -21.20
CA TYR C 166 17.99 7.39 -21.50
C TYR C 166 17.44 8.80 -21.68
N LEU C 167 16.37 8.92 -22.46
CA LEU C 167 15.56 10.14 -22.52
C LEU C 167 14.17 9.73 -22.08
N LEU C 168 13.86 9.99 -20.81
CA LEU C 168 12.61 9.56 -20.22
C LEU C 168 11.52 10.56 -20.51
N LYS C 169 10.51 10.13 -21.26
CA LYS C 169 9.27 10.88 -21.43
C LYS C 169 8.26 10.25 -20.48
N VAL C 170 8.20 10.77 -19.25
CA VAL C 170 7.40 10.14 -18.20
C VAL C 170 5.92 10.48 -18.29
N ALA C 171 5.50 11.15 -19.36
CA ALA C 171 4.09 11.37 -19.63
C ALA C 171 3.68 10.87 -21.01
N GLY C 172 4.52 10.07 -21.67
CA GLY C 172 4.23 9.60 -23.00
C GLY C 172 4.48 10.65 -24.06
N ASP C 173 4.39 10.22 -25.32
CA ASP C 173 4.59 11.14 -26.43
C ASP C 173 3.66 10.74 -27.57
N PHE C 174 3.69 11.53 -28.64
CA PHE C 174 2.99 11.19 -29.88
C PHE C 174 3.96 10.53 -30.86
N ARG C 175 4.59 9.45 -30.40
CA ARG C 175 5.54 8.71 -31.21
C ARG C 175 5.00 7.37 -31.70
N LYS C 176 4.03 6.78 -30.99
CA LYS C 176 3.31 5.62 -31.46
C LYS C 176 1.96 5.98 -32.08
N GLY C 177 1.70 7.28 -32.27
CA GLY C 177 0.42 7.75 -32.74
C GLY C 177 -0.03 8.94 -31.93
N PHE C 178 -1.05 9.66 -32.40
CA PHE C 178 -1.57 10.82 -31.70
C PHE C 178 -2.81 10.49 -30.88
N LYS C 179 -2.85 9.29 -30.30
CA LYS C 179 -3.99 8.89 -29.50
C LYS C 179 -3.88 9.45 -28.09
N GLY C 180 -5.00 9.41 -27.37
CA GLY C 180 -5.01 9.88 -26.00
C GLY C 180 -4.48 8.89 -24.98
N GLU C 181 -4.34 7.63 -25.38
CA GLU C 181 -3.85 6.62 -24.43
C GLU C 181 -2.33 6.74 -24.23
N ASN C 182 -1.63 7.23 -25.25
CA ASN C 182 -0.17 7.32 -25.16
C ASN C 182 0.27 8.39 -24.17
N VAL C 183 -0.64 9.28 -23.80
CA VAL C 183 -0.30 10.44 -22.98
C VAL C 183 -0.94 10.27 -21.61
N VAL C 184 -0.43 11.04 -20.64
CA VAL C 184 -0.90 10.99 -19.26
C VAL C 184 -1.53 12.35 -18.97
N LEU C 185 -2.12 12.96 -20.00
CA LEU C 185 -2.58 14.34 -19.89
C LEU C 185 -3.81 14.47 -18.99
N LYS C 186 -4.74 13.53 -19.07
CA LYS C 186 -6.02 13.72 -18.40
C LYS C 186 -5.92 13.32 -16.93
N GLU C 187 -7.06 13.46 -16.23
CA GLU C 187 -7.08 13.25 -14.78
C GLU C 187 -6.98 11.78 -14.42
N ASP C 188 -7.69 10.92 -15.16
CA ASP C 188 -7.64 9.49 -14.87
C ASP C 188 -6.24 8.93 -15.06
N ASP C 189 -5.56 9.36 -16.13
CA ASP C 189 -4.19 8.90 -16.37
C ASP C 189 -3.27 9.32 -15.22
N TYR C 190 -3.47 10.54 -14.69
CA TYR C 190 -2.70 10.97 -13.54
C TYR C 190 -3.00 10.12 -12.31
N LEU C 191 -4.28 9.77 -12.13
CA LEU C 191 -4.67 8.95 -10.98
C LEU C 191 -4.03 7.58 -11.02
N ASN C 192 -4.03 6.93 -12.19
CA ASN C 192 -3.52 5.58 -12.35
C ASN C 192 -2.10 5.56 -12.88
N TYR C 193 -1.38 6.67 -12.78
CA TYR C 193 -0.02 6.73 -13.33
C TYR C 193 0.91 5.76 -12.62
N ASP C 194 0.83 5.68 -11.29
CA ASP C 194 1.73 4.80 -10.54
C ASP C 194 1.44 3.34 -10.85
N GLN C 195 0.25 3.04 -11.37
CA GLN C 195 -0.11 1.68 -11.72
C GLN C 195 -0.03 1.41 -13.22
N ASN C 196 -0.28 2.42 -14.06
CA ASN C 196 -0.14 2.26 -15.50
C ASN C 196 1.31 2.30 -15.96
N TYR C 197 2.18 2.99 -15.24
CA TYR C 197 3.60 3.10 -15.62
C TYR C 197 4.50 2.78 -14.42
N PRO C 198 4.44 1.55 -13.89
CA PRO C 198 5.38 1.22 -12.80
C PRO C 198 6.84 1.29 -13.22
N LEU C 199 7.18 0.81 -14.41
CA LEU C 199 8.56 0.79 -14.84
C LEU C 199 9.10 2.20 -15.10
N ILE C 200 8.34 3.01 -15.83
CA ILE C 200 8.77 4.38 -16.08
C ILE C 200 8.86 5.16 -14.77
N SER C 201 7.89 4.96 -13.88
CA SER C 201 7.91 5.66 -12.59
C SER C 201 9.15 5.29 -11.78
N ASN C 202 9.40 3.99 -11.60
CA ASN C 202 10.53 3.60 -10.76
C ASN C 202 11.86 3.91 -11.43
N LEU C 203 11.91 3.93 -12.77
CA LEU C 203 13.11 4.37 -13.46
C LEU C 203 13.36 5.86 -13.22
N MET C 204 12.29 6.66 -13.22
CA MET C 204 12.43 8.07 -12.87
C MET C 204 12.95 8.24 -11.44
N LYS C 205 12.40 7.45 -10.51
CA LYS C 205 12.87 7.52 -9.13
C LYS C 205 14.34 7.14 -9.03
N THR C 206 14.75 6.09 -9.73
CA THR C 206 16.15 5.68 -9.72
C THR C 206 17.06 6.75 -10.29
N ILE C 207 16.66 7.36 -11.41
CA ILE C 207 17.47 8.41 -12.00
C ILE C 207 17.59 9.60 -11.06
N ILE C 208 16.49 9.98 -10.41
CA ILE C 208 16.53 11.10 -9.47
C ILE C 208 17.43 10.76 -8.29
N ALA C 209 17.34 9.54 -7.77
CA ALA C 209 18.12 9.17 -6.60
C ALA C 209 19.61 9.12 -6.90
N THR C 210 19.99 8.49 -8.02
CA THR C 210 21.39 8.23 -8.32
C THR C 210 22.06 9.33 -9.13
N HIS C 211 21.35 10.41 -9.44
CA HIS C 211 21.91 11.51 -10.21
C HIS C 211 21.53 12.83 -9.56
N THR C 212 21.93 13.93 -10.19
CA THR C 212 21.51 15.26 -9.79
C THR C 212 20.51 15.78 -10.81
N ILE C 213 19.39 16.31 -10.34
CA ILE C 213 18.27 16.68 -11.19
C ILE C 213 18.12 18.19 -11.20
N VAL C 214 18.09 18.77 -12.39
CA VAL C 214 17.89 20.19 -12.59
C VAL C 214 16.55 20.37 -13.30
N PHE C 215 15.61 21.03 -12.64
CA PHE C 215 14.29 21.27 -13.19
C PHE C 215 14.31 22.60 -13.94
N ILE C 216 14.05 22.55 -15.24
CA ILE C 216 13.97 23.74 -16.07
C ILE C 216 12.66 23.69 -16.84
N GLY C 217 12.02 24.85 -16.99
CA GLY C 217 10.74 24.89 -17.66
C GLY C 217 9.56 24.47 -16.81
N TYR C 218 9.64 24.64 -15.50
CA TYR C 218 8.60 24.19 -14.58
C TYR C 218 8.18 25.34 -13.68
N GLY C 219 6.88 25.46 -13.44
CA GLY C 219 6.41 26.31 -12.37
C GLY C 219 6.50 25.63 -11.03
N LEU C 220 6.65 26.43 -9.97
CA LEU C 220 6.79 25.87 -8.64
C LEU C 220 5.54 25.13 -8.19
N GLY C 221 4.36 25.55 -8.64
CA GLY C 221 3.12 24.89 -8.32
C GLY C 221 2.69 23.81 -9.28
N ASP C 222 3.60 23.35 -10.15
CA ASP C 222 3.24 22.34 -11.14
C ASP C 222 2.91 21.02 -10.47
N TYR C 223 2.04 20.24 -11.12
CA TYR C 223 1.57 18.98 -10.54
C TYR C 223 2.73 17.99 -10.37
N ASN C 224 3.53 17.81 -11.42
CA ASN C 224 4.61 16.83 -11.37
C ASN C 224 5.66 17.22 -10.33
N ILE C 225 5.99 18.50 -10.24
CA ILE C 225 6.96 18.95 -9.25
C ILE C 225 6.43 18.70 -7.84
N ASN C 226 5.15 18.99 -7.62
CA ASN C 226 4.57 18.77 -6.30
C ASN C 226 4.54 17.29 -5.93
N MET C 227 4.22 16.42 -6.89
CA MET C 227 4.18 14.99 -6.57
C MET C 227 5.59 14.44 -6.35
N LEU C 228 6.58 14.96 -7.07
CA LEU C 228 7.96 14.54 -6.81
C LEU C 228 8.42 15.01 -5.42
N LEU C 229 8.05 16.24 -5.04
CA LEU C 229 8.40 16.73 -3.72
C LEU C 229 7.68 15.93 -2.63
N ASN C 230 6.48 15.44 -2.92
CA ASN C 230 5.79 14.56 -1.99
C ASN C 230 6.51 13.23 -1.87
N TRP C 231 7.02 12.71 -2.99
CA TRP C 231 7.77 11.45 -2.95
C TRP C 231 9.05 11.60 -2.14
N VAL C 232 9.80 12.68 -2.35
CA VAL C 232 11.08 12.84 -1.67
C VAL C 232 10.91 13.04 -0.17
N ARG C 233 9.67 13.25 0.30
CA ARG C 233 9.43 13.28 1.74
C ARG C 233 9.74 11.93 2.39
N LYS C 234 9.37 10.84 1.71
CA LYS C 234 9.57 9.51 2.28
C LYS C 234 11.04 9.17 2.44
N LEU C 235 11.90 9.76 1.62
CA LEU C 235 13.33 9.45 1.66
C LEU C 235 13.93 9.93 2.97
N GLN C 236 15.01 9.26 3.38
CA GLN C 236 15.73 9.67 4.58
C GLN C 236 16.37 11.03 4.38
N LYS C 237 16.69 11.69 5.49
CA LYS C 237 17.06 13.10 5.45
C LYS C 237 18.32 13.33 4.62
N ASP C 238 19.35 12.51 4.82
CA ASP C 238 20.61 12.65 4.10
C ASP C 238 20.79 11.58 3.03
N SER C 239 19.69 10.95 2.59
CA SER C 239 19.80 9.85 1.65
C SER C 239 20.11 10.35 0.24
N PHE C 240 19.50 11.45 -0.17
CA PHE C 240 19.56 11.92 -1.55
C PHE C 240 20.22 13.29 -1.63
N HIS C 241 20.43 13.76 -2.85
CA HIS C 241 20.93 15.11 -3.14
C HIS C 241 19.76 15.99 -3.55
N LYS C 242 19.71 17.19 -2.98
CA LYS C 242 18.60 18.09 -3.27
C LYS C 242 18.63 18.51 -4.74
N PRO C 243 17.56 18.25 -5.48
CA PRO C 243 17.56 18.60 -6.92
C PRO C 243 17.51 20.10 -7.12
N PHE C 244 18.35 20.59 -8.03
CA PHE C 244 18.33 22.00 -8.38
C PHE C 244 17.07 22.34 -9.16
N PHE C 245 16.63 23.58 -9.05
CA PHE C 245 15.47 24.08 -9.77
C PHE C 245 15.83 25.38 -10.48
N ILE C 246 15.50 25.46 -11.76
CA ILE C 246 15.71 26.67 -12.56
C ILE C 246 14.34 27.28 -12.83
N ARG C 247 14.01 28.34 -12.10
CA ARG C 247 12.74 29.02 -12.24
C ARG C 247 12.93 30.31 -13.02
N THR C 248 12.13 30.50 -14.06
CA THR C 248 12.24 31.65 -14.94
C THR C 248 10.89 32.35 -15.10
N ASP C 249 10.21 32.61 -13.99
CA ASP C 249 8.96 33.34 -14.06
C ASP C 249 9.22 34.85 -13.95
N PRO C 250 8.34 35.68 -14.53
CA PRO C 250 8.63 37.12 -14.56
C PRO C 250 8.78 37.76 -13.18
N SER C 251 7.99 37.35 -12.21
CA SER C 251 8.05 37.97 -10.89
C SER C 251 9.03 37.21 -10.01
N PRO C 252 10.04 37.88 -9.44
CA PRO C 252 10.94 37.20 -8.50
C PRO C 252 10.16 36.67 -7.30
N ILE C 253 10.56 35.49 -6.84
CA ILE C 253 9.85 34.84 -5.74
C ILE C 253 9.99 35.66 -4.46
N GLU C 254 8.90 35.74 -3.71
CA GLU C 254 8.96 36.28 -2.37
C GLU C 254 9.76 35.34 -1.47
N ASN C 255 10.38 35.90 -0.43
CA ASN C 255 11.27 35.13 0.41
C ASN C 255 10.54 33.97 1.09
N GLU C 256 9.24 34.11 1.32
CA GLU C 256 8.47 33.06 1.99
C GLU C 256 8.39 31.80 1.13
N THR C 257 8.08 31.96 -0.16
CA THR C 257 8.02 30.81 -1.06
C THR C 257 9.39 30.15 -1.20
N LEU C 258 10.44 30.95 -1.31
CA LEU C 258 11.80 30.42 -1.36
C LEU C 258 12.09 29.58 -0.12
N ILE C 259 11.83 30.14 1.07
CA ILE C 259 12.12 29.41 2.30
C ILE C 259 11.30 28.13 2.38
N TYR C 260 10.05 28.18 1.93
CA TYR C 260 9.20 26.99 1.95
C TYR C 260 9.78 25.90 1.07
N TYR C 261 10.12 26.23 -0.18
CA TYR C 261 10.56 25.19 -1.11
C TYR C 261 12.01 24.76 -0.93
N GLU C 262 12.83 25.54 -0.22
CA GLU C 262 14.16 25.05 0.12
C GLU C 262 14.08 23.90 1.13
N ASN C 263 13.05 23.91 1.95
CA ASN C 263 12.87 22.87 2.97
C ASN C 263 12.13 21.64 2.45
N LYS C 264 11.63 21.69 1.21
CA LYS C 264 10.97 20.55 0.60
C LYS C 264 11.91 19.71 -0.25
N GLY C 265 13.19 20.06 -0.29
CA GLY C 265 14.17 19.34 -1.07
C GLY C 265 14.63 20.07 -2.32
N LEU C 266 14.01 21.19 -2.67
CA LEU C 266 14.38 21.91 -3.88
C LEU C 266 15.44 22.96 -3.57
N ARG C 267 16.41 23.08 -4.47
CA ARG C 267 17.35 24.20 -4.49
C ARG C 267 17.04 25.03 -5.73
N ILE C 268 16.67 26.28 -5.53
CA ILE C 268 16.07 27.11 -6.56
C ILE C 268 17.09 28.15 -7.03
N ILE C 269 17.29 28.24 -8.33
CA ILE C 269 18.03 29.32 -8.96
C ILE C 269 17.02 30.20 -9.67
N ASP C 270 16.86 31.42 -9.18
CA ASP C 270 15.83 32.34 -9.67
C ASP C 270 16.39 33.15 -10.82
N ALA C 271 15.79 32.99 -12.01
CA ALA C 271 16.24 33.74 -13.18
C ALA C 271 15.92 35.22 -13.04
N ALA C 272 14.74 35.55 -12.52
CA ALA C 272 14.36 36.96 -12.38
C ALA C 272 15.24 37.67 -11.36
N SER C 273 15.65 36.96 -10.31
CA SER C 273 16.52 37.57 -9.31
C SER C 273 17.95 37.72 -9.83
N LEU C 274 18.37 36.82 -10.72
CA LEU C 274 19.76 36.85 -11.20
C LEU C 274 20.04 38.11 -12.01
N ILE C 275 19.17 38.42 -12.97
CA ILE C 275 19.33 39.60 -13.82
C ILE C 275 18.03 40.38 -13.82
N ASP C 276 18.13 41.69 -13.95
CA ASP C 276 16.95 42.51 -14.20
C ASP C 276 16.64 42.53 -15.69
N SER C 277 15.45 42.05 -16.05
CA SER C 277 15.12 41.86 -17.45
C SER C 277 13.64 42.13 -17.67
N ASN C 278 13.24 42.04 -18.94
CA ASN C 278 11.86 42.30 -19.31
C ASN C 278 10.95 41.20 -18.78
N GLU C 279 9.67 41.53 -18.61
CA GLU C 279 8.72 40.57 -18.03
C GLU C 279 8.43 39.43 -18.99
N TYR C 280 8.17 39.73 -20.26
CA TYR C 280 7.75 38.72 -21.23
C TYR C 280 8.93 37.99 -21.86
N ASP C 281 10.16 38.47 -21.67
CA ASP C 281 11.32 37.88 -22.33
C ASP C 281 11.78 36.64 -21.57
N TYR C 282 10.95 35.60 -21.63
CA TYR C 282 11.30 34.33 -21.01
C TYR C 282 12.58 33.75 -21.61
N LEU C 283 12.77 33.93 -22.92
CA LEU C 283 14.01 33.54 -23.57
C LEU C 283 15.21 34.14 -22.87
N GLU C 284 15.10 35.41 -22.47
CA GLU C 284 16.21 36.08 -21.81
C GLU C 284 16.58 35.38 -20.50
N ARG C 285 15.57 35.03 -19.69
CA ARG C 285 15.85 34.40 -18.39
C ARG C 285 16.41 32.99 -18.58
N TYR C 286 15.76 32.21 -19.45
CA TYR C 286 16.26 30.86 -19.71
C TYR C 286 17.70 30.90 -20.22
N SER C 287 17.97 31.74 -21.21
CA SER C 287 19.31 31.83 -21.77
C SER C 287 20.29 32.36 -20.74
N ALA C 288 19.85 33.27 -19.87
CA ALA C 288 20.74 33.79 -18.85
C ALA C 288 21.21 32.69 -17.91
N VAL C 289 20.26 31.95 -17.33
CA VAL C 289 20.66 30.88 -16.42
C VAL C 289 21.53 29.86 -17.14
N MET C 290 21.10 29.49 -18.36
CA MET C 290 21.83 28.46 -19.09
C MET C 290 23.24 28.90 -19.45
N ASP C 291 23.41 30.17 -19.84
CA ASP C 291 24.73 30.61 -20.27
C ASP C 291 25.66 30.85 -19.10
N LEU C 292 25.13 31.28 -17.94
CA LEU C 292 25.99 31.27 -16.76
C LEU C 292 26.45 29.86 -16.42
N LEU C 293 25.55 28.87 -16.50
CA LEU C 293 25.98 27.49 -16.26
C LEU C 293 27.06 27.09 -17.25
N ILE C 294 26.88 27.41 -18.52
CA ILE C 294 27.81 26.98 -19.56
C ILE C 294 29.16 27.67 -19.39
N GLU C 295 29.16 28.99 -19.13
CA GLU C 295 30.41 29.72 -18.98
C GLU C 295 31.15 29.28 -17.73
N SER C 296 30.43 28.89 -16.68
CA SER C 296 31.09 28.26 -15.55
C SER C 296 31.68 26.92 -15.95
N GLN C 297 31.02 26.21 -16.88
CA GLN C 297 31.55 24.95 -17.37
C GLN C 297 32.81 25.16 -18.21
N GLU C 298 32.99 26.38 -18.72
CA GLU C 298 34.12 26.71 -19.59
C GLU C 298 34.10 25.86 -20.85
N LYS C 304 43.60 35.91 -7.93
CA LYS C 304 43.71 36.35 -6.55
C LYS C 304 45.07 35.99 -5.96
N ASP C 305 45.80 35.15 -6.69
CA ASP C 305 47.14 34.68 -6.31
C ASP C 305 47.07 33.75 -5.10
N ASP C 306 45.88 33.61 -4.51
CA ASP C 306 45.66 32.68 -3.41
C ASP C 306 44.88 31.45 -3.83
N GLU C 307 44.02 31.58 -4.84
CA GLU C 307 43.30 30.45 -5.38
C GLU C 307 43.99 29.81 -6.58
N VAL C 308 44.98 30.48 -7.16
CA VAL C 308 45.76 29.89 -8.25
C VAL C 308 46.58 28.72 -7.72
N ILE C 309 47.31 28.93 -6.63
CA ILE C 309 48.09 27.86 -6.02
C ILE C 309 47.15 26.78 -5.48
N ASP C 310 45.99 27.19 -4.97
CA ASP C 310 45.00 26.21 -4.51
C ASP C 310 44.52 25.33 -5.65
N TYR C 311 44.26 25.91 -6.82
CA TYR C 311 43.84 25.12 -7.98
C TYR C 311 44.94 24.18 -8.43
N ILE C 312 46.19 24.67 -8.48
CA ILE C 312 47.30 23.82 -8.91
C ILE C 312 47.46 22.65 -7.93
N TYR C 313 47.36 22.93 -6.63
CA TYR C 313 47.48 21.86 -5.65
C TYR C 313 46.31 20.90 -5.73
N GLY C 314 45.11 21.41 -6.02
CA GLY C 314 43.98 20.52 -6.19
C GLY C 314 44.16 19.58 -7.37
N LYS C 315 44.79 20.07 -8.43
CA LYS C 315 45.08 19.19 -9.57
C LYS C 315 46.22 18.23 -9.28
N ILE C 316 47.18 18.62 -8.44
CA ILE C 316 48.43 17.86 -8.33
C ILE C 316 48.52 17.00 -7.07
N SER C 317 47.60 17.16 -6.12
CA SER C 317 47.65 16.41 -4.86
C SER C 317 47.66 14.90 -5.02
N PRO C 318 46.82 14.27 -5.86
CA PRO C 318 46.87 12.81 -5.97
C PRO C 318 48.18 12.29 -6.55
N LEU C 319 48.96 13.13 -7.22
CA LEU C 319 50.14 12.66 -7.93
C LEU C 319 51.37 12.52 -7.02
N PHE C 320 51.27 12.95 -5.75
CA PHE C 320 52.38 12.72 -4.83
C PHE C 320 52.56 11.24 -4.51
N ALA C 321 51.56 10.41 -4.79
CA ALA C 321 51.63 8.99 -4.50
C ALA C 321 52.59 8.23 -5.40
N LEU C 322 53.03 8.84 -6.50
CA LEU C 322 53.93 8.20 -7.44
C LEU C 322 55.34 8.78 -7.32
N GLN C 323 56.34 7.91 -7.44
CA GLN C 323 57.73 8.34 -7.28
C GLN C 323 58.12 9.36 -8.36
N TYR C 324 57.89 9.03 -9.62
CA TYR C 324 58.15 9.94 -10.73
C TYR C 324 57.05 9.77 -11.76
N ILE C 325 56.61 10.89 -12.34
CA ILE C 325 55.58 10.91 -13.36
C ILE C 325 56.06 11.78 -14.52
N ARG C 326 55.75 11.34 -15.75
CA ARG C 326 56.22 12.02 -16.94
C ARG C 326 55.50 13.35 -17.12
N LYS C 327 56.04 14.20 -18.01
CA LYS C 327 55.57 15.58 -18.09
C LYS C 327 54.49 15.76 -19.15
N ILE C 328 54.48 14.91 -20.18
CA ILE C 328 53.33 14.90 -21.08
C ILE C 328 52.08 14.51 -20.31
N ASP C 329 52.22 13.69 -19.27
CA ASP C 329 51.09 13.45 -18.39
C ASP C 329 50.81 14.64 -17.48
N LEU C 330 51.75 15.59 -17.33
CA LEU C 330 51.39 16.85 -16.69
C LEU C 330 50.60 17.74 -17.64
N LYS C 331 50.86 17.63 -18.94
CA LYS C 331 49.89 18.13 -19.92
C LYS C 331 48.53 17.49 -19.70
N HIS C 332 48.51 16.17 -19.51
CA HIS C 332 47.26 15.45 -19.33
C HIS C 332 46.54 15.89 -18.05
N VAL C 333 47.30 16.26 -17.02
CA VAL C 333 46.70 16.69 -15.75
C VAL C 333 45.86 17.94 -15.95
N PHE C 334 46.37 18.90 -16.71
CA PHE C 334 45.78 20.24 -16.77
C PHE C 334 44.82 20.40 -17.93
N GLU C 335 44.07 19.34 -18.28
CA GLU C 335 43.09 19.33 -19.37
C GLU C 335 43.56 20.13 -20.58
N TYR C 336 44.79 19.88 -21.02
CA TYR C 336 45.39 20.45 -22.22
C TYR C 336 45.49 21.98 -22.17
N ASP C 337 45.26 22.58 -21.01
CA ASP C 337 45.32 24.05 -20.91
C ASP C 337 46.71 24.57 -21.24
N TYR C 338 47.74 23.91 -20.73
CA TYR C 338 49.13 24.23 -21.00
C TYR C 338 49.74 23.04 -21.72
N HIS C 339 50.90 23.23 -22.35
CA HIS C 339 51.58 22.11 -23.01
C HIS C 339 52.97 22.00 -22.41
N PHE C 340 53.40 20.77 -22.12
CA PHE C 340 54.61 20.52 -21.36
C PHE C 340 55.65 19.87 -22.26
N GLU C 341 56.78 20.56 -22.45
CA GLU C 341 57.91 19.98 -23.16
C GLU C 341 58.78 19.17 -22.21
N VAL C 342 59.52 18.22 -22.79
CA VAL C 342 60.41 17.36 -22.02
C VAL C 342 61.58 18.14 -21.45
N ASN C 343 61.87 19.33 -22.00
CA ASN C 343 63.01 20.11 -21.52
C ASN C 343 62.81 20.57 -20.07
N GLY C 344 61.60 21.01 -19.74
CA GLY C 344 61.34 21.60 -18.45
C GLY C 344 60.64 22.93 -18.55
N THR C 345 60.24 23.30 -19.77
CA THR C 345 59.57 24.56 -20.03
C THR C 345 58.13 24.31 -20.41
N VAL C 346 57.25 25.22 -20.03
CA VAL C 346 55.82 25.12 -20.31
C VAL C 346 55.46 26.13 -21.39
N VAL C 347 54.54 25.75 -22.27
CA VAL C 347 54.17 26.54 -23.44
C VAL C 347 52.67 26.76 -23.40
N ARG C 348 52.22 27.91 -23.91
CA ARG C 348 50.82 28.32 -23.83
C ARG C 348 50.05 27.92 -25.08
N HIS C 349 49.04 27.07 -24.91
CA HIS C 349 48.14 26.76 -26.02
C HIS C 349 46.68 27.12 -25.79
N LYS C 350 46.07 26.60 -24.73
CA LYS C 350 44.62 26.45 -24.71
C LYS C 350 43.90 27.14 -23.56
N ASN C 351 44.55 27.38 -22.42
CA ASN C 351 43.86 28.05 -21.33
C ASN C 351 43.55 29.49 -21.71
N LYS C 352 42.29 29.88 -21.61
CA LYS C 352 41.85 31.19 -22.06
C LYS C 352 41.64 32.17 -20.92
N GLY C 353 41.32 31.68 -19.73
CA GLY C 353 41.11 32.55 -18.58
C GLY C 353 42.41 33.08 -18.02
N PHE C 354 42.40 33.39 -16.72
CA PHE C 354 43.59 33.87 -16.06
C PHE C 354 44.65 32.78 -16.03
N GLY C 355 45.89 33.15 -16.31
CA GLY C 355 46.97 32.18 -16.36
C GLY C 355 47.56 31.85 -15.00
N TYR C 356 47.43 30.59 -14.59
CA TYR C 356 47.86 30.19 -13.25
C TYR C 356 49.36 29.93 -13.17
N MET C 357 49.92 29.17 -14.10
CA MET C 357 51.34 28.84 -14.02
C MET C 357 52.23 30.03 -14.35
N GLU C 358 51.74 30.98 -15.15
CA GLU C 358 52.47 32.22 -15.37
C GLU C 358 52.77 32.92 -14.04
N ARG C 359 51.74 33.09 -13.21
CA ARG C 359 51.96 33.69 -11.90
C ARG C 359 52.72 32.74 -10.99
N PHE C 360 52.50 31.42 -11.13
CA PHE C 360 53.13 30.46 -10.24
C PHE C 360 54.65 30.46 -10.39
N PHE C 361 55.15 30.48 -11.63
CA PHE C 361 56.58 30.45 -11.84
C PHE C 361 57.25 31.74 -11.37
N GLU C 362 56.61 32.89 -11.62
CA GLU C 362 57.15 34.15 -11.13
C GLU C 362 57.13 34.20 -9.61
N LEU C 363 56.11 33.62 -8.98
CA LEU C 363 56.09 33.50 -7.53
C LEU C 363 57.23 32.61 -7.04
N LYS C 364 57.51 31.54 -7.78
CA LYS C 364 58.63 30.68 -7.45
C LYS C 364 59.95 31.44 -7.51
N GLU C 365 60.14 32.27 -8.54
CA GLU C 365 61.38 33.01 -8.67
C GLU C 365 61.47 34.13 -7.63
N GLU C 369 58.82 37.57 -2.64
CA GLU C 369 57.66 38.20 -2.01
C GLU C 369 56.59 37.16 -1.66
N ARG C 370 56.85 35.89 -1.97
CA ARG C 370 55.98 34.77 -1.65
C ARG C 370 55.58 34.73 -0.18
N SER C 371 56.26 35.52 0.66
CA SER C 371 55.87 35.57 2.07
C SER C 371 54.47 36.12 2.27
N LYS C 372 53.89 36.80 1.27
CA LYS C 372 52.57 37.38 1.53
C LYS C 372 51.46 36.34 1.55
N LEU C 373 51.71 35.11 1.11
CA LEU C 373 50.65 34.11 1.12
C LEU C 373 50.34 33.68 2.56
N SER C 374 49.25 32.91 2.69
CA SER C 374 48.91 32.35 3.98
C SER C 374 49.87 31.23 4.35
N LYS C 375 49.85 30.84 5.63
CA LYS C 375 50.73 29.77 6.09
C LYS C 375 50.41 28.45 5.39
N LYS C 376 49.11 28.14 5.26
CA LYS C 376 48.71 26.95 4.52
C LYS C 376 49.09 27.07 3.04
N GLN C 377 48.91 28.26 2.46
CA GLN C 377 49.36 28.49 1.09
C GLN C 377 50.85 28.28 0.97
N TYR C 378 51.61 28.75 1.96
CA TYR C 378 53.06 28.59 1.93
C TYR C 378 53.45 27.11 1.99
N GLU C 379 52.82 26.33 2.86
CA GLU C 379 53.21 24.93 2.98
C GLU C 379 52.82 24.13 1.73
N ARG C 380 51.63 24.39 1.18
CA ARG C 380 51.32 23.69 -0.07
C ARG C 380 52.21 24.17 -1.21
N PHE C 381 52.65 25.43 -1.20
CA PHE C 381 53.53 25.89 -2.26
C PHE C 381 54.88 25.20 -2.12
N ASN C 382 55.33 24.98 -0.89
CA ASN C 382 56.53 24.16 -0.65
C ASN C 382 56.36 22.77 -1.24
N ALA C 383 55.21 22.14 -0.98
CA ALA C 383 54.96 20.80 -1.51
C ALA C 383 55.01 20.78 -3.04
N LEU C 384 54.30 21.72 -3.68
CA LEU C 384 54.37 21.83 -5.14
C LEU C 384 55.81 22.03 -5.61
N PHE C 385 56.51 23.04 -5.07
CA PHE C 385 57.88 23.31 -5.47
C PHE C 385 58.73 22.04 -5.43
N ASN C 386 58.61 21.27 -4.34
CA ASN C 386 59.32 20.00 -4.26
C ASN C 386 58.92 19.07 -5.41
N PHE C 387 57.62 18.97 -5.67
CA PHE C 387 57.15 18.07 -6.73
C PHE C 387 57.68 18.50 -8.11
N PHE C 388 57.46 19.77 -8.47
CA PHE C 388 57.82 20.28 -9.79
C PHE C 388 59.32 20.25 -10.03
N GLU C 389 60.16 20.57 -9.05
CA GLU C 389 61.59 20.42 -9.25
C GLU C 389 62.06 18.98 -9.13
N LYS C 390 61.24 18.09 -8.53
CA LYS C 390 61.55 16.67 -8.57
C LYS C 390 61.35 16.09 -9.97
N ASN C 391 60.29 16.50 -10.66
CA ASN C 391 59.96 15.94 -11.97
C ASN C 391 60.52 16.75 -13.13
N GLY C 392 61.22 17.86 -12.84
CA GLY C 392 61.95 18.58 -13.86
C GLY C 392 61.22 19.72 -14.55
N VAL C 393 60.10 20.17 -14.00
CA VAL C 393 59.40 21.33 -14.56
C VAL C 393 60.01 22.60 -13.98
N ILE C 394 60.89 23.23 -14.74
CA ILE C 394 61.74 24.29 -14.17
C ILE C 394 61.10 25.67 -14.36
N CYS C 395 60.65 25.98 -15.57
CA CYS C 395 60.16 27.33 -15.88
C CYS C 395 59.28 27.26 -17.12
N MET C 396 59.02 28.43 -17.72
CA MET C 396 58.30 28.49 -18.97
C MET C 396 59.24 28.65 -20.16
N ALA C 397 58.65 28.75 -21.35
CA ALA C 397 59.43 28.72 -22.59
C ALA C 397 60.17 30.03 -22.82
N LYS C 398 59.62 31.15 -22.37
CA LYS C 398 60.21 32.45 -22.68
C LYS C 398 61.63 32.56 -22.14
N ASP C 399 61.98 31.75 -21.15
CA ASP C 399 63.34 31.71 -20.64
C ASP C 399 63.71 30.28 -20.23
N SER C 406 70.76 15.71 -18.14
CA SER C 406 71.05 14.40 -17.56
C SER C 406 69.92 13.95 -16.64
N ILE C 407 69.81 12.65 -16.42
CA ILE C 407 68.78 12.08 -15.55
C ILE C 407 69.42 11.05 -14.63
N GLU C 408 68.71 10.74 -13.55
CA GLU C 408 69.08 9.65 -12.66
C GLU C 408 67.82 8.83 -12.40
N ILE C 409 67.97 7.51 -12.34
CA ILE C 409 66.87 6.60 -12.03
C ILE C 409 67.21 5.88 -10.73
N ASN C 410 66.56 6.29 -9.65
CA ASN C 410 66.79 5.73 -8.32
C ASN C 410 65.95 4.47 -8.19
N SER C 411 66.48 3.35 -8.68
CA SER C 411 65.83 2.07 -8.56
C SER C 411 66.87 0.98 -8.61
N LEU C 412 66.74 0.02 -7.69
CA LEU C 412 67.63 -1.13 -7.65
C LEU C 412 67.44 -2.06 -8.84
N ALA C 413 66.23 -2.12 -9.39
CA ALA C 413 65.98 -3.00 -10.53
C ALA C 413 66.71 -2.52 -11.77
N TYR C 414 66.80 -1.20 -11.97
CA TYR C 414 67.51 -0.68 -13.14
C TYR C 414 69.01 -0.90 -13.02
N HIS C 415 69.56 -0.78 -11.81
CA HIS C 415 71.00 -0.93 -11.63
C HIS C 415 71.42 -2.39 -11.43
N GLY C 416 70.47 -3.32 -11.42
CA GLY C 416 70.82 -4.72 -11.27
C GLY C 416 71.45 -5.08 -9.95
N LYS C 417 71.03 -4.42 -8.86
CA LYS C 417 71.54 -4.75 -7.53
C LYS C 417 70.84 -6.01 -7.03
N TYR C 418 71.17 -7.13 -7.70
CA TYR C 418 70.37 -8.33 -7.60
C TYR C 418 70.48 -9.02 -6.25
N ASP C 419 71.36 -8.55 -5.36
CA ASP C 419 71.38 -9.00 -3.97
C ASP C 419 70.68 -8.02 -3.03
N VAL C 420 70.75 -6.72 -3.33
CA VAL C 420 70.09 -5.74 -2.48
C VAL C 420 68.57 -5.89 -2.55
N MET C 421 68.04 -6.21 -3.74
CA MET C 421 66.61 -6.50 -3.83
C MET C 421 66.25 -7.74 -3.04
N LYS C 422 67.12 -8.75 -3.03
CA LYS C 422 66.88 -9.91 -2.18
C LYS C 422 66.80 -9.50 -0.71
N LYS C 423 67.76 -8.68 -0.27
CA LYS C 423 67.75 -8.20 1.10
C LYS C 423 66.49 -7.41 1.41
N PHE C 424 66.02 -6.61 0.46
CA PHE C 424 64.76 -5.91 0.63
C PHE C 424 63.59 -6.88 0.76
N ILE C 425 63.61 -7.96 -0.04
CA ILE C 425 62.53 -8.93 -0.03
C ILE C 425 62.43 -9.63 1.32
N GLU C 426 63.59 -10.05 1.87
CA GLU C 426 63.56 -10.76 3.14
C GLU C 426 63.04 -9.86 4.27
N GLU C 427 63.32 -8.56 4.19
CA GLU C 427 62.88 -7.64 5.23
C GLU C 427 61.35 -7.50 5.20
N GLN C 428 60.76 -7.50 6.40
CA GLN C 428 59.31 -7.32 6.51
C GLN C 428 58.92 -5.92 6.07
N SER C 429 57.82 -5.83 5.31
CA SER C 429 57.33 -4.55 4.81
C SER C 429 56.50 -3.86 5.89
N VAL C 430 56.89 -2.64 6.25
CA VAL C 430 56.12 -1.88 7.23
C VAL C 430 54.80 -1.42 6.63
N SER C 431 54.81 -1.00 5.37
CA SER C 431 53.63 -0.47 4.71
C SER C 431 53.48 -1.12 3.34
N ILE C 432 52.27 -1.00 2.77
CA ILE C 432 52.00 -1.55 1.45
C ILE C 432 52.82 -0.85 0.37
N GLU C 433 53.21 0.41 0.61
CA GLU C 433 54.05 1.10 -0.35
C GLU C 433 55.40 0.40 -0.52
N ASP C 434 56.00 -0.02 0.59
CA ASP C 434 57.21 -0.83 0.51
C ASP C 434 56.94 -2.24 -0.02
N ASP C 435 55.70 -2.72 0.12
CA ASP C 435 55.33 -4.04 -0.37
C ASP C 435 55.16 -4.06 -1.89
N TYR C 436 54.88 -2.93 -2.51
CA TYR C 436 54.78 -2.85 -3.96
C TYR C 436 56.14 -3.05 -4.61
N LYS C 437 57.15 -2.33 -4.11
CA LYS C 437 58.50 -2.48 -4.66
C LYS C 437 59.07 -3.87 -4.36
N LYS C 438 58.70 -4.46 -3.22
CA LYS C 438 59.11 -5.83 -2.96
C LYS C 438 58.52 -6.80 -3.96
N ALA C 439 57.24 -6.63 -4.32
CA ALA C 439 56.65 -7.46 -5.36
C ALA C 439 57.32 -7.24 -6.71
N PHE C 440 57.64 -5.99 -7.04
CA PHE C 440 58.36 -5.71 -8.27
C PHE C 440 59.70 -6.43 -8.29
N PHE C 441 60.44 -6.38 -7.18
CA PHE C 441 61.75 -7.01 -7.11
C PHE C 441 61.62 -8.53 -7.17
N LEU C 442 60.60 -9.08 -6.52
CA LEU C 442 60.32 -10.51 -6.64
C LEU C 442 60.08 -10.89 -8.09
N ALA C 443 59.34 -10.05 -8.82
CA ALA C 443 59.13 -10.28 -10.25
C ALA C 443 60.44 -10.23 -11.02
N CYS C 444 61.29 -9.26 -10.70
CA CYS C 444 62.53 -9.07 -11.45
C CYS C 444 63.48 -10.25 -11.32
N LEU C 445 63.33 -11.08 -10.28
CA LEU C 445 64.21 -12.21 -10.03
C LEU C 445 63.57 -13.53 -10.41
N GLY C 446 62.84 -13.56 -11.52
CA GLY C 446 61.99 -14.70 -11.78
C GLY C 446 60.91 -14.74 -10.72
N ARG C 447 60.74 -15.90 -10.08
CA ARG C 447 59.90 -16.05 -8.89
C ARG C 447 58.54 -15.38 -9.09
N TRP C 448 57.95 -15.61 -10.27
CA TRP C 448 56.73 -14.92 -10.64
C TRP C 448 55.53 -15.40 -9.83
N GLU C 449 55.56 -16.62 -9.29
CA GLU C 449 54.48 -17.09 -8.44
C GLU C 449 54.37 -16.25 -7.17
N GLU C 450 55.50 -16.01 -6.50
CA GLU C 450 55.49 -15.19 -5.29
C GLU C 450 55.11 -13.76 -5.61
N SER C 451 55.57 -13.24 -6.75
CA SER C 451 55.17 -11.89 -7.15
C SER C 451 53.67 -11.79 -7.37
N TYR C 452 53.09 -12.78 -8.04
CA TYR C 452 51.65 -12.79 -8.26
C TYR C 452 50.88 -12.86 -6.95
N ASP C 453 51.31 -13.74 -6.04
CA ASP C 453 50.62 -13.86 -4.76
C ASP C 453 50.73 -12.59 -3.94
N LEU C 454 51.92 -11.98 -3.92
CA LEU C 454 52.11 -10.73 -3.18
C LEU C 454 51.28 -9.61 -3.77
N TYR C 455 51.20 -9.53 -5.10
CA TYR C 455 50.37 -8.50 -5.73
C TYR C 455 48.90 -8.71 -5.39
N SER C 456 48.44 -9.96 -5.39
CA SER C 456 47.07 -10.25 -4.98
C SER C 456 46.83 -9.84 -3.53
N ASN C 457 47.82 -10.08 -2.66
CA ASN C 457 47.66 -9.68 -1.26
C ASN C 457 47.64 -8.17 -1.09
N ILE C 458 48.47 -7.44 -1.86
CA ILE C 458 48.41 -5.98 -1.82
C ILE C 458 47.05 -5.49 -2.31
N ILE C 459 46.52 -6.13 -3.35
CA ILE C 459 45.18 -5.80 -3.83
C ILE C 459 44.16 -6.02 -2.74
N LEU C 460 44.28 -7.14 -2.02
CA LEU C 460 43.36 -7.43 -0.91
C LEU C 460 43.46 -6.37 0.18
N ASN C 461 44.67 -5.95 0.50
CA ASN C 461 44.88 -4.99 1.59
C ASN C 461 44.72 -3.54 1.16
N SER C 462 44.47 -3.25 -0.12
CA SER C 462 44.34 -1.87 -0.59
C SER C 462 42.90 -1.36 -0.52
N ILE C 463 42.07 -1.94 0.33
CA ILE C 463 40.69 -1.47 0.46
C ILE C 463 40.66 -0.10 1.11
N ASP C 464 41.52 0.13 2.11
CA ASP C 464 41.53 1.38 2.85
C ASP C 464 42.50 2.40 2.30
N GLU C 465 43.03 2.19 1.09
CA GLU C 465 43.98 3.13 0.51
C GLU C 465 43.32 4.47 0.27
N SER C 466 44.09 5.55 0.51
CA SER C 466 43.52 6.90 0.46
C SER C 466 43.08 7.26 -0.95
N ASN C 467 43.87 6.92 -1.96
CA ASN C 467 43.61 7.32 -3.34
C ASN C 467 43.29 6.16 -4.26
N GLY C 468 43.87 4.99 -4.04
CA GLY C 468 43.69 3.85 -4.91
C GLY C 468 44.69 3.73 -6.03
N CYS C 469 45.71 4.58 -6.07
CA CYS C 469 46.73 4.48 -7.11
C CYS C 469 47.51 3.19 -7.00
N VAL C 470 47.88 2.81 -5.77
CA VAL C 470 48.64 1.58 -5.58
C VAL C 470 47.81 0.37 -5.96
N TYR C 471 46.50 0.43 -5.71
CA TYR C 471 45.63 -0.67 -6.10
C TYR C 471 45.62 -0.87 -7.61
N TYR C 472 45.45 0.22 -8.36
CA TYR C 472 45.41 0.14 -9.82
C TYR C 472 46.74 -0.31 -10.39
N LEU C 473 47.84 0.23 -9.85
CA LEU C 473 49.17 -0.19 -10.30
C LEU C 473 49.43 -1.65 -9.98
N SER C 474 49.00 -2.12 -8.82
CA SER C 474 49.14 -3.54 -8.47
C SER C 474 48.33 -4.41 -9.42
N GLN C 475 47.13 -3.95 -9.80
CA GLN C 475 46.34 -4.71 -10.77
C GLN C 475 47.05 -4.79 -12.12
N ILE C 476 47.60 -3.67 -12.59
CA ILE C 476 48.34 -3.69 -13.85
C ILE C 476 49.51 -4.65 -13.77
N ASN C 477 50.27 -4.56 -12.69
CA ASN C 477 51.46 -5.40 -12.56
C ASN C 477 51.08 -6.87 -12.39
N ARG C 478 49.93 -7.15 -11.77
CA ARG C 478 49.47 -8.52 -11.65
C ARG C 478 49.08 -9.09 -13.01
N TYR C 479 48.42 -8.29 -13.85
CA TYR C 479 48.15 -8.75 -15.21
C TYR C 479 49.45 -8.96 -15.98
N ARG C 480 50.41 -8.06 -15.81
CA ARG C 480 51.69 -8.23 -16.50
C ARG C 480 52.38 -9.52 -16.07
N ILE C 481 52.38 -9.79 -14.76
CA ILE C 481 52.93 -11.05 -14.26
C ILE C 481 52.15 -12.22 -14.85
N TYR C 482 50.84 -12.09 -14.99
CA TYR C 482 50.03 -13.21 -15.48
C TYR C 482 50.36 -13.54 -16.93
N GLN C 483 50.43 -12.54 -17.80
CA GLN C 483 50.81 -12.83 -19.19
C GLN C 483 52.27 -13.28 -19.27
N SER C 484 53.12 -12.75 -18.40
CA SER C 484 54.51 -13.21 -18.37
C SER C 484 54.57 -14.70 -18.06
N ILE C 485 53.80 -15.14 -17.06
CA ILE C 485 53.76 -16.55 -16.69
C ILE C 485 53.17 -17.38 -17.82
N THR C 486 52.11 -16.87 -18.46
CA THR C 486 51.49 -17.62 -19.56
C THR C 486 52.47 -17.82 -20.71
N GLN C 487 53.15 -16.75 -21.13
CA GLN C 487 54.10 -16.86 -22.22
C GLN C 487 55.30 -17.72 -21.84
N ALA C 488 55.75 -17.63 -20.59
CA ALA C 488 56.85 -18.47 -20.14
C ALA C 488 56.46 -19.95 -20.16
N VAL C 489 55.24 -20.27 -19.72
CA VAL C 489 54.77 -21.65 -19.74
C VAL C 489 54.64 -22.14 -21.18
N THR C 490 54.13 -21.28 -22.07
CA THR C 490 54.06 -21.65 -23.48
C THR C 490 55.44 -21.93 -24.06
N GLN C 491 56.42 -21.10 -23.71
CA GLN C 491 57.79 -21.33 -24.18
C GLN C 491 58.35 -22.63 -23.63
N PHE C 492 58.11 -22.89 -22.34
CA PHE C 492 58.65 -24.11 -21.73
C PHE C 492 58.00 -25.36 -22.29
N ASN C 493 56.74 -25.27 -22.71
CA ASN C 493 56.12 -26.35 -23.46
C ASN C 493 56.54 -26.34 -24.93
N GLY C 494 57.13 -25.24 -25.41
CA GLY C 494 57.62 -25.12 -26.76
C GLY C 494 59.12 -25.02 -26.84
N LEU C 495 59.63 -23.79 -26.94
CA LEU C 495 61.07 -23.57 -27.01
C LEU C 495 61.79 -24.14 -25.80
N GLY C 496 61.11 -24.25 -24.66
CA GLY C 496 61.73 -24.78 -23.46
C GLY C 496 62.03 -26.26 -23.53
N LEU C 497 61.58 -26.94 -24.57
CA LEU C 497 61.93 -28.34 -24.77
C LEU C 497 63.14 -28.49 -25.69
N LEU C 498 63.15 -27.77 -26.81
CA LEU C 498 64.34 -27.74 -27.66
C LEU C 498 65.54 -27.21 -26.88
N THR C 499 65.46 -25.96 -26.43
CA THR C 499 66.38 -25.46 -25.44
C THR C 499 66.16 -26.21 -24.13
N PHE C 500 67.22 -26.36 -23.36
CA PHE C 500 67.30 -27.03 -22.06
C PHE C 500 67.15 -28.55 -22.20
N GLY C 501 66.74 -29.07 -23.36
CA GLY C 501 66.51 -30.49 -23.51
C GLY C 501 65.27 -30.97 -22.79
N ARG C 502 65.18 -30.69 -21.50
CA ARG C 502 64.14 -31.23 -20.63
C ARG C 502 62.96 -30.26 -20.50
N HIS C 503 61.91 -30.73 -19.83
CA HIS C 503 60.77 -29.92 -19.45
C HIS C 503 60.99 -29.40 -18.03
N TYR C 504 60.86 -28.09 -17.84
CA TYR C 504 61.26 -27.47 -16.58
C TYR C 504 60.14 -27.46 -15.54
N LYS C 505 58.97 -26.97 -15.90
CA LYS C 505 57.84 -26.82 -14.98
C LYS C 505 58.26 -25.93 -13.79
N PRO C 506 58.41 -24.62 -14.01
CA PRO C 506 58.72 -23.74 -12.88
C PRO C 506 57.50 -23.36 -12.05
N PHE C 507 56.31 -23.38 -12.65
CA PHE C 507 55.07 -23.04 -11.97
C PHE C 507 54.22 -24.30 -11.84
N THR C 508 53.66 -24.52 -10.65
CA THR C 508 52.90 -25.74 -10.40
C THR C 508 51.58 -25.71 -11.15
N ASP C 509 51.06 -26.91 -11.41
CA ASP C 509 49.83 -27.03 -12.19
C ASP C 509 48.64 -26.39 -11.49
N GLU C 510 48.52 -26.58 -10.17
CA GLU C 510 47.43 -25.94 -9.44
C GLU C 510 47.53 -24.43 -9.48
N PHE C 511 48.75 -23.89 -9.36
CA PHE C 511 48.95 -22.45 -9.41
C PHE C 511 48.55 -21.91 -10.77
N LEU C 512 48.95 -22.60 -11.85
CA LEU C 512 48.53 -22.21 -13.18
C LEU C 512 47.01 -22.27 -13.33
N ALA C 513 46.39 -23.31 -12.79
CA ALA C 513 44.94 -23.44 -12.90
C ALA C 513 44.23 -22.27 -12.22
N ARG C 514 44.63 -21.96 -10.98
CA ARG C 514 43.96 -20.85 -10.30
C ARG C 514 44.19 -19.53 -11.03
N ILE C 515 45.42 -19.28 -11.50
CA ILE C 515 45.66 -17.98 -12.12
C ILE C 515 44.94 -17.85 -13.46
N GLU C 516 44.84 -18.93 -14.23
CA GLU C 516 43.94 -18.89 -15.39
C GLU C 516 42.51 -18.64 -14.96
N ARG C 517 42.13 -19.15 -13.78
CA ARG C 517 40.76 -19.02 -13.32
C ARG C 517 40.41 -17.57 -12.97
N GLU C 518 41.19 -16.92 -12.10
CA GLU C 518 40.77 -15.56 -11.70
C GLU C 518 41.02 -14.54 -12.80
N MET C 519 41.92 -14.85 -13.73
CA MET C 519 42.26 -13.93 -14.81
C MET C 519 41.33 -14.09 -16.00
N THR C 520 40.34 -14.96 -15.90
CA THR C 520 39.46 -15.26 -17.03
C THR C 520 38.62 -14.04 -17.39
N ASN C 521 38.52 -13.77 -18.70
CA ASN C 521 37.68 -12.69 -19.22
C ASN C 521 38.02 -11.35 -18.57
N PHE C 522 39.32 -11.09 -18.39
CA PHE C 522 39.78 -9.86 -17.75
C PHE C 522 40.26 -8.90 -18.82
N ASN C 523 39.52 -7.80 -18.99
CA ASN C 523 39.86 -6.80 -19.99
C ASN C 523 40.58 -5.63 -19.31
N ILE C 524 41.89 -5.53 -19.54
CA ILE C 524 42.65 -4.39 -19.05
C ILE C 524 42.17 -3.07 -19.64
N ASP C 525 41.63 -3.08 -20.85
CA ASP C 525 41.08 -1.84 -21.42
C ASP C 525 39.94 -1.30 -20.56
N ASP C 526 39.24 -2.19 -19.86
CA ASP C 526 38.19 -1.77 -18.94
C ASP C 526 38.70 -1.47 -17.54
N LEU C 527 39.94 -1.87 -17.21
CA LEU C 527 40.38 -1.80 -15.82
C LEU C 527 40.38 -0.36 -15.29
N PHE C 528 40.89 0.58 -16.07
CA PHE C 528 40.81 1.98 -15.67
C PHE C 528 39.38 2.49 -15.64
N ASN C 529 38.53 1.98 -16.54
CA ASN C 529 37.13 2.39 -16.54
C ASN C 529 36.37 1.73 -15.40
N GLY C 530 36.80 0.54 -14.98
CA GLY C 530 36.18 -0.12 -13.84
C GLY C 530 36.80 0.32 -12.53
N MET C 531 36.86 1.62 -12.31
CA MET C 531 37.43 2.22 -11.12
C MET C 531 36.51 3.30 -10.61
N PRO C 532 36.60 3.66 -9.32
CA PRO C 532 35.79 4.77 -8.81
C PRO C 532 36.07 6.06 -9.58
N PHE C 533 35.00 6.82 -9.83
CA PHE C 533 35.14 8.01 -10.68
C PHE C 533 36.03 9.07 -10.03
N GLU C 534 36.15 9.05 -8.70
CA GLU C 534 37.16 9.89 -8.06
C GLU C 534 38.55 9.53 -8.53
N PHE C 535 38.86 8.23 -8.61
CA PHE C 535 40.17 7.80 -9.09
C PHE C 535 40.39 8.24 -10.52
N GLN C 536 39.36 8.11 -11.36
CA GLN C 536 39.52 8.47 -12.78
C GLN C 536 39.70 9.97 -12.96
N LYS C 537 38.99 10.80 -12.18
CA LYS C 537 39.14 12.24 -12.31
C LYS C 537 40.46 12.70 -11.70
N LYS C 538 40.99 11.93 -10.75
CA LYS C 538 42.26 12.29 -10.13
C LYS C 538 43.44 11.71 -10.89
N TYR C 539 43.43 10.42 -11.15
CA TYR C 539 44.52 9.75 -11.86
C TYR C 539 44.15 9.54 -13.33
N LYS C 540 43.81 10.64 -14.00
CA LYS C 540 43.52 10.60 -15.42
C LYS C 540 44.73 10.17 -16.24
N ILE C 541 45.94 10.57 -15.80
CA ILE C 541 47.14 10.35 -16.61
C ILE C 541 47.65 8.92 -16.55
N LEU C 542 47.04 8.08 -15.71
CA LEU C 542 47.35 6.66 -15.70
C LEU C 542 46.44 5.88 -16.65
N GLU C 543 45.59 6.57 -17.40
CA GLU C 543 44.69 5.88 -18.34
C GLU C 543 45.47 5.21 -19.45
N PHE C 544 46.52 5.86 -19.96
CA PHE C 544 47.31 5.24 -21.02
C PHE C 544 47.95 3.94 -20.54
N LEU C 545 48.24 3.84 -19.25
CA LEU C 545 48.74 2.61 -18.67
C LEU C 545 47.76 1.46 -18.83
N SER C 546 46.45 1.76 -18.89
CA SER C 546 45.44 0.71 -18.83
C SER C 546 45.51 -0.22 -20.04
N ASP C 547 45.52 0.34 -21.24
CA ASP C 547 45.32 -0.46 -22.44
C ASP C 547 46.48 -1.44 -22.66
N ASN C 548 46.18 -2.53 -23.36
CA ASN C 548 47.16 -3.56 -23.65
C ASN C 548 48.23 -3.10 -24.63
N GLN C 549 48.19 -1.84 -25.08
CA GLN C 549 49.22 -1.24 -25.92
C GLN C 549 49.38 0.22 -25.48
N PHE C 550 50.31 0.45 -24.56
CA PHE C 550 50.49 1.76 -23.96
C PHE C 550 51.65 2.55 -24.53
N LEU C 551 52.58 1.90 -25.23
CA LEU C 551 53.74 2.58 -25.78
C LEU C 551 53.54 3.01 -27.22
N TYR C 552 52.33 2.84 -27.77
CA TYR C 552 52.10 3.21 -29.16
C TYR C 552 52.25 4.71 -29.37
N ASP C 553 51.82 5.52 -28.39
CA ASP C 553 52.04 6.95 -28.46
C ASP C 553 53.54 7.24 -28.50
N ASP C 554 54.29 6.67 -27.57
CA ASP C 554 55.74 6.87 -27.54
C ASP C 554 56.40 6.33 -28.79
N THR C 555 55.98 5.15 -29.25
CA THR C 555 56.59 4.56 -30.45
C THR C 555 56.33 5.44 -31.68
N VAL C 556 55.12 5.98 -31.82
CA VAL C 556 54.80 6.84 -32.95
C VAL C 556 55.59 8.13 -32.88
N LYS C 557 55.69 8.72 -31.68
CA LYS C 557 56.49 9.93 -31.53
C LYS C 557 57.95 9.68 -31.87
N LEU C 558 58.49 8.52 -31.44
CA LEU C 558 59.84 8.15 -31.81
C LEU C 558 59.99 7.94 -33.31
N PHE C 559 58.99 7.35 -33.95
CA PHE C 559 59.03 7.18 -35.40
C PHE C 559 59.13 8.54 -36.08
N GLU C 560 58.31 9.50 -35.66
CA GLU C 560 58.34 10.82 -36.25
C GLU C 560 59.69 11.49 -36.03
N LEU C 561 60.21 11.40 -34.80
CA LEU C 561 61.50 12.03 -34.50
C LEU C 561 62.63 11.37 -35.28
N THR C 562 62.61 10.05 -35.41
CA THR C 562 63.63 9.34 -36.18
C THR C 562 63.57 9.73 -37.64
N ASN C 563 62.36 9.87 -38.18
CA ASN C 563 62.22 10.32 -39.57
C ASN C 563 62.78 11.73 -39.74
N LYS C 564 62.51 12.61 -38.79
CA LYS C 564 63.07 13.96 -38.88
C LYS C 564 64.59 13.95 -38.80
N VAL C 565 65.15 13.14 -37.91
CA VAL C 565 66.60 13.06 -37.78
C VAL C 565 67.22 12.52 -39.06
N ARG C 566 66.60 11.49 -39.65
CA ARG C 566 67.09 10.96 -40.92
C ARG C 566 66.98 11.99 -42.03
N SER C 567 65.92 12.80 -42.02
CA SER C 567 65.79 13.87 -43.01
C SER C 567 66.92 14.89 -42.85
N GLU C 568 67.24 15.28 -41.62
CA GLU C 568 68.34 16.21 -41.40
C GLU C 568 69.67 15.61 -41.83
N MET C 569 69.90 14.34 -41.53
CA MET C 569 71.19 13.74 -41.88
C MET C 569 71.32 13.53 -43.38
N SER C 570 70.21 13.31 -44.08
CA SER C 570 70.26 13.19 -45.53
C SER C 570 70.44 14.55 -46.18
N GLU C 571 69.72 15.56 -45.70
CA GLU C 571 69.83 16.90 -46.28
C GLU C 571 71.15 17.55 -45.91
N GLY C 572 71.72 17.19 -44.76
CA GLY C 572 72.88 17.89 -44.25
C GLY C 572 72.55 19.16 -43.50
N SER C 573 71.30 19.34 -43.12
CA SER C 573 70.88 20.54 -42.39
C SER C 573 71.44 20.54 -40.98
N TYR C 574 71.42 21.70 -40.35
CA TYR C 574 71.98 21.90 -39.02
C TYR C 574 70.89 22.44 -38.10
N SER C 575 70.55 21.66 -37.07
CA SER C 575 69.58 22.10 -36.08
C SER C 575 70.25 23.04 -35.08
N PHE C 576 69.60 24.17 -34.82
CA PHE C 576 70.16 25.20 -33.95
C PHE C 576 69.53 25.21 -32.56
N GLY C 577 68.21 25.10 -32.47
CA GLY C 577 67.56 25.04 -31.17
C GLY C 577 67.72 23.67 -30.54
N MET C 578 66.70 23.19 -29.85
CA MET C 578 66.73 21.83 -29.35
C MET C 578 66.64 20.85 -30.52
N SER C 579 67.73 20.14 -30.78
CA SER C 579 67.74 19.16 -31.85
C SER C 579 66.74 18.04 -31.57
N SER C 580 66.17 17.50 -32.63
CA SER C 580 65.25 16.38 -32.49
C SER C 580 65.91 15.19 -31.79
N ASP C 581 67.22 15.02 -31.99
CA ASP C 581 67.95 13.97 -31.30
C ASP C 581 67.94 14.20 -29.78
N ILE C 582 68.13 15.44 -29.35
CA ILE C 582 68.05 15.77 -27.94
C ILE C 582 66.66 15.49 -27.40
N VAL C 583 65.62 15.78 -28.18
CA VAL C 583 64.26 15.46 -27.78
C VAL C 583 64.08 13.95 -27.61
N VAL C 584 64.63 13.17 -28.55
CA VAL C 584 64.58 11.72 -28.43
C VAL C 584 65.20 11.27 -27.13
N LEU C 585 66.39 11.80 -26.81
CA LEU C 585 67.07 11.40 -25.58
C LEU C 585 66.28 11.80 -24.35
N LEU C 586 65.66 12.99 -24.37
CA LEU C 586 64.92 13.46 -23.20
C LEU C 586 63.68 12.62 -22.96
N ARG C 587 62.88 12.36 -24.01
CA ARG C 587 61.74 11.47 -23.85
C ARG C 587 62.18 10.08 -23.45
N LEU C 588 63.33 9.63 -23.97
CA LEU C 588 63.92 8.38 -23.52
C LEU C 588 64.04 8.35 -22.00
N TYR C 589 64.87 9.24 -21.47
CA TYR C 589 65.20 9.22 -20.05
C TYR C 589 63.94 9.41 -19.20
N ASP C 590 62.99 10.23 -19.67
CA ASP C 590 61.72 10.37 -18.98
C ASP C 590 60.99 9.05 -18.90
N ASN C 591 60.95 8.30 -20.00
CA ASN C 591 60.24 7.02 -20.00
C ASN C 591 60.93 6.00 -19.09
N LEU C 592 62.26 5.87 -19.19
CA LEU C 592 62.93 4.93 -18.30
C LEU C 592 62.69 5.27 -16.84
N ARG C 593 62.77 6.56 -16.49
CA ARG C 593 62.61 6.93 -15.10
C ARG C 593 61.17 6.72 -14.64
N PHE C 594 60.18 6.97 -15.52
CA PHE C 594 58.79 6.72 -15.16
C PHE C 594 58.53 5.24 -14.90
N LEU C 595 58.88 4.37 -15.85
CA LEU C 595 58.53 2.96 -15.66
C LEU C 595 59.57 2.19 -14.85
N TYR C 596 60.61 2.85 -14.33
CA TYR C 596 61.46 2.15 -13.40
C TYR C 596 61.26 2.64 -11.96
N GLU C 597 61.08 3.94 -11.77
CA GLU C 597 60.89 4.48 -10.42
C GLU C 597 59.55 4.07 -9.84
N ASN C 598 58.50 3.97 -10.67
CA ASN C 598 57.16 3.64 -10.18
C ASN C 598 56.89 2.14 -10.10
N CYS C 599 57.91 1.31 -10.37
CA CYS C 599 57.83 -0.13 -10.16
C CYS C 599 56.70 -0.77 -10.98
N LEU C 600 56.85 -0.71 -12.29
CA LEU C 600 55.95 -1.37 -13.23
C LEU C 600 56.68 -2.53 -13.89
N TRP C 601 56.02 -3.69 -13.93
CA TRP C 601 56.60 -4.85 -14.61
C TRP C 601 56.54 -4.74 -16.12
N SER C 602 55.71 -3.85 -16.66
CA SER C 602 55.61 -3.66 -18.11
C SER C 602 56.93 -3.21 -18.73
N VAL C 603 57.86 -2.70 -17.92
CA VAL C 603 59.19 -2.37 -18.41
C VAL C 603 59.93 -3.58 -18.94
N SER C 604 59.57 -4.79 -18.51
CA SER C 604 60.27 -6.01 -18.89
C SER C 604 59.58 -6.75 -20.04
N PHE C 605 58.86 -6.05 -20.91
CA PHE C 605 58.18 -6.69 -22.02
C PHE C 605 58.84 -6.30 -23.35
N HIS C 606 58.57 -7.10 -24.37
CA HIS C 606 59.26 -6.95 -25.65
C HIS C 606 58.97 -5.60 -26.30
N GLU C 607 57.76 -5.06 -26.08
CA GLU C 607 57.42 -3.77 -26.67
C GLU C 607 58.33 -2.67 -26.14
N PHE C 608 58.57 -2.65 -24.83
CA PHE C 608 59.43 -1.62 -24.26
C PHE C 608 60.86 -1.78 -24.73
N HIS C 609 61.35 -3.02 -24.81
CA HIS C 609 62.70 -3.26 -25.30
C HIS C 609 62.85 -2.80 -26.74
N GLN C 610 61.84 -3.05 -27.58
CA GLN C 610 61.86 -2.58 -28.95
C GLN C 610 61.87 -1.05 -29.00
N TYR C 611 61.02 -0.41 -28.19
CA TYR C 611 61.02 1.04 -28.12
C TYR C 611 62.39 1.56 -27.75
N ILE C 612 63.05 0.90 -26.79
CA ILE C 612 64.36 1.35 -26.34
C ILE C 612 65.38 1.17 -27.46
N ARG C 613 65.38 0.01 -28.11
CA ARG C 613 66.41 -0.29 -29.11
C ARG C 613 66.23 0.57 -30.35
N ASN C 614 65.02 1.07 -30.60
CA ASN C 614 64.83 2.00 -31.72
C ASN C 614 65.08 3.45 -31.33
N SER C 615 64.73 3.84 -30.12
CA SER C 615 65.06 5.17 -29.64
C SER C 615 66.57 5.31 -29.43
N MET C 616 67.18 4.32 -28.75
CA MET C 616 68.62 4.18 -28.82
C MET C 616 69.00 3.62 -30.19
N SER C 617 70.30 3.54 -30.46
CA SER C 617 70.84 3.13 -31.76
C SER C 617 70.43 4.09 -32.88
N LEU C 618 69.69 5.15 -32.56
CA LEU C 618 69.45 6.29 -33.43
C LEU C 618 70.19 7.52 -32.95
N LEU C 619 70.31 7.69 -31.64
CA LEU C 619 71.22 8.68 -31.09
C LEU C 619 72.66 8.32 -31.44
N ILE C 620 72.98 7.02 -31.44
CA ILE C 620 74.32 6.57 -31.81
C ILE C 620 74.60 6.86 -33.29
N GLU C 621 73.63 6.56 -34.16
CA GLU C 621 73.80 6.85 -35.58
C GLU C 621 73.91 8.34 -35.83
N LYS C 622 73.09 9.13 -35.13
CA LYS C 622 73.19 10.59 -35.27
C LYS C 622 74.54 11.10 -34.80
N ALA C 623 75.06 10.53 -33.71
CA ALA C 623 76.38 10.93 -33.22
C ALA C 623 77.47 10.59 -34.23
N GLU C 624 77.39 9.39 -34.82
CA GLU C 624 78.38 9.00 -35.82
C GLU C 624 78.30 9.89 -37.06
N TYR C 625 77.08 10.26 -37.48
CA TYR C 625 76.94 11.20 -38.59
C TYR C 625 77.50 12.57 -38.24
N GLU C 626 77.27 13.01 -36.99
CA GLU C 626 77.82 14.29 -36.55
C GLU C 626 79.34 14.28 -36.58
N ARG C 627 79.94 13.18 -36.14
CA ARG C 627 81.40 13.05 -36.21
C ARG C 627 81.88 13.09 -37.66
N THR C 628 81.27 12.27 -38.51
CA THR C 628 81.63 12.21 -39.93
C THR C 628 80.74 13.17 -40.73
N ARG C 629 81.01 14.46 -40.56
CA ARG C 629 80.26 15.51 -41.21
C ARG C 629 81.24 16.53 -41.79
N ASP C 630 81.15 16.77 -43.09
CA ASP C 630 82.08 17.69 -43.75
C ASP C 630 81.79 19.13 -43.37
N ILE C 631 82.83 19.95 -43.35
CA ILE C 631 82.68 21.37 -43.04
C ILE C 631 82.17 22.10 -44.27
N ASP C 632 81.26 23.05 -44.04
CA ASP C 632 80.68 23.85 -45.11
C ASP C 632 81.15 25.30 -44.99
N GLU C 633 80.95 26.06 -46.06
CA GLU C 633 81.38 27.45 -46.14
C GLU C 633 80.18 28.37 -45.89
N LEU C 634 79.95 28.71 -44.63
CA LEU C 634 78.90 29.65 -44.25
C LEU C 634 79.10 30.13 -42.81
N GLY C 644 79.78 17.00 -29.37
CA GLY C 644 79.69 15.59 -29.64
C GLY C 644 78.83 14.84 -28.63
N PHE C 645 78.36 13.65 -29.01
CA PHE C 645 77.52 12.83 -28.16
C PHE C 645 78.36 11.68 -27.61
N PHE C 646 78.30 11.48 -26.29
CA PHE C 646 78.99 10.39 -25.62
C PHE C 646 78.00 9.65 -24.74
N MET C 647 78.14 8.34 -24.68
CA MET C 647 77.24 7.49 -23.90
C MET C 647 77.74 7.43 -22.45
N GLU C 648 76.80 7.25 -21.53
CA GLU C 648 77.11 7.24 -20.11
C GLU C 648 76.81 5.85 -19.53
N TYR C 649 76.92 5.71 -18.21
CA TYR C 649 76.62 4.44 -17.56
C TYR C 649 75.17 4.02 -17.81
N TYR C 650 74.26 4.99 -17.78
CA TYR C 650 72.85 4.69 -18.03
C TYR C 650 72.63 4.17 -19.45
N ASP C 651 73.27 4.79 -20.43
CA ASP C 651 73.18 4.31 -21.80
C ASP C 651 73.80 2.92 -21.94
N PHE C 652 74.91 2.68 -21.24
CA PHE C 652 75.51 1.36 -21.25
C PHE C 652 74.54 0.31 -20.69
N VAL C 653 73.85 0.65 -19.60
CA VAL C 653 72.87 -0.27 -19.02
C VAL C 653 71.72 -0.51 -19.99
N ASN C 654 71.23 0.55 -20.63
CA ASN C 654 70.14 0.41 -21.58
C ASN C 654 70.52 -0.51 -22.73
N ILE C 655 71.72 -0.32 -23.29
CA ILE C 655 72.16 -1.17 -24.39
C ILE C 655 72.41 -2.59 -23.90
N SER C 656 72.94 -2.74 -22.68
CA SER C 656 73.22 -4.07 -22.16
C SER C 656 71.93 -4.85 -21.92
N ARG C 657 70.86 -4.15 -21.56
CA ARG C 657 69.63 -4.87 -21.22
C ARG C 657 68.70 -5.04 -22.42
N HIS C 658 68.34 -3.94 -23.09
CA HIS C 658 67.29 -4.01 -24.10
C HIS C 658 67.82 -4.13 -25.52
N PHE C 659 69.06 -4.58 -25.71
CA PHE C 659 69.60 -4.83 -27.04
C PHE C 659 69.99 -6.28 -27.18
N LYS C 660 69.50 -6.93 -28.23
CA LYS C 660 69.90 -8.29 -28.54
C LYS C 660 71.27 -8.29 -29.21
N ILE C 661 71.92 -9.46 -29.20
CA ILE C 661 73.27 -9.57 -29.75
C ILE C 661 73.28 -9.24 -31.23
N ASP C 662 72.31 -9.78 -31.98
CA ASP C 662 72.21 -9.48 -33.41
C ASP C 662 71.98 -8.00 -33.66
N ASP C 663 71.22 -7.33 -32.79
CA ASP C 663 70.95 -5.91 -32.99
C ASP C 663 72.18 -5.06 -32.70
N ILE C 664 72.96 -5.42 -31.66
CA ILE C 664 74.21 -4.71 -31.44
C ILE C 664 75.18 -4.96 -32.58
N LYS C 665 75.18 -6.18 -33.12
CA LYS C 665 75.98 -6.48 -34.29
C LYS C 665 75.58 -5.59 -35.47
N ASN C 666 74.27 -5.43 -35.68
CA ASN C 666 73.80 -4.57 -36.76
C ASN C 666 74.20 -3.12 -36.55
N LEU C 667 74.11 -2.62 -35.31
CA LEU C 667 74.44 -1.22 -35.08
C LEU C 667 75.94 -0.97 -35.20
N GLU C 668 76.78 -1.93 -34.81
CA GLU C 668 78.21 -1.74 -34.99
C GLU C 668 78.60 -1.88 -36.46
N ARG C 669 77.86 -2.69 -37.21
CA ARG C 669 78.06 -2.72 -38.66
C ARG C 669 77.68 -1.38 -39.29
N SER C 670 76.57 -0.80 -38.84
CA SER C 670 76.07 0.43 -39.46
C SER C 670 76.98 1.62 -39.16
N CYS C 671 77.43 1.75 -37.91
CA CYS C 671 78.22 2.91 -37.50
C CYS C 671 79.39 2.45 -36.64
N SER C 672 80.51 3.16 -36.79
CA SER C 672 81.68 2.90 -35.97
C SER C 672 81.48 3.46 -34.57
N ILE C 673 81.88 2.71 -33.55
CA ILE C 673 81.69 3.14 -32.19
C ILE C 673 83.01 3.46 -31.49
N ASP C 674 84.14 3.00 -32.04
CA ASP C 674 85.44 3.21 -31.42
C ASP C 674 85.79 4.68 -31.25
N LYS C 675 85.21 5.57 -32.06
CA LYS C 675 85.47 7.00 -31.96
C LYS C 675 84.51 7.71 -31.02
N ILE C 676 83.62 6.98 -30.37
CA ILE C 676 82.74 7.54 -29.35
C ILE C 676 83.40 7.32 -27.99
N ARG C 677 83.76 8.40 -27.32
CA ARG C 677 84.44 8.30 -26.03
C ARG C 677 83.52 7.70 -24.98
N PHE C 678 84.11 6.98 -24.03
CA PHE C 678 83.37 6.25 -23.02
C PHE C 678 83.62 6.86 -21.65
N GLY C 679 82.60 7.54 -21.11
CA GLY C 679 82.66 8.10 -19.78
C GLY C 679 81.98 7.21 -18.76
N GLU C 680 82.13 7.60 -17.49
CA GLU C 680 81.58 6.85 -16.36
C GLU C 680 82.02 5.39 -16.40
N GLN C 681 83.29 5.18 -16.75
CA GLN C 681 83.81 3.83 -16.93
C GLN C 681 83.87 3.06 -15.62
N GLU C 682 84.02 3.73 -14.48
CA GLU C 682 84.04 3.03 -13.21
C GLU C 682 82.68 2.42 -12.89
N LYS C 683 81.59 3.15 -13.14
CA LYS C 683 80.26 2.60 -12.90
C LYS C 683 79.96 1.46 -13.86
N ILE C 684 80.38 1.58 -15.12
CA ILE C 684 80.20 0.51 -16.09
C ILE C 684 80.97 -0.72 -15.66
N GLU C 685 82.20 -0.53 -15.18
CA GLU C 685 82.99 -1.66 -14.68
C GLU C 685 82.31 -2.31 -13.48
N GLU C 686 81.77 -1.51 -12.57
CA GLU C 686 81.07 -2.07 -11.42
C GLU C 686 79.85 -2.87 -11.85
N TYR C 687 79.09 -2.36 -12.83
CA TYR C 687 77.93 -3.07 -13.33
C TYR C 687 78.33 -4.40 -13.97
N LEU C 688 79.37 -4.38 -14.80
CA LEU C 688 79.82 -5.60 -15.47
C LEU C 688 80.33 -6.62 -14.46
N VAL C 689 81.10 -6.15 -13.46
CA VAL C 689 81.61 -7.05 -12.42
C VAL C 689 80.44 -7.64 -11.64
N GLY C 690 79.41 -6.84 -11.37
CA GLY C 690 78.24 -7.36 -10.70
C GLY C 690 77.53 -8.43 -11.50
N ILE C 691 77.36 -8.20 -12.81
CA ILE C 691 76.72 -9.20 -13.66
C ILE C 691 77.52 -10.51 -13.65
N ALA C 692 78.84 -10.40 -13.80
CA ALA C 692 79.69 -11.58 -13.73
C ALA C 692 79.56 -12.28 -12.39
N GLU C 693 79.50 -11.50 -11.31
CA GLU C 693 79.36 -12.06 -9.98
C GLU C 693 78.06 -12.85 -9.83
N GLU C 694 76.96 -12.30 -10.36
CA GLU C 694 75.69 -13.03 -10.29
C GLU C 694 75.77 -14.32 -11.08
N ILE C 695 76.28 -14.27 -12.31
CA ILE C 695 76.29 -15.50 -13.11
C ILE C 695 77.19 -16.56 -12.45
N THR C 696 78.30 -16.13 -11.84
CA THR C 696 79.16 -17.07 -11.13
C THR C 696 78.46 -17.65 -9.91
N LYS C 697 77.89 -16.79 -9.06
CA LYS C 697 77.30 -17.27 -7.80
C LYS C 697 76.10 -18.17 -8.08
N GLN C 698 75.47 -18.01 -9.24
CA GLN C 698 74.33 -18.87 -9.56
C GLN C 698 74.77 -20.17 -10.21
N PHE C 699 75.48 -20.10 -11.35
CA PHE C 699 75.82 -21.34 -12.06
C PHE C 699 76.80 -22.19 -11.25
N SER C 700 77.77 -21.54 -10.60
CA SER C 700 78.78 -22.27 -9.84
C SER C 700 78.16 -23.08 -8.70
N ALA C 701 76.98 -22.69 -8.22
CA ALA C 701 76.33 -23.33 -7.08
C ALA C 701 74.94 -23.80 -7.50
N ASN C 702 74.85 -25.06 -7.92
CA ASN C 702 73.60 -25.78 -8.19
C ASN C 702 72.84 -25.21 -9.39
N GLY C 703 73.47 -24.37 -10.20
CA GLY C 703 72.76 -23.72 -11.29
C GLY C 703 71.86 -22.61 -10.79
N MET C 704 71.08 -22.05 -11.70
CA MET C 704 70.21 -20.93 -11.39
C MET C 704 68.81 -21.19 -11.92
N ASN C 705 67.82 -20.58 -11.25
CA ASN C 705 66.42 -20.81 -11.59
C ASN C 705 66.10 -20.35 -13.00
N VAL C 706 65.27 -21.13 -13.70
CA VAL C 706 65.05 -20.94 -15.13
C VAL C 706 64.26 -19.66 -15.41
N VAL C 707 63.31 -19.30 -14.55
CA VAL C 707 62.50 -18.12 -14.79
C VAL C 707 63.35 -16.86 -14.77
N PHE C 708 64.28 -16.77 -13.82
CA PHE C 708 65.20 -15.63 -13.80
C PHE C 708 66.28 -15.77 -14.86
N TYR C 709 66.51 -17.00 -15.37
CA TYR C 709 67.57 -17.22 -16.34
C TYR C 709 67.24 -16.54 -17.66
N THR C 710 66.01 -16.70 -18.14
CA THR C 710 65.62 -16.09 -19.41
C THR C 710 65.69 -14.57 -19.33
N GLN C 711 65.37 -13.99 -18.18
CA GLN C 711 65.45 -12.55 -18.03
C GLN C 711 66.89 -12.07 -17.94
N PHE C 712 67.71 -12.73 -17.13
CA PHE C 712 69.09 -12.33 -16.91
C PHE C 712 70.00 -12.53 -18.12
N ILE C 713 69.99 -13.72 -18.71
CA ILE C 713 71.07 -14.09 -19.62
C ILE C 713 71.02 -13.30 -20.92
N SER C 714 69.82 -12.91 -21.37
CA SER C 714 69.71 -12.13 -22.60
C SER C 714 70.45 -10.80 -22.48
N GLU C 715 70.29 -10.12 -21.35
CA GLU C 715 71.03 -8.88 -21.12
C GLU C 715 72.48 -9.15 -20.74
N ALA C 716 72.76 -10.32 -20.16
CA ALA C 716 74.15 -10.68 -19.87
C ALA C 716 74.97 -10.78 -21.16
N LYS C 717 74.38 -11.37 -22.21
CA LYS C 717 75.05 -11.40 -23.52
C LYS C 717 75.44 -10.00 -23.95
N ALA C 718 74.49 -9.07 -23.95
CA ALA C 718 74.76 -7.73 -24.45
C ALA C 718 75.78 -7.01 -23.58
N ALA C 719 75.68 -7.18 -22.25
CA ALA C 719 76.65 -6.54 -21.36
C ALA C 719 78.07 -7.04 -21.63
N LEU C 720 78.25 -8.36 -21.68
CA LEU C 720 79.58 -8.90 -21.93
C LEU C 720 80.07 -8.61 -23.34
N TYR C 721 79.15 -8.47 -24.31
CA TYR C 721 79.55 -8.18 -25.68
C TYR C 721 80.00 -6.73 -25.82
N PHE C 722 79.27 -5.80 -25.18
CA PHE C 722 79.60 -4.38 -25.19
C PHE C 722 80.75 -4.07 -24.24
N ALA C 723 81.13 -5.02 -23.37
CA ALA C 723 82.27 -4.85 -22.49
C ALA C 723 83.59 -4.68 -23.25
N LYS C 724 83.62 -5.02 -24.54
CA LYS C 724 84.82 -4.79 -25.34
C LYS C 724 85.25 -3.33 -25.29
N TYR C 725 84.28 -2.42 -25.26
CA TYR C 725 84.56 -1.01 -25.50
C TYR C 725 85.02 -0.27 -24.26
N VAL C 726 84.63 -0.73 -23.08
CA VAL C 726 84.95 -0.08 -21.83
C VAL C 726 86.31 -0.59 -21.32
N LYS C 727 87.03 0.28 -20.62
CA LYS C 727 88.32 -0.05 -20.04
C LYS C 727 88.12 -0.51 -18.60
N LEU C 728 88.70 -1.66 -18.26
CA LEU C 728 88.43 -2.34 -17.01
C LEU C 728 89.74 -2.65 -16.27
N SER C 729 89.67 -2.67 -14.94
CA SER C 729 90.85 -2.98 -14.14
C SER C 729 91.15 -4.48 -14.20
N GLU C 730 92.34 -4.84 -13.73
CA GLU C 730 92.79 -6.23 -13.82
C GLU C 730 91.90 -7.16 -13.02
N GLU C 731 91.50 -6.75 -11.81
CA GLU C 731 90.62 -7.58 -11.00
C GLU C 731 89.26 -7.76 -11.66
N GLY C 732 88.70 -6.67 -12.21
CA GLY C 732 87.44 -6.77 -12.91
C GLY C 732 87.53 -7.69 -14.12
N LEU C 733 88.60 -7.55 -14.90
CA LEU C 733 88.79 -8.43 -16.06
C LEU C 733 88.93 -9.88 -15.63
N GLY C 734 89.65 -10.13 -14.54
CA GLY C 734 89.74 -11.49 -14.03
C GLY C 734 88.40 -12.07 -13.65
N LYS C 735 87.61 -11.28 -12.92
CA LYS C 735 86.28 -11.76 -12.51
C LYS C 735 85.41 -12.06 -13.72
N ILE C 736 85.36 -11.15 -14.69
CA ILE C 736 84.44 -11.30 -15.81
C ILE C 736 84.91 -12.39 -16.76
N VAL C 737 86.23 -12.55 -16.94
CA VAL C 737 86.74 -13.64 -17.77
C VAL C 737 86.46 -14.99 -17.11
N LYS C 738 86.69 -15.09 -15.80
CA LYS C 738 86.38 -16.32 -15.09
C LYS C 738 84.90 -16.64 -15.18
N ALA C 739 84.05 -15.62 -15.11
CA ALA C 739 82.61 -15.83 -15.28
C ALA C 739 82.26 -16.32 -16.67
N LEU C 740 82.87 -15.72 -17.71
CA LEU C 740 82.49 -16.05 -19.08
C LEU C 740 83.00 -17.43 -19.49
N LEU C 741 84.17 -17.83 -18.97
CA LEU C 741 84.74 -19.12 -19.38
C LEU C 741 84.08 -20.28 -18.64
N PHE C 742 84.20 -20.32 -17.32
CA PHE C 742 83.78 -21.51 -16.58
C PHE C 742 82.29 -21.47 -16.26
N TYR C 743 81.82 -20.36 -15.69
CA TYR C 743 80.50 -20.35 -15.07
C TYR C 743 79.43 -19.73 -15.96
N PHE C 744 79.68 -19.61 -17.25
CA PHE C 744 78.65 -19.18 -18.16
C PHE C 744 77.99 -20.40 -18.81
N PRO C 745 76.66 -20.42 -18.92
CA PRO C 745 76.00 -21.58 -19.54
C PRO C 745 76.36 -21.72 -21.00
N GLU C 746 77.03 -22.83 -21.32
CA GLU C 746 77.57 -23.04 -22.66
C GLU C 746 76.51 -23.22 -23.73
N ARG C 747 75.25 -23.40 -23.35
CA ARG C 747 74.21 -23.70 -24.34
C ARG C 747 73.95 -22.51 -25.26
N ASP C 748 74.46 -21.34 -24.93
CA ASP C 748 74.22 -20.14 -25.74
C ASP C 748 75.47 -19.62 -26.45
N LEU C 749 76.52 -19.32 -25.70
CA LEU C 749 77.81 -18.91 -26.26
C LEU C 749 78.70 -20.15 -26.30
N ASP C 750 78.84 -20.74 -27.49
CA ASP C 750 79.69 -21.91 -27.63
C ASP C 750 81.16 -21.51 -27.57
N ILE C 751 82.04 -22.47 -27.82
CA ILE C 751 83.48 -22.23 -27.70
C ILE C 751 83.91 -21.12 -28.66
N GLY C 752 83.43 -21.19 -29.91
CA GLY C 752 83.83 -20.20 -30.90
C GLY C 752 83.34 -18.80 -30.56
N LYS C 753 82.08 -18.67 -30.16
CA LYS C 753 81.53 -17.35 -29.87
C LYS C 753 82.04 -16.82 -28.53
N ARG C 754 82.27 -17.71 -27.55
CA ARG C 754 82.88 -17.29 -26.30
C ARG C 754 84.31 -16.80 -26.51
N TYR C 755 85.05 -17.43 -27.44
CA TYR C 755 86.37 -16.91 -27.77
C TYR C 755 86.28 -15.51 -28.38
N VAL C 756 85.29 -15.28 -29.23
CA VAL C 756 85.11 -13.95 -29.81
C VAL C 756 84.79 -12.94 -28.72
N TRP C 757 83.93 -13.33 -27.77
CA TRP C 757 83.67 -12.48 -26.61
C TRP C 757 84.98 -12.12 -25.89
N LEU C 758 85.80 -13.14 -25.59
CA LEU C 758 87.03 -12.92 -24.85
C LEU C 758 87.99 -12.00 -25.60
N GLU C 759 88.17 -12.24 -26.89
CA GLU C 759 89.05 -11.36 -27.65
C GLU C 759 88.48 -9.95 -27.73
N ARG C 760 87.15 -9.82 -27.70
CA ARG C 760 86.56 -8.48 -27.67
C ARG C 760 86.90 -7.75 -26.39
N LEU C 761 86.72 -8.39 -25.23
CA LEU C 761 87.16 -7.72 -24.00
C LEU C 761 88.67 -7.54 -23.98
N THR C 762 89.41 -8.30 -24.78
CA THR C 762 90.86 -8.15 -24.90
C THR C 762 91.29 -6.96 -25.78
N LYS C 763 90.45 -6.55 -26.74
CA LYS C 763 90.85 -5.47 -27.65
C LYS C 763 91.30 -4.22 -26.90
N CYS C 764 90.48 -3.73 -25.97
CA CYS C 764 90.82 -2.47 -25.31
C CYS C 764 91.98 -2.63 -24.33
N ASN C 765 91.98 -3.69 -23.54
CA ASN C 765 93.01 -3.92 -22.53
C ASN C 765 93.83 -5.14 -22.92
N GLU C 766 95.14 -4.95 -23.07
CA GLU C 766 96.02 -6.07 -23.39
C GLU C 766 96.00 -7.10 -22.28
N LEU C 767 96.23 -8.36 -22.66
CA LEU C 767 96.00 -9.48 -21.75
C LEU C 767 97.00 -9.47 -20.59
N PRO C 768 96.54 -9.36 -19.35
CA PRO C 768 97.44 -9.50 -18.20
C PRO C 768 97.65 -10.98 -17.87
N LYS C 769 98.66 -11.22 -17.03
CA LYS C 769 99.06 -12.59 -16.72
C LYS C 769 97.93 -13.38 -16.06
N SER C 770 97.13 -12.70 -15.23
CA SER C 770 96.02 -13.38 -14.56
C SER C 770 95.01 -13.92 -15.57
N ILE C 771 94.69 -13.13 -16.59
CA ILE C 771 93.73 -13.58 -17.59
C ILE C 771 94.28 -14.79 -18.34
N ILE C 772 95.57 -14.77 -18.66
CA ILE C 772 96.19 -15.91 -19.34
C ILE C 772 96.19 -17.14 -18.45
N SER C 773 96.36 -16.96 -17.13
CA SER C 773 96.23 -18.10 -16.23
C SER C 773 94.81 -18.66 -16.25
N ILE C 774 93.81 -17.77 -16.28
CA ILE C 774 92.42 -18.21 -16.35
C ILE C 774 92.15 -18.99 -17.64
N ILE C 775 92.66 -18.48 -18.76
CA ILE C 775 92.48 -19.19 -20.03
C ILE C 775 93.23 -20.52 -20.01
N ASP C 776 94.38 -20.57 -19.35
CA ASP C 776 95.09 -21.83 -19.18
C ASP C 776 94.25 -22.84 -18.41
N ASP C 777 93.60 -22.39 -17.34
CA ASP C 777 92.70 -23.26 -16.59
C ASP C 777 91.54 -23.74 -17.47
N PHE C 778 90.98 -22.84 -18.27
CA PHE C 778 89.89 -23.24 -19.16
C PHE C 778 90.36 -24.27 -20.18
N LEU C 779 91.56 -24.09 -20.72
CA LEU C 779 92.09 -25.05 -21.69
C LEU C 779 92.40 -26.38 -21.04
N VAL C 780 92.86 -26.38 -19.80
CA VAL C 780 93.08 -27.62 -19.06
C VAL C 780 91.74 -28.34 -18.86
N LEU C 781 90.70 -27.59 -18.50
CA LEU C 781 89.38 -28.18 -18.34
C LEU C 781 88.87 -28.76 -19.65
N GLN C 782 89.07 -28.05 -20.76
CA GLN C 782 88.67 -28.56 -22.06
C GLN C 782 89.45 -29.82 -22.42
N ALA C 783 90.73 -29.85 -22.10
CA ALA C 783 91.56 -31.02 -22.39
C ALA C 783 91.07 -32.24 -21.61
N GLU C 784 90.77 -32.07 -20.33
CA GLU C 784 90.25 -33.20 -19.56
C GLU C 784 88.81 -33.55 -19.94
N LYS C 785 88.08 -32.61 -20.56
CA LYS C 785 86.75 -32.95 -21.08
C LYS C 785 86.84 -34.00 -22.16
N HIS C 786 87.82 -33.88 -23.06
CA HIS C 786 88.00 -34.84 -24.15
C HIS C 786 88.45 -36.19 -23.62
N GLN C 789 86.79 -39.30 -23.62
CA GLN C 789 85.37 -39.40 -23.96
C GLN C 789 85.14 -39.18 -25.45
N ASN C 790 83.99 -39.64 -25.94
CA ASN C 790 83.58 -39.41 -27.33
C ASN C 790 82.89 -38.06 -27.41
N TYR C 791 83.63 -37.02 -27.04
CA TYR C 791 83.12 -35.66 -26.94
C TYR C 791 83.73 -34.81 -28.04
N SER C 792 82.88 -34.02 -28.70
CA SER C 792 83.27 -33.19 -29.82
C SER C 792 83.09 -31.72 -29.45
N GLU C 793 84.11 -30.92 -29.75
CA GLU C 793 84.04 -29.48 -29.52
C GLU C 793 83.41 -28.82 -30.74
N VAL C 794 82.08 -28.73 -30.72
CA VAL C 794 81.33 -28.12 -31.81
C VAL C 794 81.12 -26.65 -31.49
N SER C 795 81.04 -25.81 -32.52
CA SER C 795 80.91 -24.37 -32.36
C SER C 795 80.20 -23.77 -33.56
N SER C 796 79.38 -22.75 -33.31
CA SER C 796 78.71 -22.06 -34.41
C SER C 796 79.64 -21.07 -35.11
N ASN C 797 80.77 -20.75 -34.49
CA ASN C 797 81.62 -19.68 -34.99
C ASN C 797 82.84 -20.20 -35.74
N GLY C 798 83.24 -21.45 -35.51
CA GLY C 798 84.39 -21.99 -36.20
C GLY C 798 85.72 -21.59 -35.63
N LEU C 799 85.75 -21.04 -34.42
CA LEU C 799 86.98 -20.60 -33.75
C LEU C 799 87.13 -21.44 -32.49
N TYR C 800 87.73 -22.62 -32.63
CA TYR C 800 87.73 -23.63 -31.58
C TYR C 800 88.78 -23.29 -30.51
N SER C 801 89.05 -24.26 -29.64
CA SER C 801 89.92 -24.02 -28.48
C SER C 801 91.34 -23.64 -28.87
N ARG C 802 91.79 -24.00 -30.07
CA ARG C 802 93.13 -23.63 -30.51
C ARG C 802 93.29 -22.12 -30.60
N ASP C 803 92.19 -21.39 -30.79
CA ASP C 803 92.27 -19.94 -30.89
C ASP C 803 92.61 -19.32 -29.55
N TYR C 804 92.19 -19.94 -28.44
CA TYR C 804 92.57 -19.44 -27.12
C TYR C 804 94.08 -19.56 -26.93
N GLY C 805 94.65 -20.69 -27.31
CA GLY C 805 96.10 -20.83 -27.24
C GLY C 805 96.82 -19.90 -28.18
N ALA C 806 96.23 -19.65 -29.35
CA ALA C 806 96.80 -18.69 -30.28
C ALA C 806 96.82 -17.28 -29.67
N LEU C 807 95.74 -16.89 -29.00
CA LEU C 807 95.71 -15.61 -28.31
C LEU C 807 96.75 -15.55 -27.19
N ILE C 808 96.89 -16.66 -26.46
CA ILE C 808 97.86 -16.71 -25.36
C ILE C 808 99.27 -16.50 -25.90
N LYS C 809 99.61 -17.21 -26.98
CA LYS C 809 100.93 -17.06 -27.58
C LYS C 809 101.11 -15.68 -28.19
N HIS C 810 100.04 -15.12 -28.77
CA HIS C 810 100.11 -13.77 -29.33
C HIS C 810 100.43 -12.74 -28.27
N PHE C 811 99.89 -12.90 -27.05
CA PHE C 811 100.15 -11.95 -25.98
C PHE C 811 101.34 -12.29 -25.10
N GLU C 812 101.94 -13.48 -25.26
CA GLU C 812 103.19 -13.78 -24.56
C GLU C 812 104.34 -14.14 -25.50
N LYS C 813 104.12 -15.06 -26.45
CA LYS C 813 105.12 -15.62 -27.35
C LYS C 813 106.14 -16.48 -26.61
N ASN C 814 106.03 -16.60 -25.29
CA ASN C 814 106.90 -17.48 -24.51
C ASN C 814 106.17 -18.26 -23.44
N PHE C 815 104.84 -18.19 -23.39
CA PHE C 815 104.09 -18.86 -22.35
C PHE C 815 104.15 -20.38 -22.53
N ILE C 816 104.41 -21.09 -21.43
CA ILE C 816 104.41 -22.54 -21.41
C ILE C 816 103.43 -22.98 -20.33
N SER C 817 102.37 -23.66 -20.73
CA SER C 817 101.36 -24.12 -19.78
C SER C 817 101.83 -25.40 -19.09
N LYS C 818 101.99 -25.32 -17.77
CA LYS C 818 102.53 -26.45 -17.02
C LYS C 818 101.56 -27.64 -17.02
N ARG C 819 100.29 -27.39 -16.67
CA ARG C 819 99.36 -28.50 -16.49
C ARG C 819 99.06 -29.21 -17.80
N LEU C 820 98.90 -28.47 -18.90
CA LEU C 820 98.74 -29.11 -20.19
C LEU C 820 100.00 -29.88 -20.59
N SER C 821 101.17 -29.38 -20.21
CA SER C 821 102.41 -30.13 -20.45
C SER C 821 102.39 -31.46 -19.71
N GLU C 822 101.99 -31.45 -18.44
CA GLU C 822 101.91 -32.71 -17.69
C GLU C 822 100.87 -33.65 -18.29
N ILE C 823 99.73 -33.10 -18.73
CA ILE C 823 98.72 -33.91 -19.38
C ILE C 823 99.29 -34.58 -20.64
N THR C 824 100.06 -33.81 -21.43
CA THR C 824 100.70 -34.38 -22.61
C THR C 824 101.68 -35.47 -22.23
N LEU C 825 102.44 -35.28 -21.16
CA LEU C 825 103.38 -36.31 -20.72
C LEU C 825 102.67 -37.60 -20.35
N CYS C 826 101.47 -37.50 -19.79
CA CYS C 826 100.69 -38.66 -19.39
C CYS C 826 99.78 -39.18 -20.50
N LEU C 827 99.83 -38.58 -21.69
CA LEU C 827 99.02 -39.05 -22.81
C LEU C 827 99.47 -40.44 -23.26
N THR C 828 98.51 -41.22 -23.73
CA THR C 828 98.76 -42.58 -24.21
C THR C 828 98.16 -42.73 -25.60
N GLN C 829 98.67 -43.73 -26.33
CA GLN C 829 98.24 -43.95 -27.70
C GLN C 829 96.79 -44.41 -27.80
N ASP C 830 96.23 -44.92 -26.70
CA ASP C 830 94.84 -45.36 -26.73
C ASP C 830 93.88 -44.19 -26.88
N LYS C 831 94.22 -43.04 -26.30
CA LYS C 831 93.32 -41.90 -26.24
C LYS C 831 93.66 -40.95 -27.40
N GLN C 832 92.82 -40.95 -28.43
CA GLN C 832 93.13 -40.18 -29.64
C GLN C 832 92.61 -38.75 -29.56
N LYS C 833 91.41 -38.56 -29.01
CA LYS C 833 90.79 -37.24 -29.01
C LYS C 833 91.61 -36.24 -28.21
N GLN C 834 92.09 -36.64 -27.04
CA GLN C 834 92.94 -35.75 -26.26
C GLN C 834 94.27 -35.46 -26.96
N ILE C 835 94.85 -36.47 -27.62
CA ILE C 835 96.14 -36.27 -28.29
C ILE C 835 96.01 -35.27 -29.43
N ASP C 836 95.02 -35.45 -30.30
CA ASP C 836 94.89 -34.49 -31.40
C ASP C 836 94.19 -33.20 -30.98
N PHE C 837 93.63 -33.14 -29.77
CA PHE C 837 93.23 -31.87 -29.19
C PHE C 837 94.43 -31.06 -28.75
N LEU C 838 95.38 -31.71 -28.06
CA LEU C 838 96.59 -31.03 -27.63
C LEU C 838 97.56 -30.80 -28.79
N PHE C 839 97.39 -31.51 -29.90
CA PHE C 839 98.19 -31.24 -31.09
C PHE C 839 97.93 -29.83 -31.60
N LYS C 840 96.67 -29.39 -31.58
CA LYS C 840 96.32 -28.01 -31.91
C LYS C 840 96.82 -27.02 -30.86
N LEU C 841 97.09 -27.49 -29.64
CA LEU C 841 97.65 -26.66 -28.59
C LEU C 841 99.16 -26.88 -28.45
N LEU C 842 99.84 -27.19 -29.56
CA LEU C 842 101.27 -27.49 -29.51
C LEU C 842 102.14 -26.36 -28.99
N PRO C 843 101.98 -25.09 -29.42
CA PRO C 843 102.87 -24.04 -28.90
C PRO C 843 102.79 -23.85 -27.39
N LEU C 844 101.67 -24.24 -26.76
CA LEU C 844 101.54 -24.08 -25.32
C LEU C 844 102.36 -25.10 -24.55
N LEU C 845 102.59 -26.28 -25.13
CA LEU C 845 103.29 -27.34 -24.43
C LEU C 845 104.79 -27.03 -24.34
N SER C 846 105.45 -27.72 -23.42
CA SER C 846 106.89 -27.59 -23.25
C SER C 846 107.62 -28.47 -24.28
N THR C 847 108.95 -28.31 -24.32
CA THR C 847 109.74 -29.04 -25.31
C THR C 847 109.63 -30.54 -25.13
N ASN C 848 109.71 -31.03 -23.89
CA ASN C 848 109.53 -32.46 -23.64
C ASN C 848 108.11 -32.90 -24.00
N ALA C 849 107.12 -32.07 -23.67
CA ALA C 849 105.75 -32.37 -24.06
C ALA C 849 105.60 -32.38 -25.58
N LYS C 850 106.25 -31.44 -26.27
CA LYS C 850 106.20 -31.43 -27.72
C LYS C 850 106.79 -32.72 -28.30
N SER C 851 107.94 -33.15 -27.76
CA SER C 851 108.58 -34.36 -28.25
C SER C 851 107.69 -35.58 -27.98
N HIS C 852 107.09 -35.65 -26.79
CA HIS C 852 106.22 -36.78 -26.48
C HIS C 852 104.98 -36.81 -27.37
N LEU C 853 104.40 -35.64 -27.64
CA LEU C 853 103.20 -35.59 -28.46
C LEU C 853 103.50 -35.91 -29.92
N LEU C 854 104.66 -35.48 -30.42
CA LEU C 854 105.03 -35.78 -31.80
C LEU C 854 105.26 -37.26 -32.05
N SER C 855 105.43 -38.07 -31.00
CA SER C 855 105.64 -39.50 -31.18
C SER C 855 104.45 -40.17 -31.84
N PHE C 856 103.24 -39.85 -31.36
CA PHE C 856 102.02 -40.44 -31.92
C PHE C 856 101.33 -39.54 -32.93
N LYS C 857 101.80 -38.31 -33.13
CA LYS C 857 101.14 -37.37 -34.02
C LYS C 857 101.66 -37.57 -35.44
N SER C 858 100.77 -37.93 -36.35
CA SER C 858 101.10 -38.16 -37.75
C SER C 858 100.10 -37.44 -38.63
N VAL C 859 100.57 -36.98 -39.79
CA VAL C 859 99.71 -36.27 -40.73
C VAL C 859 99.08 -37.34 -41.64
N GLU C 860 97.99 -37.92 -41.15
CA GLU C 860 97.29 -38.94 -41.93
C GLU C 860 96.38 -38.29 -42.97
N ASN C 861 95.52 -37.38 -42.53
CA ASN C 861 94.65 -36.61 -43.41
C ASN C 861 95.12 -35.16 -43.42
N ILE C 862 94.55 -34.39 -44.34
CA ILE C 862 94.98 -33.00 -44.51
C ILE C 862 94.47 -32.11 -43.38
N ASN C 863 93.48 -32.55 -42.60
CA ASN C 863 93.09 -31.78 -41.43
C ASN C 863 94.24 -31.68 -40.43
N ASP C 864 94.97 -32.78 -40.22
CA ASP C 864 96.18 -32.73 -39.40
C ASP C 864 97.20 -31.77 -40.00
N LEU C 865 97.24 -31.67 -41.32
CA LEU C 865 98.15 -30.72 -41.96
C LEU C 865 97.76 -29.28 -41.64
N MET C 866 96.46 -28.96 -41.71
CA MET C 866 96.00 -27.65 -41.26
C MET C 866 96.38 -27.38 -39.82
N ASN C 867 96.16 -28.36 -38.93
CA ASN C 867 96.51 -28.15 -37.53
C ASN C 867 98.00 -27.92 -37.34
N GLY C 868 98.84 -28.69 -38.04
CA GLY C 868 100.28 -28.47 -37.96
C GLY C 868 100.70 -27.11 -38.49
N ILE C 869 100.04 -26.65 -39.55
CA ILE C 869 100.34 -25.32 -40.08
C ILE C 869 99.95 -24.24 -39.09
N ARG C 870 98.76 -24.36 -38.49
CA ARG C 870 98.31 -23.33 -37.55
C ARG C 870 99.19 -23.28 -36.31
N ILE C 871 99.59 -24.45 -35.79
CA ILE C 871 100.49 -24.43 -34.64
C ILE C 871 101.90 -24.02 -35.02
N GLY C 872 102.22 -23.98 -36.31
CA GLY C 872 103.54 -23.61 -36.78
C GLY C 872 104.53 -24.75 -36.91
N LEU C 873 104.07 -26.00 -36.80
CA LEU C 873 104.98 -27.13 -36.93
C LEU C 873 105.54 -27.25 -38.34
N ILE C 874 104.79 -26.82 -39.35
CA ILE C 874 105.18 -26.96 -40.74
C ILE C 874 105.36 -25.56 -41.33
N ASP C 875 106.56 -25.31 -41.86
CA ASP C 875 106.87 -24.04 -42.51
C ASP C 875 107.16 -24.17 -44.00
N GLU C 876 107.30 -25.39 -44.52
CA GLU C 876 107.50 -25.62 -45.94
C GLU C 876 107.01 -27.03 -46.27
N PHE C 877 106.49 -27.20 -47.47
CA PHE C 877 105.90 -28.48 -47.86
C PHE C 877 106.98 -29.48 -48.25
N THR C 878 107.08 -30.56 -47.46
CA THR C 878 107.86 -31.70 -47.88
C THR C 878 107.12 -32.45 -48.98
N PRO C 879 107.81 -33.29 -49.76
CA PRO C 879 107.12 -34.05 -50.81
C PRO C 879 105.97 -34.89 -50.30
N GLU C 880 106.03 -35.36 -49.06
CA GLU C 880 104.93 -36.13 -48.49
C GLU C 880 103.66 -35.29 -48.38
N HIS C 881 103.80 -34.05 -47.92
CA HIS C 881 102.63 -33.17 -47.79
C HIS C 881 102.03 -32.86 -49.15
N GLU C 882 102.88 -32.59 -50.16
CA GLU C 882 102.38 -32.33 -51.50
C GLU C 882 101.66 -33.55 -52.05
N GLU C 883 102.22 -34.74 -51.85
CA GLU C 883 101.57 -35.95 -52.32
C GLU C 883 100.22 -36.17 -51.64
N LEU C 884 100.15 -35.90 -50.33
CA LEU C 884 98.88 -36.02 -49.61
C LEU C 884 97.84 -35.05 -50.18
N ILE C 885 98.26 -33.81 -50.44
CA ILE C 885 97.34 -32.81 -50.99
C ILE C 885 96.84 -33.26 -52.36
N ILE C 886 97.74 -33.74 -53.21
CA ILE C 886 97.36 -34.18 -54.55
C ILE C 886 96.42 -35.37 -54.47
N GLU C 887 96.68 -36.30 -53.54
CA GLU C 887 95.82 -37.47 -53.39
C GLU C 887 94.41 -37.07 -52.95
N TYR C 888 94.31 -36.15 -51.99
CA TYR C 888 92.99 -35.70 -51.56
C TYR C 888 92.26 -34.98 -52.69
N LEU C 889 92.99 -34.21 -53.50
CA LEU C 889 92.38 -33.58 -54.66
C LEU C 889 91.92 -34.61 -55.69
N GLU C 890 92.70 -35.68 -55.88
CA GLU C 890 92.30 -36.76 -56.77
C GLU C 890 90.98 -37.37 -56.30
N THR C 891 90.89 -37.72 -55.01
CA THR C 891 89.66 -38.34 -54.53
C THR C 891 88.50 -37.36 -54.52
N ARG C 892 88.78 -36.06 -54.33
CA ARG C 892 87.73 -35.05 -54.38
C ARG C 892 87.12 -34.97 -55.77
N LYS C 893 87.97 -34.95 -56.81
CA LYS C 893 87.38 -34.97 -58.15
C LYS C 893 86.70 -36.29 -58.44
N VAL C 894 87.27 -37.40 -57.95
CA VAL C 894 86.70 -38.72 -58.25
C VAL C 894 85.29 -38.81 -57.69
N ASN C 895 85.07 -38.31 -56.47
CA ASN C 895 83.73 -38.23 -55.92
C ASN C 895 82.90 -37.13 -56.57
N TYR C 896 83.54 -36.10 -57.15
CA TYR C 896 82.81 -35.03 -57.79
C TYR C 896 82.07 -35.53 -59.04
N ILE C 897 82.71 -36.37 -59.83
CA ILE C 897 82.08 -36.91 -61.04
C ILE C 897 81.27 -38.16 -60.69
N GLY C 903 75.53 -37.65 -61.33
CA GLY C 903 76.49 -36.92 -60.54
C GLY C 903 76.16 -35.45 -60.36
N ILE C 904 75.28 -35.15 -59.40
CA ILE C 904 74.88 -33.77 -59.15
C ILE C 904 76.02 -33.02 -58.46
N GLN C 905 75.98 -31.69 -58.58
CA GLN C 905 76.99 -30.83 -57.98
C GLN C 905 76.65 -30.54 -56.53
N THR C 906 77.67 -30.55 -55.68
CA THR C 906 77.53 -30.27 -54.26
C THR C 906 78.61 -29.29 -53.84
N PHE C 907 78.21 -28.22 -53.16
CA PHE C 907 79.13 -27.21 -52.65
C PHE C 907 79.11 -27.25 -51.14
N SER C 908 80.28 -27.31 -50.52
CA SER C 908 80.43 -27.32 -49.08
C SER C 908 81.35 -26.17 -48.65
N SER C 909 81.29 -25.85 -47.36
CA SER C 909 82.12 -24.79 -46.79
C SER C 909 83.37 -25.35 -46.14
N ASN C 910 83.87 -26.48 -46.64
CA ASN C 910 85.13 -27.03 -46.14
C ASN C 910 86.28 -26.07 -46.42
N ASP C 911 86.28 -25.45 -47.60
CA ASP C 911 87.14 -24.33 -47.97
C ASP C 911 88.60 -24.74 -48.15
N TYR C 912 88.94 -26.01 -47.89
CA TYR C 912 90.31 -26.48 -48.11
C TYR C 912 90.75 -26.25 -49.54
N MET C 913 89.80 -26.36 -50.49
CA MET C 913 90.14 -26.23 -51.90
C MET C 913 90.67 -24.84 -52.20
N SER C 914 90.00 -23.81 -51.67
CA SER C 914 90.48 -22.44 -51.83
C SER C 914 91.82 -22.25 -51.15
N THR C 915 92.04 -22.93 -50.02
CA THR C 915 93.34 -22.85 -49.36
C THR C 915 94.44 -23.41 -50.25
N PHE C 916 94.18 -24.53 -50.93
CA PHE C 916 95.14 -25.07 -51.89
C PHE C 916 95.38 -24.10 -53.03
N GLY C 917 94.31 -23.48 -53.54
CA GLY C 917 94.48 -22.49 -54.60
C GLY C 917 95.34 -21.31 -54.17
N ILE C 918 95.11 -20.82 -52.96
CA ILE C 918 95.89 -19.69 -52.43
C ILE C 918 97.34 -20.10 -52.23
N TRP C 919 97.58 -21.33 -51.75
CA TRP C 919 98.94 -21.82 -51.62
C TRP C 919 99.63 -21.86 -52.97
N TYR C 920 98.91 -22.29 -54.01
CA TYR C 920 99.47 -22.25 -55.36
C TYR C 920 99.77 -20.82 -55.78
N PHE C 921 98.88 -19.87 -55.46
CA PHE C 921 99.08 -18.48 -55.87
C PHE C 921 100.30 -17.87 -55.20
N LEU C 922 100.49 -18.11 -53.90
CA LEU C 922 101.60 -17.54 -53.15
C LEU C 922 102.91 -18.29 -53.36
N GLU C 923 102.98 -19.17 -54.36
CA GLU C 923 104.15 -19.96 -54.71
C GLU C 923 104.59 -20.90 -53.60
N GLU C 924 103.78 -21.06 -52.54
CA GLU C 924 104.10 -22.03 -51.50
C GLU C 924 103.96 -23.46 -52.00
N ILE C 925 103.18 -23.67 -53.06
CA ILE C 925 103.10 -24.96 -53.76
C ILE C 925 103.84 -24.78 -55.09
N ASN C 926 104.77 -25.68 -55.37
CA ASN C 926 105.60 -25.60 -56.57
C ASN C 926 105.59 -26.93 -57.31
N ASN C 927 104.42 -27.55 -57.39
CA ASN C 927 104.21 -28.76 -58.18
C ASN C 927 103.14 -28.46 -59.22
N SER C 928 103.44 -28.76 -60.48
CA SER C 928 102.57 -28.39 -61.60
C SER C 928 101.60 -29.51 -61.97
N LYS C 929 100.86 -29.99 -60.97
CA LYS C 929 99.76 -30.92 -61.18
C LYS C 929 98.41 -30.28 -60.84
N MET C 930 98.44 -29.09 -60.22
CA MET C 930 97.20 -28.45 -59.76
C MET C 930 96.25 -28.18 -60.92
N GLU C 931 96.80 -27.88 -62.10
CA GLU C 931 95.95 -27.51 -63.23
C GLU C 931 95.04 -28.64 -63.68
N GLU C 932 95.37 -29.90 -63.34
CA GLU C 932 94.47 -31.01 -63.65
C GLU C 932 93.18 -30.91 -62.86
N PHE C 933 93.21 -30.32 -61.67
CA PHE C 933 92.06 -30.31 -60.78
C PHE C 933 91.15 -29.11 -61.00
N ILE C 934 91.37 -28.35 -62.08
CA ILE C 934 90.62 -27.13 -62.34
C ILE C 934 89.18 -27.47 -62.68
N GLY C 935 88.24 -26.69 -62.15
CA GLY C 935 86.84 -26.74 -62.55
C GLY C 935 85.88 -27.25 -61.50
N MET C 936 86.37 -27.80 -60.39
CA MET C 936 85.46 -28.44 -59.44
C MET C 936 84.79 -27.41 -58.53
N ASP C 937 85.40 -26.24 -58.35
CA ASP C 937 84.73 -25.14 -57.68
C ASP C 937 85.43 -23.83 -58.02
N ASP C 938 84.80 -22.72 -57.63
CA ASP C 938 85.38 -21.40 -57.79
C ASP C 938 86.29 -21.06 -56.61
N GLN C 939 86.98 -19.93 -56.74
CA GLN C 939 88.00 -19.41 -55.82
C GLN C 939 89.25 -20.28 -55.83
N TYR C 940 89.26 -21.38 -56.58
CA TYR C 940 90.45 -22.17 -56.86
C TYR C 940 91.00 -21.89 -58.25
N ASP C 941 90.11 -21.86 -59.24
CA ASP C 941 90.48 -21.39 -60.56
C ASP C 941 90.82 -19.90 -60.54
N PHE C 942 90.35 -19.18 -59.52
CA PHE C 942 90.69 -17.76 -59.38
C PHE C 942 92.17 -17.57 -59.10
N PHE C 943 92.77 -18.46 -58.30
CA PHE C 943 94.16 -18.29 -57.90
C PHE C 943 95.14 -19.06 -58.78
N VAL C 944 94.79 -20.27 -59.20
CA VAL C 944 95.73 -21.11 -59.94
C VAL C 944 96.03 -20.52 -61.31
N ASP C 945 94.99 -20.18 -62.07
CA ASP C 945 95.11 -19.56 -63.39
C ASP C 945 94.19 -18.35 -63.42
N PRO C 946 94.64 -17.23 -62.85
CA PRO C 946 93.76 -16.04 -62.77
C PRO C 946 93.34 -15.50 -64.13
N GLU C 947 94.15 -15.71 -65.18
CA GLU C 947 93.80 -15.16 -66.48
C GLU C 947 92.60 -15.87 -67.08
N ASN C 948 92.45 -17.17 -66.80
CA ASN C 948 91.38 -17.98 -67.38
C ASN C 948 90.26 -18.28 -66.39
N PHE C 949 89.88 -17.31 -65.55
CA PHE C 949 88.90 -17.58 -64.51
C PHE C 949 87.46 -17.31 -64.96
N ASP C 950 87.27 -16.47 -65.98
CA ASP C 950 85.93 -16.14 -66.48
C ASP C 950 85.10 -15.52 -65.36
N TYR C 951 85.50 -14.32 -64.98
CA TYR C 951 85.14 -13.69 -63.70
C TYR C 951 83.65 -13.38 -63.56
N LYS C 952 82.84 -13.81 -64.53
CA LYS C 952 81.40 -13.78 -64.32
C LYS C 952 80.99 -14.64 -63.12
N LYS C 953 81.82 -15.61 -62.73
CA LYS C 953 81.58 -16.41 -61.54
C LYS C 953 82.28 -15.87 -60.31
N PHE C 954 83.04 -14.77 -60.44
CA PHE C 954 83.77 -14.21 -59.31
C PHE C 954 82.79 -13.66 -58.27
N ILE C 955 83.10 -13.89 -57.00
CA ILE C 955 82.26 -13.46 -55.88
C ILE C 955 82.99 -12.35 -55.14
N PRO C 956 82.42 -11.14 -55.04
CA PRO C 956 83.12 -10.06 -54.34
C PRO C 956 83.38 -10.32 -52.87
N SER C 957 82.62 -11.23 -52.24
CA SER C 957 82.80 -11.50 -50.82
C SER C 957 84.13 -12.15 -50.50
N TRP C 958 84.86 -12.63 -51.51
CA TRP C 958 86.12 -13.31 -51.27
C TRP C 958 87.18 -12.37 -50.71
N LEU C 959 87.25 -11.13 -51.22
CA LEU C 959 88.32 -10.22 -50.86
C LEU C 959 88.33 -9.88 -49.37
N LYS C 960 87.20 -10.01 -48.69
CA LYS C 960 87.17 -9.76 -47.25
C LYS C 960 87.96 -10.81 -46.48
N ASN C 961 87.94 -12.06 -46.97
CA ASN C 961 88.59 -13.13 -46.23
C ASN C 961 90.12 -13.02 -46.29
N TYR C 962 90.65 -12.46 -47.37
CA TYR C 962 92.10 -12.44 -47.57
C TYR C 962 92.75 -11.41 -46.65
N ASN C 963 94.05 -11.59 -46.41
CA ASN C 963 94.82 -10.77 -45.50
C ASN C 963 95.72 -9.80 -46.28
N ASP C 964 96.57 -9.08 -45.55
CA ASP C 964 97.43 -8.07 -46.17
C ASP C 964 98.39 -8.70 -47.17
N LYS C 965 99.05 -9.79 -46.77
CA LYS C 965 100.03 -10.42 -47.66
C LYS C 965 99.37 -10.97 -48.91
N LEU C 966 98.25 -11.67 -48.75
CA LEU C 966 97.58 -12.28 -49.89
C LEU C 966 97.10 -11.24 -50.89
N LEU C 967 96.40 -10.21 -50.42
CA LEU C 967 95.87 -9.22 -51.36
C LEU C 967 96.96 -8.29 -51.86
N GLY C 968 98.07 -8.18 -51.14
CA GLY C 968 99.23 -7.50 -51.69
C GLY C 968 99.85 -8.25 -52.85
N LYS C 969 99.96 -9.58 -52.72
CA LYS C 969 100.42 -10.39 -53.84
C LYS C 969 99.43 -10.36 -55.00
N ILE C 970 98.13 -10.37 -54.70
CA ILE C 970 97.12 -10.28 -55.74
C ILE C 970 97.20 -8.92 -56.45
N ALA C 971 97.55 -7.87 -55.71
CA ALA C 971 97.73 -6.55 -56.32
C ALA C 971 98.90 -6.55 -57.30
N GLY C 972 99.96 -7.28 -56.99
CA GLY C 972 101.15 -7.31 -57.82
C GLY C 972 101.07 -8.21 -59.04
N ASN C 973 99.97 -8.94 -59.22
CA ASN C 973 99.86 -9.82 -60.38
C ASN C 973 99.81 -9.03 -61.68
N LYS C 974 98.94 -8.02 -61.75
CA LYS C 974 98.84 -7.07 -62.85
C LYS C 974 98.38 -7.71 -64.16
N HIS C 975 98.22 -9.04 -64.17
CA HIS C 975 97.47 -9.73 -65.20
C HIS C 975 96.07 -10.06 -64.74
N MET C 976 95.75 -9.70 -63.48
CA MET C 976 94.50 -10.00 -62.81
C MET C 976 93.97 -8.82 -62.03
N LYS C 977 94.71 -7.71 -61.93
CA LYS C 977 94.33 -6.59 -61.08
C LYS C 977 93.04 -5.94 -61.57
N HIS C 978 92.85 -5.83 -62.89
CA HIS C 978 91.77 -5.00 -63.42
C HIS C 978 90.40 -5.62 -63.19
N HIS C 979 90.27 -6.95 -63.29
CA HIS C 979 88.97 -7.57 -63.03
C HIS C 979 88.55 -7.36 -61.58
N VAL C 980 89.48 -7.55 -60.65
CA VAL C 980 89.15 -7.38 -59.24
C VAL C 980 88.93 -5.90 -58.91
N ILE C 981 89.63 -4.99 -59.61
CA ILE C 981 89.37 -3.57 -59.40
C ILE C 981 87.98 -3.19 -59.89
N GLU C 982 87.53 -3.81 -60.99
CA GLU C 982 86.15 -3.59 -61.45
C GLU C 982 85.15 -4.10 -60.40
N VAL C 983 85.40 -5.30 -59.87
CA VAL C 983 84.53 -5.82 -58.81
C VAL C 983 84.52 -4.87 -57.62
N LEU C 984 85.68 -4.35 -57.25
CA LEU C 984 85.79 -3.49 -56.08
C LEU C 984 85.09 -2.16 -56.29
N LYS C 985 85.22 -1.55 -57.48
CA LYS C 985 84.52 -0.30 -57.71
C LYS C 985 83.02 -0.51 -57.70
N GLU C 986 82.55 -1.62 -58.29
CA GLU C 986 81.13 -1.93 -58.25
C GLU C 986 80.65 -2.05 -56.80
N ARG C 987 81.40 -2.79 -55.98
CA ARG C 987 80.97 -2.98 -54.59
C ARG C 987 81.01 -1.67 -53.79
N VAL C 988 82.05 -0.87 -53.98
CA VAL C 988 82.16 0.38 -53.23
C VAL C 988 81.07 1.36 -53.63
N LYS C 989 80.78 1.46 -54.94
CA LYS C 989 79.71 2.33 -55.39
C LYS C 989 78.35 1.83 -54.94
N ASN C 990 78.16 0.52 -54.88
CA ASN C 990 76.86 -0.04 -54.51
C ASN C 990 76.68 -0.17 -53.00
N SER C 991 77.58 -0.89 -52.34
CA SER C 991 77.43 -1.21 -50.92
C SER C 991 78.05 -0.11 -50.05
N ASN C 992 77.62 -0.09 -48.79
CA ASN C 992 78.14 0.82 -47.79
C ASN C 992 78.90 0.08 -46.68
N ASP C 993 79.50 -1.07 -47.02
CA ASP C 993 80.21 -1.86 -46.04
C ASP C 993 81.42 -1.13 -45.49
N LYS C 994 82.09 -0.34 -46.33
CA LYS C 994 83.23 0.50 -45.97
C LYS C 994 84.49 -0.33 -45.73
N ARG C 995 84.37 -1.66 -45.79
CA ARG C 995 85.54 -2.52 -45.74
C ARG C 995 86.13 -2.70 -47.14
N TYR C 996 85.26 -2.88 -48.14
CA TYR C 996 85.71 -2.92 -49.53
C TYR C 996 86.39 -1.60 -49.89
N LEU C 997 85.82 -0.48 -49.44
CA LEU C 997 86.43 0.83 -49.70
C LEU C 997 87.78 0.95 -49.01
N GLU C 998 87.88 0.47 -47.77
CA GLU C 998 89.14 0.52 -47.04
C GLU C 998 90.21 -0.28 -47.78
N ILE C 999 89.84 -1.46 -48.26
CA ILE C 999 90.70 -2.26 -49.12
C ILE C 999 91.15 -1.44 -50.32
N LEU C 1000 90.19 -0.72 -50.93
CA LEU C 1000 90.48 0.06 -52.13
C LEU C 1000 91.53 1.13 -51.88
N MET C 1001 91.38 1.93 -50.81
CA MET C 1001 92.41 2.93 -50.57
C MET C 1001 93.72 2.28 -50.11
N ASN C 1002 93.64 1.14 -49.42
CA ASN C 1002 94.87 0.51 -48.96
C ASN C 1002 95.77 0.13 -50.13
N TYR C 1003 95.24 -0.64 -51.09
CA TYR C 1003 96.06 -1.08 -52.19
C TYR C 1003 95.37 -1.22 -53.55
N PHE C 1004 94.14 -0.74 -53.71
CA PHE C 1004 93.48 -0.61 -55.01
C PHE C 1004 93.45 -1.94 -55.76
N ILE C 1005 92.98 -2.99 -55.11
CA ILE C 1005 93.00 -4.29 -55.74
C ILE C 1005 91.74 -4.49 -56.58
N LEU D 22 18.64 -31.10 -22.23
CA LEU D 22 18.90 -29.66 -22.24
C LEU D 22 18.64 -29.07 -23.63
N ASP D 23 17.90 -29.82 -24.45
CA ASP D 23 17.78 -29.50 -25.87
C ASP D 23 17.26 -28.09 -26.09
N ASN D 24 16.06 -27.79 -25.61
CA ASN D 24 15.43 -26.51 -25.94
C ASN D 24 15.28 -25.60 -24.73
N ASN D 25 14.66 -26.10 -23.66
CA ASN D 25 14.34 -25.25 -22.53
C ASN D 25 15.57 -24.82 -21.75
N VAL D 26 16.73 -25.41 -22.02
CA VAL D 26 17.97 -25.05 -21.36
C VAL D 26 18.93 -24.34 -22.30
N VAL D 27 19.21 -24.93 -23.46
CA VAL D 27 20.19 -24.36 -24.37
C VAL D 27 19.79 -22.95 -24.79
N GLU D 28 18.50 -22.73 -25.02
CA GLU D 28 18.03 -21.37 -25.33
C GLU D 28 18.30 -20.42 -24.17
N CYS D 29 18.03 -20.86 -22.94
CA CYS D 29 18.29 -20.02 -21.78
C CYS D 29 19.78 -19.71 -21.65
N ILE D 30 20.63 -20.72 -21.85
CA ILE D 30 22.07 -20.52 -21.72
C ILE D 30 22.58 -19.57 -22.80
N LYS D 31 22.07 -19.74 -24.02
CA LYS D 31 22.46 -18.87 -25.12
C LYS D 31 22.05 -17.42 -24.85
N GLU D 32 20.83 -17.21 -24.34
CA GLU D 32 20.40 -15.86 -24.02
C GLU D 32 21.24 -15.26 -22.90
N ILE D 33 21.58 -16.07 -21.89
CA ILE D 33 22.36 -15.58 -20.77
C ILE D 33 23.74 -15.14 -21.25
N THR D 34 24.38 -15.96 -22.09
CA THR D 34 25.70 -15.61 -22.59
C THR D 34 25.64 -14.41 -23.53
N GLU D 35 24.58 -14.32 -24.34
CA GLU D 35 24.42 -13.16 -25.22
C GLU D 35 24.31 -11.88 -24.41
N SER D 36 23.53 -11.92 -23.32
CA SER D 36 23.40 -10.74 -22.47
C SER D 36 24.70 -10.44 -21.74
N SER D 37 25.42 -11.47 -21.32
CA SER D 37 26.70 -11.25 -20.64
C SER D 37 27.71 -10.59 -21.55
N ARG D 38 27.79 -11.03 -22.81
CA ARG D 38 28.65 -10.35 -23.78
C ARG D 38 28.14 -8.94 -24.05
N ASN D 39 26.82 -8.77 -24.12
CA ASN D 39 26.24 -7.45 -24.32
C ASN D 39 26.53 -6.53 -23.13
N GLY D 40 26.80 -7.10 -21.97
CA GLY D 40 27.04 -6.33 -20.77
C GLY D 40 25.81 -6.05 -19.94
N LYS D 41 24.62 -6.42 -20.40
CA LYS D 41 23.39 -6.22 -19.66
C LYS D 41 23.00 -7.50 -18.91
N LEU D 42 23.83 -7.88 -17.95
CA LEU D 42 23.62 -9.06 -17.14
C LEU D 42 23.76 -8.70 -15.67
N VAL D 43 22.85 -9.19 -14.84
CA VAL D 43 22.90 -8.98 -13.40
C VAL D 43 22.60 -10.30 -12.71
N PHE D 44 23.43 -10.64 -11.72
CA PHE D 44 23.27 -11.87 -10.95
C PHE D 44 22.61 -11.56 -9.62
N PHE D 45 21.44 -12.14 -9.39
CA PHE D 45 20.74 -12.05 -8.13
C PHE D 45 21.24 -13.20 -7.27
N VAL D 46 22.31 -12.95 -6.52
CA VAL D 46 22.96 -13.99 -5.72
C VAL D 46 22.16 -14.20 -4.45
N GLY D 47 21.94 -15.46 -4.10
CA GLY D 47 21.12 -15.77 -2.94
C GLY D 47 21.93 -16.22 -1.75
N ALA D 48 21.20 -16.67 -0.72
CA ALA D 48 21.84 -17.19 0.47
C ALA D 48 22.50 -18.54 0.20
N GLY D 49 21.98 -19.29 -0.77
CA GLY D 49 22.51 -20.61 -1.04
C GLY D 49 23.97 -20.59 -1.46
N VAL D 50 24.32 -19.65 -2.34
CA VAL D 50 25.72 -19.52 -2.75
C VAL D 50 26.61 -19.29 -1.54
N SER D 51 26.21 -18.38 -0.66
CA SER D 51 26.95 -18.12 0.57
C SER D 51 27.01 -19.34 1.48
N THR D 52 26.08 -20.29 1.35
CA THR D 52 26.15 -21.52 2.12
C THR D 52 26.99 -22.61 1.44
N LEU D 53 27.36 -22.42 0.18
CA LEU D 53 28.29 -23.38 -0.44
C LEU D 53 29.64 -23.32 0.25
N SER D 54 30.21 -22.12 0.39
CA SER D 54 31.22 -21.89 1.40
C SER D 54 30.54 -22.01 2.75
N ASP D 55 31.22 -22.67 3.70
CA ASP D 55 30.60 -22.89 5.00
C ASP D 55 30.22 -21.55 5.61
N TYR D 56 28.97 -21.43 6.03
CA TYR D 56 28.45 -20.17 6.57
C TYR D 56 27.15 -20.48 7.30
N PRO D 57 26.81 -19.67 8.29
CA PRO D 57 25.54 -19.91 9.01
C PRO D 57 24.33 -19.59 8.16
N GLN D 58 23.66 -20.64 7.68
CA GLN D 58 22.40 -20.45 6.98
C GLN D 58 21.32 -20.01 7.99
N TRP D 59 20.33 -19.28 7.49
CA TRP D 59 19.42 -18.56 8.38
C TRP D 59 18.60 -19.49 9.27
N TRP D 60 18.37 -20.73 8.82
CA TRP D 60 17.58 -21.63 9.64
C TRP D 60 18.31 -22.00 10.93
N ARG D 61 19.64 -22.05 10.89
CA ARG D 61 20.41 -22.27 12.10
C ARG D 61 20.23 -21.10 13.08
N LEU D 62 20.23 -19.87 12.55
CA LEU D 62 19.99 -18.71 13.41
C LEU D 62 18.59 -18.76 14.01
N VAL D 63 17.59 -19.15 13.22
CA VAL D 63 16.23 -19.25 13.75
C VAL D 63 16.16 -20.32 14.82
N ASP D 64 16.86 -21.44 14.61
CA ASP D 64 16.91 -22.49 15.63
C ASP D 64 17.53 -21.97 16.92
N LYS D 65 18.61 -21.20 16.81
CA LYS D 65 19.26 -20.67 18.01
C LYS D 65 18.34 -19.68 18.73
N TYR D 66 17.65 -18.82 17.96
CA TYR D 66 16.73 -17.86 18.56
C TYR D 66 15.59 -18.57 19.28
N HIS D 67 15.06 -19.64 18.67
CA HIS D 67 14.01 -20.42 19.30
C HIS D 67 14.52 -21.15 20.54
N GLU D 68 15.77 -21.62 20.49
CA GLU D 68 16.36 -22.32 21.63
C GLU D 68 16.60 -21.38 22.79
N GLU D 69 16.85 -20.10 22.51
CA GLU D 69 16.96 -19.13 23.60
C GLU D 69 15.59 -18.81 24.18
N LEU D 70 14.57 -18.71 23.32
CA LEU D 70 13.23 -18.41 23.80
C LEU D 70 12.57 -19.64 24.41
N TYR D 71 12.86 -20.82 23.89
CA TYR D 71 12.18 -22.05 24.33
C TYR D 71 13.20 -23.09 24.74
N GLY D 72 12.75 -24.33 24.92
CA GLY D 72 13.66 -25.41 25.27
C GLY D 72 14.41 -25.99 24.09
N SER D 73 13.68 -26.50 23.11
CA SER D 73 14.25 -27.14 21.94
C SER D 73 13.43 -26.75 20.72
N PRO D 74 14.06 -26.68 19.53
CA PRO D 74 13.35 -26.31 18.30
C PRO D 74 12.31 -27.33 17.87
N TYR D 79 10.60 -25.89 9.09
CA TYR D 79 10.52 -24.50 9.52
C TYR D 79 9.80 -23.63 8.50
N SER D 80 8.62 -23.16 8.87
CA SER D 80 7.83 -22.29 8.01
C SER D 80 8.51 -20.93 7.83
N SER D 81 8.34 -20.34 6.65
CA SER D 81 8.91 -19.02 6.40
C SER D 81 8.30 -17.97 7.33
N ASP D 82 7.01 -18.09 7.64
CA ASP D 82 6.40 -17.20 8.62
C ASP D 82 7.11 -17.31 9.96
N GLU D 83 7.41 -18.53 10.41
CA GLU D 83 8.17 -18.69 11.63
C GLU D 83 9.62 -18.25 11.44
N TYR D 84 10.16 -18.40 10.23
CA TYR D 84 11.48 -17.85 9.93
C TYR D 84 11.54 -16.35 10.24
N LEU D 85 10.48 -15.63 9.89
CA LEU D 85 10.46 -14.19 10.13
C LEU D 85 9.99 -13.86 11.54
N ARG D 86 9.29 -14.80 12.19
CA ARG D 86 8.63 -14.47 13.45
C ARG D 86 9.51 -14.80 14.66
N ILE D 87 10.20 -15.95 14.65
CA ILE D 87 10.98 -16.35 15.82
C ILE D 87 12.04 -15.32 16.18
N PRO D 88 12.89 -14.85 15.26
CA PRO D 88 13.76 -13.71 15.62
C PRO D 88 12.97 -12.47 16.00
N GLN D 89 11.80 -12.27 15.41
CA GLN D 89 10.96 -11.14 15.82
C GLN D 89 10.49 -11.29 17.26
N ILE D 90 10.07 -12.50 17.64
CA ILE D 90 9.64 -12.73 19.01
C ILE D 90 10.81 -12.53 19.96
N PHE D 91 12.01 -12.98 19.57
CA PHE D 91 13.18 -12.77 20.40
C PHE D 91 13.48 -11.28 20.56
N TYR D 92 13.42 -10.52 19.47
CA TYR D 92 13.72 -9.10 19.54
C TYR D 92 12.71 -8.36 20.42
N ASN D 93 11.43 -8.72 20.31
CA ASN D 93 10.41 -8.05 21.11
C ASN D 93 10.51 -8.44 22.58
N VAL D 94 10.72 -9.73 22.86
CA VAL D 94 10.66 -10.25 24.21
C VAL D 94 11.98 -10.02 24.95
N LYS D 95 13.07 -10.59 24.42
CA LYS D 95 14.35 -10.53 25.12
C LYS D 95 14.98 -9.14 25.02
N GLY D 96 14.83 -8.50 23.86
CA GLY D 96 15.36 -7.16 23.70
C GLY D 96 16.32 -7.01 22.56
N GLU D 97 16.77 -5.77 22.31
CA GLU D 97 17.65 -5.50 21.18
C GLU D 97 19.05 -6.04 21.42
N MET D 98 19.53 -5.95 22.66
CA MET D 98 20.95 -6.21 22.93
C MET D 98 21.28 -7.70 22.78
N ALA D 99 20.47 -8.59 23.36
CA ALA D 99 20.73 -10.01 23.22
C ALA D 99 20.60 -10.46 21.76
N PHE D 100 19.60 -9.93 21.06
CA PHE D 100 19.42 -10.21 19.65
C PHE D 100 20.66 -9.82 18.85
N ASP D 101 21.15 -8.59 19.06
CA ASP D 101 22.34 -8.15 18.36
C ASP D 101 23.56 -8.98 18.74
N GLY D 102 23.65 -9.37 20.02
CA GLY D 102 24.80 -10.15 20.46
C GLY D 102 24.88 -11.52 19.81
N ILE D 103 23.74 -12.22 19.74
CA ILE D 103 23.76 -13.53 19.10
C ILE D 103 23.97 -13.38 17.61
N LEU D 104 23.35 -12.36 16.99
CA LEU D 104 23.60 -12.10 15.57
C LEU D 104 25.09 -11.89 15.30
N LYS D 105 25.74 -11.10 16.16
CA LYS D 105 27.16 -10.81 15.99
C LYS D 105 28.01 -12.06 16.18
N ASP D 106 27.78 -12.78 17.28
CA ASP D 106 28.66 -13.91 17.58
C ASP D 106 28.44 -15.07 16.63
N PHE D 107 27.33 -15.06 15.88
CA PHE D 107 27.11 -16.14 14.93
C PHE D 107 27.54 -15.73 13.53
N PHE D 108 27.43 -14.44 13.19
CA PHE D 108 27.68 -13.97 11.85
C PHE D 108 29.04 -13.28 11.68
N GLN D 109 29.90 -13.33 12.70
CA GLN D 109 31.21 -12.71 12.61
C GLN D 109 32.29 -13.66 12.09
N VAL D 110 32.02 -14.96 12.08
CA VAL D 110 33.02 -15.94 11.68
C VAL D 110 33.38 -15.74 10.21
N ASP D 111 34.65 -15.44 9.95
CA ASP D 111 35.11 -15.20 8.59
C ASP D 111 35.31 -16.54 7.87
N LYS D 112 34.94 -16.56 6.59
CA LYS D 112 34.98 -17.76 5.78
C LYS D 112 35.59 -17.49 4.42
N PRO D 113 36.24 -18.49 3.82
CA PRO D 113 36.82 -18.29 2.47
C PRO D 113 35.73 -18.27 1.41
N THR D 114 36.02 -17.60 0.29
CA THR D 114 35.06 -17.54 -0.80
C THR D 114 35.02 -18.85 -1.58
N ASN D 115 33.82 -19.35 -1.80
CA ASN D 115 33.62 -20.59 -2.54
C ASN D 115 33.87 -20.36 -4.02
N PRO D 116 34.10 -21.43 -4.79
CA PRO D 116 34.36 -21.24 -6.23
C PRO D 116 33.23 -20.58 -6.99
N ILE D 117 32.00 -20.70 -6.49
CA ILE D 117 30.85 -20.18 -7.22
C ILE D 117 30.90 -18.67 -7.33
N HIS D 118 31.45 -18.00 -6.30
CA HIS D 118 31.59 -16.55 -6.37
C HIS D 118 32.50 -16.13 -7.53
N ASP D 119 33.65 -16.80 -7.66
CA ASP D 119 34.55 -16.47 -8.76
C ASP D 119 33.93 -16.83 -10.10
N LYS D 120 33.20 -17.94 -10.17
CA LYS D 120 32.53 -18.29 -11.43
C LYS D 120 31.48 -17.25 -11.80
N ILE D 121 30.74 -16.74 -10.80
CA ILE D 121 29.76 -15.69 -11.06
C ILE D 121 30.44 -14.42 -11.56
N LEU D 122 31.55 -14.03 -10.91
CA LEU D 122 32.27 -12.85 -11.35
C LEU D 122 32.89 -13.02 -12.73
N ALA D 123 33.21 -14.26 -13.13
CA ALA D 123 33.79 -14.49 -14.44
C ALA D 123 32.81 -14.17 -15.56
N MET D 124 31.50 -14.27 -15.30
CA MET D 124 30.49 -13.96 -16.30
C MET D 124 30.37 -12.47 -16.58
N ASN D 125 31.08 -11.63 -15.84
CA ASN D 125 31.09 -10.18 -16.01
C ASN D 125 29.65 -9.69 -15.83
N PRO D 126 29.12 -9.70 -14.60
CA PRO D 126 27.82 -9.09 -14.37
C PRO D 126 27.93 -7.58 -14.28
N ALA D 127 26.98 -6.88 -14.92
CA ALA D 127 26.95 -5.42 -14.83
C ALA D 127 26.71 -4.98 -13.40
N HIS D 128 25.78 -5.63 -12.71
CA HIS D 128 25.52 -5.37 -11.31
C HIS D 128 25.35 -6.72 -10.61
N VAL D 129 25.50 -6.72 -9.29
CA VAL D 129 25.27 -7.92 -8.49
C VAL D 129 24.32 -7.56 -7.36
N ILE D 130 23.13 -8.15 -7.39
CA ILE D 130 22.13 -7.96 -6.34
C ILE D 130 22.15 -9.19 -5.44
N THR D 131 22.14 -8.96 -4.14
CA THR D 131 22.19 -10.07 -3.19
C THR D 131 21.39 -9.74 -1.94
N THR D 132 20.73 -10.76 -1.40
CA THR D 132 20.10 -10.69 -0.09
C THR D 132 20.99 -11.30 1.00
N ASN D 133 22.30 -11.21 0.84
CA ASN D 133 23.26 -11.68 1.82
C ASN D 133 23.85 -10.50 2.58
N TYR D 134 23.99 -10.67 3.89
CA TYR D 134 24.64 -9.67 4.73
C TYR D 134 26.11 -9.97 4.95
N ASP D 135 26.68 -10.91 4.20
CA ASP D 135 28.09 -11.24 4.35
C ASP D 135 28.94 -10.51 3.33
N ASN D 136 30.21 -10.34 3.66
CA ASN D 136 31.19 -9.73 2.74
C ASN D 136 31.92 -10.86 2.03
N LEU D 137 31.15 -11.70 1.33
CA LEU D 137 31.72 -12.78 0.54
C LEU D 137 31.66 -12.50 -0.95
N ILE D 138 30.72 -11.69 -1.41
CA ILE D 138 30.68 -11.25 -2.80
C ILE D 138 31.59 -10.06 -3.05
N ASP D 139 31.62 -9.07 -2.14
CA ASP D 139 32.54 -7.95 -2.28
C ASP D 139 33.99 -8.42 -2.19
N THR D 140 34.27 -9.36 -1.28
CA THR D 140 35.62 -9.89 -1.17
C THR D 140 36.03 -10.60 -2.45
N ALA D 141 35.14 -11.41 -3.02
CA ALA D 141 35.46 -12.10 -4.27
C ALA D 141 35.62 -11.11 -5.42
N CYS D 142 34.82 -10.05 -5.44
CA CYS D 142 34.95 -9.04 -6.48
C CYS D 142 36.28 -8.32 -6.38
N TRP D 143 36.70 -7.98 -5.16
CA TRP D 143 37.98 -7.30 -4.96
C TRP D 143 39.14 -8.23 -5.29
N LYS D 144 39.01 -9.52 -4.96
CA LYS D 144 40.05 -10.49 -5.31
C LYS D 144 40.28 -10.55 -6.81
N ARG D 145 39.20 -10.62 -7.58
CA ARG D 145 39.28 -10.67 -9.04
C ARG D 145 39.73 -9.34 -9.64
N GLY D 146 39.36 -8.22 -9.04
CA GLY D 146 39.78 -6.92 -9.52
C GLY D 146 38.67 -6.02 -10.01
N LYS D 147 37.48 -6.56 -10.30
CA LYS D 147 36.35 -5.72 -10.67
C LYS D 147 35.88 -4.94 -9.45
N TYR D 148 35.45 -3.70 -9.67
CA TYR D 148 35.01 -2.84 -8.59
C TYR D 148 33.51 -2.59 -8.70
N PHE D 149 32.75 -3.15 -7.77
CA PHE D 149 31.34 -2.85 -7.62
C PHE D 149 31.16 -1.96 -6.41
N SER D 150 30.54 -0.80 -6.61
CA SER D 150 30.26 0.12 -5.51
C SER D 150 29.18 -0.49 -4.63
N VAL D 151 29.59 -0.99 -3.46
CA VAL D 151 28.67 -1.71 -2.59
C VAL D 151 27.58 -0.76 -2.11
N ILE D 152 26.33 -1.16 -2.33
CA ILE D 152 25.17 -0.41 -1.82
C ILE D 152 24.42 -1.29 -0.84
N SER D 153 24.61 -1.04 0.46
CA SER D 153 23.98 -1.87 1.46
C SER D 153 22.95 -1.10 2.28
N ALA D 154 23.29 0.12 2.69
CA ALA D 154 22.39 0.98 3.44
C ALA D 154 21.70 1.95 2.49
N GLU D 155 20.73 2.68 3.04
CA GLU D 155 19.93 3.59 2.21
C GLU D 155 20.78 4.71 1.64
N GLU D 156 21.66 5.30 2.47
CA GLU D 156 22.39 6.50 2.03
C GLU D 156 23.47 6.16 1.01
N ASP D 157 23.77 4.87 0.82
CA ASP D 157 24.81 4.50 -0.13
C ASP D 157 24.36 4.70 -1.57
N VAL D 158 23.06 4.89 -1.80
CA VAL D 158 22.54 4.95 -3.16
C VAL D 158 23.03 6.21 -3.87
N ALA D 159 22.89 7.36 -3.21
CA ALA D 159 23.25 8.62 -3.86
C ALA D 159 24.76 8.76 -3.98
N ASN D 160 25.49 8.40 -2.93
CA ASN D 160 26.96 8.47 -2.94
C ASN D 160 27.52 7.18 -3.55
N ALA D 161 27.23 7.02 -4.84
CA ALA D 161 27.73 5.89 -5.63
C ALA D 161 28.92 6.36 -6.45
N THR D 162 30.05 5.67 -6.29
CA THR D 162 31.31 6.07 -6.92
C THR D 162 31.58 5.38 -8.24
N SER D 163 30.72 4.45 -8.66
CA SER D 163 30.97 3.68 -9.88
C SER D 163 29.66 3.47 -10.64
N SER D 164 29.79 2.92 -11.84
CA SER D 164 28.62 2.63 -12.66
C SER D 164 28.02 1.27 -12.31
N ARG D 165 28.79 0.42 -11.64
CA ARG D 165 28.35 -0.92 -11.29
C ARG D 165 28.09 -0.98 -9.79
N TYR D 166 26.97 -1.61 -9.41
CA TYR D 166 26.55 -1.67 -8.02
C TYR D 166 26.52 -3.12 -7.53
N LEU D 167 27.07 -3.34 -6.34
CA LEU D 167 26.84 -4.56 -5.57
C LEU D 167 25.74 -4.22 -4.58
N LEU D 168 24.49 -4.34 -5.03
CA LEU D 168 23.33 -3.92 -4.25
C LEU D 168 22.93 -5.03 -3.28
N LYS D 169 23.12 -4.76 -1.99
CA LYS D 169 22.73 -5.69 -0.93
C LYS D 169 21.36 -5.24 -0.42
N VAL D 170 20.30 -5.75 -1.06
CA VAL D 170 18.95 -5.33 -0.72
C VAL D 170 18.59 -5.69 0.72
N ALA D 171 19.22 -6.71 1.29
CA ALA D 171 18.99 -7.09 2.67
C ALA D 171 19.94 -6.40 3.63
N GLY D 172 20.80 -5.52 3.13
CA GLY D 172 21.79 -4.87 3.97
C GLY D 172 22.93 -5.81 4.33
N ASP D 173 23.86 -5.27 5.11
CA ASP D 173 25.00 -6.05 5.59
C ASP D 173 25.51 -5.44 6.89
N PHE D 174 26.57 -6.05 7.42
CA PHE D 174 27.14 -5.63 8.69
C PHE D 174 28.38 -4.76 8.52
N ARG D 175 28.51 -4.06 7.38
CA ARG D 175 29.68 -3.21 7.16
C ARG D 175 29.73 -2.07 8.17
N LYS D 176 28.61 -1.35 8.33
CA LYS D 176 28.57 -0.29 9.33
C LYS D 176 28.76 -0.83 10.73
N GLY D 177 28.13 -1.96 11.02
CA GLY D 177 28.26 -2.59 12.32
C GLY D 177 27.43 -3.85 12.35
N PHE D 178 27.68 -4.67 13.37
CA PHE D 178 27.00 -5.94 13.50
C PHE D 178 25.66 -5.82 14.20
N LYS D 179 25.07 -4.63 14.23
CA LYS D 179 23.75 -4.45 14.79
C LYS D 179 22.69 -5.00 13.82
N GLY D 180 21.60 -5.49 14.41
CA GLY D 180 20.54 -6.07 13.60
C GLY D 180 19.68 -5.05 12.88
N GLU D 181 19.84 -3.77 13.23
CA GLU D 181 19.06 -2.73 12.57
C GLU D 181 19.66 -2.36 11.22
N ASN D 182 20.89 -2.80 10.94
CA ASN D 182 21.49 -2.55 9.64
C ASN D 182 20.86 -3.41 8.56
N VAL D 183 20.49 -4.64 8.91
CA VAL D 183 19.96 -5.59 7.93
C VAL D 183 18.49 -5.86 8.21
N VAL D 184 17.84 -6.58 7.30
CA VAL D 184 16.43 -6.94 7.44
C VAL D 184 16.35 -8.45 7.56
N LEU D 185 16.01 -8.95 8.75
CA LEU D 185 15.82 -10.37 8.95
C LEU D 185 14.52 -10.67 9.71
N LYS D 186 14.10 -9.73 10.55
CA LYS D 186 12.94 -9.96 11.40
C LYS D 186 11.66 -9.51 10.71
N GLU D 187 10.52 -9.88 11.31
CA GLU D 187 9.24 -9.70 10.63
C GLU D 187 8.94 -8.23 10.37
N ASP D 188 9.19 -7.35 11.35
CA ASP D 188 8.91 -5.94 11.14
C ASP D 188 9.91 -5.29 10.20
N ASP D 189 11.10 -5.88 10.04
CA ASP D 189 12.05 -5.39 9.06
C ASP D 189 11.52 -5.61 7.65
N TYR D 190 10.90 -6.76 7.40
CA TYR D 190 10.28 -7.01 6.10
C TYR D 190 8.97 -6.24 5.94
N LEU D 191 8.24 -6.03 7.04
CA LEU D 191 6.98 -5.29 6.96
C LEU D 191 7.22 -3.85 6.54
N ASN D 192 8.27 -3.22 7.06
CA ASN D 192 8.60 -1.84 6.75
C ASN D 192 9.70 -1.73 5.70
N TYR D 193 10.00 -2.81 4.97
CA TYR D 193 11.12 -2.80 4.04
C TYR D 193 10.92 -1.78 2.93
N ASP D 194 9.71 -1.76 2.34
CA ASP D 194 9.46 -0.80 1.26
C ASP D 194 9.40 0.63 1.80
N GLN D 195 9.22 0.77 3.12
CA GLN D 195 9.24 2.09 3.73
C GLN D 195 10.63 2.44 4.24
N ASN D 196 11.33 1.46 4.83
CA ASN D 196 12.67 1.72 5.36
C ASN D 196 13.70 1.83 4.24
N TYR D 197 13.48 1.13 3.13
CA TYR D 197 14.42 1.09 2.01
C TYR D 197 13.69 1.44 0.71
N PRO D 198 13.30 2.71 0.54
CA PRO D 198 12.68 3.09 -0.74
C PRO D 198 13.68 3.19 -1.88
N LEU D 199 14.85 3.80 -1.64
CA LEU D 199 15.83 3.97 -2.70
C LEU D 199 16.42 2.63 -3.13
N ILE D 200 16.73 1.76 -2.17
CA ILE D 200 17.31 0.46 -2.52
C ILE D 200 16.31 -0.39 -3.29
N SER D 201 15.05 -0.40 -2.85
CA SER D 201 14.03 -1.16 -3.55
C SER D 201 13.81 -0.61 -4.96
N ASN D 202 13.78 0.72 -5.11
CA ASN D 202 13.60 1.32 -6.42
C ASN D 202 14.78 0.98 -7.33
N LEU D 203 16.00 1.02 -6.80
CA LEU D 203 17.17 0.69 -7.60
C LEU D 203 17.16 -0.78 -8.02
N MET D 204 16.77 -1.68 -7.09
CA MET D 204 16.67 -3.08 -7.44
C MET D 204 15.63 -3.32 -8.53
N LYS D 205 14.47 -2.66 -8.42
CA LYS D 205 13.43 -2.81 -9.43
C LYS D 205 13.89 -2.28 -10.78
N THR D 206 14.59 -1.14 -10.78
CA THR D 206 15.11 -0.59 -12.03
C THR D 206 16.14 -1.52 -12.66
N ILE D 207 17.03 -2.08 -11.85
CA ILE D 207 18.04 -3.01 -12.37
C ILE D 207 17.37 -4.25 -12.94
N ILE D 208 16.36 -4.77 -12.24
CA ILE D 208 15.63 -5.93 -12.74
C ILE D 208 14.95 -5.62 -14.07
N ALA D 209 14.35 -4.43 -14.18
CA ALA D 209 13.64 -4.08 -15.39
C ALA D 209 14.58 -3.89 -16.58
N THR D 210 15.67 -3.15 -16.39
CA THR D 210 16.53 -2.76 -17.50
C THR D 210 17.62 -3.79 -17.82
N HIS D 211 17.80 -4.80 -16.97
CA HIS D 211 18.82 -5.82 -17.19
C HIS D 211 18.17 -7.19 -17.15
N THR D 212 18.92 -8.20 -17.57
CA THR D 212 18.48 -9.57 -17.40
C THR D 212 19.02 -10.12 -16.09
N ILE D 213 18.13 -10.73 -15.30
CA ILE D 213 18.44 -11.15 -13.95
C ILE D 213 18.57 -12.67 -13.91
N VAL D 214 19.69 -13.14 -13.37
CA VAL D 214 19.92 -14.57 -13.19
C VAL D 214 19.94 -14.85 -11.70
N PHE D 215 18.90 -15.52 -11.20
CA PHE D 215 18.80 -15.87 -9.78
C PHE D 215 19.66 -17.09 -9.51
N ILE D 216 20.60 -16.94 -8.58
CA ILE D 216 21.51 -18.02 -8.22
C ILE D 216 21.53 -18.18 -6.71
N GLY D 217 21.35 -19.42 -6.27
CA GLY D 217 21.36 -19.70 -4.83
C GLY D 217 20.09 -19.32 -4.12
N TYR D 218 18.94 -19.59 -4.73
CA TYR D 218 17.64 -19.26 -4.14
C TYR D 218 16.75 -20.49 -4.18
N GLY D 219 16.00 -20.70 -3.11
CA GLY D 219 14.92 -21.68 -3.15
C GLY D 219 13.76 -21.19 -3.98
N LEU D 220 13.07 -22.13 -4.62
CA LEU D 220 11.95 -21.75 -5.49
C LEU D 220 10.81 -21.13 -4.68
N GLY D 221 10.70 -21.49 -3.40
CA GLY D 221 9.67 -20.94 -2.55
C GLY D 221 10.20 -19.87 -1.61
N ASP D 222 11.29 -19.22 -1.99
CA ASP D 222 11.90 -18.22 -1.14
C ASP D 222 11.02 -16.98 -1.02
N TYR D 223 11.14 -16.29 0.11
CA TYR D 223 10.32 -15.11 0.37
C TYR D 223 10.71 -13.96 -0.56
N ASN D 224 12.01 -13.71 -0.70
CA ASN D 224 12.47 -12.64 -1.58
C ASN D 224 12.11 -12.94 -3.03
N ILE D 225 12.17 -14.21 -3.42
CA ILE D 225 11.77 -14.58 -4.78
C ILE D 225 10.29 -14.30 -4.99
N ASN D 226 9.46 -14.61 -4.00
CA ASN D 226 8.02 -14.45 -4.16
C ASN D 226 7.61 -12.98 -4.19
N MET D 227 8.28 -12.13 -3.41
CA MET D 227 7.99 -10.70 -3.53
C MET D 227 8.30 -10.19 -4.93
N LEU D 228 9.44 -10.59 -5.49
CA LEU D 228 9.78 -10.16 -6.85
C LEU D 228 8.81 -10.73 -7.86
N LEU D 229 8.33 -11.96 -7.63
CA LEU D 229 7.35 -12.54 -8.55
C LEU D 229 6.04 -11.76 -8.50
N ASN D 230 5.61 -11.33 -7.31
CA ASN D 230 4.44 -10.48 -7.22
C ASN D 230 4.65 -9.16 -7.94
N TRP D 231 5.84 -8.57 -7.77
CA TRP D 231 6.10 -7.28 -8.43
C TRP D 231 6.07 -7.43 -9.95
N VAL D 232 6.70 -8.48 -10.49
CA VAL D 232 6.66 -8.68 -11.93
C VAL D 232 5.27 -9.08 -12.40
N ARG D 233 4.45 -9.64 -11.50
CA ARG D 233 3.04 -9.80 -11.83
C ARG D 233 2.35 -8.46 -12.00
N LYS D 234 2.70 -7.48 -11.17
CA LYS D 234 2.11 -6.15 -11.31
C LYS D 234 2.47 -5.52 -12.65
N LEU D 235 3.62 -5.88 -13.21
CA LEU D 235 4.04 -5.30 -14.48
C LEU D 235 3.12 -5.74 -15.62
N GLN D 236 3.01 -4.90 -16.64
CA GLN D 236 2.17 -5.22 -17.78
C GLN D 236 2.84 -6.28 -18.65
N LYS D 237 2.05 -6.87 -19.56
CA LYS D 237 2.48 -8.04 -20.30
C LYS D 237 3.61 -7.72 -21.25
N ASP D 238 4.64 -8.56 -21.25
CA ASP D 238 5.77 -8.48 -22.18
C ASP D 238 6.45 -7.12 -22.14
N SER D 239 6.46 -6.50 -20.96
CA SER D 239 7.18 -5.26 -20.73
C SER D 239 8.52 -5.48 -20.06
N PHE D 240 8.89 -6.73 -19.80
CA PHE D 240 10.14 -7.04 -19.11
C PHE D 240 10.64 -8.40 -19.57
N HIS D 241 11.94 -8.60 -19.42
CA HIS D 241 12.55 -9.89 -19.72
C HIS D 241 12.38 -10.82 -18.53
N LYS D 242 11.89 -12.03 -18.79
CA LYS D 242 11.65 -12.97 -17.71
C LYS D 242 12.97 -13.40 -17.09
N PRO D 243 13.18 -13.18 -15.80
CA PRO D 243 14.47 -13.51 -15.18
C PRO D 243 14.72 -15.00 -15.12
N PHE D 244 16.00 -15.35 -15.12
CA PHE D 244 16.43 -16.74 -15.03
C PHE D 244 16.62 -17.14 -13.58
N PHE D 245 16.40 -18.42 -13.31
CA PHE D 245 16.47 -18.98 -11.96
C PHE D 245 17.21 -20.29 -11.99
N ILE D 246 18.39 -20.33 -11.38
CA ILE D 246 19.19 -21.54 -11.30
C ILE D 246 18.78 -22.29 -10.04
N ARG D 247 18.15 -23.46 -10.22
CA ARG D 247 17.67 -24.26 -9.11
C ARG D 247 18.68 -25.38 -8.84
N THR D 248 19.15 -25.46 -7.60
CA THR D 248 20.23 -26.39 -7.24
C THR D 248 19.84 -27.35 -6.13
N ASP D 249 18.54 -27.56 -5.88
CA ASP D 249 18.14 -28.57 -4.94
C ASP D 249 18.24 -29.96 -5.59
N PRO D 250 18.54 -30.99 -4.79
CA PRO D 250 18.82 -32.31 -5.40
C PRO D 250 17.66 -32.90 -6.18
N SER D 251 16.43 -32.72 -5.72
CA SER D 251 15.30 -33.32 -6.39
C SER D 251 15.00 -32.60 -7.70
N PRO D 252 14.86 -33.34 -8.80
CA PRO D 252 14.42 -32.71 -10.05
C PRO D 252 13.07 -32.04 -9.87
N ILE D 253 12.91 -30.88 -10.52
CA ILE D 253 11.73 -30.06 -10.29
C ILE D 253 10.50 -30.79 -10.82
N GLU D 254 9.42 -30.77 -10.04
CA GLU D 254 8.18 -31.36 -10.48
C GLU D 254 7.63 -30.58 -11.67
N ASN D 255 7.01 -31.29 -12.62
CA ASN D 255 6.51 -30.64 -13.83
C ASN D 255 5.45 -29.60 -13.49
N GLU D 256 4.62 -29.87 -12.48
CA GLU D 256 3.54 -28.96 -12.12
C GLU D 256 4.07 -27.65 -11.55
N THR D 257 4.98 -27.73 -10.58
CA THR D 257 5.58 -26.50 -10.05
C THR D 257 6.47 -25.83 -11.08
N LEU D 258 7.06 -26.63 -11.98
CA LEU D 258 7.81 -26.04 -13.09
C LEU D 258 6.91 -25.17 -13.96
N ILE D 259 5.73 -25.69 -14.33
CA ILE D 259 4.78 -24.91 -15.13
C ILE D 259 4.32 -23.69 -14.35
N TYR D 260 4.04 -23.86 -13.06
CA TYR D 260 3.59 -22.74 -12.23
C TYR D 260 4.60 -21.61 -12.24
N TYR D 261 5.86 -21.92 -11.94
CA TYR D 261 6.87 -20.87 -11.85
C TYR D 261 7.28 -20.35 -13.23
N GLU D 262 7.15 -21.18 -14.26
CA GLU D 262 7.38 -20.70 -15.62
C GLU D 262 6.34 -19.66 -16.01
N ASN D 263 5.07 -19.92 -15.69
CA ASN D 263 4.02 -18.95 -15.95
C ASN D 263 4.06 -17.77 -14.99
N LYS D 264 4.78 -17.87 -13.88
CA LYS D 264 4.98 -16.75 -12.97
C LYS D 264 6.12 -15.84 -13.40
N GLY D 265 6.50 -15.89 -14.67
CA GLY D 265 7.56 -15.04 -15.18
C GLY D 265 8.95 -15.41 -14.69
N LEU D 266 9.26 -16.71 -14.71
CA LEU D 266 10.58 -17.19 -14.34
C LEU D 266 11.01 -18.26 -15.33
N ARG D 267 12.28 -18.23 -15.73
CA ARG D 267 12.84 -19.25 -16.61
C ARG D 267 13.82 -20.10 -15.82
N ILE D 268 13.45 -21.35 -15.56
CA ILE D 268 14.16 -22.20 -14.60
C ILE D 268 15.20 -23.02 -15.34
N ILE D 269 16.42 -23.01 -14.83
CA ILE D 269 17.48 -23.94 -15.22
C ILE D 269 17.71 -24.87 -14.04
N ASP D 270 17.39 -26.15 -14.22
CA ASP D 270 17.47 -27.14 -13.16
C ASP D 270 18.87 -27.76 -13.15
N ALA D 271 19.60 -27.56 -12.04
CA ALA D 271 20.88 -28.24 -11.89
C ALA D 271 20.68 -29.73 -11.63
N ALA D 272 19.55 -30.09 -11.03
CA ALA D 272 19.29 -31.51 -10.76
C ALA D 272 19.05 -32.29 -12.04
N SER D 273 18.45 -31.65 -13.05
CA SER D 273 18.16 -32.35 -14.29
C SER D 273 19.38 -32.39 -15.21
N LEU D 274 20.26 -31.39 -15.11
CA LEU D 274 21.40 -31.33 -16.03
C LEU D 274 22.38 -32.47 -15.78
N ILE D 275 22.60 -32.85 -14.53
CA ILE D 275 23.55 -33.90 -14.18
C ILE D 275 22.87 -34.91 -13.26
N ASP D 276 23.58 -35.99 -12.99
CA ASP D 276 23.15 -37.01 -12.03
C ASP D 276 24.08 -36.95 -10.83
N SER D 277 23.52 -36.76 -9.64
CA SER D 277 24.33 -36.55 -8.45
C SER D 277 23.52 -36.94 -7.22
N ASN D 278 24.24 -37.17 -6.13
CA ASN D 278 23.58 -37.49 -4.87
C ASN D 278 23.06 -36.22 -4.20
N GLU D 279 22.24 -36.41 -3.17
CA GLU D 279 21.45 -35.29 -2.64
C GLU D 279 22.31 -34.26 -1.93
N TYR D 280 23.25 -34.70 -1.10
CA TYR D 280 23.90 -33.76 -0.19
C TYR D 280 25.04 -32.98 -0.82
N ASP D 281 25.53 -33.37 -2.00
CA ASP D 281 26.59 -32.61 -2.65
C ASP D 281 25.92 -31.48 -3.41
N TYR D 282 26.22 -30.25 -3.00
CA TYR D 282 25.59 -29.08 -3.63
C TYR D 282 26.58 -28.33 -4.50
N LEU D 283 27.87 -28.40 -4.17
CA LEU D 283 28.87 -27.67 -4.94
C LEU D 283 28.95 -28.18 -6.37
N GLU D 284 28.89 -29.50 -6.55
CA GLU D 284 28.89 -30.06 -7.90
C GLU D 284 27.64 -29.65 -8.67
N ARG D 285 26.49 -29.63 -8.01
CA ARG D 285 25.26 -29.21 -8.68
C ARG D 285 25.33 -27.75 -9.11
N TYR D 286 25.90 -26.90 -8.26
CA TYR D 286 26.08 -25.49 -8.61
C TYR D 286 27.05 -25.34 -9.76
N SER D 287 28.19 -26.04 -9.68
CA SER D 287 29.25 -25.87 -10.66
C SER D 287 28.87 -26.47 -12.01
N ALA D 288 27.96 -27.45 -12.04
CA ALA D 288 27.50 -27.94 -13.33
C ALA D 288 26.85 -26.82 -14.14
N VAL D 289 25.88 -26.12 -13.54
CA VAL D 289 25.23 -25.02 -14.22
C VAL D 289 26.21 -23.90 -14.51
N MET D 290 27.05 -23.55 -13.53
CA MET D 290 27.96 -22.43 -13.71
C MET D 290 28.97 -22.72 -14.82
N ASP D 291 29.52 -23.94 -14.86
CA ASP D 291 30.49 -24.31 -15.88
C ASP D 291 29.84 -24.41 -17.25
N LEU D 292 28.64 -24.99 -17.34
CA LEU D 292 28.00 -25.08 -18.65
C LEU D 292 27.53 -23.70 -19.11
N LEU D 293 27.40 -22.75 -18.18
CA LEU D 293 27.23 -21.35 -18.54
C LEU D 293 28.52 -20.73 -19.07
N ILE D 294 29.64 -20.95 -18.38
CA ILE D 294 30.87 -20.23 -18.68
C ILE D 294 31.55 -20.78 -19.92
N GLU D 295 31.83 -22.09 -19.91
CA GLU D 295 32.57 -22.69 -21.02
C GLU D 295 31.81 -22.60 -22.33
N SER D 296 30.49 -22.83 -22.30
CA SER D 296 29.70 -22.83 -23.53
C SER D 296 29.55 -21.42 -24.06
N PHE D 301 28.39 -24.44 -30.12
CA PHE D 301 27.09 -24.90 -30.59
C PHE D 301 27.00 -25.03 -32.10
N ILE D 302 27.84 -24.32 -32.86
CA ILE D 302 27.75 -24.33 -34.31
C ILE D 302 28.30 -25.64 -34.86
N THR D 303 27.39 -26.55 -35.23
CA THR D 303 27.74 -27.81 -35.88
C THR D 303 27.10 -27.99 -37.24
N LYS D 304 25.81 -27.68 -37.38
CA LYS D 304 25.15 -27.75 -38.67
C LYS D 304 25.73 -26.71 -39.63
N ASP D 305 26.01 -27.15 -40.85
CA ASP D 305 26.66 -26.30 -41.84
C ASP D 305 25.79 -25.16 -42.32
N ASP D 306 24.47 -25.30 -42.24
CA ASP D 306 23.57 -24.18 -42.54
C ASP D 306 23.58 -23.11 -41.45
N GLU D 307 23.79 -23.51 -40.20
CA GLU D 307 23.94 -22.56 -39.10
C GLU D 307 25.30 -21.88 -39.11
N VAL D 308 26.33 -22.54 -39.65
CA VAL D 308 27.64 -21.91 -39.77
C VAL D 308 27.55 -20.69 -40.69
N ILE D 309 26.93 -20.86 -41.86
CA ILE D 309 26.76 -19.73 -42.77
C ILE D 309 25.85 -18.68 -42.17
N ASP D 310 24.90 -19.10 -41.33
CA ASP D 310 24.05 -18.14 -40.62
C ASP D 310 24.88 -17.28 -39.67
N TYR D 311 25.80 -17.91 -38.93
CA TYR D 311 26.68 -17.17 -38.03
C TYR D 311 27.56 -16.19 -38.81
N ILE D 312 28.16 -16.66 -39.91
CA ILE D 312 29.03 -15.80 -40.71
C ILE D 312 28.24 -14.63 -41.28
N TYR D 313 27.04 -14.89 -41.80
CA TYR D 313 26.24 -13.81 -42.34
C TYR D 313 25.83 -12.83 -41.25
N GLY D 314 25.50 -13.34 -40.07
CA GLY D 314 25.17 -12.46 -38.97
C GLY D 314 26.32 -11.53 -38.61
N LYS D 315 27.55 -12.04 -38.68
CA LYS D 315 28.69 -11.18 -38.37
C LYS D 315 29.02 -10.20 -39.48
N ILE D 316 28.87 -10.59 -40.75
CA ILE D 316 29.31 -9.71 -41.84
C ILE D 316 28.19 -8.90 -42.49
N SER D 317 26.93 -9.11 -42.13
CA SER D 317 25.83 -8.37 -42.74
C SER D 317 25.92 -6.86 -42.55
N PRO D 318 26.17 -6.34 -41.34
CA PRO D 318 26.27 -4.87 -41.20
C PRO D 318 27.44 -4.27 -41.97
N LEU D 319 28.47 -5.05 -42.30
CA LEU D 319 29.61 -4.54 -43.03
C LEU D 319 29.34 -4.35 -44.52
N PHE D 320 28.21 -4.87 -45.02
CA PHE D 320 27.87 -4.68 -46.43
C PHE D 320 27.59 -3.22 -46.75
N ALA D 321 27.29 -2.39 -45.75
CA ALA D 321 27.02 -0.98 -45.97
C ALA D 321 28.28 -0.15 -46.17
N LEU D 322 29.46 -0.75 -45.98
CA LEU D 322 30.74 -0.07 -46.17
C LEU D 322 31.38 -0.54 -47.47
N GLN D 323 32.02 0.39 -48.17
CA GLN D 323 32.59 0.06 -49.47
C GLN D 323 33.73 -0.94 -49.35
N TYR D 324 34.63 -0.75 -48.39
CA TYR D 324 35.77 -1.63 -48.24
C TYR D 324 36.05 -1.87 -46.77
N ILE D 325 36.36 -3.11 -46.42
CA ILE D 325 36.78 -3.51 -45.08
C ILE D 325 38.25 -3.87 -45.12
N ARG D 326 39.04 -3.27 -44.22
CA ARG D 326 40.42 -3.68 -44.08
C ARG D 326 40.49 -5.14 -43.66
N LYS D 327 41.37 -5.90 -44.31
CA LYS D 327 41.47 -7.32 -44.01
C LYS D 327 41.92 -7.55 -42.57
N ILE D 328 42.92 -6.79 -42.12
CA ILE D 328 43.42 -6.95 -40.75
C ILE D 328 42.40 -6.46 -39.73
N ASP D 329 41.55 -5.50 -40.09
CA ASP D 329 40.50 -5.04 -39.19
C ASP D 329 39.42 -6.08 -38.96
N LEU D 330 39.22 -7.01 -39.89
CA LEU D 330 38.13 -7.97 -39.78
C LEU D 330 38.30 -8.92 -38.60
N LYS D 331 39.50 -8.98 -38.00
CA LYS D 331 39.67 -9.75 -36.77
C LYS D 331 38.80 -9.20 -35.64
N HIS D 332 38.41 -7.94 -35.73
CA HIS D 332 37.50 -7.38 -34.73
C HIS D 332 36.10 -7.95 -34.89
N VAL D 333 35.75 -8.39 -36.10
CA VAL D 333 34.42 -8.91 -36.37
C VAL D 333 34.15 -10.18 -35.58
N PHE D 334 35.12 -11.09 -35.57
CA PHE D 334 34.92 -12.44 -35.03
C PHE D 334 35.50 -12.60 -33.65
N GLU D 335 35.71 -11.50 -32.93
CA GLU D 335 36.16 -11.52 -31.53
C GLU D 335 37.50 -12.25 -31.40
N TYR D 336 38.42 -11.92 -32.29
CA TYR D 336 39.80 -12.43 -32.28
C TYR D 336 39.87 -13.94 -32.42
N ASP D 337 38.82 -14.59 -32.92
CA ASP D 337 38.85 -16.03 -33.09
C ASP D 337 39.83 -16.44 -34.19
N TYR D 338 40.01 -15.59 -35.19
CA TYR D 338 40.87 -15.90 -36.32
C TYR D 338 41.76 -14.70 -36.62
N HIS D 339 42.92 -14.98 -37.19
CA HIS D 339 43.89 -13.96 -37.57
C HIS D 339 43.75 -13.70 -39.06
N PHE D 340 43.40 -12.48 -39.42
CA PHE D 340 43.31 -12.06 -40.81
C PHE D 340 44.44 -11.08 -41.10
N GLU D 341 45.32 -11.44 -42.03
CA GLU D 341 46.47 -10.61 -42.36
C GLU D 341 46.33 -10.09 -43.78
N VAL D 342 47.37 -9.40 -44.25
CA VAL D 342 47.28 -8.61 -45.47
C VAL D 342 47.15 -9.48 -46.72
N ASN D 343 47.85 -10.62 -46.76
CA ASN D 343 47.91 -11.39 -47.99
C ASN D 343 46.55 -11.96 -48.37
N GLY D 344 45.68 -12.14 -47.38
CA GLY D 344 44.38 -12.72 -47.61
C GLY D 344 44.22 -14.16 -47.18
N THR D 345 45.08 -14.67 -46.30
CA THR D 345 45.01 -16.04 -45.82
C THR D 345 44.57 -16.01 -44.36
N VAL D 346 43.49 -16.73 -44.05
CA VAL D 346 42.97 -16.76 -42.70
C VAL D 346 43.79 -17.70 -41.82
N VAL D 347 44.11 -17.24 -40.61
CA VAL D 347 44.88 -18.01 -39.65
C VAL D 347 44.02 -18.24 -38.42
N ARG D 348 43.90 -19.50 -38.00
CA ARG D 348 43.19 -19.82 -36.77
C ARG D 348 43.99 -19.34 -35.57
N HIS D 349 43.46 -18.35 -34.85
CA HIS D 349 44.22 -17.65 -33.83
C HIS D 349 43.76 -17.99 -32.42
N LYS D 350 42.47 -17.79 -32.10
CA LYS D 350 41.96 -18.11 -30.77
C LYS D 350 40.61 -18.81 -30.80
N ASN D 351 40.24 -19.42 -31.92
CA ASN D 351 39.00 -20.20 -32.00
C ASN D 351 39.19 -21.54 -31.27
N LYS D 352 38.51 -21.69 -30.14
CA LYS D 352 38.57 -22.93 -29.38
C LYS D 352 37.45 -23.91 -29.71
N GLY D 353 36.39 -23.44 -30.35
CA GLY D 353 35.28 -24.28 -30.75
C GLY D 353 35.46 -24.88 -32.13
N PHE D 354 34.34 -25.18 -32.78
CA PHE D 354 34.38 -25.70 -34.14
C PHE D 354 34.92 -24.64 -35.09
N GLY D 355 35.65 -25.09 -36.11
CA GLY D 355 36.26 -24.18 -37.06
C GLY D 355 35.32 -23.78 -38.19
N TYR D 356 34.72 -22.60 -38.07
CA TYR D 356 33.78 -22.13 -39.08
C TYR D 356 34.48 -21.59 -40.32
N MET D 357 35.69 -21.05 -40.17
CA MET D 357 36.41 -20.52 -41.34
C MET D 357 36.95 -21.65 -42.21
N GLU D 358 37.52 -22.69 -41.60
CA GLU D 358 38.05 -23.80 -42.39
C GLU D 358 36.94 -24.50 -43.16
N ARG D 359 35.82 -24.78 -42.51
CA ARG D 359 34.70 -25.41 -43.19
C ARG D 359 34.08 -24.49 -44.23
N PHE D 360 34.01 -23.18 -43.94
CA PHE D 360 33.51 -22.23 -44.93
C PHE D 360 34.38 -22.23 -46.17
N PHE D 361 35.71 -22.27 -45.99
CA PHE D 361 36.60 -22.26 -47.15
C PHE D 361 36.55 -23.58 -47.90
N GLU D 362 36.36 -24.70 -47.19
CA GLU D 362 36.15 -25.97 -47.87
C GLU D 362 34.88 -25.94 -48.71
N LEU D 363 33.81 -25.35 -48.17
CA LEU D 363 32.57 -25.20 -48.90
C LEU D 363 32.75 -24.27 -50.09
N LYS D 364 33.57 -23.24 -49.94
CA LYS D 364 33.80 -22.29 -51.02
C LYS D 364 34.59 -22.93 -52.16
N GLU D 365 35.69 -23.61 -51.83
CA GLU D 365 36.55 -24.18 -52.86
C GLU D 365 35.93 -25.42 -53.48
N GLU D 369 29.89 -28.27 -52.64
CA GLU D 369 28.81 -29.08 -52.11
C GLU D 369 27.74 -28.18 -51.51
N ARG D 370 27.66 -26.95 -52.01
CA ARG D 370 26.74 -25.94 -51.52
C ARG D 370 25.28 -26.22 -51.85
N SER D 371 25.01 -27.24 -52.69
CA SER D 371 23.64 -27.60 -52.98
C SER D 371 22.92 -28.11 -51.73
N LYS D 372 23.65 -28.84 -50.88
CA LYS D 372 23.05 -29.37 -49.66
C LYS D 372 22.70 -28.25 -48.68
N LEU D 373 23.28 -27.07 -48.86
CA LEU D 373 22.94 -25.93 -48.02
C LEU D 373 21.49 -25.53 -48.23
N SER D 374 20.87 -24.97 -47.20
CA SER D 374 19.51 -24.47 -47.33
C SER D 374 19.47 -23.33 -48.34
N LYS D 375 18.33 -23.18 -49.02
CA LYS D 375 18.23 -22.22 -50.10
C LYS D 375 18.46 -20.80 -49.60
N LYS D 376 17.82 -20.42 -48.50
CA LYS D 376 18.07 -19.10 -47.93
C LYS D 376 19.50 -18.99 -47.42
N GLN D 377 20.03 -20.07 -46.86
CA GLN D 377 21.43 -20.07 -46.41
C GLN D 377 22.38 -19.91 -47.59
N TYR D 378 22.11 -20.59 -48.71
CA TYR D 378 22.95 -20.44 -49.89
C TYR D 378 22.83 -19.04 -50.49
N GLU D 379 21.64 -18.44 -50.42
CA GLU D 379 21.48 -17.07 -50.89
C GLU D 379 22.33 -16.10 -50.08
N ARG D 380 22.43 -16.32 -48.77
CA ARG D 380 23.36 -15.54 -47.96
C ARG D 380 24.81 -15.87 -48.31
N PHE D 381 25.09 -17.14 -48.58
CA PHE D 381 26.45 -17.57 -48.87
C PHE D 381 26.99 -16.92 -50.13
N ASN D 382 26.15 -16.70 -51.14
CA ASN D 382 26.64 -16.06 -52.36
C ASN D 382 27.11 -14.64 -52.08
N ALA D 383 26.36 -13.91 -51.24
CA ALA D 383 26.77 -12.56 -50.85
C ALA D 383 28.03 -12.59 -50.00
N LEU D 384 28.15 -13.58 -49.11
CA LEU D 384 29.38 -13.71 -48.34
C LEU D 384 30.57 -13.99 -49.24
N PHE D 385 30.38 -14.83 -50.26
CA PHE D 385 31.43 -15.09 -51.24
C PHE D 385 31.83 -13.81 -51.95
N ASN D 386 30.85 -13.04 -52.42
CA ASN D 386 31.14 -11.80 -53.12
C ASN D 386 31.91 -10.84 -52.24
N PHE D 387 31.49 -10.68 -50.99
CA PHE D 387 32.15 -9.74 -50.08
C PHE D 387 33.56 -10.22 -49.75
N PHE D 388 33.73 -11.51 -49.48
CA PHE D 388 35.03 -12.04 -49.08
C PHE D 388 36.01 -12.12 -50.24
N GLU D 389 35.54 -12.14 -51.49
CA GLU D 389 36.45 -12.07 -52.63
C GLU D 389 36.67 -10.65 -53.12
N LYS D 390 35.76 -9.72 -52.83
CA LYS D 390 36.00 -8.32 -53.17
C LYS D 390 37.08 -7.70 -52.29
N ASN D 391 37.22 -8.20 -51.06
CA ASN D 391 38.11 -7.57 -50.10
C ASN D 391 39.47 -8.27 -50.00
N GLY D 392 39.53 -9.55 -50.34
CA GLY D 392 40.74 -10.33 -50.14
C GLY D 392 40.41 -11.75 -49.75
N VAL D 393 40.90 -12.18 -48.59
CA VAL D 393 40.46 -13.39 -47.89
C VAL D 393 40.34 -14.54 -48.90
N ILE D 394 41.43 -14.85 -49.60
CA ILE D 394 41.35 -15.77 -50.72
C ILE D 394 41.09 -17.19 -50.25
N CYS D 395 41.85 -17.67 -49.26
CA CYS D 395 41.78 -19.06 -48.86
C CYS D 395 42.47 -19.23 -47.51
N MET D 396 42.64 -20.49 -47.10
CA MET D 396 43.28 -20.85 -45.84
C MET D 396 44.76 -20.48 -45.83
N ALA D 397 45.33 -20.40 -44.64
CA ALA D 397 46.76 -20.18 -44.50
C ALA D 397 47.55 -21.42 -44.94
N LYS D 398 47.06 -22.60 -44.61
CA LYS D 398 47.74 -23.83 -44.99
C LYS D 398 47.73 -24.06 -46.50
N ASP D 399 46.84 -23.40 -47.23
CA ASP D 399 46.79 -23.51 -48.68
C ASP D 399 47.00 -22.14 -49.34
N SER D 406 48.25 -7.29 -56.38
CA SER D 406 47.72 -6.19 -57.17
C SER D 406 46.60 -5.47 -56.43
N ILE D 407 46.58 -4.14 -56.55
CA ILE D 407 45.61 -3.30 -55.86
C ILE D 407 44.88 -2.45 -56.89
N GLU D 408 43.60 -2.18 -56.62
CA GLU D 408 42.79 -1.28 -57.42
C GLU D 408 42.06 -0.34 -56.47
N ILE D 409 42.17 0.96 -56.72
CA ILE D 409 41.47 1.98 -55.93
C ILE D 409 40.51 2.71 -56.86
N ASN D 410 39.21 2.47 -56.65
CA ASN D 410 38.17 3.00 -57.52
C ASN D 410 37.52 4.19 -56.82
N SER D 411 38.04 5.39 -57.10
CA SER D 411 37.48 6.62 -56.56
C SER D 411 37.98 7.78 -57.38
N LEU D 412 37.07 8.71 -57.72
CA LEU D 412 37.45 9.89 -58.48
C LEU D 412 38.32 10.85 -57.68
N ALA D 413 38.40 10.67 -56.36
CA ALA D 413 39.25 11.53 -55.54
C ALA D 413 40.71 11.08 -55.59
N TYR D 414 40.94 9.76 -55.50
CA TYR D 414 42.31 9.26 -55.52
C TYR D 414 42.98 9.51 -56.86
N HIS D 415 42.24 9.36 -57.95
CA HIS D 415 42.81 9.54 -59.29
C HIS D 415 42.89 11.01 -59.70
N GLY D 416 42.39 11.92 -58.87
CA GLY D 416 42.43 13.34 -59.20
C GLY D 416 41.58 13.73 -60.39
N LYS D 417 40.41 13.11 -60.54
CA LYS D 417 39.49 13.44 -61.62
C LYS D 417 38.66 14.66 -61.20
N TYR D 418 39.34 15.80 -61.10
CA TYR D 418 38.75 17.01 -60.54
C TYR D 418 37.61 17.57 -61.37
N ASP D 419 37.45 17.12 -62.61
CA ASP D 419 36.31 17.51 -63.43
C ASP D 419 35.15 16.52 -63.34
N VAL D 420 35.44 15.23 -63.19
CA VAL D 420 34.39 14.23 -63.06
C VAL D 420 33.67 14.38 -61.72
N MET D 421 34.42 14.72 -60.67
CA MET D 421 33.80 14.91 -59.36
C MET D 421 32.79 16.06 -59.40
N LYS D 422 33.13 17.15 -60.09
CA LYS D 422 32.15 18.24 -60.27
C LYS D 422 30.89 17.73 -60.93
N LYS D 423 31.04 17.04 -62.07
CA LYS D 423 29.89 16.53 -62.80
C LYS D 423 29.03 15.64 -61.93
N PHE D 424 29.66 14.84 -61.06
CA PHE D 424 28.89 14.08 -60.08
C PHE D 424 28.19 15.02 -59.09
N ILE D 425 28.84 16.12 -58.73
CA ILE D 425 28.27 17.02 -57.72
C ILE D 425 26.98 17.67 -58.20
N GLU D 426 26.96 18.24 -59.41
CA GLU D 426 25.72 18.94 -59.79
C GLU D 426 24.59 17.95 -60.09
N GLU D 427 24.91 16.66 -60.25
CA GLU D 427 23.85 15.68 -60.35
C GLU D 427 23.13 15.52 -59.02
N GLN D 428 21.81 15.39 -59.08
CA GLN D 428 21.02 15.21 -57.87
C GLN D 428 21.30 13.85 -57.24
N SER D 429 21.47 13.83 -55.92
CA SER D 429 21.79 12.61 -55.20
C SER D 429 20.53 11.74 -55.06
N VAL D 430 20.62 10.51 -55.56
CA VAL D 430 19.47 9.61 -55.49
C VAL D 430 19.24 9.14 -54.07
N SER D 431 20.31 8.81 -53.34
CA SER D 431 20.20 8.25 -52.00
C SER D 431 21.23 8.89 -51.09
N ILE D 432 21.21 8.48 -49.82
CA ILE D 432 22.07 9.09 -48.82
C ILE D 432 23.52 8.65 -49.01
N GLU D 433 23.73 7.41 -49.46
CA GLU D 433 25.11 6.95 -49.70
C GLU D 433 25.76 7.70 -50.86
N ASP D 434 25.03 7.87 -51.96
CA ASP D 434 25.52 8.72 -53.03
C ASP D 434 25.67 10.17 -52.57
N ASP D 435 24.85 10.58 -51.60
CA ASP D 435 24.95 11.94 -51.09
C ASP D 435 26.24 12.10 -50.27
N TYR D 436 26.62 11.06 -49.55
CA TYR D 436 27.87 11.08 -48.78
C TYR D 436 29.09 10.97 -49.70
N LYS D 437 28.95 10.22 -50.80
CA LYS D 437 29.98 10.23 -51.83
C LYS D 437 30.18 11.66 -52.36
N LYS D 438 29.09 12.35 -52.65
CA LYS D 438 29.17 13.74 -53.08
C LYS D 438 29.72 14.63 -51.98
N ALA D 439 29.47 14.28 -50.71
CA ALA D 439 30.07 15.03 -49.61
C ALA D 439 31.59 14.95 -49.64
N PHE D 440 32.13 13.75 -49.77
CA PHE D 440 33.59 13.61 -49.86
C PHE D 440 34.12 14.34 -51.09
N PHE D 441 33.44 14.19 -52.23
CA PHE D 441 33.89 14.87 -53.45
C PHE D 441 33.86 16.39 -53.28
N LEU D 442 32.81 16.92 -52.66
CA LEU D 442 32.72 18.35 -52.40
C LEU D 442 33.82 18.80 -51.46
N ALA D 443 34.22 17.93 -50.53
CA ALA D 443 35.33 18.26 -49.65
C ALA D 443 36.66 18.20 -50.38
N CYS D 444 36.71 17.50 -51.51
CA CYS D 444 37.98 17.34 -52.23
C CYS D 444 38.37 18.61 -52.98
N LEU D 445 37.43 19.23 -53.70
CA LEU D 445 37.77 20.38 -54.54
C LEU D 445 37.70 21.69 -53.76
N GLY D 446 38.37 21.73 -52.62
CA GLY D 446 38.21 22.88 -51.74
C GLY D 446 36.79 22.93 -51.23
N ARG D 447 36.26 24.14 -51.07
CA ARG D 447 34.86 24.36 -50.73
C ARG D 447 34.47 23.59 -49.46
N TRP D 448 35.24 23.80 -48.38
CA TRP D 448 34.89 23.15 -47.13
C TRP D 448 33.52 23.57 -46.62
N GLU D 449 33.05 24.76 -46.98
CA GLU D 449 31.76 25.25 -46.49
C GLU D 449 30.61 24.36 -46.95
N GLU D 450 30.53 24.12 -48.27
CA GLU D 450 29.43 23.34 -48.81
C GLU D 450 29.50 21.89 -48.36
N SER D 451 30.71 21.33 -48.27
CA SER D 451 30.86 19.97 -47.78
C SER D 451 30.42 19.86 -46.32
N TYR D 452 30.77 20.86 -45.50
CA TYR D 452 30.32 20.85 -44.11
C TYR D 452 28.81 20.93 -44.02
N ASP D 453 28.19 21.83 -44.80
CA ASP D 453 26.74 21.93 -44.79
C ASP D 453 26.09 20.61 -45.21
N LEU D 454 26.62 20.00 -46.27
CA LEU D 454 26.09 18.73 -46.76
C LEU D 454 26.24 17.64 -45.71
N TYR D 455 27.38 17.60 -45.01
CA TYR D 455 27.56 16.62 -43.95
C TYR D 455 26.55 16.84 -42.84
N SER D 456 26.29 18.09 -42.49
CA SER D 456 25.27 18.36 -41.48
C SER D 456 23.90 17.86 -41.92
N ASN D 457 23.52 18.14 -43.18
CA ASN D 457 22.22 17.66 -43.66
C ASN D 457 22.15 16.15 -43.64
N ILE D 458 23.22 15.47 -44.06
CA ILE D 458 23.24 14.01 -43.99
C ILE D 458 23.08 13.54 -42.56
N ILE D 459 23.66 14.27 -41.60
CA ILE D 459 23.49 13.91 -40.19
C ILE D 459 22.03 14.02 -39.78
N LEU D 460 21.35 15.12 -40.15
CA LEU D 460 19.93 15.22 -39.79
C LEU D 460 19.08 14.21 -40.54
N ASN D 461 19.41 13.93 -41.79
CA ASN D 461 18.60 13.05 -42.62
C ASN D 461 18.81 11.57 -42.32
N SER D 462 19.75 11.22 -41.45
CA SER D 462 20.03 9.83 -41.11
C SER D 462 19.24 9.49 -39.84
N ILE D 463 18.15 8.76 -40.02
CA ILE D 463 17.32 8.33 -38.90
C ILE D 463 16.56 7.07 -39.27
N ASN D 467 21.12 1.06 -41.37
CA ASN D 467 22.48 0.66 -41.02
C ASN D 467 23.01 1.47 -39.85
N GLY D 468 22.90 2.79 -39.95
CA GLY D 468 23.39 3.68 -38.93
C GLY D 468 24.85 4.03 -39.02
N CYS D 469 25.62 3.33 -39.86
CA CYS D 469 27.04 3.61 -40.04
C CYS D 469 27.28 4.86 -40.85
N VAL D 470 26.39 5.18 -41.80
CA VAL D 470 26.53 6.41 -42.57
C VAL D 470 26.60 7.63 -41.67
N TYR D 471 25.78 7.68 -40.62
CA TYR D 471 25.86 8.76 -39.65
C TYR D 471 27.21 8.79 -38.95
N TYR D 472 27.74 7.63 -38.56
CA TYR D 472 29.02 7.60 -37.87
C TYR D 472 30.12 8.17 -38.77
N LEU D 473 30.19 7.68 -40.01
CA LEU D 473 31.19 8.14 -40.95
C LEU D 473 31.02 9.62 -41.25
N SER D 474 29.78 10.09 -41.35
CA SER D 474 29.53 11.50 -41.63
C SER D 474 29.90 12.37 -40.44
N GLN D 475 29.68 11.91 -39.21
CA GLN D 475 30.12 12.64 -38.03
C GLN D 475 31.64 12.78 -38.02
N ILE D 476 32.35 11.68 -38.31
CA ILE D 476 33.80 11.76 -38.38
C ILE D 476 34.24 12.76 -39.45
N ASN D 477 33.64 12.67 -40.64
CA ASN D 477 34.06 13.54 -41.73
C ASN D 477 33.70 14.99 -41.46
N ARG D 478 32.59 15.25 -40.76
CA ARG D 478 32.23 16.62 -40.42
C ARG D 478 33.18 17.20 -39.40
N TYR D 479 33.57 16.40 -38.38
CA TYR D 479 34.58 16.87 -37.45
C TYR D 479 35.90 17.15 -38.17
N ARG D 480 36.28 16.27 -39.09
CA ARG D 480 37.52 16.47 -39.84
C ARG D 480 37.43 17.72 -40.72
N ILE D 481 36.27 17.97 -41.32
CA ILE D 481 36.13 19.13 -42.19
C ILE D 481 36.15 20.42 -41.37
N TYR D 482 35.57 20.40 -40.17
CA TYR D 482 35.68 21.55 -39.29
C TYR D 482 37.12 21.78 -38.87
N GLN D 483 37.86 20.71 -38.60
CA GLN D 483 39.27 20.86 -38.27
C GLN D 483 40.04 21.46 -39.43
N SER D 484 39.72 21.03 -40.65
CA SER D 484 40.38 21.58 -41.82
C SER D 484 40.09 23.07 -41.96
N ILE D 485 38.82 23.46 -41.77
CA ILE D 485 38.47 24.88 -41.89
C ILE D 485 39.14 25.70 -40.80
N THR D 486 39.29 25.12 -39.60
CA THR D 486 39.87 25.85 -38.48
C THR D 486 41.37 26.10 -38.69
N GLN D 487 42.11 25.04 -39.06
CA GLN D 487 43.53 25.23 -39.29
C GLN D 487 43.79 26.04 -40.57
N ALA D 488 42.90 25.93 -41.56
CA ALA D 488 43.03 26.80 -42.73
C ALA D 488 42.83 28.25 -42.36
N VAL D 489 41.85 28.54 -41.49
CA VAL D 489 41.65 29.90 -41.00
C VAL D 489 42.89 30.38 -40.24
N THR D 490 43.46 29.52 -39.40
CA THR D 490 44.66 29.91 -38.66
C THR D 490 45.82 30.20 -39.62
N GLN D 491 46.01 29.35 -40.63
CA GLN D 491 47.09 29.55 -41.58
C GLN D 491 46.90 30.83 -42.39
N PHE D 492 45.67 31.10 -42.84
CA PHE D 492 45.44 32.30 -43.64
C PHE D 492 45.56 33.56 -42.80
N ASN D 493 45.14 33.49 -41.53
CA ASN D 493 45.28 34.64 -40.65
C ASN D 493 46.76 34.89 -40.31
N GLY D 494 47.48 33.85 -39.92
CA GLY D 494 48.88 33.99 -39.57
C GLY D 494 49.85 34.01 -40.74
N LEU D 495 49.92 32.90 -41.47
CA LEU D 495 50.95 32.76 -42.50
C LEU D 495 50.44 33.14 -43.87
N GLY D 496 49.11 33.18 -44.05
CA GLY D 496 48.52 33.51 -45.32
C GLY D 496 48.91 34.90 -45.80
N LEU D 497 48.97 35.85 -44.87
CA LEU D 497 49.32 37.22 -45.24
C LEU D 497 50.74 37.31 -45.77
N LEU D 498 51.67 36.61 -45.13
CA LEU D 498 53.07 36.66 -45.57
C LEU D 498 53.27 35.88 -46.86
N THR D 499 52.55 34.76 -47.01
CA THR D 499 52.73 33.92 -48.18
C THR D 499 52.09 34.53 -49.41
N PHE D 500 50.77 34.74 -49.38
CA PHE D 500 50.04 35.23 -50.55
C PHE D 500 50.16 36.73 -50.75
N GLY D 501 50.61 37.47 -49.74
CA GLY D 501 50.71 38.91 -49.83
C GLY D 501 49.43 39.66 -49.51
N ARG D 502 48.34 38.96 -49.24
CA ARG D 502 47.05 39.58 -48.94
C ARG D 502 46.22 38.63 -48.10
N HIS D 503 45.28 39.21 -47.35
CA HIS D 503 44.38 38.42 -46.53
C HIS D 503 43.20 37.94 -47.38
N TYR D 504 42.95 36.64 -47.35
CA TYR D 504 41.95 36.01 -48.20
C TYR D 504 40.59 35.89 -47.53
N LYS D 505 40.55 35.33 -46.32
CA LYS D 505 39.30 35.04 -45.63
C LYS D 505 38.35 34.24 -46.53
N PRO D 506 38.68 32.99 -46.86
CA PRO D 506 37.81 32.23 -47.77
C PRO D 506 36.43 31.94 -47.19
N PHE D 507 36.25 32.09 -45.88
CA PHE D 507 35.02 31.70 -45.21
C PHE D 507 34.40 32.90 -44.53
N THR D 508 33.08 33.00 -44.62
CA THR D 508 32.36 34.10 -43.96
C THR D 508 32.46 33.97 -42.45
N ASP D 509 32.45 35.12 -41.77
CA ASP D 509 32.59 35.12 -40.33
C ASP D 509 31.39 34.46 -39.66
N GLU D 510 30.20 34.62 -40.23
CA GLU D 510 29.02 33.96 -39.68
C GLU D 510 29.16 32.44 -39.76
N PHE D 511 29.70 31.94 -40.88
CA PHE D 511 29.96 30.52 -41.01
C PHE D 511 30.89 30.02 -39.91
N LEU D 512 31.98 30.78 -39.68
CA LEU D 512 32.94 30.39 -38.65
C LEU D 512 32.30 30.38 -37.27
N ALA D 513 31.50 31.41 -36.97
CA ALA D 513 30.83 31.45 -35.68
C ALA D 513 29.89 30.27 -35.50
N ARG D 514 29.10 29.96 -36.54
CA ARG D 514 28.14 28.85 -36.44
C ARG D 514 28.86 27.53 -36.24
N ILE D 515 29.94 27.29 -36.99
CA ILE D 515 30.65 26.02 -36.84
C ILE D 515 31.36 25.94 -35.49
N GLU D 516 31.90 27.05 -34.98
CA GLU D 516 32.45 27.04 -33.63
C GLU D 516 31.40 26.68 -32.60
N ARG D 517 30.21 27.28 -32.70
CA ARG D 517 29.15 26.97 -31.75
C ARG D 517 28.72 25.51 -31.85
N GLU D 518 28.61 24.99 -33.06
CA GLU D 518 28.04 23.65 -33.23
C GLU D 518 29.03 22.57 -32.81
N MET D 519 30.31 22.70 -33.20
CA MET D 519 31.31 21.71 -32.85
C MET D 519 31.80 21.80 -31.41
N THR D 520 31.48 22.86 -30.68
CA THR D 520 31.82 22.89 -29.26
C THR D 520 31.02 21.83 -28.51
N ASN D 521 31.62 21.31 -27.43
CA ASN D 521 31.07 20.27 -26.58
C ASN D 521 30.89 18.95 -27.33
N PHE D 522 31.56 18.77 -28.46
CA PHE D 522 31.54 17.53 -29.22
C PHE D 522 32.87 16.83 -29.01
N ASN D 523 32.87 15.82 -28.14
CA ASN D 523 34.07 15.03 -27.87
C ASN D 523 34.19 13.96 -28.94
N ILE D 524 35.33 13.94 -29.64
CA ILE D 524 35.49 13.04 -30.77
C ILE D 524 35.59 11.59 -30.29
N ASP D 525 36.28 11.35 -29.17
CA ASP D 525 36.42 10.00 -28.65
C ASP D 525 35.09 9.45 -28.14
N ASP D 526 34.24 10.32 -27.60
CA ASP D 526 32.91 9.95 -27.10
C ASP D 526 32.02 9.41 -28.20
N LEU D 527 32.15 9.94 -29.42
CA LEU D 527 31.11 9.80 -30.45
C LEU D 527 30.80 8.34 -30.78
N PHE D 528 31.76 7.43 -30.58
CA PHE D 528 31.44 6.01 -30.71
C PHE D 528 30.70 5.47 -29.50
N ASN D 529 31.09 5.89 -28.29
CA ASN D 529 30.46 5.37 -27.09
C ASN D 529 29.01 5.83 -26.98
N GLY D 530 28.71 7.03 -27.46
CA GLY D 530 27.36 7.55 -27.41
C GLY D 530 26.53 7.23 -28.63
N MET D 531 26.44 5.95 -28.97
CA MET D 531 25.62 5.48 -30.08
C MET D 531 25.07 4.10 -29.72
N PRO D 532 24.00 3.65 -30.39
CA PRO D 532 23.25 2.49 -29.90
C PRO D 532 24.12 1.24 -29.76
N PHE D 533 23.76 0.42 -28.76
CA PHE D 533 24.49 -0.82 -28.52
C PHE D 533 24.47 -1.76 -29.72
N GLU D 534 23.38 -1.75 -30.49
CA GLU D 534 23.35 -2.55 -31.71
C GLU D 534 24.46 -2.14 -32.67
N PHE D 535 24.62 -0.84 -32.91
CA PHE D 535 25.68 -0.38 -33.79
C PHE D 535 27.05 -0.71 -33.22
N GLN D 536 27.25 -0.48 -31.92
CA GLN D 536 28.56 -0.73 -31.31
C GLN D 536 28.92 -2.20 -31.38
N LYS D 537 27.93 -3.08 -31.24
CA LYS D 537 28.19 -4.51 -31.35
C LYS D 537 28.51 -4.90 -32.80
N LYS D 538 27.70 -4.43 -33.75
CA LYS D 538 27.91 -4.82 -35.14
C LYS D 538 29.17 -4.17 -35.72
N TYR D 539 29.30 -2.85 -35.56
CA TYR D 539 30.38 -2.10 -36.20
C TYR D 539 31.55 -1.89 -35.22
N LYS D 540 32.11 -3.01 -34.75
CA LYS D 540 33.26 -2.93 -33.85
C LYS D 540 34.51 -2.46 -34.57
N ILE D 541 34.71 -2.88 -35.83
CA ILE D 541 35.95 -2.57 -36.53
C ILE D 541 36.13 -1.08 -36.75
N LEU D 542 35.06 -0.30 -36.69
CA LEU D 542 35.13 1.14 -36.87
C LEU D 542 35.49 1.88 -35.60
N GLU D 543 35.61 1.18 -34.47
CA GLU D 543 35.97 1.81 -33.20
C GLU D 543 37.27 2.58 -33.32
N PHE D 544 38.26 2.02 -34.03
CA PHE D 544 39.54 2.70 -34.16
C PHE D 544 39.40 4.05 -34.84
N LEU D 545 38.40 4.21 -35.72
CA LEU D 545 38.20 5.48 -36.39
C LEU D 545 37.61 6.54 -35.45
N SER D 546 37.07 6.11 -34.31
CA SER D 546 36.40 7.06 -33.41
C SER D 546 37.38 8.04 -32.78
N ASP D 547 38.54 7.55 -32.36
CA ASP D 547 39.49 8.37 -31.61
C ASP D 547 40.14 9.43 -32.51
N ASN D 548 40.67 10.46 -31.87
CA ASN D 548 41.31 11.56 -32.59
C ASN D 548 42.61 11.13 -33.26
N GLN D 549 43.12 9.92 -32.95
CA GLN D 549 44.39 9.39 -33.47
C GLN D 549 44.17 7.92 -33.81
N PHE D 550 44.03 7.65 -35.11
CA PHE D 550 43.70 6.31 -35.57
C PHE D 550 44.78 5.67 -36.44
N LEU D 551 45.87 6.37 -36.72
CA LEU D 551 46.98 5.78 -37.44
C LEU D 551 48.10 5.31 -36.52
N TYR D 552 47.97 5.51 -35.20
CA TYR D 552 49.05 5.14 -34.29
C TYR D 552 49.32 3.65 -34.32
N ASP D 553 48.27 2.83 -34.38
CA ASP D 553 48.48 1.39 -34.52
C ASP D 553 49.16 1.07 -35.84
N ASP D 554 48.65 1.65 -36.94
CA ASP D 554 49.26 1.44 -38.25
C ASP D 554 50.67 1.98 -38.28
N THR D 555 50.90 3.15 -37.70
CA THR D 555 52.24 3.73 -37.68
C THR D 555 53.20 2.87 -36.86
N VAL D 556 52.72 2.29 -35.77
CA VAL D 556 53.57 1.43 -34.93
C VAL D 556 53.92 0.14 -35.67
N LYS D 557 52.94 -0.47 -36.32
CA LYS D 557 53.22 -1.66 -37.12
C LYS D 557 54.20 -1.33 -38.24
N LEU D 558 54.04 -0.17 -38.88
CA LEU D 558 54.96 0.25 -39.92
C LEU D 558 56.35 0.49 -39.37
N PHE D 559 56.45 1.05 -38.16
CA PHE D 559 57.76 1.24 -37.53
C PHE D 559 58.44 -0.09 -37.28
N GLU D 560 57.70 -1.07 -36.76
CA GLU D 560 58.28 -2.38 -36.50
C GLU D 560 58.73 -3.03 -37.80
N LEU D 561 57.90 -2.95 -38.83
CA LEU D 561 58.26 -3.53 -40.13
C LEU D 561 59.45 -2.83 -40.76
N THR D 562 59.50 -1.49 -40.68
CA THR D 562 60.62 -0.74 -41.24
C THR D 562 61.91 -1.06 -40.50
N ASN D 563 61.83 -1.21 -39.18
CA ASN D 563 63.01 -1.59 -38.40
C ASN D 563 63.48 -3.00 -38.77
N LYS D 564 62.54 -3.92 -38.97
CA LYS D 564 62.90 -5.27 -39.42
C LYS D 564 63.57 -5.21 -40.80
N VAL D 565 63.02 -4.40 -41.71
CA VAL D 565 63.58 -4.29 -43.06
C VAL D 565 64.98 -3.69 -43.00
N ARG D 566 65.17 -2.68 -42.15
CA ARG D 566 66.50 -2.09 -41.98
C ARG D 566 67.49 -3.08 -41.39
N SER D 567 67.02 -3.93 -40.46
CA SER D 567 67.87 -4.98 -39.92
C SER D 567 68.30 -5.96 -40.99
N GLU D 568 67.36 -6.36 -41.87
CA GLU D 568 67.73 -7.22 -42.98
C GLU D 568 68.69 -6.54 -43.94
N MET D 569 68.49 -5.24 -44.18
CA MET D 569 69.36 -4.48 -45.06
C MET D 569 70.79 -4.44 -44.52
N SER D 570 70.94 -4.11 -43.24
CA SER D 570 72.28 -3.99 -42.65
C SER D 570 72.93 -5.36 -42.50
N GLU D 571 72.19 -6.35 -42.01
CA GLU D 571 72.76 -7.67 -41.80
C GLU D 571 73.01 -8.39 -43.11
N GLY D 572 72.16 -8.17 -44.11
CA GLY D 572 72.26 -8.89 -45.37
C GLY D 572 71.55 -10.21 -45.40
N SER D 573 70.64 -10.47 -44.46
CA SER D 573 69.91 -11.72 -44.42
C SER D 573 68.92 -11.82 -45.57
N TYR D 574 68.55 -13.04 -45.92
CA TYR D 574 67.64 -13.31 -47.02
C TYR D 574 66.29 -13.76 -46.46
N SER D 575 65.22 -13.13 -46.94
CA SER D 575 63.86 -13.49 -46.57
C SER D 575 63.23 -14.30 -47.70
N PHE D 576 62.73 -15.49 -47.36
CA PHE D 576 62.18 -16.42 -48.35
C PHE D 576 60.67 -16.34 -48.46
N GLY D 577 59.97 -16.41 -47.33
CA GLY D 577 58.52 -16.37 -47.35
C GLY D 577 57.95 -14.98 -47.58
N MET D 578 56.79 -14.71 -47.00
CA MET D 578 56.17 -13.39 -47.14
C MET D 578 57.06 -12.37 -46.44
N SER D 579 57.69 -11.50 -47.21
CA SER D 579 58.67 -10.57 -46.68
C SER D 579 57.99 -9.42 -45.94
N SER D 580 58.75 -8.78 -45.06
CA SER D 580 58.24 -7.58 -44.39
C SER D 580 58.00 -6.45 -45.37
N ASP D 581 58.76 -6.40 -46.46
CA ASP D 581 58.57 -5.34 -47.46
C ASP D 581 57.22 -5.48 -48.16
N ILE D 582 56.89 -6.69 -48.60
CA ILE D 582 55.60 -6.88 -49.27
C ILE D 582 54.47 -6.71 -48.27
N VAL D 583 54.69 -7.05 -47.01
CA VAL D 583 53.70 -6.76 -45.98
C VAL D 583 53.48 -5.26 -45.86
N VAL D 584 54.57 -4.48 -45.87
CA VAL D 584 54.46 -3.03 -45.77
C VAL D 584 53.63 -2.49 -46.93
N LEU D 585 53.97 -2.88 -48.15
CA LEU D 585 53.26 -2.32 -49.30
C LEU D 585 51.81 -2.78 -49.35
N LEU D 586 51.54 -4.03 -48.94
CA LEU D 586 50.18 -4.54 -49.02
C LEU D 586 49.29 -3.93 -47.94
N ARG D 587 49.83 -3.73 -46.74
CA ARG D 587 49.11 -2.98 -45.72
C ARG D 587 48.91 -1.53 -46.13
N LEU D 588 49.90 -0.94 -46.80
CA LEU D 588 49.73 0.39 -47.38
C LEU D 588 48.54 0.44 -48.31
N TYR D 589 48.47 -0.53 -49.23
CA TYR D 589 47.37 -0.58 -50.18
C TYR D 589 46.04 -0.82 -49.49
N ASP D 590 46.04 -1.65 -48.44
CA ASP D 590 44.82 -1.85 -47.65
C ASP D 590 44.34 -0.54 -47.05
N ASN D 591 45.25 0.24 -46.46
CA ASN D 591 44.87 1.52 -45.87
C ASN D 591 44.36 2.49 -46.93
N LEU D 592 45.03 2.55 -48.08
CA LEU D 592 44.58 3.44 -49.15
C LEU D 592 43.20 3.05 -49.64
N ARG D 593 42.95 1.77 -49.87
CA ARG D 593 41.67 1.34 -50.38
C ARG D 593 40.57 1.36 -49.32
N PHE D 594 40.92 1.38 -48.04
CA PHE D 594 39.92 1.52 -47.00
C PHE D 594 39.55 2.97 -46.73
N LEU D 595 40.53 3.88 -46.77
CA LEU D 595 40.25 5.28 -46.45
C LEU D 595 39.64 6.02 -47.64
N TYR D 596 40.17 5.80 -48.84
CA TYR D 596 39.69 6.52 -50.01
C TYR D 596 38.33 6.02 -50.47
N GLU D 597 38.13 4.70 -50.48
CA GLU D 597 36.87 4.14 -50.95
C GLU D 597 35.72 4.45 -50.01
N ASN D 598 35.97 4.45 -48.70
CA ASN D 598 34.93 4.68 -47.71
C ASN D 598 34.63 6.16 -47.51
N CYS D 599 35.23 7.04 -48.31
CA CYS D 599 34.85 8.46 -48.38
C CYS D 599 35.17 9.18 -47.08
N LEU D 600 36.38 8.97 -46.56
CA LEU D 600 36.84 9.63 -45.36
C LEU D 600 37.82 10.74 -45.71
N TRP D 601 37.52 11.96 -45.24
CA TRP D 601 38.44 13.08 -45.39
C TRP D 601 39.72 12.91 -44.57
N SER D 602 39.74 11.99 -43.60
CA SER D 602 40.93 11.78 -42.79
C SER D 602 42.15 11.39 -43.60
N VAL D 603 41.97 11.07 -44.89
CA VAL D 603 43.11 10.82 -45.77
C VAL D 603 43.96 12.06 -46.01
N SER D 604 43.36 13.24 -46.07
CA SER D 604 44.06 14.45 -46.47
C SER D 604 44.76 15.15 -45.32
N PHE D 605 45.13 14.42 -44.26
CA PHE D 605 45.76 15.02 -43.10
C PHE D 605 47.27 14.76 -43.10
N HIS D 606 47.96 15.46 -42.21
CA HIS D 606 49.42 15.30 -42.12
C HIS D 606 49.77 13.89 -41.64
N GLU D 607 48.98 13.33 -40.73
CA GLU D 607 49.31 12.02 -40.19
C GLU D 607 49.26 10.95 -41.28
N PHE D 608 48.20 10.93 -42.08
CA PHE D 608 48.12 9.95 -43.16
C PHE D 608 49.16 10.22 -44.24
N HIS D 609 49.39 11.48 -44.57
CA HIS D 609 50.43 11.83 -45.55
C HIS D 609 51.79 11.32 -45.08
N GLN D 610 52.10 11.50 -43.80
CA GLN D 610 53.40 11.15 -43.26
C GLN D 610 53.51 9.63 -43.09
N TYR D 611 52.39 8.97 -42.80
CA TYR D 611 52.34 7.51 -42.80
C TYR D 611 52.63 6.95 -44.18
N ILE D 612 52.06 7.57 -45.22
CA ILE D 612 52.38 7.15 -46.59
C ILE D 612 53.87 7.36 -46.84
N ARG D 613 54.38 8.53 -46.46
CA ARG D 613 55.77 8.89 -46.74
C ARG D 613 56.73 7.98 -46.02
N ASN D 614 56.33 7.38 -44.90
CA ASN D 614 57.15 6.34 -44.28
C ASN D 614 56.98 5.00 -44.98
N SER D 615 55.74 4.56 -45.17
CA SER D 615 55.50 3.25 -45.76
C SER D 615 56.01 3.20 -47.19
N MET D 616 55.70 4.21 -47.99
CA MET D 616 56.37 4.40 -49.26
C MET D 616 57.73 5.05 -49.00
N SER D 617 58.64 4.95 -49.97
CA SER D 617 60.04 5.39 -49.87
C SER D 617 60.86 4.52 -48.94
N LEU D 618 60.23 3.60 -48.23
CA LEU D 618 60.92 2.47 -47.63
C LEU D 618 60.91 1.28 -48.56
N LEU D 619 59.94 1.23 -49.48
CA LEU D 619 59.94 0.21 -50.53
C LEU D 619 61.02 0.49 -51.57
N ILE D 620 61.20 1.77 -51.93
CA ILE D 620 62.23 2.11 -52.91
C ILE D 620 63.62 1.91 -52.32
N GLU D 621 63.82 2.24 -51.04
CA GLU D 621 65.12 2.03 -50.43
C GLU D 621 65.48 0.55 -50.43
N LYS D 622 64.54 -0.30 -50.01
CA LYS D 622 64.79 -1.74 -50.01
C LYS D 622 65.00 -2.26 -51.43
N ALA D 623 64.20 -1.77 -52.39
CA ALA D 623 64.36 -2.22 -53.77
C ALA D 623 65.71 -1.83 -54.34
N GLU D 624 66.16 -0.60 -54.07
CA GLU D 624 67.47 -0.16 -54.54
C GLU D 624 68.59 -0.96 -53.89
N TYR D 625 68.46 -1.23 -52.58
CA TYR D 625 69.46 -2.07 -51.92
C TYR D 625 69.44 -3.49 -52.47
N GLU D 626 68.28 -3.95 -52.96
CA GLU D 626 68.19 -5.26 -53.59
C GLU D 626 69.04 -5.34 -54.85
N ARG D 627 69.11 -4.24 -55.61
CA ARG D 627 70.03 -4.20 -56.74
C ARG D 627 71.48 -4.22 -56.29
N THR D 628 71.78 -3.65 -55.13
CA THR D 628 73.12 -3.68 -54.56
C THR D 628 73.32 -4.88 -53.65
N ARG D 629 72.52 -5.93 -53.86
CA ARG D 629 72.67 -7.15 -53.09
C ARG D 629 74.02 -7.78 -53.38
N ASP D 630 74.74 -8.15 -52.33
CA ASP D 630 76.04 -8.79 -52.48
C ASP D 630 75.85 -10.26 -52.80
N ILE D 631 76.33 -10.69 -53.97
CA ILE D 631 76.19 -12.08 -54.35
C ILE D 631 77.13 -12.95 -53.51
N ASP D 632 76.57 -14.03 -52.97
CA ASP D 632 77.32 -14.92 -52.09
C ASP D 632 76.97 -16.37 -52.44
N GLU D 633 77.74 -17.29 -51.88
CA GLU D 633 77.53 -18.72 -52.11
C GLU D 633 76.24 -19.18 -51.45
N GLY D 644 62.54 -8.30 -58.41
CA GLY D 644 62.71 -6.87 -58.24
C GLY D 644 61.40 -6.13 -58.00
N PHE D 645 61.51 -4.88 -57.59
CA PHE D 645 60.36 -4.03 -57.31
C PHE D 645 60.32 -2.89 -58.31
N PHE D 646 59.16 -2.67 -58.92
CA PHE D 646 58.97 -1.60 -59.88
C PHE D 646 57.71 -0.82 -59.55
N MET D 647 57.65 0.40 -60.05
CA MET D 647 56.67 1.40 -59.62
C MET D 647 55.53 1.45 -60.63
N GLU D 648 54.30 1.53 -60.11
CA GLU D 648 53.11 1.51 -60.94
C GLU D 648 52.40 2.86 -60.87
N TYR D 649 51.29 3.01 -61.59
CA TYR D 649 50.54 4.28 -61.57
C TYR D 649 50.08 4.62 -60.16
N TYR D 650 49.67 3.62 -59.40
CA TYR D 650 49.26 3.84 -58.02
C TYR D 650 50.41 4.37 -57.19
N ASP D 651 51.61 3.81 -57.39
CA ASP D 651 52.79 4.33 -56.71
C ASP D 651 53.08 5.78 -57.12
N PHE D 652 52.92 6.08 -58.41
CA PHE D 652 53.14 7.45 -58.88
C PHE D 652 52.19 8.40 -58.18
N VAL D 653 50.91 8.02 -58.07
CA VAL D 653 49.94 8.86 -57.37
C VAL D 653 50.33 9.02 -55.91
N ASN D 654 50.79 7.94 -55.27
CA ASN D 654 51.16 8.01 -53.87
C ASN D 654 52.31 9.00 -53.65
N ILE D 655 53.37 8.90 -54.45
CA ILE D 655 54.50 9.82 -54.28
C ILE D 655 54.11 11.24 -54.65
N SER D 656 53.28 11.41 -55.68
CA SER D 656 52.87 12.76 -56.08
C SER D 656 52.00 13.41 -55.02
N ARG D 657 51.21 12.61 -54.31
CA ARG D 657 50.30 13.16 -53.29
C ARG D 657 51.04 13.43 -51.98
N HIS D 658 51.69 12.41 -51.43
CA HIS D 658 52.08 12.49 -50.03
C HIS D 658 53.56 12.81 -49.80
N PHE D 659 54.28 13.27 -50.83
CA PHE D 659 55.69 13.61 -50.67
C PHE D 659 55.92 15.10 -50.90
N LYS D 660 56.57 15.74 -49.94
CA LYS D 660 57.04 17.11 -50.10
C LYS D 660 58.25 17.12 -51.03
N ILE D 661 58.49 18.27 -51.65
CA ILE D 661 59.61 18.39 -52.59
C ILE D 661 60.92 18.03 -51.91
N ASP D 662 61.10 18.47 -50.67
CA ASP D 662 62.30 18.10 -49.92
C ASP D 662 62.32 16.60 -49.64
N ASP D 663 61.16 15.98 -49.43
CA ASP D 663 61.12 14.55 -49.17
C ASP D 663 61.57 13.73 -50.38
N ILE D 664 61.04 14.06 -51.57
CA ILE D 664 61.48 13.34 -52.76
C ILE D 664 62.92 13.67 -53.10
N LYS D 665 63.36 14.89 -52.77
CA LYS D 665 64.78 15.22 -52.92
C LYS D 665 65.65 14.31 -52.06
N ASN D 666 65.25 14.12 -50.80
CA ASN D 666 66.00 13.22 -49.91
C ASN D 666 65.96 11.79 -50.42
N LEU D 667 64.81 11.38 -50.95
CA LEU D 667 64.71 10.04 -51.55
C LEU D 667 65.69 9.89 -52.70
N GLU D 668 65.81 10.93 -53.54
CA GLU D 668 66.78 10.89 -54.63
C GLU D 668 68.21 10.83 -54.11
N ARG D 669 68.51 11.59 -53.05
CA ARG D 669 69.85 11.55 -52.47
C ARG D 669 70.17 10.15 -51.95
N SER D 670 69.23 9.52 -51.25
CA SER D 670 69.49 8.24 -50.61
C SER D 670 69.68 7.13 -51.64
N CYS D 671 68.83 7.09 -52.66
CA CYS D 671 68.83 5.99 -53.62
C CYS D 671 68.72 6.52 -55.03
N SER D 672 69.36 5.82 -55.96
CA SER D 672 69.22 6.14 -57.37
C SER D 672 67.85 5.69 -57.86
N ILE D 673 66.91 6.64 -57.92
CA ILE D 673 65.52 6.34 -58.20
C ILE D 673 65.23 6.28 -59.70
N ASP D 674 66.20 6.67 -60.54
CA ASP D 674 66.02 6.65 -61.98
C ASP D 674 66.26 5.29 -62.60
N LYS D 675 66.68 4.30 -61.81
CA LYS D 675 66.95 2.96 -62.32
C LYS D 675 65.75 2.03 -62.16
N ILE D 676 64.89 2.28 -61.19
CA ILE D 676 63.70 1.48 -60.96
C ILE D 676 62.78 1.61 -62.16
N ARG D 677 62.22 0.50 -62.61
CA ARG D 677 61.34 0.51 -63.77
C ARG D 677 60.07 1.31 -63.48
N PHE D 678 59.63 2.09 -64.47
CA PHE D 678 58.46 2.95 -64.34
C PHE D 678 57.36 2.42 -65.27
N GLY D 679 56.57 1.48 -64.77
CA GLY D 679 55.52 0.86 -65.56
C GLY D 679 54.21 1.63 -65.50
N GLU D 680 53.23 1.13 -66.27
CA GLU D 680 51.94 1.78 -66.43
C GLU D 680 52.12 3.24 -66.86
N GLN D 681 52.99 3.45 -67.84
CA GLN D 681 53.39 4.80 -68.21
C GLN D 681 52.22 5.61 -68.79
N GLU D 682 51.32 4.96 -69.52
CA GLU D 682 50.20 5.69 -70.10
C GLU D 682 49.28 6.26 -69.03
N LYS D 683 49.00 5.47 -67.99
CA LYS D 683 48.20 5.96 -66.87
C LYS D 683 48.87 7.13 -66.17
N ILE D 684 50.18 7.02 -65.94
CA ILE D 684 50.94 8.13 -65.38
C ILE D 684 50.79 9.36 -66.25
N GLU D 685 50.95 9.20 -67.56
CA GLU D 685 50.93 10.35 -68.47
C GLU D 685 49.58 11.04 -68.46
N GLU D 686 48.49 10.27 -68.50
CA GLU D 686 47.17 10.91 -68.43
C GLU D 686 46.95 11.54 -67.07
N TYR D 687 47.58 11.00 -66.03
CA TYR D 687 47.49 11.62 -64.71
C TYR D 687 48.12 13.01 -64.71
N LEU D 688 49.35 13.13 -65.22
CA LEU D 688 49.94 14.47 -65.24
C LEU D 688 49.28 15.37 -66.28
N VAL D 689 48.68 14.78 -67.31
CA VAL D 689 47.89 15.58 -68.25
C VAL D 689 46.70 16.19 -67.51
N GLY D 690 46.04 15.40 -66.67
CA GLY D 690 44.97 15.94 -65.85
C GLY D 690 45.45 17.03 -64.91
N ILE D 691 46.61 16.83 -64.29
CA ILE D 691 47.17 17.85 -63.40
C ILE D 691 47.44 19.14 -64.18
N ALA D 692 48.06 19.02 -65.35
CA ALA D 692 48.38 20.21 -66.14
C ALA D 692 47.14 20.93 -66.62
N GLU D 693 46.13 20.18 -67.08
CA GLU D 693 44.90 20.84 -67.52
C GLU D 693 44.18 21.50 -66.35
N GLU D 694 44.22 20.88 -65.16
CA GLU D 694 43.62 21.49 -63.98
C GLU D 694 44.30 22.81 -63.63
N ILE D 695 45.64 22.81 -63.60
CA ILE D 695 46.33 24.04 -63.20
C ILE D 695 46.16 25.12 -64.25
N THR D 696 46.19 24.75 -65.54
CA THR D 696 45.94 25.75 -66.59
C THR D 696 44.53 26.31 -66.49
N LYS D 697 43.53 25.44 -66.30
CA LYS D 697 42.15 25.91 -66.19
C LYS D 697 41.98 26.84 -64.99
N GLN D 698 42.61 26.51 -63.86
CA GLN D 698 42.51 27.33 -62.68
C GLN D 698 43.17 28.70 -62.87
N PHE D 699 44.48 28.70 -63.16
CA PHE D 699 45.23 29.95 -63.10
C PHE D 699 45.19 30.72 -64.41
N SER D 700 44.55 30.17 -65.45
CA SER D 700 44.45 30.90 -66.71
C SER D 700 43.43 32.02 -66.60
N ALA D 701 42.32 31.79 -65.90
CA ALA D 701 41.23 32.76 -65.81
C ALA D 701 40.77 32.87 -64.36
N ASN D 702 40.65 34.10 -63.88
CA ASN D 702 40.00 34.41 -62.60
C ASN D 702 40.71 33.74 -61.42
N GLY D 703 41.98 34.08 -61.25
CA GLY D 703 42.69 33.70 -60.04
C GLY D 703 42.70 32.21 -59.79
N MET D 704 42.39 31.82 -58.56
CA MET D 704 42.35 30.41 -58.16
C MET D 704 41.40 30.25 -56.99
N ASN D 705 41.02 29.01 -56.73
CA ASN D 705 40.30 28.68 -55.50
C ASN D 705 41.32 28.42 -54.40
N VAL D 706 41.40 29.33 -53.43
CA VAL D 706 42.51 29.32 -52.49
C VAL D 706 42.49 28.06 -51.62
N VAL D 707 41.29 27.63 -51.20
CA VAL D 707 41.21 26.40 -50.41
C VAL D 707 41.60 25.20 -51.26
N PHE D 708 41.18 25.19 -52.53
CA PHE D 708 41.70 24.20 -53.48
C PHE D 708 43.20 24.38 -53.70
N TYR D 709 43.65 25.64 -53.77
CA TYR D 709 45.04 25.94 -54.08
C TYR D 709 45.98 25.33 -53.05
N THR D 710 45.70 25.57 -51.76
CA THR D 710 46.58 25.07 -50.71
C THR D 710 46.67 23.55 -50.70
N GLN D 711 45.55 22.88 -50.96
CA GLN D 711 45.55 21.41 -50.95
C GLN D 711 46.23 20.83 -52.19
N PHE D 712 46.10 21.49 -53.34
CA PHE D 712 46.49 20.88 -54.60
C PHE D 712 47.88 21.30 -55.09
N ILE D 713 48.39 22.46 -54.67
CA ILE D 713 49.66 22.93 -55.21
C ILE D 713 50.84 22.05 -54.78
N SER D 714 50.81 21.51 -53.56
CA SER D 714 51.90 20.62 -53.14
C SER D 714 51.95 19.37 -54.01
N GLU D 715 50.78 18.76 -54.28
CA GLU D 715 50.71 17.61 -55.16
C GLU D 715 51.16 17.95 -56.57
N ALA D 716 50.73 19.09 -57.10
CA ALA D 716 51.15 19.48 -58.45
C ALA D 716 52.67 19.66 -58.51
N LYS D 717 53.24 20.33 -57.51
CA LYS D 717 54.69 20.53 -57.47
C LYS D 717 55.42 19.20 -57.39
N ALA D 718 54.98 18.30 -56.52
CA ALA D 718 55.65 17.01 -56.38
C ALA D 718 55.58 16.21 -57.67
N ALA D 719 54.40 16.18 -58.31
CA ALA D 719 54.25 15.41 -59.54
C ALA D 719 55.13 15.98 -60.65
N LEU D 720 55.08 17.30 -60.86
CA LEU D 720 55.89 17.91 -61.91
C LEU D 720 57.39 17.79 -61.63
N TYR D 721 57.79 17.82 -60.36
CA TYR D 721 59.20 17.62 -60.04
C TYR D 721 59.64 16.20 -60.32
N PHE D 722 58.89 15.21 -59.83
CA PHE D 722 59.32 13.81 -59.89
C PHE D 722 58.94 13.17 -61.22
N ALA D 723 58.33 13.92 -62.13
CA ALA D 723 58.10 13.48 -63.50
C ALA D 723 59.37 13.25 -64.31
N LYS D 724 60.56 13.42 -63.72
CA LYS D 724 61.81 13.19 -64.45
C LYS D 724 61.89 11.79 -65.04
N TYR D 725 61.21 10.82 -64.43
CA TYR D 725 61.49 9.42 -64.69
C TYR D 725 60.44 8.75 -65.57
N VAL D 726 59.56 9.53 -66.21
CA VAL D 726 58.52 8.99 -67.09
C VAL D 726 58.71 9.59 -68.48
N LYS D 727 58.28 8.84 -69.48
CA LYS D 727 58.40 9.25 -70.87
C LYS D 727 57.04 9.76 -71.36
N LEU D 728 56.92 11.08 -71.47
CA LEU D 728 55.68 11.72 -71.89
C LEU D 728 55.73 12.00 -73.38
N SER D 729 54.61 11.77 -74.07
CA SER D 729 54.54 12.04 -75.50
C SER D 729 54.67 13.53 -75.78
N GLU D 730 54.83 13.90 -77.06
CA GLU D 730 55.09 15.29 -77.39
C GLU D 730 53.94 16.20 -76.99
N GLU D 731 52.70 15.76 -77.21
CA GLU D 731 51.55 16.59 -76.84
C GLU D 731 51.45 16.74 -75.32
N GLY D 732 51.56 15.63 -74.59
CA GLY D 732 51.51 15.70 -73.14
C GLY D 732 52.65 16.50 -72.56
N LEU D 733 53.87 16.29 -73.07
CA LEU D 733 55.01 17.07 -72.60
C LEU D 733 54.81 18.55 -72.90
N GLY D 734 54.27 18.87 -74.08
CA GLY D 734 54.05 20.26 -74.42
C GLY D 734 53.05 20.94 -73.51
N LYS D 735 51.92 20.27 -73.24
CA LYS D 735 50.94 20.87 -72.35
C LYS D 735 51.47 20.96 -70.92
N ILE D 736 52.26 19.98 -70.50
CA ILE D 736 52.88 20.03 -69.17
C ILE D 736 53.81 21.22 -69.07
N VAL D 737 54.64 21.44 -70.08
CA VAL D 737 55.57 22.56 -70.06
C VAL D 737 54.83 23.89 -70.10
N LYS D 738 53.75 23.96 -70.90
CA LYS D 738 52.96 25.18 -70.95
C LYS D 738 52.34 25.51 -69.60
N ALA D 739 51.81 24.48 -68.92
CA ALA D 739 51.30 24.69 -67.56
C ALA D 739 52.41 25.08 -66.60
N LEU D 740 53.60 24.48 -66.77
CA LEU D 740 54.70 24.70 -65.85
C LEU D 740 55.24 26.13 -65.94
N LEU D 741 55.34 26.67 -67.15
CA LEU D 741 56.00 27.96 -67.33
C LEU D 741 55.01 29.13 -67.23
N PHE D 742 54.02 29.15 -68.12
CA PHE D 742 53.12 30.30 -68.21
C PHE D 742 52.15 30.37 -67.03
N TYR D 743 51.54 29.25 -66.67
CA TYR D 743 50.36 29.27 -65.81
C TYR D 743 50.61 28.82 -64.38
N PHE D 744 51.80 28.34 -64.05
CA PHE D 744 52.06 27.94 -62.68
C PHE D 744 52.33 29.20 -61.86
N PRO D 745 51.82 29.27 -60.62
CA PRO D 745 52.00 30.50 -59.82
C PRO D 745 53.48 30.86 -59.60
N GLU D 746 53.75 32.15 -59.58
CA GLU D 746 55.12 32.63 -59.40
C GLU D 746 55.61 32.39 -57.98
N ARG D 747 54.72 32.41 -56.99
CA ARG D 747 55.14 32.32 -55.59
C ARG D 747 55.77 30.98 -55.28
N ASP D 748 55.21 29.89 -55.81
CA ASP D 748 55.71 28.56 -55.47
C ASP D 748 56.95 28.21 -56.30
N LEU D 749 56.87 28.42 -57.61
CA LEU D 749 57.98 28.16 -58.53
C LEU D 749 58.60 29.48 -58.93
N ASP D 750 59.84 29.70 -58.50
CA ASP D 750 60.60 30.86 -58.96
C ASP D 750 61.20 30.54 -60.33
N ILE D 751 61.87 31.52 -60.93
CA ILE D 751 62.42 31.34 -62.28
C ILE D 751 63.43 30.20 -62.28
N GLY D 752 64.37 30.21 -61.34
CA GLY D 752 65.38 29.16 -61.31
C GLY D 752 64.80 27.80 -60.96
N LYS D 753 63.88 27.77 -59.99
CA LYS D 753 63.33 26.49 -59.55
C LYS D 753 62.36 25.92 -60.58
N ARG D 754 61.54 26.78 -61.20
CA ARG D 754 60.71 26.31 -62.32
C ARG D 754 61.59 25.85 -63.48
N TYR D 755 62.71 26.54 -63.71
CA TYR D 755 63.66 26.08 -64.71
C TYR D 755 64.22 24.70 -64.37
N VAL D 756 64.50 24.46 -63.10
CA VAL D 756 64.96 23.14 -62.66
C VAL D 756 63.91 22.09 -62.95
N TRP D 757 62.64 22.42 -62.66
CA TRP D 757 61.55 21.51 -63.00
C TRP D 757 61.53 21.20 -64.49
N LEU D 758 61.69 22.23 -65.31
CA LEU D 758 61.66 22.05 -66.77
C LEU D 758 62.83 21.20 -67.25
N GLU D 759 64.04 21.50 -66.76
CA GLU D 759 65.22 20.75 -67.18
C GLU D 759 65.19 19.31 -66.65
N ARG D 760 64.47 19.08 -65.55
CA ARG D 760 64.30 17.71 -65.07
C ARG D 760 63.30 16.96 -65.94
N LEU D 761 62.23 17.63 -66.36
CA LEU D 761 61.35 17.05 -67.37
C LEU D 761 62.12 16.76 -68.65
N THR D 762 63.13 17.57 -68.95
CA THR D 762 63.94 17.41 -70.15
C THR D 762 64.80 16.14 -70.12
N LYS D 763 65.01 15.54 -68.94
CA LYS D 763 65.91 14.39 -68.85
C LYS D 763 65.40 13.23 -69.69
N CYS D 764 64.22 12.71 -69.34
CA CYS D 764 63.70 11.53 -70.01
C CYS D 764 63.36 11.82 -71.47
N ASN D 765 62.81 12.99 -71.75
CA ASN D 765 62.40 13.37 -73.10
C ASN D 765 63.24 14.53 -73.59
N GLU D 766 63.95 14.32 -74.70
CA GLU D 766 64.73 15.37 -75.32
C GLU D 766 63.80 16.45 -75.87
N LEU D 767 64.33 17.68 -75.92
CA LEU D 767 63.51 18.83 -76.26
C LEU D 767 63.01 18.74 -77.70
N PRO D 768 61.70 18.76 -77.94
CA PRO D 768 61.19 18.88 -79.32
C PRO D 768 61.03 20.34 -79.71
N LYS D 769 60.84 20.59 -81.01
CA LYS D 769 60.59 21.95 -81.48
C LYS D 769 59.38 22.59 -80.82
N SER D 770 58.33 21.80 -80.56
CA SER D 770 57.14 22.34 -79.93
C SER D 770 57.44 22.88 -78.54
N ILE D 771 58.21 22.14 -77.75
CA ILE D 771 58.57 22.59 -76.41
C ILE D 771 59.50 23.81 -76.49
N ILE D 772 60.40 23.81 -77.48
CA ILE D 772 61.27 24.97 -77.67
C ILE D 772 60.47 26.22 -77.98
N SER D 773 59.35 26.08 -78.70
CA SER D 773 58.50 27.25 -78.95
C SER D 773 57.90 27.78 -77.64
N ILE D 774 57.50 26.88 -76.73
CA ILE D 774 56.97 27.31 -75.44
C ILE D 774 58.05 28.01 -74.64
N ILE D 775 59.26 27.48 -74.64
CA ILE D 775 60.36 28.16 -73.96
C ILE D 775 60.62 29.52 -74.61
N ASP D 776 60.49 29.59 -75.93
CA ASP D 776 60.76 30.83 -76.65
C ASP D 776 59.78 31.93 -76.25
N ASP D 777 58.48 31.64 -76.31
CA ASP D 777 57.54 32.70 -75.95
C ASP D 777 57.47 32.92 -74.44
N PHE D 778 57.88 31.96 -73.62
CA PHE D 778 58.09 32.25 -72.20
C PHE D 778 59.21 33.26 -72.01
N LEU D 779 60.31 33.10 -72.73
CA LEU D 779 61.39 34.09 -72.68
C LEU D 779 60.93 35.44 -73.22
N VAL D 780 60.10 35.43 -74.26
CA VAL D 780 59.56 36.68 -74.80
C VAL D 780 58.70 37.39 -73.76
N LEU D 781 57.84 36.64 -73.05
CA LEU D 781 57.05 37.23 -71.99
C LEU D 781 57.92 37.78 -70.88
N GLN D 782 58.97 37.05 -70.51
CA GLN D 782 59.89 37.52 -69.48
C GLN D 782 60.56 38.82 -69.91
N ALA D 783 60.95 38.90 -71.18
CA ALA D 783 61.52 40.15 -71.70
C ALA D 783 60.50 41.28 -71.66
N GLU D 784 59.24 40.96 -71.95
CA GLU D 784 58.19 41.97 -71.86
C GLU D 784 58.06 42.50 -70.43
N LYS D 785 58.12 41.61 -69.44
CA LYS D 785 58.02 42.03 -68.04
C LYS D 785 59.22 42.85 -67.58
N HIS D 786 60.34 42.79 -68.30
CA HIS D 786 61.55 43.50 -67.90
C HIS D 786 61.56 44.93 -68.43
N ILE D 787 60.47 45.66 -68.20
CA ILE D 787 60.39 47.05 -68.61
C ILE D 787 60.57 48.03 -67.45
N ASP D 788 59.81 47.88 -66.37
CA ASP D 788 60.00 48.73 -65.20
C ASP D 788 61.34 48.41 -64.55
N GLN D 789 62.04 49.47 -64.11
CA GLN D 789 63.37 49.28 -63.54
C GLN D 789 63.33 48.53 -62.22
N ASN D 790 62.18 48.52 -61.54
CA ASN D 790 62.07 47.81 -60.28
C ASN D 790 62.11 46.30 -60.48
N TYR D 791 61.53 45.81 -61.57
CA TYR D 791 61.41 44.37 -61.78
C TYR D 791 62.77 43.76 -62.12
N SER D 792 63.12 42.70 -61.42
CA SER D 792 64.30 41.89 -61.73
C SER D 792 64.01 40.47 -61.26
N GLU D 793 64.10 39.52 -62.18
CA GLU D 793 63.76 38.13 -61.85
C GLU D 793 64.72 37.61 -60.79
N VAL D 794 64.15 37.22 -59.64
CA VAL D 794 64.91 36.68 -58.52
C VAL D 794 64.54 35.21 -58.37
N SER D 795 65.55 34.37 -58.12
CA SER D 795 65.36 32.93 -58.08
C SER D 795 66.09 32.36 -56.87
N SER D 796 65.41 31.46 -56.15
CA SER D 796 66.06 30.80 -55.02
C SER D 796 67.16 29.86 -55.50
N ASN D 797 67.03 29.31 -56.71
CA ASN D 797 68.06 28.41 -57.21
C ASN D 797 69.30 29.16 -57.65
N GLY D 798 69.16 30.43 -58.02
CA GLY D 798 70.28 31.21 -58.51
C GLY D 798 70.48 31.16 -60.00
N LEU D 799 69.53 30.59 -60.75
CA LEU D 799 69.62 30.46 -62.20
C LEU D 799 68.44 31.18 -62.83
N TYR D 800 68.61 31.61 -64.08
CA TYR D 800 67.68 32.58 -64.65
C TYR D 800 67.31 32.29 -66.10
N SER D 801 66.71 33.27 -66.78
CA SER D 801 66.24 33.07 -68.15
C SER D 801 67.38 32.76 -69.10
N ARG D 802 68.59 33.24 -68.78
CA ARG D 802 69.76 32.88 -69.58
C ARG D 802 69.96 31.38 -69.59
N ASP D 803 69.52 30.69 -68.54
CA ASP D 803 69.62 29.23 -68.52
C ASP D 803 68.59 28.60 -69.45
N TYR D 804 67.40 29.20 -69.57
CA TYR D 804 66.47 28.75 -70.60
C TYR D 804 67.06 28.92 -71.99
N GLY D 805 67.69 30.07 -72.24
CA GLY D 805 68.35 30.28 -73.52
C GLY D 805 69.45 29.29 -73.78
N ALA D 806 70.25 28.99 -72.75
CA ALA D 806 71.30 28.00 -72.88
C ALA D 806 70.74 26.61 -73.14
N LEU D 807 69.60 26.27 -72.52
CA LEU D 807 68.92 25.01 -72.79
C LEU D 807 68.50 24.93 -74.26
N ILE D 808 67.90 26.00 -74.77
CA ILE D 808 67.45 26.01 -76.16
C ILE D 808 68.64 25.86 -77.10
N LYS D 809 69.72 26.60 -76.85
CA LYS D 809 70.90 26.51 -77.71
C LYS D 809 71.55 25.14 -77.62
N HIS D 810 71.59 24.56 -76.41
CA HIS D 810 72.14 23.22 -76.24
C HIS D 810 71.36 22.18 -77.00
N PHE D 811 70.03 22.32 -77.09
CA PHE D 811 69.23 21.32 -77.78
C PHE D 811 69.01 21.62 -79.26
N GLU D 812 69.35 22.81 -79.75
CA GLU D 812 69.28 23.06 -81.19
C GLU D 812 70.62 23.48 -81.79
N LYS D 813 71.32 24.42 -81.17
CA LYS D 813 72.60 24.99 -81.61
C LYS D 813 72.47 25.85 -82.86
N ASN D 814 71.27 26.02 -83.41
CA ASN D 814 71.05 26.90 -84.54
C ASN D 814 69.76 27.69 -84.42
N PHE D 815 69.12 27.68 -83.25
CA PHE D 815 67.85 28.38 -83.08
C PHE D 815 68.06 29.89 -83.13
N ILE D 816 67.12 30.57 -83.80
CA ILE D 816 67.06 32.03 -83.81
C ILE D 816 65.66 32.42 -83.36
N SER D 817 65.60 33.15 -82.25
CA SER D 817 64.32 33.57 -81.67
C SER D 817 63.83 34.82 -82.40
N LYS D 818 62.67 34.72 -83.04
CA LYS D 818 62.19 35.83 -83.87
C LYS D 818 61.71 37.00 -83.02
N ARG D 819 60.93 36.72 -81.97
CA ARG D 819 60.30 37.80 -81.21
C ARG D 819 61.30 38.55 -80.34
N LEU D 820 62.21 37.83 -79.68
CA LEU D 820 63.24 38.50 -78.91
C LEU D 820 64.18 39.30 -79.81
N SER D 821 64.45 38.80 -81.02
CA SER D 821 65.24 39.57 -81.98
C SER D 821 64.48 40.82 -82.43
N GLU D 822 63.16 40.72 -82.58
CA GLU D 822 62.36 41.89 -82.92
C GLU D 822 62.45 42.94 -81.81
N ILE D 823 62.33 42.50 -80.55
CA ILE D 823 62.44 43.42 -79.43
C ILE D 823 63.85 44.02 -79.38
N THR D 824 64.86 43.21 -79.71
CA THR D 824 66.23 43.71 -79.73
C THR D 824 66.41 44.80 -80.77
N LEU D 825 65.85 44.58 -81.97
CA LEU D 825 65.85 45.64 -82.99
C LEU D 825 65.05 46.84 -82.51
N CYS D 826 64.09 46.62 -81.61
CA CYS D 826 63.29 47.70 -81.05
C CYS D 826 63.98 48.41 -79.88
N LEU D 827 65.03 47.82 -79.30
CA LEU D 827 65.63 48.37 -78.10
C LEU D 827 66.21 49.77 -78.33
N THR D 828 66.09 50.61 -77.32
CA THR D 828 66.74 51.91 -77.26
C THR D 828 67.57 51.99 -75.98
N GLN D 829 68.32 53.08 -75.86
CA GLN D 829 69.16 53.26 -74.67
C GLN D 829 68.33 53.50 -73.42
N ASP D 830 67.07 53.93 -73.57
CA ASP D 830 66.25 54.29 -72.41
C ASP D 830 65.99 53.09 -71.52
N LYS D 831 65.64 51.94 -72.11
CA LYS D 831 65.28 50.76 -71.34
C LYS D 831 66.53 49.91 -71.13
N GLN D 832 67.27 50.24 -70.07
CA GLN D 832 68.50 49.50 -69.77
C GLN D 832 68.20 48.10 -69.26
N LYS D 833 67.07 47.92 -68.55
CA LYS D 833 66.73 46.60 -68.03
C LYS D 833 66.52 45.59 -69.14
N GLN D 834 65.78 45.98 -70.19
CA GLN D 834 65.66 45.09 -71.34
C GLN D 834 67.00 44.88 -72.01
N ILE D 835 67.86 45.90 -72.03
CA ILE D 835 69.15 45.77 -72.69
C ILE D 835 70.00 44.70 -72.02
N ASP D 836 70.15 44.78 -70.70
CA ASP D 836 70.98 43.79 -70.03
C ASP D 836 70.23 42.50 -69.69
N PHE D 837 68.93 42.43 -69.98
CA PHE D 837 68.26 41.13 -70.00
C PHE D 837 68.52 40.40 -71.31
N LEU D 838 68.32 41.09 -72.44
CA LEU D 838 68.62 40.51 -73.74
C LEU D 838 70.11 40.26 -73.94
N PHE D 839 70.96 40.93 -73.16
CA PHE D 839 72.39 40.63 -73.20
C PHE D 839 72.64 39.17 -72.83
N LYS D 840 71.95 38.69 -71.79
CA LYS D 840 72.07 37.29 -71.38
C LYS D 840 71.47 36.34 -72.41
N LEU D 841 70.59 36.83 -73.28
CA LEU D 841 69.97 36.03 -74.32
C LEU D 841 70.55 36.33 -75.70
N LEU D 842 71.80 36.79 -75.76
CA LEU D 842 72.42 37.13 -77.04
C LEU D 842 72.49 35.97 -78.03
N PRO D 843 72.86 34.74 -77.64
CA PRO D 843 72.90 33.65 -78.64
C PRO D 843 71.55 33.38 -79.30
N LEU D 844 70.44 33.66 -78.63
CA LEU D 844 69.13 33.48 -79.24
C LEU D 844 68.84 34.53 -80.30
N LEU D 845 69.45 35.71 -80.18
CA LEU D 845 69.16 36.82 -81.08
C LEU D 845 69.82 36.62 -82.44
N SER D 846 69.24 37.25 -83.46
CA SER D 846 69.83 37.23 -84.78
C SER D 846 71.04 38.15 -84.85
N THR D 847 71.82 38.00 -85.91
CA THR D 847 73.07 38.76 -86.04
C THR D 847 72.80 40.26 -86.10
N ASN D 848 71.73 40.68 -86.78
CA ASN D 848 71.31 42.07 -86.74
C ASN D 848 70.92 42.48 -85.33
N ALA D 849 70.16 41.62 -84.65
CA ALA D 849 69.82 41.86 -83.26
C ALA D 849 71.07 41.85 -82.38
N LYS D 850 72.02 40.96 -82.68
CA LYS D 850 73.28 40.94 -81.94
C LYS D 850 74.00 42.27 -82.04
N SER D 851 74.13 42.81 -83.26
CA SER D 851 74.80 44.09 -83.45
C SER D 851 74.03 45.22 -82.78
N HIS D 852 72.70 45.21 -82.91
CA HIS D 852 71.89 46.27 -82.30
C HIS D 852 72.03 46.26 -80.78
N LEU D 853 72.05 45.07 -80.18
CA LEU D 853 72.22 44.98 -78.72
C LEU D 853 73.63 45.38 -78.30
N LEU D 854 74.65 44.92 -79.03
CA LEU D 854 76.03 45.23 -78.69
C LEU D 854 76.37 46.70 -78.92
N SER D 855 75.57 47.43 -79.70
CA SER D 855 75.80 48.85 -79.87
C SER D 855 75.68 49.59 -78.54
N PHE D 856 74.67 49.26 -77.73
CA PHE D 856 74.51 49.86 -76.42
C PHE D 856 75.18 49.06 -75.31
N LYS D 857 75.64 47.86 -75.57
CA LYS D 857 76.18 46.99 -74.53
C LYS D 857 77.66 47.27 -74.32
N SER D 858 78.04 47.53 -73.07
CA SER D 858 79.42 47.75 -72.69
C SER D 858 79.71 46.98 -71.41
N VAL D 859 80.94 46.49 -71.29
CA VAL D 859 81.35 45.75 -70.08
C VAL D 859 81.74 46.81 -69.07
N GLU D 860 80.75 47.25 -68.29
CA GLU D 860 80.99 48.30 -67.33
C GLU D 860 81.46 47.75 -65.99
N ASN D 861 80.95 46.60 -65.57
CA ASN D 861 81.24 46.05 -64.26
C ASN D 861 81.60 44.58 -64.38
N ILE D 862 81.74 43.94 -63.22
CA ILE D 862 82.14 42.54 -63.18
C ILE D 862 81.04 41.64 -63.71
N ASN D 863 79.80 41.89 -63.29
CA ASN D 863 78.66 41.05 -63.67
C ASN D 863 78.45 41.08 -65.18
N ASP D 864 78.71 42.22 -65.80
CA ASP D 864 78.62 42.32 -67.26
C ASP D 864 79.63 41.40 -67.92
N LEU D 865 80.85 41.33 -67.38
CA LEU D 865 81.86 40.43 -67.95
C LEU D 865 81.45 38.97 -67.77
N MET D 866 80.87 38.62 -66.62
CA MET D 866 80.37 37.26 -66.45
C MET D 866 79.24 36.93 -67.43
N ASN D 867 78.33 37.88 -67.67
CA ASN D 867 77.28 37.65 -68.67
C ASN D 867 77.88 37.48 -70.05
N GLY D 868 78.85 38.33 -70.41
CA GLY D 868 79.49 38.21 -71.71
C GLY D 868 80.21 36.88 -71.89
N ILE D 869 80.89 36.42 -70.85
CA ILE D 869 81.55 35.12 -70.92
C ILE D 869 80.50 34.00 -71.04
N ARG D 870 79.42 34.08 -70.25
CA ARG D 870 78.43 33.02 -70.27
C ARG D 870 77.76 32.89 -71.63
N ILE D 871 77.39 34.02 -72.23
CA ILE D 871 76.75 33.96 -73.55
C ILE D 871 77.75 33.54 -74.62
N GLY D 872 79.04 33.70 -74.37
CA GLY D 872 80.07 33.36 -75.33
C GLY D 872 80.65 34.51 -76.10
N LEU D 873 80.31 35.76 -75.75
CA LEU D 873 80.88 36.91 -76.43
C LEU D 873 82.38 37.02 -76.19
N ILE D 874 82.85 36.61 -75.01
CA ILE D 874 84.26 36.68 -74.66
C ILE D 874 84.84 35.27 -74.74
N ASP D 875 85.85 35.09 -75.60
CA ASP D 875 86.58 33.85 -75.68
C ASP D 875 88.04 33.97 -75.25
N GLU D 876 88.60 35.17 -75.27
CA GLU D 876 89.93 35.42 -74.72
C GLU D 876 89.92 36.78 -74.05
N PHE D 877 90.60 36.88 -72.91
CA PHE D 877 90.57 38.08 -72.10
C PHE D 877 91.38 39.19 -72.76
N THR D 878 90.70 40.24 -73.22
CA THR D 878 91.38 41.43 -73.69
C THR D 878 91.94 42.21 -72.49
N PRO D 879 92.99 43.01 -72.70
CA PRO D 879 93.62 43.70 -71.56
C PRO D 879 92.67 44.57 -70.76
N GLU D 880 91.61 45.08 -71.39
CA GLU D 880 90.60 45.84 -70.64
C GLU D 880 89.96 44.96 -69.57
N HIS D 881 89.77 43.67 -69.87
CA HIS D 881 89.21 42.75 -68.88
C HIS D 881 90.18 42.51 -67.72
N GLU D 882 91.48 42.40 -68.02
CA GLU D 882 92.47 42.34 -66.95
C GLU D 882 92.40 43.59 -66.08
N GLU D 883 92.30 44.77 -66.71
CA GLU D 883 92.21 46.00 -65.94
C GLU D 883 90.97 46.00 -65.05
N LEU D 884 89.82 45.58 -65.60
CA LEU D 884 88.59 45.57 -64.81
C LEU D 884 88.67 44.60 -63.64
N ILE D 885 89.18 43.39 -63.88
CA ILE D 885 89.27 42.39 -62.82
C ILE D 885 90.22 42.86 -61.73
N ILE D 886 91.38 43.41 -62.13
CA ILE D 886 92.35 43.87 -61.16
C ILE D 886 91.80 45.06 -60.37
N GLU D 887 91.07 45.97 -61.03
CA GLU D 887 90.46 47.09 -60.31
C GLU D 887 89.41 46.63 -59.32
N TYR D 888 88.59 45.64 -59.71
CA TYR D 888 87.60 45.12 -58.78
C TYR D 888 88.27 44.47 -57.58
N LEU D 889 89.37 43.74 -57.81
CA LEU D 889 90.09 43.14 -56.70
C LEU D 889 90.73 44.20 -55.81
N GLU D 890 91.22 45.29 -56.41
CA GLU D 890 91.69 46.43 -55.62
C GLU D 890 90.58 46.96 -54.72
N THR D 891 89.38 47.13 -55.29
CA THR D 891 88.26 47.64 -54.51
C THR D 891 87.88 46.67 -53.39
N ARG D 892 87.89 45.37 -53.67
CA ARG D 892 87.58 44.37 -52.66
C ARG D 892 88.60 44.42 -51.52
N LYS D 893 89.88 44.54 -51.86
CA LYS D 893 90.91 44.65 -50.82
C LYS D 893 90.75 45.93 -50.02
N VAL D 894 90.42 47.03 -50.69
CA VAL D 894 90.26 48.32 -50.00
C VAL D 894 89.11 48.26 -49.01
N ASN D 895 87.97 47.71 -49.42
CA ASN D 895 86.83 47.60 -48.51
C ASN D 895 87.03 46.49 -47.48
N TYR D 896 87.95 45.56 -47.73
CA TYR D 896 88.30 44.57 -46.71
C TYR D 896 89.01 45.24 -45.54
N ILE D 897 89.98 46.11 -45.83
CA ILE D 897 90.73 46.79 -44.80
C ILE D 897 89.97 48.01 -44.29
N GLY D 903 86.84 45.55 -36.52
CA GLY D 903 87.55 44.28 -36.58
C GLY D 903 86.63 43.12 -36.90
N ILE D 904 85.97 43.19 -38.05
CA ILE D 904 85.06 42.15 -38.51
C ILE D 904 85.32 41.91 -39.99
N GLN D 905 85.05 40.67 -40.43
CA GLN D 905 85.33 40.25 -41.79
C GLN D 905 84.07 39.67 -42.42
N THR D 906 83.89 39.94 -43.71
CA THR D 906 82.70 39.53 -44.45
C THR D 906 83.04 38.35 -45.33
N PHE D 907 82.12 37.40 -45.44
CA PHE D 907 82.18 36.35 -46.44
C PHE D 907 80.81 36.23 -47.08
N SER D 908 80.70 36.64 -48.34
CA SER D 908 79.45 36.55 -49.06
C SER D 908 79.47 35.37 -50.03
N SER D 909 78.34 35.15 -50.70
CA SER D 909 78.22 34.09 -51.70
C SER D 909 78.34 34.64 -53.12
N ASN D 910 79.09 35.74 -53.29
CA ASN D 910 79.25 36.32 -54.63
C ASN D 910 79.98 35.36 -55.57
N ASP D 911 80.98 34.66 -55.06
CA ASP D 911 81.71 33.61 -55.78
C ASP D 911 82.45 34.16 -57.00
N TYR D 912 82.94 35.39 -56.94
CA TYR D 912 83.72 35.95 -58.02
C TYR D 912 85.22 35.73 -57.81
N MET D 913 85.66 35.84 -56.55
CA MET D 913 87.07 35.65 -56.23
C MET D 913 87.52 34.23 -56.57
N SER D 914 86.66 33.25 -56.32
CA SER D 914 86.96 31.88 -56.70
C SER D 914 87.08 31.74 -58.22
N THR D 915 86.20 32.42 -58.97
CA THR D 915 86.32 32.38 -60.43
C THR D 915 87.64 32.96 -60.90
N PHE D 916 88.06 34.09 -60.30
CA PHE D 916 89.35 34.67 -60.67
C PHE D 916 90.50 33.72 -60.33
N GLY D 917 90.44 33.08 -59.16
CA GLY D 917 91.49 32.15 -58.79
C GLY D 917 91.57 30.96 -59.73
N ILE D 918 90.40 30.40 -60.10
CA ILE D 918 90.38 29.27 -61.02
C ILE D 918 90.88 29.69 -62.39
N TRP D 919 90.53 30.89 -62.83
CA TRP D 919 91.05 31.41 -64.09
C TRP D 919 92.58 31.50 -64.05
N TYR D 920 93.12 31.97 -62.93
CA TYR D 920 94.57 32.01 -62.79
C TYR D 920 95.17 30.61 -62.81
N PHE D 921 94.49 29.64 -62.19
CA PHE D 921 94.99 28.27 -62.15
C PHE D 921 95.00 27.64 -63.54
N LEU D 922 93.94 27.83 -64.32
CA LEU D 922 93.83 27.23 -65.65
C LEU D 922 94.57 28.03 -66.71
N GLU D 923 95.44 28.95 -66.33
CA GLU D 923 96.24 29.79 -67.21
C GLU D 923 95.39 30.67 -68.12
N GLU D 924 94.09 30.80 -67.84
CA GLU D 924 93.25 31.69 -68.64
C GLU D 924 93.68 33.15 -68.47
N ILE D 925 94.03 33.53 -67.25
CA ILE D 925 94.58 34.85 -66.95
C ILE D 925 96.08 34.70 -66.76
N ASN D 926 96.86 35.49 -67.50
CA ASN D 926 98.32 35.37 -67.52
C ASN D 926 98.96 36.69 -67.08
N ASN D 927 98.41 37.28 -66.02
CA ASN D 927 98.97 38.49 -65.42
C ASN D 927 99.27 38.17 -63.96
N SER D 928 100.53 38.33 -63.57
CA SER D 928 100.99 37.91 -62.24
C SER D 928 100.88 39.03 -61.22
N LYS D 929 99.70 39.63 -61.11
CA LYS D 929 99.38 40.54 -60.02
C LYS D 929 98.39 39.93 -59.04
N MET D 930 97.91 38.71 -59.32
CA MET D 930 96.93 38.07 -58.46
C MET D 930 97.48 37.77 -57.06
N GLU D 931 98.78 37.46 -56.97
CA GLU D 931 99.37 37.06 -55.70
C GLU D 931 99.29 38.17 -54.65
N GLU D 932 99.11 39.42 -55.06
CA GLU D 932 98.91 40.50 -54.09
C GLU D 932 97.62 40.31 -53.32
N PHE D 933 96.56 39.85 -53.98
CA PHE D 933 95.25 39.70 -53.35
C PHE D 933 95.13 38.42 -52.53
N ILE D 934 96.24 37.77 -52.20
CA ILE D 934 96.18 36.50 -51.48
C ILE D 934 95.97 36.77 -50.00
N GLY D 935 94.91 36.15 -49.44
CA GLY D 935 94.65 36.22 -48.02
C GLY D 935 93.22 36.55 -47.64
N MET D 936 92.42 37.12 -48.54
CA MET D 936 91.08 37.54 -48.17
C MET D 936 90.15 36.34 -48.00
N ASP D 937 89.94 35.58 -49.07
CA ASP D 937 88.98 34.49 -49.04
C ASP D 937 89.62 33.25 -49.65
N ASP D 938 89.11 32.08 -49.26
CA ASP D 938 89.66 30.83 -49.72
C ASP D 938 89.10 30.46 -51.09
N GLN D 939 89.52 29.29 -51.59
CA GLN D 939 89.22 28.81 -52.93
C GLN D 939 89.83 29.74 -53.99
N TYR D 940 90.62 30.70 -53.53
CA TYR D 940 91.40 31.59 -54.37
C TYR D 940 92.88 31.31 -54.26
N ASP D 941 93.41 31.26 -53.03
CA ASP D 941 94.77 30.82 -52.80
C ASP D 941 94.96 29.36 -53.21
N PHE D 942 93.91 28.54 -53.06
CA PHE D 942 93.99 27.14 -53.44
C PHE D 942 94.32 26.99 -54.92
N PHE D 943 93.88 27.94 -55.75
CA PHE D 943 94.10 27.86 -57.18
C PHE D 943 95.26 28.73 -57.66
N VAL D 944 95.55 29.82 -56.96
CA VAL D 944 96.64 30.70 -57.37
C VAL D 944 97.99 30.12 -56.94
N ASP D 945 98.15 29.86 -55.65
CA ASP D 945 99.37 29.28 -55.09
C ASP D 945 98.99 28.09 -54.22
N PRO D 946 98.69 26.94 -54.84
CA PRO D 946 98.24 25.78 -54.04
C PRO D 946 99.28 25.27 -53.06
N GLU D 947 100.57 25.52 -53.32
CA GLU D 947 101.61 24.94 -52.48
C GLU D 947 101.54 25.46 -51.05
N ASN D 948 101.32 26.76 -50.88
CA ASN D 948 101.29 27.38 -49.55
C ASN D 948 99.87 27.65 -49.08
N PHE D 949 98.92 26.77 -49.40
CA PHE D 949 97.53 27.01 -49.08
C PHE D 949 97.17 26.64 -47.65
N ASP D 950 97.95 25.76 -46.99
CA ASP D 950 97.66 25.33 -45.63
C ASP D 950 96.27 24.70 -45.54
N TYR D 951 96.16 23.52 -46.15
CA TYR D 951 94.87 22.92 -46.50
C TYR D 951 94.01 22.57 -45.29
N LYS D 952 94.45 22.94 -44.08
CA LYS D 952 93.58 22.81 -42.92
C LYS D 952 92.30 23.61 -43.10
N LYS D 953 92.34 24.67 -43.89
CA LYS D 953 91.17 25.49 -44.21
C LYS D 953 90.44 25.01 -45.45
N PHE D 954 90.95 23.99 -46.15
CA PHE D 954 90.31 23.51 -47.36
C PHE D 954 88.96 22.88 -47.03
N ILE D 955 87.97 23.12 -47.87
CA ILE D 955 86.61 22.64 -47.69
C ILE D 955 86.31 21.63 -48.81
N PRO D 956 85.92 20.41 -48.48
CA PRO D 956 85.67 19.40 -49.53
C PRO D 956 84.56 19.78 -50.50
N SER D 957 83.57 20.55 -50.06
CA SER D 957 82.44 20.88 -50.93
C SER D 957 82.85 21.64 -52.18
N TRP D 958 83.98 22.36 -52.13
CA TRP D 958 84.49 23.03 -53.32
C TRP D 958 84.68 22.04 -54.46
N LEU D 959 85.13 20.83 -54.13
CA LEU D 959 85.36 19.80 -55.13
C LEU D 959 84.07 19.38 -55.84
N LYS D 960 82.92 19.60 -55.21
CA LYS D 960 81.65 19.37 -55.91
C LYS D 960 81.46 20.37 -57.04
N ASN D 961 81.90 21.61 -56.84
CA ASN D 961 81.59 22.68 -57.78
C ASN D 961 82.41 22.61 -59.06
N TYR D 962 83.42 21.75 -59.10
CA TYR D 962 84.30 21.71 -60.26
C TYR D 962 83.77 20.75 -61.33
N ASN D 963 84.24 20.96 -62.56
CA ASN D 963 83.81 20.19 -63.72
C ASN D 963 84.96 19.31 -64.21
N ASP D 964 84.73 18.61 -65.32
CA ASP D 964 85.68 17.61 -65.80
C ASP D 964 87.03 18.23 -66.14
N LYS D 965 87.02 19.37 -66.85
CA LYS D 965 88.29 20.00 -67.24
C LYS D 965 89.05 20.50 -66.01
N LEU D 966 88.36 21.22 -65.13
CA LEU D 966 88.99 21.73 -63.92
C LEU D 966 89.48 20.60 -63.03
N LEU D 967 88.66 19.55 -62.88
CA LEU D 967 89.06 18.41 -62.05
C LEU D 967 90.28 17.72 -62.63
N GLY D 968 90.32 17.54 -63.95
CA GLY D 968 91.47 16.92 -64.58
C GLY D 968 92.73 17.75 -64.42
N LYS D 969 92.60 19.09 -64.55
CA LYS D 969 93.76 19.95 -64.33
C LYS D 969 94.23 19.89 -62.88
N ILE D 970 93.30 19.85 -61.93
CA ILE D 970 93.67 19.72 -60.52
C ILE D 970 94.42 18.42 -60.29
N ALA D 971 93.95 17.33 -60.90
CA ALA D 971 94.67 16.07 -60.80
C ALA D 971 96.06 16.16 -61.41
N GLY D 972 96.17 16.84 -62.56
CA GLY D 972 97.45 16.97 -63.24
C GLY D 972 98.41 17.96 -62.64
N ASN D 973 97.98 18.76 -61.66
CA ASN D 973 98.90 19.69 -61.01
C ASN D 973 100.08 18.97 -60.38
N LYS D 974 99.80 17.92 -59.60
CA LYS D 974 100.77 17.03 -58.97
C LYS D 974 101.59 17.69 -57.87
N HIS D 975 101.44 18.99 -57.65
CA HIS D 975 102.03 19.66 -56.50
C HIS D 975 101.02 19.93 -55.41
N MET D 976 99.73 19.77 -55.71
CA MET D 976 98.68 19.80 -54.71
C MET D 976 97.82 18.53 -54.75
N LYS D 977 98.33 17.45 -55.34
CA LYS D 977 97.52 16.26 -55.56
C LYS D 977 97.30 15.48 -54.27
N HIS D 978 98.33 15.43 -53.40
CA HIS D 978 98.29 14.54 -52.25
C HIS D 978 97.30 15.02 -51.19
N HIS D 979 97.29 16.32 -50.90
CA HIS D 979 96.34 16.84 -49.91
C HIS D 979 94.91 16.57 -50.36
N VAL D 980 94.62 16.81 -51.64
CA VAL D 980 93.28 16.64 -52.15
C VAL D 980 92.89 15.16 -52.21
N ILE D 981 93.82 14.27 -52.55
CA ILE D 981 93.51 12.84 -52.51
C ILE D 981 93.19 12.41 -51.09
N GLU D 982 93.91 12.97 -50.09
CA GLU D 982 93.55 12.69 -48.70
C GLU D 982 92.14 13.17 -48.38
N VAL D 983 91.80 14.37 -48.83
CA VAL D 983 90.45 14.91 -48.59
C VAL D 983 89.38 14.02 -49.22
N LEU D 984 89.58 13.63 -50.47
CA LEU D 984 88.61 12.76 -51.13
C LEU D 984 88.49 11.43 -50.40
N LYS D 985 89.62 10.88 -49.94
CA LYS D 985 89.59 9.60 -49.23
C LYS D 985 88.82 9.70 -47.93
N GLU D 986 89.11 10.72 -47.12
CA GLU D 986 88.43 10.79 -45.82
C GLU D 986 86.96 11.15 -45.98
N ARG D 987 86.60 11.88 -47.04
CA ARG D 987 85.18 12.15 -47.31
C ARG D 987 84.44 10.89 -47.76
N VAL D 988 85.05 10.11 -48.65
CA VAL D 988 84.38 8.90 -49.12
C VAL D 988 84.27 7.89 -47.99
N LYS D 989 85.25 7.85 -47.10
CA LYS D 989 85.15 6.97 -45.93
C LYS D 989 84.09 7.48 -44.96
N ASN D 990 84.05 8.79 -44.73
CA ASN D 990 83.14 9.35 -43.73
C ASN D 990 81.70 9.36 -44.21
N SER D 991 81.48 9.77 -45.46
CA SER D 991 80.13 10.06 -45.95
C SER D 991 79.63 8.98 -46.91
N ASN D 992 78.31 9.03 -47.14
CA ASN D 992 77.63 8.14 -48.09
C ASN D 992 77.07 8.92 -49.27
N ASP D 993 77.69 10.06 -49.60
CA ASP D 993 77.17 10.91 -50.67
C ASP D 993 77.21 10.22 -52.03
N LYS D 994 78.24 9.42 -52.28
CA LYS D 994 78.48 8.64 -53.49
C LYS D 994 78.89 9.50 -54.68
N ARG D 995 78.87 10.83 -54.55
CA ARG D 995 79.43 11.69 -55.59
C ARG D 995 80.91 11.96 -55.34
N TYR D 996 81.32 12.07 -54.07
CA TYR D 996 82.73 12.19 -53.76
C TYR D 996 83.50 10.98 -54.23
N LEU D 997 82.91 9.78 -54.14
CA LEU D 997 83.57 8.60 -54.69
C LEU D 997 83.65 8.66 -56.21
N GLU D 998 82.61 9.18 -56.86
CA GLU D 998 82.65 9.33 -58.31
C GLU D 998 83.78 10.26 -58.74
N ILE D 999 83.97 11.36 -58.00
CA ILE D 999 85.11 12.24 -58.26
C ILE D 999 86.42 11.53 -57.96
N LEU D 1000 86.43 10.75 -56.87
CA LEU D 1000 87.64 10.05 -56.43
C LEU D 1000 88.10 9.02 -57.45
N MET D 1001 87.19 8.47 -58.24
CA MET D 1001 87.55 7.38 -59.13
C MET D 1001 87.52 7.75 -60.61
N ASN D 1002 86.76 8.77 -61.00
CA ASN D 1002 86.79 9.22 -62.39
C ASN D 1002 88.16 9.77 -62.78
N TYR D 1003 88.78 10.54 -61.88
CA TYR D 1003 90.09 11.13 -62.15
C TYR D 1003 91.10 10.90 -61.05
N PHE D 1004 90.76 10.16 -60.00
CA PHE D 1004 91.69 9.77 -58.95
C PHE D 1004 92.35 10.97 -58.29
N ILE D 1005 91.58 12.04 -58.10
CA ILE D 1005 92.13 13.35 -57.74
C ILE D 1005 92.61 13.38 -56.30
N THR E 8 -79.28 2.82 21.04
CA THR E 8 -78.74 3.57 19.90
C THR E 8 -79.68 4.68 19.47
N ALA E 9 -80.12 5.49 20.44
CA ALA E 9 -81.04 6.58 20.19
C ALA E 9 -80.33 7.92 20.30
N ASP E 10 -80.94 8.95 19.71
CA ASP E 10 -80.31 10.24 19.47
C ASP E 10 -80.90 11.30 20.39
N VAL E 11 -80.03 12.14 20.94
CA VAL E 11 -80.44 13.29 21.75
C VAL E 11 -80.09 14.56 21.01
N TYR E 12 -81.03 15.51 20.98
CA TYR E 12 -80.85 16.80 20.34
C TYR E 12 -80.80 17.88 21.41
N PHE E 13 -79.72 18.68 21.39
CA PHE E 13 -79.53 19.77 22.32
C PHE E 13 -80.06 21.06 21.72
N LYS E 14 -80.99 21.72 22.40
CA LYS E 14 -81.61 22.95 21.92
C LYS E 14 -81.38 24.06 22.93
N ARG E 15 -81.20 25.27 22.42
CA ARG E 15 -81.22 26.45 23.28
C ARG E 15 -82.65 26.73 23.75
N LYS E 16 -82.77 27.18 25.00
CA LYS E 16 -84.10 27.37 25.58
C LYS E 16 -84.81 28.59 25.01
N SER E 17 -84.05 29.62 24.66
CA SER E 17 -84.66 30.86 24.19
C SER E 17 -85.42 30.67 22.88
N ASP E 18 -84.83 29.92 21.96
CA ASP E 18 -85.36 29.77 20.61
C ASP E 18 -85.35 28.29 20.19
N GLY E 19 -85.59 28.04 18.91
CA GLY E 19 -85.49 26.73 18.33
C GLY E 19 -84.09 26.35 17.89
N LYS E 20 -83.08 27.12 18.28
CA LYS E 20 -81.71 26.85 17.86
C LYS E 20 -81.23 25.54 18.48
N LEU E 21 -80.54 24.74 17.66
CA LEU E 21 -80.06 23.43 18.09
C LEU E 21 -78.58 23.55 18.45
N VAL E 22 -78.25 23.26 19.72
CA VAL E 22 -76.86 23.36 20.16
C VAL E 22 -76.02 22.27 19.51
N PHE E 23 -76.45 21.02 19.64
CA PHE E 23 -75.78 19.89 19.01
C PHE E 23 -76.71 18.68 19.14
N THR E 24 -76.27 17.56 18.57
CA THR E 24 -76.96 16.30 18.70
C THR E 24 -75.94 15.17 18.79
N ALA E 25 -76.31 14.09 19.48
CA ALA E 25 -75.39 13.00 19.75
C ALA E 25 -76.17 11.73 20.00
N GLU E 26 -75.46 10.67 20.39
CA GLU E 26 -76.04 9.37 20.67
C GLU E 26 -75.92 9.08 22.16
N ALA E 27 -77.02 8.68 22.77
CA ALA E 27 -77.07 8.56 24.23
C ALA E 27 -76.30 7.31 24.68
N GLN E 28 -75.46 7.46 25.71
CA GLN E 28 -74.87 6.31 26.39
C GLN E 28 -75.71 5.84 27.57
N THR E 29 -75.86 6.69 28.58
CA THR E 29 -76.39 6.28 29.88
C THR E 29 -77.21 7.42 30.45
N ALA E 30 -78.47 7.14 30.75
CA ALA E 30 -79.34 8.06 31.46
C ALA E 30 -79.59 7.51 32.85
N SER E 31 -79.13 8.23 33.87
CA SER E 31 -79.21 7.78 35.25
C SER E 31 -80.33 8.57 35.94
N PHE E 32 -81.31 7.85 36.47
CA PHE E 32 -82.37 8.44 37.27
C PHE E 32 -82.31 7.84 38.67
N SER E 33 -81.46 8.43 39.52
CA SER E 33 -81.32 7.98 40.90
C SER E 33 -82.10 8.95 41.79
N GLN E 34 -83.43 8.84 41.72
CA GLN E 34 -84.32 9.67 42.51
C GLN E 34 -84.81 8.85 43.70
N ALA E 35 -84.73 9.43 44.89
CA ALA E 35 -85.00 8.71 46.13
C ALA E 35 -85.35 9.71 47.22
N ILE E 36 -85.38 9.23 48.45
CA ILE E 36 -85.71 10.09 49.58
C ILE E 36 -84.45 10.76 50.12
N SER E 37 -84.62 11.96 50.65
CA SER E 37 -83.54 12.68 51.31
C SER E 37 -83.44 12.21 52.77
N GLU E 38 -82.67 12.93 53.57
CA GLU E 38 -82.47 12.56 54.96
C GLU E 38 -83.69 12.98 55.80
N GLU E 39 -84.21 12.03 56.57
CA GLU E 39 -85.53 12.20 57.17
C GLU E 39 -85.50 13.21 58.32
N LYS E 40 -84.51 13.11 59.21
CA LYS E 40 -84.56 13.88 60.45
C LYS E 40 -84.38 15.37 60.20
N LEU E 41 -83.52 15.74 59.26
CA LEU E 41 -83.14 17.13 59.06
C LEU E 41 -84.23 17.95 58.37
N ARG E 42 -85.19 17.29 57.71
CA ARG E 42 -86.25 18.00 57.00
C ARG E 42 -87.63 17.51 57.44
N LYS E 48 -96.92 15.87 62.17
CA LYS E 48 -98.24 16.43 62.44
C LYS E 48 -98.76 17.42 61.38
N PRO E 49 -97.86 18.12 60.63
CA PRO E 49 -98.36 18.90 59.49
C PRO E 49 -98.81 18.01 58.34
N LEU E 50 -99.51 18.60 57.37
CA LEU E 50 -99.94 17.84 56.20
C LEU E 50 -98.72 17.35 55.42
N TYR E 51 -98.85 16.17 54.82
CA TYR E 51 -97.73 15.58 54.09
C TYR E 51 -97.40 16.40 52.85
N ILE E 52 -96.11 16.60 52.63
CA ILE E 52 -95.63 17.36 51.49
C ILE E 52 -95.00 16.46 50.42
N LEU E 53 -94.60 15.24 50.78
CA LEU E 53 -93.89 14.33 49.88
C LEU E 53 -92.60 14.96 49.37
N LYS E 54 -91.66 15.16 50.31
CA LYS E 54 -90.33 15.62 49.95
C LYS E 54 -89.66 14.60 49.04
N SER E 55 -88.74 15.08 48.22
CA SER E 55 -88.08 14.22 47.24
C SER E 55 -86.70 14.76 46.92
N GLU E 56 -85.84 13.87 46.41
CA GLU E 56 -84.48 14.20 45.99
C GLU E 56 -84.31 13.73 44.55
N LYS E 57 -85.26 14.09 43.70
CA LYS E 57 -85.27 13.66 42.31
C LYS E 57 -84.10 14.30 41.56
N GLU E 58 -83.30 13.46 40.89
CA GLU E 58 -82.13 13.91 40.16
C GLU E 58 -81.87 12.96 39.01
N ILE E 59 -81.73 13.50 37.80
CA ILE E 59 -81.50 12.70 36.60
C ILE E 59 -80.29 13.28 35.87
N ASN E 60 -79.50 12.40 35.25
CA ASN E 60 -78.35 12.76 34.44
C ASN E 60 -78.49 12.12 33.05
N LEU E 61 -77.66 12.59 32.11
CA LEU E 61 -77.65 12.01 30.78
C LEU E 61 -76.28 12.24 30.16
N THR E 62 -75.73 11.20 29.55
CA THR E 62 -74.39 11.23 28.95
C THR E 62 -74.49 10.83 27.49
N VAL E 63 -73.66 11.46 26.64
CA VAL E 63 -73.71 11.27 25.20
C VAL E 63 -72.32 10.89 24.69
N LYS E 64 -72.31 10.04 23.65
CA LYS E 64 -71.09 9.45 23.12
C LYS E 64 -70.33 10.38 22.18
N ASN E 65 -70.96 10.73 21.07
CA ASN E 65 -70.29 11.42 19.96
C ASN E 65 -71.11 12.68 19.64
N ALA E 66 -70.76 13.79 20.30
CA ALA E 66 -71.46 15.04 20.13
C ALA E 66 -70.67 15.94 19.19
N PHE E 67 -71.30 16.32 18.08
CA PHE E 67 -70.72 17.30 17.16
C PHE E 67 -71.51 18.60 17.31
N PHE E 68 -70.81 19.67 17.66
CA PHE E 68 -71.45 20.97 17.79
C PHE E 68 -71.87 21.48 16.42
N ASP E 69 -72.99 22.18 16.37
CA ASP E 69 -73.43 22.76 15.12
C ASP E 69 -72.43 23.80 14.64
N LEU E 70 -72.12 23.75 13.35
CA LEU E 70 -71.16 24.70 12.79
C LEU E 70 -71.65 26.13 12.91
N GLU E 71 -72.94 26.36 12.65
CA GLU E 71 -73.51 27.69 12.79
C GLU E 71 -73.52 28.14 14.24
N TRP E 72 -73.85 27.24 15.18
CA TRP E 72 -73.83 27.60 16.59
C TRP E 72 -72.42 27.89 17.06
N LEU E 73 -71.45 27.12 16.57
CA LEU E 73 -70.05 27.39 16.88
C LEU E 73 -69.64 28.76 16.33
N ALA E 74 -70.15 29.10 15.14
CA ALA E 74 -69.82 30.40 14.55
C ALA E 74 -70.39 31.55 15.37
N MET E 75 -71.66 31.46 15.77
CA MET E 75 -72.25 32.59 16.49
C MET E 75 -71.72 32.69 17.90
N THR E 76 -71.38 31.55 18.52
CA THR E 76 -70.98 31.57 19.92
C THR E 76 -69.58 32.17 20.08
N GLN E 77 -68.78 32.17 19.03
CA GLN E 77 -67.48 32.82 19.07
C GLN E 77 -67.64 34.34 19.15
N ARG E 170 -79.38 28.34 29.61
CA ARG E 170 -80.54 27.45 29.63
C ARG E 170 -80.64 26.63 28.34
N TYR E 171 -80.62 25.31 28.48
CA TYR E 171 -80.72 24.40 27.35
C TYR E 171 -81.73 23.31 27.67
N GLU E 172 -82.42 22.81 26.64
CA GLU E 172 -83.29 21.65 26.77
C GLU E 172 -82.82 20.54 25.84
N VAL E 173 -83.29 19.32 26.10
CA VAL E 173 -82.87 18.14 25.35
C VAL E 173 -84.09 17.37 24.90
N GLU E 174 -84.09 17.00 23.61
CA GLU E 174 -85.09 16.11 23.01
C GLU E 174 -84.43 14.76 22.79
N TYR E 175 -84.78 13.78 23.63
CA TYR E 175 -84.29 12.42 23.48
C TYR E 175 -85.29 11.63 22.66
N ARG E 176 -84.86 11.08 21.52
CA ARG E 176 -85.78 10.42 20.61
C ARG E 176 -85.51 8.92 20.53
N ILE E 191 -91.55 6.34 21.46
CA ILE E 191 -91.46 7.15 22.67
C ILE E 191 -90.43 8.26 22.50
N TYR E 192 -90.68 9.40 23.14
CA TYR E 192 -89.75 10.52 23.13
C TYR E 192 -89.80 11.25 24.46
N ILE E 193 -88.63 11.69 24.92
CA ILE E 193 -88.45 12.29 26.23
C ILE E 193 -87.98 13.73 26.04
N GLN E 194 -88.46 14.62 26.89
CA GLN E 194 -88.10 16.04 26.83
C GLN E 194 -87.64 16.49 28.21
N PHE E 195 -86.40 16.99 28.28
CA PHE E 195 -85.95 17.69 29.48
C PHE E 195 -85.91 19.18 29.20
N PRO E 196 -86.82 19.96 29.80
CA PRO E 196 -86.97 21.37 29.40
C PRO E 196 -85.79 22.25 29.75
N ASN E 197 -85.02 21.91 30.77
CA ASN E 197 -83.84 22.69 31.15
C ASN E 197 -82.76 21.75 31.64
N VAL E 198 -81.57 21.85 31.07
CA VAL E 198 -80.44 21.02 31.45
C VAL E 198 -79.21 21.90 31.62
N SER E 199 -78.32 21.48 32.51
CA SER E 199 -77.04 22.14 32.70
C SER E 199 -75.93 21.15 32.38
N PRO E 200 -75.00 21.49 31.49
CA PRO E 200 -73.90 20.56 31.17
C PRO E 200 -72.80 20.64 32.23
N SER E 201 -72.41 19.47 32.73
CA SER E 201 -71.32 19.38 33.70
C SER E 201 -70.01 19.24 32.93
N GLY E 202 -69.34 20.36 32.71
CA GLY E 202 -68.13 20.37 31.92
C GLY E 202 -66.91 19.92 32.69
N GLU E 203 -66.85 18.63 33.01
CA GLU E 203 -65.71 18.04 33.72
C GLU E 203 -64.71 17.59 32.67
N PHE E 204 -63.58 18.28 32.59
CA PHE E 204 -62.54 18.01 31.60
C PHE E 204 -61.41 17.25 32.28
N GLU E 205 -61.16 16.02 31.82
CA GLU E 205 -60.04 15.22 32.29
C GLU E 205 -59.19 14.82 31.09
N MET E 206 -57.88 14.89 31.26
CA MET E 206 -56.93 14.70 30.19
C MET E 206 -56.26 13.32 30.28
N SER E 207 -56.15 12.66 29.15
CA SER E 207 -55.65 11.31 29.06
C SER E 207 -54.23 11.31 28.51
N LEU E 208 -53.35 10.52 29.14
CA LEU E 208 -51.98 10.42 28.64
C LEU E 208 -51.93 9.59 27.36
N GLU E 209 -52.93 8.75 27.12
CA GLU E 209 -53.21 8.31 25.76
C GLU E 209 -53.69 9.51 24.95
N ASN E 210 -53.16 9.66 23.74
CA ASN E 210 -53.42 10.86 22.96
C ASN E 210 -54.92 11.02 22.68
N GLY E 211 -55.38 12.26 22.66
CA GLY E 211 -56.77 12.55 22.41
C GLY E 211 -57.05 14.03 22.21
N LEU E 214 -61.29 8.52 19.91
CA LEU E 214 -61.58 9.86 20.40
C LEU E 214 -63.08 10.15 20.40
N ALA E 215 -63.73 9.82 21.51
CA ALA E 215 -65.16 10.07 21.65
C ALA E 215 -65.39 11.19 22.66
N PRO E 216 -65.80 12.38 22.23
CA PRO E 216 -66.12 13.43 23.21
C PRO E 216 -67.41 13.11 23.95
N GLU E 217 -67.28 12.67 25.20
CA GLU E 217 -68.39 12.17 25.99
C GLU E 217 -68.90 13.31 26.87
N ILE E 218 -70.14 13.74 26.65
CA ILE E 218 -70.67 14.94 27.29
C ILE E 218 -71.77 14.55 28.26
N LYS E 219 -71.66 15.05 29.50
CA LYS E 219 -72.64 14.75 30.55
C LYS E 219 -73.37 16.02 30.93
N PHE E 220 -74.69 15.93 31.08
CA PHE E 220 -75.48 17.05 31.56
C PHE E 220 -76.61 16.53 32.45
N GLU E 221 -76.97 17.33 33.45
CA GLU E 221 -78.02 16.98 34.38
C GLU E 221 -79.23 17.89 34.16
N ALA E 222 -80.42 17.29 34.10
CA ALA E 222 -81.63 18.08 33.95
C ALA E 222 -82.01 18.73 35.27
N LEU E 223 -82.53 19.94 35.18
CA LEU E 223 -82.88 20.76 36.34
C LEU E 223 -84.39 20.81 36.49
N ALA E 224 -84.85 21.56 37.49
CA ALA E 224 -86.27 21.73 37.75
C ALA E 224 -86.52 23.18 38.19
N ASP E 225 -87.49 23.82 37.56
CA ASP E 225 -87.87 25.17 37.95
C ASP E 225 -88.89 25.13 39.08
N THR E 226 -88.78 26.11 39.99
CA THR E 226 -89.61 26.08 41.20
C THR E 226 -91.10 26.18 40.88
N ASP E 227 -91.46 27.03 39.91
CA ASP E 227 -92.86 27.19 39.56
C ASP E 227 -93.43 25.93 38.92
N THR E 228 -92.70 25.37 37.95
CA THR E 228 -93.19 24.18 37.27
C THR E 228 -93.00 22.92 38.11
N ASP E 229 -91.92 22.88 38.90
CA ASP E 229 -91.51 21.70 39.67
C ASP E 229 -91.40 20.46 38.80
N GLU E 230 -90.81 20.61 37.60
CA GLU E 230 -90.71 19.53 36.63
C GLU E 230 -89.27 19.42 36.16
N MET E 231 -88.80 18.18 35.99
CA MET E 231 -87.46 17.91 35.51
C MET E 231 -87.44 17.31 34.11
N ALA E 232 -88.16 16.21 33.92
CA ALA E 232 -88.23 15.49 32.65
C ALA E 232 -89.64 15.00 32.41
N VAL E 233 -90.05 14.96 31.15
CA VAL E 233 -91.34 14.40 30.76
C VAL E 233 -91.11 13.34 29.71
N VAL E 234 -91.75 12.19 29.87
CA VAL E 234 -91.69 11.12 28.89
C VAL E 234 -93.07 11.01 28.25
N ILE E 235 -93.12 11.05 26.92
CA ILE E 235 -94.37 11.05 26.17
C ILE E 235 -94.27 10.01 25.07
N GLU E 236 -95.32 9.22 24.91
CA GLU E 236 -95.38 8.23 23.82
C GLU E 236 -95.48 8.93 22.46
N THR F 8 -49.39 -14.34 60.34
CA THR F 8 -47.97 -14.32 60.02
C THR F 8 -47.22 -15.38 60.82
N ALA F 9 -47.58 -16.64 60.62
CA ALA F 9 -47.00 -17.72 61.40
C ALA F 9 -46.50 -18.84 60.49
N ASP F 10 -46.05 -19.93 61.13
CA ASP F 10 -45.34 -21.00 60.43
C ASP F 10 -46.16 -22.28 60.46
N VAL F 11 -46.15 -22.99 59.33
CA VAL F 11 -46.81 -24.28 59.19
C VAL F 11 -45.74 -25.34 58.95
N TYR F 12 -45.88 -26.47 59.63
CA TYR F 12 -45.01 -27.63 59.41
C TYR F 12 -45.85 -28.78 58.86
N PHE F 13 -45.49 -29.24 57.66
CA PHE F 13 -46.05 -30.45 57.06
C PHE F 13 -45.20 -31.66 57.43
N LYS F 14 -45.82 -32.60 58.14
CA LYS F 14 -45.27 -33.85 58.61
C LYS F 14 -45.84 -35.00 57.80
N ARG F 15 -45.06 -36.08 57.67
CA ARG F 15 -45.65 -37.36 57.33
C ARG F 15 -46.36 -37.93 58.56
N LYS F 16 -47.55 -38.50 58.36
CA LYS F 16 -48.23 -39.14 59.50
C LYS F 16 -47.46 -40.36 59.98
N SER F 17 -47.16 -41.29 59.07
CA SER F 17 -46.70 -42.61 59.49
C SER F 17 -45.31 -42.55 60.10
N ASP F 18 -44.36 -41.97 59.36
CA ASP F 18 -43.01 -41.83 59.85
C ASP F 18 -42.91 -40.74 60.90
N GLY F 19 -43.65 -39.65 60.73
CA GLY F 19 -43.43 -38.44 61.47
C GLY F 19 -42.43 -37.50 60.81
N LYS F 20 -41.80 -37.91 59.72
CA LYS F 20 -40.85 -37.05 59.03
C LYS F 20 -41.56 -35.82 58.48
N LEU F 21 -40.99 -34.66 58.75
CA LEU F 21 -41.60 -33.39 58.36
C LEU F 21 -41.26 -33.16 56.89
N VAL F 22 -42.28 -33.27 56.03
CA VAL F 22 -42.03 -33.16 54.59
C VAL F 22 -41.59 -31.75 54.22
N PHE F 23 -42.18 -30.73 54.85
CA PHE F 23 -41.61 -29.39 54.67
C PHE F 23 -42.13 -28.43 55.72
N THR F 24 -41.70 -27.18 55.61
CA THR F 24 -42.15 -26.09 56.45
C THR F 24 -42.34 -24.85 55.59
N ALA F 25 -43.30 -24.00 55.97
CA ALA F 25 -43.62 -22.83 55.16
C ALA F 25 -44.35 -21.80 56.00
N GLU F 26 -44.82 -20.74 55.33
CA GLU F 26 -45.51 -19.64 55.98
C GLU F 26 -46.95 -19.57 55.49
N ALA F 27 -47.90 -19.60 56.44
CA ALA F 27 -49.31 -19.60 56.09
C ALA F 27 -49.70 -18.29 55.42
N GLN F 28 -50.62 -18.37 54.46
CA GLN F 28 -51.05 -17.21 53.69
C GLN F 28 -52.55 -16.96 53.73
N THR F 29 -53.38 -17.99 53.68
CA THR F 29 -54.82 -17.80 53.63
C THR F 29 -55.51 -19.06 54.12
N ALA F 30 -56.60 -18.88 54.87
CA ALA F 30 -57.42 -20.01 55.30
C ALA F 30 -58.89 -19.66 55.15
N SER F 31 -59.68 -20.61 54.67
CA SER F 31 -61.12 -20.45 54.53
C SER F 31 -61.80 -21.61 55.26
N PHE F 32 -62.63 -21.29 56.23
CA PHE F 32 -63.44 -22.27 56.96
C PHE F 32 -64.90 -21.97 56.66
N SER F 33 -65.45 -22.69 55.68
CA SER F 33 -66.83 -22.52 55.24
C SER F 33 -67.57 -23.84 55.47
N GLN F 34 -68.43 -23.86 56.49
CA GLN F 34 -69.26 -25.02 56.79
C GLN F 34 -70.72 -24.63 56.61
N ALA F 35 -71.42 -25.32 55.72
CA ALA F 35 -72.80 -25.02 55.41
C ALA F 35 -73.59 -26.32 55.35
N ILE F 36 -74.88 -26.21 55.01
CA ILE F 36 -75.76 -27.37 54.92
C ILE F 36 -75.40 -28.21 53.70
N LEU F 41 -83.12 -32.78 50.31
CA LEU F 41 -82.62 -33.88 49.49
C LEU F 41 -81.70 -34.77 50.31
N ARG F 42 -80.91 -34.15 51.18
CA ARG F 42 -79.95 -34.89 52.00
C ARG F 42 -80.11 -34.56 53.48
N LYS F 48 -88.64 -36.23 60.62
CA LYS F 48 -89.17 -37.06 61.70
C LYS F 48 -88.10 -37.67 62.61
N PRO F 49 -87.12 -38.38 62.05
CA PRO F 49 -86.19 -39.15 62.89
C PRO F 49 -85.29 -38.25 63.73
N LEU F 50 -84.41 -38.90 64.48
CA LEU F 50 -83.47 -38.19 65.34
C LEU F 50 -82.60 -37.25 64.52
N TYR F 51 -82.27 -36.11 65.10
CA TYR F 51 -81.46 -35.13 64.37
C TYR F 51 -79.99 -35.51 64.43
N ILE F 52 -79.44 -35.83 63.25
CA ILE F 52 -78.02 -36.16 63.13
C ILE F 52 -77.15 -34.91 63.03
N LEU F 53 -77.76 -33.75 62.78
CA LEU F 53 -77.03 -32.50 62.57
C LEU F 53 -75.99 -32.68 61.47
N LYS F 54 -76.41 -33.26 60.36
CA LYS F 54 -75.50 -33.48 59.23
C LYS F 54 -75.00 -32.14 58.71
N SER F 55 -73.69 -32.08 58.44
CA SER F 55 -73.07 -30.85 57.97
C SER F 55 -72.05 -31.17 56.89
N GLU F 56 -71.82 -30.19 56.03
CA GLU F 56 -70.83 -30.27 54.97
C GLU F 56 -69.77 -29.20 55.23
N LYS F 57 -68.69 -29.60 55.90
CA LYS F 57 -67.67 -28.66 56.33
C LYS F 57 -66.38 -28.87 55.56
N GLU F 58 -65.92 -27.82 54.87
CA GLU F 58 -64.65 -27.86 54.16
C GLU F 58 -63.75 -26.76 54.71
N ILE F 59 -62.48 -27.09 54.88
CA ILE F 59 -61.47 -26.13 55.30
C ILE F 59 -60.37 -26.14 54.24
N ASN F 60 -60.09 -24.99 53.65
CA ASN F 60 -59.06 -24.84 52.64
C ASN F 60 -57.96 -23.94 53.17
N LEU F 61 -56.71 -24.24 52.81
CA LEU F 61 -55.58 -23.46 53.27
C LEU F 61 -54.56 -23.29 52.15
N THR F 62 -54.21 -22.04 51.86
CA THR F 62 -53.18 -21.69 50.90
C THR F 62 -51.95 -21.17 51.64
N VAL F 63 -50.78 -21.68 51.27
CA VAL F 63 -49.54 -21.43 51.99
C VAL F 63 -48.47 -20.88 51.07
N LYS F 64 -47.62 -20.03 51.64
CA LYS F 64 -46.58 -19.32 50.94
C LYS F 64 -45.21 -19.78 51.42
N ASN F 65 -44.20 -19.63 50.55
CA ASN F 65 -42.80 -19.81 50.91
C ASN F 65 -42.52 -21.21 51.43
N ALA F 66 -42.73 -22.20 50.58
CA ALA F 66 -42.48 -23.59 50.97
C ALA F 66 -41.15 -24.08 50.38
N PHE F 67 -40.27 -24.55 51.25
CA PHE F 67 -39.04 -25.23 50.83
C PHE F 67 -39.06 -26.66 51.37
N PHE F 68 -38.74 -27.61 50.50
CA PHE F 68 -38.85 -29.02 50.87
C PHE F 68 -37.54 -29.50 51.48
N ASP F 69 -37.65 -30.37 52.49
CA ASP F 69 -36.48 -30.81 53.24
C ASP F 69 -35.56 -31.65 52.38
N LEU F 70 -34.25 -31.49 52.60
CA LEU F 70 -33.27 -32.22 51.81
C LEU F 70 -33.40 -33.73 52.03
N GLU F 71 -33.67 -34.16 53.27
CA GLU F 71 -33.81 -35.58 53.53
C GLU F 71 -35.03 -36.17 52.83
N TRP F 72 -36.20 -35.53 53.01
CA TRP F 72 -37.41 -36.03 52.37
C TRP F 72 -37.32 -35.93 50.86
N LEU F 73 -36.79 -34.81 50.36
CA LEU F 73 -36.58 -34.66 48.92
C LEU F 73 -35.72 -35.80 48.39
N ALA F 74 -34.58 -36.05 49.05
CA ALA F 74 -33.64 -37.07 48.58
C ALA F 74 -34.28 -38.45 48.59
N MET F 75 -35.01 -38.81 49.66
CA MET F 75 -35.61 -40.13 49.69
C MET F 75 -36.73 -40.25 48.67
N THR F 76 -37.39 -39.14 48.32
CA THR F 76 -38.47 -39.20 47.36
C THR F 76 -37.95 -39.30 45.92
N GLN F 77 -36.76 -38.78 45.66
CA GLN F 77 -36.17 -38.89 44.32
C GLN F 77 -35.91 -40.35 43.96
N ARG F 170 -51.15 -39.12 52.67
CA ARG F 170 -51.40 -38.99 54.12
C ARG F 170 -50.33 -38.12 54.75
N TYR F 171 -50.73 -36.92 55.16
CA TYR F 171 -49.83 -35.93 55.73
C TYR F 171 -50.56 -35.15 56.84
N GLU F 172 -49.81 -34.43 57.66
CA GLU F 172 -50.37 -33.57 58.71
C GLU F 172 -49.78 -32.17 58.61
N VAL F 173 -50.50 -31.19 59.16
CA VAL F 173 -50.01 -29.82 59.32
C VAL F 173 -50.10 -29.42 60.79
N GLU F 174 -49.06 -28.75 61.27
CA GLU F 174 -49.05 -28.11 62.58
C GLU F 174 -48.71 -26.64 62.40
N TYR F 175 -49.61 -25.75 62.79
CA TYR F 175 -49.46 -24.33 62.48
C TYR F 175 -49.40 -23.55 63.80
N ARG F 176 -48.35 -22.73 63.94
CA ARG F 176 -47.94 -22.11 65.20
C ARG F 176 -48.22 -20.62 65.20
N THR F 177 -49.45 -20.23 65.52
CA THR F 177 -49.76 -18.81 65.68
C THR F 177 -49.44 -18.35 67.10
N ILE F 191 -53.21 -19.77 67.68
CA ILE F 191 -52.05 -19.94 68.55
C ILE F 191 -51.42 -21.30 68.33
N TYR F 192 -52.26 -22.31 68.15
CA TYR F 192 -51.81 -23.68 67.94
C TYR F 192 -52.94 -24.43 67.22
N ILE F 193 -52.74 -24.70 65.94
CA ILE F 193 -53.74 -25.42 65.14
C ILE F 193 -53.11 -26.71 64.64
N GLN F 194 -53.90 -27.78 64.63
CA GLN F 194 -53.45 -29.10 64.19
C GLN F 194 -54.45 -29.60 63.14
N PHE F 195 -53.95 -29.78 61.92
CA PHE F 195 -54.74 -30.37 60.84
C PHE F 195 -54.25 -31.76 60.54
N PRO F 196 -54.90 -32.80 61.05
CA PRO F 196 -54.67 -34.13 60.51
C PRO F 196 -55.50 -34.34 59.25
N ASN F 197 -55.10 -35.28 58.39
CA ASN F 197 -55.85 -35.58 57.18
C ASN F 197 -55.95 -34.35 56.29
N VAL F 198 -54.80 -33.94 55.75
CA VAL F 198 -54.72 -32.85 54.79
C VAL F 198 -54.38 -33.41 53.42
N SER F 199 -55.19 -33.09 52.43
CA SER F 199 -54.95 -33.47 51.04
C SER F 199 -54.31 -32.30 50.28
N PRO F 200 -53.08 -32.45 49.79
CA PRO F 200 -52.46 -31.35 49.04
C PRO F 200 -52.99 -31.23 47.63
N SER F 201 -53.75 -30.17 47.36
CA SER F 201 -54.33 -29.99 46.04
C SER F 201 -53.25 -29.59 45.05
N GLY F 202 -53.17 -30.33 43.94
CA GLY F 202 -52.08 -30.14 43.00
C GLY F 202 -52.45 -29.47 41.70
N GLU F 203 -53.34 -28.48 41.76
CA GLU F 203 -53.68 -27.72 40.56
C GLU F 203 -52.49 -26.85 40.17
N PHE F 204 -52.01 -27.02 38.95
CA PHE F 204 -50.79 -26.39 38.49
C PHE F 204 -51.11 -25.54 37.27
N GLU F 205 -50.67 -24.29 37.29
CA GLU F 205 -50.86 -23.38 36.16
C GLU F 205 -49.56 -22.65 35.87
N MET F 206 -49.19 -22.57 34.60
CA MET F 206 -47.97 -21.92 34.17
C MET F 206 -48.21 -20.45 33.90
N SER F 207 -47.34 -19.60 34.43
CA SER F 207 -47.40 -18.18 34.16
C SER F 207 -46.38 -17.80 33.08
N LEU F 208 -46.85 -17.04 32.10
CA LEU F 208 -45.98 -16.60 31.01
C LEU F 208 -44.93 -15.61 31.49
N GLU F 209 -45.11 -15.02 32.67
CA GLU F 209 -43.99 -14.41 33.37
C GLU F 209 -43.27 -15.48 34.17
N ASN F 210 -41.97 -15.62 33.94
CA ASN F 210 -41.22 -16.77 34.45
C ASN F 210 -41.36 -16.89 35.96
N GLY F 211 -41.69 -18.10 36.41
CA GLY F 211 -41.91 -18.37 37.81
C GLY F 211 -43.34 -18.76 38.13
N LEU F 214 -40.92 -14.47 43.48
CA LEU F 214 -41.52 -15.68 42.94
C LEU F 214 -41.22 -16.89 43.82
N ALA F 215 -42.21 -17.34 44.57
CA ALA F 215 -42.08 -18.48 45.47
C ALA F 215 -43.24 -19.43 45.24
N PRO F 216 -43.03 -20.73 45.41
CA PRO F 216 -44.14 -21.69 45.24
C PRO F 216 -45.18 -21.51 46.32
N GLU F 217 -46.45 -21.61 45.93
CA GLU F 217 -47.58 -21.52 46.85
C GLU F 217 -48.29 -22.86 46.87
N ILE F 218 -48.70 -23.29 48.06
CA ILE F 218 -49.28 -24.62 48.26
C ILE F 218 -50.71 -24.46 48.78
N LYS F 219 -51.64 -25.15 48.13
CA LYS F 219 -53.03 -25.18 48.55
C LYS F 219 -53.40 -26.60 48.95
N PHE F 220 -54.21 -26.74 50.00
CA PHE F 220 -54.63 -28.06 50.44
C PHE F 220 -55.93 -27.98 51.22
N GLU F 221 -56.57 -29.13 51.36
CA GLU F 221 -57.88 -29.24 51.99
C GLU F 221 -57.81 -30.13 53.23
N ALA F 222 -58.73 -29.91 54.16
CA ALA F 222 -58.76 -30.73 55.36
C ALA F 222 -59.68 -31.94 55.18
N LEU F 223 -59.09 -33.13 55.27
CA LEU F 223 -59.83 -34.38 55.20
C LEU F 223 -60.30 -34.79 56.58
N ALA F 224 -61.33 -35.63 56.61
CA ALA F 224 -61.86 -36.16 57.87
C ALA F 224 -62.06 -37.66 57.73
N ASP F 225 -61.57 -38.42 58.70
CA ASP F 225 -61.78 -39.87 58.71
C ASP F 225 -63.17 -40.19 59.25
N THR F 226 -63.74 -41.30 58.76
CA THR F 226 -65.09 -41.65 59.14
C THR F 226 -65.19 -41.99 60.62
N ASP F 227 -64.24 -42.78 61.13
CA ASP F 227 -64.28 -43.17 62.54
C ASP F 227 -63.97 -41.97 63.44
N THR F 228 -62.94 -41.20 63.10
CA THR F 228 -62.58 -40.05 63.93
C THR F 228 -63.60 -38.93 63.80
N ASP F 229 -64.14 -38.73 62.60
CA ASP F 229 -65.06 -37.64 62.28
C ASP F 229 -64.48 -36.27 62.58
N GLU F 230 -63.15 -36.14 62.58
CA GLU F 230 -62.46 -34.92 62.96
C GLU F 230 -61.47 -34.54 61.86
N MET F 231 -61.38 -33.25 61.56
CA MET F 231 -60.49 -32.75 60.52
C MET F 231 -59.51 -31.71 61.02
N ALA F 232 -59.83 -30.99 62.09
CA ALA F 232 -58.97 -29.95 62.63
C ALA F 232 -59.24 -29.77 64.12
N VAL F 233 -58.18 -29.54 64.89
CA VAL F 233 -58.30 -29.26 66.32
C VAL F 233 -57.45 -28.03 66.64
N VAL F 234 -57.78 -27.36 67.75
CA VAL F 234 -57.06 -26.17 68.21
C VAL F 234 -56.60 -26.43 69.63
N ILE F 235 -55.34 -26.10 69.93
CA ILE F 235 -54.75 -26.28 71.24
C ILE F 235 -54.49 -24.90 71.82
N GLU F 236 -54.90 -24.69 73.07
CA GLU F 236 -54.68 -23.42 73.73
C GLU F 236 -53.54 -23.54 74.74
N THR G 8 70.18 28.25 -29.42
CA THR G 8 68.95 29.02 -29.53
C THR G 8 69.26 30.46 -29.98
N ALA G 9 68.98 30.75 -31.25
CA ALA G 9 69.21 32.07 -31.82
C ALA G 9 67.99 32.50 -32.62
N ASP G 10 67.78 33.81 -32.71
CA ASP G 10 66.56 34.37 -33.25
C ASP G 10 66.77 34.94 -34.65
N VAL G 11 65.68 35.08 -35.39
CA VAL G 11 65.67 35.67 -36.73
C VAL G 11 64.65 36.82 -36.72
N TYR G 12 64.98 37.88 -37.46
CA TYR G 12 64.13 39.06 -37.59
C TYR G 12 63.73 39.21 -39.05
N PHE G 13 62.43 39.30 -39.31
CA PHE G 13 61.92 39.44 -40.65
C PHE G 13 61.58 40.90 -40.92
N LYS G 14 62.10 41.43 -42.04
CA LYS G 14 61.87 42.81 -42.44
C LYS G 14 61.32 42.84 -43.85
N ARG G 15 60.52 43.87 -44.14
CA ARG G 15 60.19 44.14 -45.54
C ARG G 15 61.41 44.70 -46.23
N LYS G 16 61.56 44.38 -47.52
CA LYS G 16 62.74 44.85 -48.25
C LYS G 16 62.68 46.35 -48.49
N SER G 17 61.47 46.91 -48.65
CA SER G 17 61.33 48.32 -48.98
C SER G 17 61.77 49.20 -47.81
N ASP G 18 61.26 48.93 -46.62
CA ASP G 18 61.49 49.76 -45.45
C ASP G 18 62.10 48.93 -44.32
N GLY G 19 62.22 49.55 -43.15
CA GLY G 19 62.71 48.90 -41.96
C GLY G 19 61.64 48.24 -41.09
N LYS G 20 60.41 48.13 -41.59
CA LYS G 20 59.32 47.57 -40.80
C LYS G 20 59.58 46.09 -40.51
N LEU G 21 59.25 45.69 -39.29
CA LEU G 21 59.43 44.30 -38.85
C LEU G 21 58.23 43.47 -39.30
N VAL G 22 58.48 42.46 -40.13
CA VAL G 22 57.41 41.56 -40.54
C VAL G 22 57.05 40.62 -39.41
N PHE G 23 58.03 39.87 -38.90
CA PHE G 23 57.83 39.01 -37.75
C PHE G 23 59.19 38.66 -37.17
N THR G 24 59.17 38.03 -36.00
CA THR G 24 60.37 37.54 -35.33
C THR G 24 60.16 36.07 -35.01
N ALA G 25 61.27 35.33 -34.94
CA ALA G 25 61.17 33.90 -34.68
C ALA G 25 62.50 33.40 -34.12
N GLU G 26 62.57 32.09 -33.87
CA GLU G 26 63.78 31.42 -33.46
C GLU G 26 64.12 30.34 -34.47
N ALA G 27 65.35 30.38 -34.99
CA ALA G 27 65.75 29.46 -36.04
C ALA G 27 65.90 28.04 -35.47
N GLN G 28 65.27 27.07 -36.13
CA GLN G 28 65.33 25.68 -35.70
C GLN G 28 66.35 24.89 -36.50
N THR G 29 66.22 24.85 -37.83
CA THR G 29 67.17 24.17 -38.69
C THR G 29 67.39 25.00 -39.94
N ALA G 30 68.60 24.92 -40.50
CA ALA G 30 68.95 25.61 -41.73
C ALA G 30 69.64 24.62 -42.66
N SER G 31 69.02 24.38 -43.82
CA SER G 31 69.53 23.44 -44.80
C SER G 31 70.39 24.19 -45.81
N PHE G 32 71.69 23.91 -45.80
CA PHE G 32 72.65 24.54 -46.71
C PHE G 32 73.29 23.44 -47.55
N SER G 33 72.65 23.11 -48.67
CA SER G 33 73.12 22.05 -49.56
C SER G 33 73.19 22.61 -50.98
N GLN G 34 74.38 23.06 -51.34
CA GLN G 34 74.62 23.68 -52.64
C GLN G 34 75.74 22.94 -53.37
N ALA G 35 75.50 22.62 -54.64
CA ALA G 35 76.46 21.87 -55.44
C ALA G 35 76.27 22.29 -56.91
N ILE G 36 76.84 21.49 -57.81
CA ILE G 36 76.74 21.79 -59.24
C ILE G 36 75.35 21.41 -59.76
N SER G 37 75.07 21.87 -60.98
CA SER G 37 73.93 21.41 -61.74
C SER G 37 74.35 20.18 -62.54
N GLU G 38 73.51 19.75 -63.48
CA GLU G 38 73.89 18.66 -64.36
C GLU G 38 75.02 19.11 -65.29
N GLU G 39 76.07 18.29 -65.36
CA GLU G 39 77.29 18.72 -66.05
C GLU G 39 77.10 18.74 -67.56
N LYS G 40 76.37 17.77 -68.11
CA LYS G 40 76.32 17.62 -69.57
C LYS G 40 75.46 18.69 -70.22
N LEU G 41 74.44 19.17 -69.53
CA LEU G 41 73.45 20.06 -70.13
C LEU G 41 73.89 21.51 -70.16
N ARG G 42 74.69 21.96 -69.21
CA ARG G 42 75.10 23.36 -69.15
C ARG G 42 76.45 23.56 -69.84
N LYS G 48 86.68 24.11 -73.84
CA LYS G 48 87.30 25.21 -74.58
C LYS G 48 86.96 26.65 -74.13
N PRO G 49 85.71 26.93 -73.66
CA PRO G 49 85.38 28.32 -73.34
C PRO G 49 85.95 28.75 -71.99
N LEU G 50 85.92 30.05 -71.72
CA LEU G 50 86.36 30.54 -70.42
C LEU G 50 85.47 30.01 -69.32
N TYR G 51 86.09 29.62 -68.21
CA TYR G 51 85.34 29.00 -67.13
C TYR G 51 84.37 29.99 -66.49
N ILE G 52 83.17 29.51 -66.18
CA ILE G 52 82.14 30.32 -65.56
C ILE G 52 81.89 29.91 -64.10
N LEU G 53 82.28 28.71 -63.70
CA LEU G 53 82.03 28.18 -62.35
C LEU G 53 80.53 28.17 -62.06
N LYS G 54 79.81 27.32 -62.81
CA LYS G 54 78.39 27.14 -62.59
C LYS G 54 78.11 26.68 -61.16
N SER G 55 76.89 26.93 -60.69
CA SER G 55 76.51 26.57 -59.33
C SER G 55 74.99 26.44 -59.25
N GLU G 56 74.53 25.73 -58.22
CA GLU G 56 73.11 25.55 -57.93
C GLU G 56 72.89 25.88 -56.46
N LYS G 57 73.36 27.06 -56.05
CA LYS G 57 73.39 27.45 -54.64
C LYS G 57 71.97 27.50 -54.08
N GLU G 58 71.73 26.72 -53.01
CA GLU G 58 70.45 26.74 -52.31
C GLU G 58 70.70 26.87 -50.82
N ILE G 59 69.93 27.72 -50.16
CA ILE G 59 69.90 27.84 -48.70
C ILE G 59 68.45 27.85 -48.25
N ASN G 60 68.10 26.93 -47.37
CA ASN G 60 66.77 26.84 -46.79
C ASN G 60 66.85 27.09 -45.29
N LEU G 61 65.82 27.72 -44.75
CA LEU G 61 65.80 28.02 -43.32
C LEU G 61 64.42 27.73 -42.76
N THR G 62 64.38 27.22 -41.53
CA THR G 62 63.14 26.92 -40.83
C THR G 62 63.18 27.59 -39.47
N VAL G 63 62.06 28.18 -39.06
CA VAL G 63 61.94 28.84 -37.77
C VAL G 63 60.78 28.20 -37.00
N LYS G 64 61.00 27.99 -35.70
CA LYS G 64 60.09 27.19 -34.89
C LYS G 64 58.89 27.99 -34.40
N ASN G 65 59.13 29.05 -33.64
CA ASN G 65 58.07 29.84 -33.02
C ASN G 65 58.13 31.26 -33.57
N ALA G 66 57.21 31.59 -34.47
CA ALA G 66 57.14 32.90 -35.08
C ALA G 66 55.81 33.56 -34.74
N PHE G 67 55.87 34.78 -34.19
CA PHE G 67 54.69 35.60 -33.96
C PHE G 67 54.85 36.87 -34.79
N PHE G 68 53.83 37.17 -35.61
CA PHE G 68 53.92 38.30 -36.51
C PHE G 68 53.68 39.61 -35.77
N ASP G 69 54.27 40.69 -36.28
CA ASP G 69 54.11 42.00 -35.66
C ASP G 69 52.65 42.43 -35.70
N LEU G 70 52.17 42.96 -34.58
CA LEU G 70 50.78 43.41 -34.51
C LEU G 70 50.52 44.54 -35.48
N GLU G 71 51.46 45.48 -35.61
CA GLU G 71 51.32 46.54 -36.61
C GLU G 71 51.32 45.95 -38.02
N TRP G 72 52.14 44.93 -38.25
CA TRP G 72 52.16 44.27 -39.56
C TRP G 72 50.81 43.63 -39.87
N LEU G 73 50.22 42.94 -38.89
CA LEU G 73 48.90 42.36 -39.07
C LEU G 73 47.86 43.43 -39.34
N ALA G 74 47.94 44.55 -38.60
CA ALA G 74 46.96 45.62 -38.77
C ALA G 74 47.08 46.26 -40.15
N MET G 75 48.30 46.42 -40.66
CA MET G 75 48.47 47.07 -41.95
C MET G 75 48.09 46.13 -43.09
N THR G 76 48.36 44.83 -42.93
CA THR G 76 48.12 43.88 -44.01
C THR G 76 46.64 43.82 -44.39
N GLN G 77 45.76 43.77 -43.40
CA GLN G 77 44.32 43.66 -43.67
C GLN G 77 43.78 44.91 -44.38
N ARG G 170 58.94 41.04 -51.57
CA ARG G 170 60.37 41.14 -51.26
C ARG G 170 60.60 41.32 -49.77
N TYR G 171 61.30 40.38 -49.16
CA TYR G 171 61.56 40.40 -47.72
C TYR G 171 63.02 40.08 -47.43
N GLU G 172 63.54 40.71 -46.37
CA GLU G 172 64.87 40.44 -45.86
C GLU G 172 64.75 39.67 -44.56
N VAL G 173 65.74 38.85 -44.25
CA VAL G 173 65.81 38.17 -42.95
C VAL G 173 67.18 38.41 -42.35
N GLU G 174 67.21 38.61 -41.03
CA GLU G 174 68.42 38.91 -40.28
C GLU G 174 68.52 37.90 -39.15
N TYR G 175 69.40 36.93 -39.29
CA TYR G 175 69.55 35.86 -38.30
C TYR G 175 70.70 36.22 -37.37
N ARG G 176 70.38 36.43 -36.09
CA ARG G 176 71.36 36.91 -35.13
C ARG G 176 71.90 35.78 -34.26
N ILE G 191 78.14 36.55 -34.02
CA ILE G 191 78.01 36.38 -35.45
C ILE G 191 76.58 36.66 -35.89
N TYR G 192 76.43 37.44 -36.97
CA TYR G 192 75.11 37.70 -37.53
C TYR G 192 75.16 37.53 -39.04
N ILE G 193 74.08 36.99 -39.60
CA ILE G 193 74.00 36.71 -41.02
C ILE G 193 72.74 37.36 -41.56
N GLN G 194 72.78 37.73 -42.84
CA GLN G 194 71.68 38.42 -43.49
C GLN G 194 71.38 37.80 -44.84
N PHE G 195 70.09 37.58 -45.10
CA PHE G 195 69.61 37.15 -46.40
C PHE G 195 68.78 38.30 -46.98
N PRO G 196 69.29 39.01 -47.99
CA PRO G 196 68.57 40.18 -48.51
C PRO G 196 67.23 39.85 -49.14
N ASN G 197 67.05 38.61 -49.62
CA ASN G 197 65.81 38.21 -50.27
C ASN G 197 65.46 36.80 -49.83
N VAL G 198 64.28 36.66 -49.22
CA VAL G 198 63.79 35.36 -48.77
C VAL G 198 62.34 35.20 -49.19
N SER G 199 62.04 34.03 -49.76
CA SER G 199 60.69 33.67 -50.17
C SER G 199 60.13 32.65 -49.19
N PRO G 200 59.05 32.95 -48.49
CA PRO G 200 58.46 31.95 -47.57
C PRO G 200 57.67 30.91 -48.35
N SER G 201 58.03 29.65 -48.17
CA SER G 201 57.31 28.55 -48.80
C SER G 201 56.04 28.29 -47.99
N GLY G 202 54.92 28.79 -48.49
CA GLY G 202 53.67 28.70 -47.77
C GLY G 202 52.95 27.39 -47.99
N GLU G 203 53.58 26.28 -47.61
CA GLU G 203 52.96 24.96 -47.68
C GLU G 203 52.25 24.73 -46.35
N PHE G 204 50.94 24.56 -46.41
CA PHE G 204 50.12 24.32 -45.23
C PHE G 204 49.72 22.85 -45.20
N GLU G 205 50.32 22.10 -44.28
CA GLU G 205 49.96 20.71 -44.04
C GLU G 205 49.38 20.59 -42.65
N MET G 206 48.28 19.85 -42.55
CA MET G 206 47.41 19.86 -41.39
C MET G 206 47.35 18.51 -40.69
N SER G 207 47.40 18.56 -39.37
CA SER G 207 47.42 17.39 -38.51
C SER G 207 46.04 17.11 -37.93
N LEU G 208 45.70 15.83 -37.82
CA LEU G 208 44.42 15.48 -37.24
C LEU G 208 44.42 15.67 -35.74
N GLU G 209 45.61 15.71 -35.13
CA GLU G 209 45.72 16.22 -33.77
C GLU G 209 45.46 17.72 -33.79
N ASN G 210 44.68 18.19 -32.82
CA ASN G 210 44.26 19.58 -32.82
C ASN G 210 45.46 20.52 -32.68
N GLY G 211 45.57 21.46 -33.60
CA GLY G 211 46.66 22.42 -33.60
C GLY G 211 46.33 23.71 -34.33
N LEU G 214 50.45 23.28 -30.59
CA LEU G 214 50.58 24.07 -31.82
C LEU G 214 51.94 24.78 -31.89
N ALA G 215 52.57 24.69 -33.05
CA ALA G 215 53.88 25.32 -33.26
C ALA G 215 53.97 25.82 -34.69
N PRO G 216 53.69 27.10 -34.96
CA PRO G 216 53.77 27.58 -36.34
C PRO G 216 55.21 27.72 -36.82
N GLU G 217 55.65 26.78 -37.65
CA GLU G 217 57.01 26.75 -38.17
C GLU G 217 57.00 27.33 -39.58
N ILE G 218 57.85 28.32 -39.82
CA ILE G 218 57.91 29.01 -41.11
C ILE G 218 59.20 28.63 -41.81
N LYS G 219 59.10 28.14 -43.04
CA LYS G 219 60.26 27.80 -43.85
C LYS G 219 60.36 28.80 -45.00
N PHE G 220 61.56 29.33 -45.20
CA PHE G 220 61.80 30.25 -46.31
C PHE G 220 63.12 29.93 -46.99
N GLU G 221 63.17 30.20 -48.28
CA GLU G 221 64.34 29.94 -49.12
C GLU G 221 64.96 31.25 -49.56
N ALA G 222 66.28 31.35 -49.44
CA ALA G 222 66.98 32.54 -49.89
C ALA G 222 66.96 32.64 -51.41
N LEU G 223 67.06 33.85 -51.92
CA LEU G 223 67.10 34.12 -53.35
C LEU G 223 68.27 35.05 -53.68
N ALA G 224 68.74 34.96 -54.91
CA ALA G 224 69.86 35.77 -55.39
C ALA G 224 69.41 36.59 -56.59
N ASP G 225 69.60 37.89 -56.52
CA ASP G 225 69.31 38.76 -57.66
C ASP G 225 70.36 38.56 -58.75
N THR G 226 69.95 38.83 -60.00
CA THR G 226 70.87 38.63 -61.12
C THR G 226 72.07 39.56 -61.02
N ASP G 227 71.84 40.84 -60.72
CA ASP G 227 72.94 41.79 -60.66
C ASP G 227 73.84 41.54 -59.46
N THR G 228 73.24 41.35 -58.28
CA THR G 228 74.03 41.13 -57.07
C THR G 228 74.70 39.76 -57.09
N ASP G 229 73.94 38.71 -57.42
CA ASP G 229 74.43 37.34 -57.49
C ASP G 229 75.01 36.87 -56.16
N GLU G 230 74.54 37.41 -55.04
CA GLU G 230 74.94 36.98 -53.71
C GLU G 230 73.70 36.55 -52.95
N MET G 231 73.79 35.42 -52.25
CA MET G 231 72.63 34.81 -51.61
C MET G 231 72.54 35.16 -50.12
N ALA G 232 73.62 34.93 -49.38
CA ALA G 232 73.67 35.21 -47.95
C ALA G 232 74.98 35.89 -47.60
N VAL G 233 74.98 36.64 -46.50
CA VAL G 233 76.18 37.31 -46.03
C VAL G 233 76.36 36.98 -44.55
N VAL G 234 77.50 36.39 -44.21
CA VAL G 234 77.87 36.05 -42.83
C VAL G 234 78.95 37.02 -42.37
N ILE G 235 78.70 37.70 -41.25
CA ILE G 235 79.59 38.73 -40.73
C ILE G 235 79.68 38.60 -39.22
N GLU G 236 80.89 38.71 -38.68
CA GLU G 236 81.13 38.54 -37.25
C GLU G 236 80.47 39.67 -36.47
N THR H 8 59.76 -19.66 -49.61
CA THR H 8 58.47 -20.30 -49.33
C THR H 8 58.62 -21.82 -49.29
N ALA H 9 59.71 -22.29 -48.70
CA ALA H 9 60.00 -23.72 -48.63
C ALA H 9 59.68 -24.26 -47.24
N ASP H 10 60.04 -25.52 -47.02
CA ASP H 10 59.75 -26.21 -45.77
C ASP H 10 61.05 -26.73 -45.16
N VAL H 11 61.11 -26.71 -43.83
CA VAL H 11 62.30 -27.03 -43.06
C VAL H 11 61.93 -28.09 -42.04
N TYR H 12 62.79 -29.11 -41.90
CA TYR H 12 62.57 -30.21 -40.99
C TYR H 12 63.70 -30.28 -39.97
N PHE H 13 63.38 -30.07 -38.70
CA PHE H 13 64.30 -30.17 -37.58
C PHE H 13 64.26 -31.60 -37.06
N LYS H 14 65.38 -32.31 -37.16
CA LYS H 14 65.50 -33.71 -36.82
C LYS H 14 66.55 -33.89 -35.72
N ARG H 15 66.34 -34.91 -34.89
CA ARG H 15 67.38 -35.33 -33.96
C ARG H 15 68.55 -35.92 -34.73
N LYS H 16 69.78 -35.55 -34.33
CA LYS H 16 70.95 -35.98 -35.08
C LYS H 16 71.21 -37.48 -34.88
N SER H 17 71.15 -37.95 -33.64
CA SER H 17 71.50 -39.34 -33.36
C SER H 17 70.37 -40.28 -33.75
N ASP H 18 69.19 -40.10 -33.14
CA ASP H 18 68.06 -40.98 -33.43
C ASP H 18 67.59 -40.82 -34.87
N GLY H 19 67.58 -39.59 -35.38
CA GLY H 19 66.97 -39.30 -36.66
C GLY H 19 65.51 -38.94 -36.59
N LYS H 20 64.91 -38.95 -35.40
CA LYS H 20 63.51 -38.60 -35.26
C LYS H 20 63.29 -37.12 -35.57
N LEU H 21 62.17 -36.82 -36.23
CA LEU H 21 61.83 -35.46 -36.61
C LEU H 21 61.38 -34.69 -35.38
N VAL H 22 62.18 -33.70 -34.96
CA VAL H 22 61.80 -32.89 -33.81
C VAL H 22 60.58 -32.03 -34.15
N PHE H 23 60.64 -31.33 -35.29
CA PHE H 23 59.51 -30.53 -35.74
C PHE H 23 59.65 -30.20 -37.21
N THR H 24 58.61 -29.59 -37.78
CA THR H 24 58.63 -29.08 -39.13
C THR H 24 58.05 -27.67 -39.15
N ALA H 25 58.60 -26.82 -40.02
CA ALA H 25 58.21 -25.42 -40.04
C ALA H 25 58.47 -24.83 -41.42
N GLU H 26 58.13 -23.55 -41.57
CA GLU H 26 58.37 -22.81 -42.81
C GLU H 26 59.45 -21.76 -42.57
N ALA H 27 60.46 -21.75 -43.44
CA ALA H 27 61.58 -20.83 -43.29
C ALA H 27 61.12 -19.38 -43.47
N GLN H 28 61.75 -18.48 -42.71
CA GLN H 28 61.50 -17.05 -42.85
C GLN H 28 62.73 -16.24 -43.21
N THR H 29 63.86 -16.44 -42.52
CA THR H 29 65.02 -15.60 -42.70
C THR H 29 66.29 -16.44 -42.52
N ALA H 30 67.30 -16.17 -43.34
CA ALA H 30 68.58 -16.84 -43.21
C ALA H 30 69.70 -15.84 -43.49
N SER H 31 70.69 -15.82 -42.60
CA SER H 31 71.84 -14.93 -42.72
C SER H 31 73.10 -15.77 -42.78
N PHE H 32 73.88 -15.60 -43.84
CA PHE H 32 75.18 -16.24 -44.02
C PHE H 32 76.21 -15.13 -44.23
N SER H 33 76.79 -14.66 -43.14
CA SER H 33 77.78 -13.58 -43.17
C SER H 33 79.12 -14.14 -42.68
N GLN H 34 80.07 -14.27 -43.60
CA GLN H 34 81.41 -14.75 -43.30
C GLN H 34 82.40 -13.62 -43.59
N ALA H 35 83.19 -13.26 -42.59
CA ALA H 35 84.15 -12.17 -42.71
C ALA H 35 85.50 -12.63 -42.18
N ILE H 36 86.44 -11.69 -42.09
CA ILE H 36 87.79 -12.00 -41.61
C ILE H 36 87.78 -12.15 -40.09
N LEU H 41 95.67 -9.64 -35.20
CA LEU H 41 95.73 -10.25 -33.88
C LEU H 41 95.55 -11.75 -33.96
N ARG H 42 94.73 -12.19 -34.91
CA ARG H 42 94.45 -13.61 -35.08
C ARG H 42 95.10 -14.15 -36.36
N LYS H 48 104.38 -14.48 -42.55
CA LYS H 48 105.35 -15.33 -43.22
C LYS H 48 104.98 -16.83 -43.34
N PRO H 49 104.28 -17.43 -42.37
CA PRO H 49 103.99 -18.87 -42.47
C PRO H 49 102.97 -19.17 -43.55
N LEU H 50 102.64 -20.46 -43.66
CA LEU H 50 101.72 -20.93 -44.68
C LEU H 50 100.34 -20.32 -44.47
N TYR H 51 99.74 -19.83 -45.55
CA TYR H 51 98.45 -19.19 -45.47
C TYR H 51 97.36 -20.24 -45.25
N ILE H 52 96.68 -20.14 -44.11
CA ILE H 52 95.73 -21.17 -43.67
C ILE H 52 94.30 -20.84 -44.06
N LEU H 53 94.04 -19.63 -44.55
CA LEU H 53 92.70 -19.20 -44.92
C LEU H 53 91.73 -19.32 -43.75
N LYS H 54 92.17 -18.81 -42.59
CA LYS H 54 91.30 -18.75 -41.43
C LYS H 54 90.13 -17.82 -41.70
N SER H 55 88.93 -18.22 -41.29
CA SER H 55 87.73 -17.45 -41.50
C SER H 55 86.78 -17.62 -40.32
N GLU H 56 85.92 -16.63 -40.13
CA GLU H 56 84.91 -16.63 -39.09
C GLU H 56 83.54 -16.63 -39.75
N LYS H 57 82.99 -17.83 -39.97
CA LYS H 57 81.77 -17.97 -40.73
C LYS H 57 80.63 -18.45 -39.84
N GLU H 58 79.46 -17.81 -39.99
CA GLU H 58 78.28 -18.12 -39.20
C GLU H 58 77.06 -18.18 -40.10
N ILE H 59 76.09 -19.00 -39.69
CA ILE H 59 74.77 -19.05 -40.35
C ILE H 59 73.70 -19.02 -39.27
N ASN H 60 72.80 -18.04 -39.37
CA ASN H 60 71.64 -17.96 -38.50
C ASN H 60 70.38 -18.18 -39.32
N LEU H 61 69.41 -18.90 -38.75
CA LEU H 61 68.17 -19.18 -39.46
C LEU H 61 66.99 -18.97 -38.53
N THR H 62 66.08 -18.08 -38.95
CA THR H 62 64.81 -17.85 -38.28
C THR H 62 63.70 -18.53 -39.08
N VAL H 63 62.94 -19.39 -38.40
CA VAL H 63 61.94 -20.22 -39.05
C VAL H 63 60.59 -19.93 -38.43
N LYS H 64 59.52 -20.15 -39.20
CA LYS H 64 58.17 -19.76 -38.83
C LYS H 64 57.23 -20.95 -38.88
N ASN H 65 56.15 -20.84 -38.10
CA ASN H 65 55.08 -21.83 -38.08
C ASN H 65 55.60 -23.22 -37.70
N ALA H 66 56.23 -23.30 -36.53
CA ALA H 66 56.79 -24.55 -36.05
C ALA H 66 55.84 -25.21 -35.06
N PHE H 67 55.38 -26.41 -35.40
CA PHE H 67 54.61 -27.26 -34.48
C PHE H 67 55.42 -28.52 -34.24
N PHE H 68 55.72 -28.80 -32.98
CA PHE H 68 56.61 -29.89 -32.64
C PHE H 68 55.94 -31.24 -32.86
N ASP H 69 56.75 -32.26 -33.13
CA ASP H 69 56.24 -33.60 -33.34
C ASP H 69 55.55 -34.12 -32.08
N LEU H 70 54.37 -34.70 -32.25
CA LEU H 70 53.60 -35.19 -31.11
C LEU H 70 54.33 -36.30 -30.38
N GLU H 71 54.93 -37.23 -31.13
CA GLU H 71 55.68 -38.32 -30.49
C GLU H 71 56.89 -37.78 -29.74
N TRP H 72 57.61 -36.83 -30.34
CA TRP H 72 58.75 -36.24 -29.67
C TRP H 72 58.31 -35.42 -28.46
N LEU H 73 57.16 -34.77 -28.55
CA LEU H 73 56.62 -34.05 -27.40
C LEU H 73 56.31 -34.99 -26.25
N ALA H 74 55.70 -36.14 -26.57
CA ALA H 74 55.39 -37.12 -25.53
C ALA H 74 56.66 -37.73 -24.94
N MET H 75 57.68 -37.92 -25.78
CA MET H 75 58.93 -38.48 -25.28
C MET H 75 59.67 -37.50 -24.39
N THR H 76 59.64 -36.21 -24.73
CA THR H 76 60.43 -35.22 -24.00
C THR H 76 59.85 -34.92 -22.63
N GLN H 77 58.52 -34.94 -22.51
CA GLN H 77 57.87 -34.58 -21.26
C GLN H 77 58.09 -35.64 -20.18
N ARG H 170 72.35 -33.08 -29.89
CA ARG H 170 72.67 -32.60 -31.23
C ARG H 170 71.48 -32.74 -32.16
N TYR H 171 71.31 -31.77 -33.06
CA TYR H 171 70.20 -31.74 -33.99
C TYR H 171 70.70 -31.36 -35.38
N GLU H 172 70.03 -31.86 -36.41
CA GLU H 172 70.34 -31.55 -37.80
C GLU H 172 69.06 -31.12 -38.48
N VAL H 173 69.14 -30.14 -39.37
CA VAL H 173 67.95 -29.60 -40.02
C VAL H 173 68.11 -29.72 -41.52
N GLU H 174 67.00 -29.95 -42.22
CA GLU H 174 66.99 -30.05 -43.68
C GLU H 174 65.98 -29.07 -44.24
N TYR H 175 66.47 -28.10 -45.01
CA TYR H 175 65.66 -27.03 -45.57
C TYR H 175 65.56 -27.27 -47.07
N ARG H 176 64.35 -27.63 -47.53
CA ARG H 176 64.16 -28.15 -48.88
C ARG H 176 63.35 -27.17 -49.70
N THR H 177 63.99 -26.55 -50.69
CA THR H 177 63.30 -25.64 -51.61
C THR H 177 63.11 -26.30 -52.97
N ILE H 191 67.44 -25.16 -53.61
CA ILE H 191 67.08 -26.43 -54.22
C ILE H 191 66.96 -27.51 -53.16
N TYR H 192 68.05 -27.73 -52.42
CA TYR H 192 68.09 -28.75 -51.38
C TYR H 192 69.26 -28.39 -50.46
N ILE H 193 68.95 -27.99 -49.23
CA ILE H 193 69.96 -27.52 -48.28
C ILE H 193 69.87 -28.36 -47.01
N GLN H 194 71.02 -28.67 -46.43
CA GLN H 194 71.11 -29.48 -45.22
C GLN H 194 72.12 -28.85 -44.27
N PHE H 195 71.66 -28.49 -43.07
CA PHE H 195 72.51 -27.92 -42.04
C PHE H 195 72.74 -28.95 -40.95
N PRO H 196 73.94 -29.50 -40.83
CA PRO H 196 74.22 -30.41 -39.71
C PRO H 196 74.59 -29.62 -38.47
N ASN H 197 74.27 -30.15 -37.29
CA ASN H 197 74.61 -29.52 -36.02
C ASN H 197 74.01 -28.11 -35.92
N VAL H 198 72.68 -28.07 -35.83
CA VAL H 198 71.96 -26.81 -35.65
C VAL H 198 71.59 -26.67 -34.18
N SER H 199 72.06 -25.60 -33.54
CA SER H 199 71.78 -25.32 -32.15
C SER H 199 70.64 -24.31 -32.04
N PRO H 200 69.54 -24.66 -31.37
CA PRO H 200 68.44 -23.70 -31.22
C PRO H 200 68.71 -22.68 -30.13
N SER H 201 68.81 -21.40 -30.51
CA SER H 201 68.99 -20.35 -29.53
C SER H 201 67.74 -20.21 -28.67
N GLY H 202 67.94 -20.16 -27.36
CA GLY H 202 66.82 -20.14 -26.43
C GLY H 202 66.40 -18.76 -25.99
N GLU H 203 66.47 -17.79 -26.88
CA GLU H 203 66.01 -16.44 -26.57
C GLU H 203 64.49 -16.45 -26.44
N PHE H 204 63.97 -15.82 -25.39
CA PHE H 204 62.55 -15.75 -25.13
C PHE H 204 62.21 -14.34 -24.66
N GLU H 205 61.33 -13.67 -25.40
CA GLU H 205 60.87 -12.34 -25.04
C GLU H 205 59.35 -12.31 -25.09
N MET H 206 58.75 -11.64 -24.10
CA MET H 206 57.30 -11.64 -23.92
C MET H 206 56.73 -10.31 -24.43
N SER H 207 55.69 -10.40 -25.24
CA SER H 207 54.97 -9.22 -25.67
C SER H 207 53.77 -8.97 -24.78
N LEU H 208 53.56 -7.69 -24.44
CA LEU H 208 52.39 -7.32 -23.63
C LEU H 208 51.09 -7.61 -24.35
N GLU H 209 51.09 -7.54 -25.69
CA GLU H 209 50.00 -8.14 -26.45
C GLU H 209 50.11 -9.65 -26.36
N ASN H 210 48.98 -10.30 -26.06
CA ASN H 210 48.99 -11.73 -25.75
C ASN H 210 49.65 -12.53 -26.86
N GLY H 211 50.69 -13.27 -26.49
CA GLY H 211 51.45 -14.06 -27.43
C GLY H 211 52.89 -13.60 -27.58
N LEU H 214 50.04 -14.84 -34.96
CA LEU H 214 50.71 -15.28 -33.75
C LEU H 214 51.17 -16.73 -33.88
N ALA H 215 52.44 -16.92 -34.21
CA ALA H 215 53.05 -18.23 -34.32
C ALA H 215 54.43 -18.21 -33.68
N PRO H 216 54.87 -19.33 -33.09
CA PRO H 216 56.22 -19.37 -32.51
C PRO H 216 57.28 -19.31 -33.59
N GLU H 217 58.31 -18.50 -33.35
CA GLU H 217 59.43 -18.36 -34.26
C GLU H 217 60.67 -18.96 -33.59
N ILE H 218 61.35 -19.85 -34.31
CA ILE H 218 62.51 -20.57 -33.79
C ILE H 218 63.76 -20.08 -34.50
N LYS H 219 64.76 -19.69 -33.72
CA LYS H 219 66.06 -19.26 -34.25
C LYS H 219 67.08 -20.34 -33.94
N PHE H 220 67.86 -20.73 -34.95
CA PHE H 220 68.93 -21.68 -34.72
C PHE H 220 70.16 -21.33 -35.53
N GLU H 221 71.32 -21.63 -34.96
CA GLU H 221 72.62 -21.32 -35.53
C GLU H 221 73.31 -22.59 -36.00
N ALA H 222 74.00 -22.51 -37.13
CA ALA H 222 74.71 -23.66 -37.65
C ALA H 222 76.03 -23.86 -36.91
N LEU H 223 76.22 -25.06 -36.37
CA LEU H 223 77.44 -25.45 -35.68
C LEU H 223 78.33 -26.24 -36.64
N ALA H 224 79.63 -26.24 -36.36
CA ALA H 224 80.60 -26.95 -37.18
C ALA H 224 81.55 -27.73 -36.28
N ASP H 225 81.81 -28.98 -36.64
CA ASP H 225 82.76 -29.81 -35.91
C ASP H 225 84.18 -29.52 -36.37
N THR H 226 85.13 -29.69 -35.46
CA THR H 226 86.53 -29.42 -35.77
C THR H 226 87.07 -30.38 -36.84
N ASP H 227 86.77 -31.67 -36.69
CA ASP H 227 87.29 -32.66 -37.63
C ASP H 227 86.65 -32.52 -39.00
N THR H 228 85.31 -32.45 -39.04
CA THR H 228 84.62 -32.41 -40.32
C THR H 228 84.80 -31.06 -41.01
N ASP H 229 84.82 -29.97 -40.24
CA ASP H 229 85.14 -28.62 -40.69
C ASP H 229 84.15 -28.10 -41.74
N GLU H 230 82.95 -28.67 -41.83
CA GLU H 230 81.92 -28.20 -42.73
C GLU H 230 80.75 -27.66 -41.92
N MET H 231 80.10 -26.62 -42.44
CA MET H 231 79.02 -25.92 -41.77
C MET H 231 77.65 -26.18 -42.38
N ALA H 232 77.52 -26.07 -43.70
CA ALA H 232 76.27 -26.35 -44.39
C ALA H 232 76.56 -27.02 -45.73
N VAL H 233 75.57 -27.74 -46.26
CA VAL H 233 75.69 -28.42 -47.54
C VAL H 233 74.51 -28.03 -48.40
N VAL H 234 74.75 -27.77 -49.68
CA VAL H 234 73.70 -27.49 -50.65
C VAL H 234 73.70 -28.60 -51.69
N ILE H 235 72.52 -29.16 -51.93
CA ILE H 235 72.34 -30.27 -52.86
C ILE H 235 71.54 -29.75 -54.04
N GLU H 236 71.97 -30.10 -55.25
CA GLU H 236 71.30 -29.65 -56.47
C GLU H 236 70.62 -30.81 -57.18
PA NAD I . -18.07 26.78 -3.96
O1A NAD I . -17.64 25.45 -4.46
O2A NAD I . -18.66 27.80 -4.87
O5B NAD I . -19.03 26.62 -2.71
C5B NAD I . -19.08 25.46 -1.91
C4B NAD I . -20.47 25.29 -1.39
O4B NAD I . -20.55 26.39 -0.58
C3B NAD I . -21.45 25.60 -2.46
O3B NAD I . -21.99 24.42 -3.02
C2B NAD I . -22.49 26.34 -1.78
O2B NAD I . -23.04 25.45 -0.86
C1B NAD I . -21.84 26.91 -0.62
N9A NAD I . -21.98 28.34 -0.53
C8A NAD I . -21.32 29.36 -1.05
N7A NAD I . -21.85 30.51 -0.63
C5A NAD I . -22.85 30.18 0.17
C6A NAD I . -23.83 30.86 0.93
N6A NAD I . -23.85 32.19 0.98
N1A NAD I . -24.69 30.13 1.60
C2A NAD I . -24.67 28.82 1.59
N3A NAD I . -23.80 28.14 0.91
C4A NAD I . -22.91 28.77 0.21
O3 NAD I . -16.79 27.38 -3.34
PN NAD I . -17.06 28.25 -2.09
O1N NAD I . -15.97 29.25 -2.00
O2N NAD I . -17.34 27.30 -0.96
O5D NAD I . -18.26 29.06 -2.69
C5D NAD I . -17.91 30.06 -3.62
C4D NAD I . -18.10 31.43 -3.01
O4D NAD I . -17.04 31.57 -2.07
C3D NAD I . -17.87 32.54 -4.02
O3D NAD I . -19.07 33.02 -4.63
C2D NAD I . -17.30 33.58 -3.14
O2D NAD I . -18.36 33.94 -2.29
C1D NAD I . -16.37 32.81 -2.26
N1N NAD I . -15.08 32.58 -2.89
C2N NAD I . -14.45 33.58 -3.46
C3N NAD I . -13.24 33.35 -4.05
C7N NAD I . -12.51 34.44 -4.71
O7N NAD I . -12.28 34.31 -5.88
N7N NAD I . -12.15 35.51 -4.03
C4N NAD I . -12.69 32.10 -4.04
C5N NAD I . -13.34 31.07 -3.45
C6N NAD I . -14.55 31.36 -2.88
PA NAD J . -4.02 -24.88 14.46
O1A NAD J . -3.46 -23.51 14.39
O2A NAD J . -3.43 -25.93 15.34
O5B NAD J . -5.57 -24.83 14.72
C5B NAD J . -6.39 -23.71 14.46
C4B NAD J . -7.49 -23.65 15.46
O4B NAD J . -8.18 -24.79 15.09
C3B NAD J . -6.98 -24.02 16.80
O3B NAD J . -6.82 -22.88 17.61
C2B NAD J . -8.04 -24.86 17.35
O2B NAD J . -9.15 -24.03 17.46
C1B NAD J . -8.72 -25.40 16.20
N9A NAD J . -8.77 -26.84 16.20
C8A NAD J . -7.94 -27.79 15.80
N7A NAD J . -8.50 -29.00 16.01
C5A NAD J . -9.68 -28.77 16.53
C6A NAD J . -10.77 -29.54 16.99
N6A NAD J . -10.74 -30.87 16.92
N1A NAD J . -11.80 -28.90 17.48
C2A NAD J . -11.86 -27.59 17.55
N3A NAD J . -10.90 -26.83 17.14
C4A NAD J . -9.83 -27.37 16.65
O3 NAD J . -3.94 -25.40 13.00
PN NAD J . -5.11 -26.32 12.60
O1N NAD J . -4.63 -27.23 11.55
O2N NAD J . -6.31 -25.43 12.37
O5D NAD J . -5.10 -27.21 13.89
C5D NAD J . -4.05 -28.15 13.95
C4D NAD J . -4.59 -29.54 13.76
O4D NAD J . -4.92 -29.63 12.39
C3D NAD J . -3.53 -30.61 13.97
O3D NAD J . -3.51 -31.17 15.27
C2D NAD J . -3.96 -31.62 12.98
O2D NAD J . -5.20 -32.10 13.50
C1D NAD J . -4.36 -30.80 11.80
N1N NAD J . -3.21 -30.45 10.97
C2N NAD J . -2.36 -31.38 10.62
C3N NAD J . -1.29 -31.03 9.85
C7N NAD J . -0.31 -32.05 9.45
O7N NAD J . 0.82 -31.88 9.80
N7N NAD J . -0.67 -33.10 8.74
C4N NAD J . -1.12 -29.75 9.43
C5N NAD J . -2.01 -28.78 9.79
C6N NAD J . -3.05 -29.20 10.57
PA NAD K . 3.73 28.62 -15.78
O1A NAD K . 2.85 28.05 -14.79
O2A NAD K . 4.44 29.86 -15.49
O5B NAD K . 4.46 27.52 -16.68
C5B NAD K . 5.77 26.90 -16.59
C4B NAD K . 7.03 27.63 -16.95
O4B NAD K . 6.57 28.41 -17.93
C3B NAD K . 7.51 28.61 -15.99
O3B NAD K . 8.56 28.08 -15.21
C2B NAD K . 7.92 29.71 -16.90
O2B NAD K . 9.22 29.51 -17.29
C1B NAD K . 7.46 29.38 -18.25
N9A NAD K . 6.81 30.44 -19.09
C8A NAD K . 5.63 31.03 -18.90
N7A NAD K . 5.37 31.89 -19.86
C5A NAD K . 6.38 31.85 -20.72
C6A NAD K . 6.72 32.53 -21.98
N6A NAD K . 5.93 33.45 -22.53
N1A NAD K . 7.85 32.20 -22.55
C2A NAD K . 8.62 31.28 -21.99
N3A NAD K . 8.37 30.60 -20.88
C4A NAD K . 7.29 30.86 -20.22
O3 NAD K . 2.99 28.86 -17.06
PN NAD K . 1.47 28.59 -17.08
O1N NAD K . 0.77 28.89 -18.39
O2N NAD K . 1.14 27.31 -16.48
O5D NAD K . 1.38 29.74 -15.99
C5D NAD K . 2.06 31.03 -15.91
C4D NAD K . 2.20 31.84 -17.19
O4D NAD K . 1.27 31.54 -18.20
C3D NAD K . 2.04 33.28 -16.89
O3D NAD K . 3.14 33.77 -17.60
C2D NAD K . 0.78 33.75 -17.57
O2D NAD K . 0.92 35.01 -18.26
C1D NAD K . 0.48 32.66 -18.58
N1N NAD K . -0.96 32.33 -18.57
C2N NAD K . -1.32 31.31 -17.86
C3N NAD K . -2.61 30.94 -17.78
C7N NAD K . -2.85 29.77 -16.95
O7N NAD K . -3.80 29.08 -17.14
N7N NAD K . -1.94 29.53 -16.03
C4N NAD K . -3.61 31.61 -18.47
C5N NAD K . -3.22 32.71 -19.22
C6N NAD K . -1.87 33.03 -19.25
PA NAD L . 16.96 -23.03 2.18
O1A NAD L . 16.95 -23.27 3.65
O2A NAD L . 15.77 -22.67 1.42
O5B NAD L . 18.13 -22.09 1.62
C5B NAD L . 19.11 -22.53 0.65
C4B NAD L . 18.79 -22.67 -0.84
O4B NAD L . 19.94 -22.87 -1.51
C3B NAD L . 18.13 -23.92 -1.21
O3B NAD L . 17.01 -23.35 -1.76
C2B NAD L . 18.86 -24.68 -2.28
O2B NAD L . 18.57 -24.39 -3.61
C1B NAD L . 20.19 -24.21 -1.94
N9A NAD L . 20.72 -25.20 -0.94
C8A NAD L . 20.00 -26.10 -0.40
N7A NAD L . 20.70 -26.82 0.43
C5A NAD L . 21.92 -26.45 0.46
C6A NAD L . 23.12 -26.87 1.14
N6A NAD L . 23.17 -27.88 2.03
N1A NAD L . 24.21 -26.22 0.88
C2A NAD L . 24.20 -25.21 0.04
N3A NAD L . 23.14 -24.84 -0.59
C4A NAD L . 21.94 -25.39 -0.46
O3 NAD L . 17.25 -24.42 1.57
PN NAD L . 16.05 -25.27 1.25
O1N NAD L . 15.80 -24.77 -0.12
O2N NAD L . 15.21 -24.96 2.42
O5D NAD L . 16.59 -26.73 1.37
C5D NAD L . 16.94 -27.17 2.67
C4D NAD L . 18.19 -26.43 3.16
O4D NAD L . 18.34 -26.54 4.54
C3D NAD L . 19.39 -27.22 2.79
O3D NAD L . 20.57 -26.49 3.16
C2D NAD L . 19.08 -28.49 3.56
O2D NAD L . 20.19 -29.42 3.64
C1D NAD L . 18.64 -27.90 4.86
N1N NAD L . 17.40 -28.49 5.30
C2N NAD L . 16.71 -27.75 6.17
C3N NAD L . 15.52 -28.10 6.72
C7N NAD L . 14.92 -27.08 7.64
O7N NAD L . 14.31 -26.18 7.13
N7N NAD L . 15.09 -27.11 8.94
C4N NAD L . 15.02 -29.34 6.32
C5N NAD L . 15.77 -30.11 5.42
C6N NAD L . 16.98 -29.68 4.89
#